data_9RGB
#
_entry.id   9RGB
#
_cell.length_a   1.00
_cell.length_b   1.00
_cell.length_c   1.00
_cell.angle_alpha   90.00
_cell.angle_beta   90.00
_cell.angle_gamma   90.00
#
_symmetry.space_group_name_H-M   'P 1'
#
loop_
_entity.id
_entity.type
_entity.pdbx_description
1 polymer 'Siderophore export accessory protein MmpS5'
2 polymer 'Siderophore exporter MmpL5,Green fluorescent protein'
3 polymer 'Meromycolate extension acyl carrier protein'
4 non-polymer '(1S)-2-{[(S)-(2-aminoethoxy)(hydroxy)phosphoryl]oxy}-1-[(octadecanoyloxy)methyl]ethyl (9Z)-octadec-9-enoate'
#
loop_
_entity_poly.entity_id
_entity_poly.type
_entity_poly.pdbx_seq_one_letter_code
_entity_poly.pdbx_strand_id
1 'polypeptide(L)'
;MSIGTLKRAWIPLLILVVVAIAGFTVQRIRTFFGSEGILVTPKVFADDPEPFDPKVVEYEVSGSGSYVNINYLDLDAKPQ
RIDGAALPWSLTLKTTAPSAAPNILAQGDGTSITCRITVDGEVKDERTATGVDALTYCFVKSA
;
A,B,C
2 'polypeptide(L)'
;MIVQRTAAPTGSVPPDRHAARPFIPRMIRTFAVPIILGWLVTIAVLNVTVPQLETVGQIQAVSMSPDAAPSMISMKHIGK
VFEEGDSDSAAMIVLEGQRPLGDAAHAFYDQMIGRLQADTTHVQSLQDFWGDPLTATGAQSSDGKAAYVQVKLAGNQGES
LANESVEAVKTIVERLAPPPGVKVYVTGSAALVADQQQAGDRSLQVIEAVTFTVIIVMLLLVYRSIITSAIMLTMVVLGL
LATRGGVAFLGFHRIIGLSTFATNLLVVLAIAAATDYAIFLIGRYQEARGLGQDRESAYYTMFGGTAHVVLGSGLTIAGA
TFCLSFTRLPYFQTLGVPLAIGMVIVVAAALTLGPAIIAVTSRFGKLLEPKRMARVRGWRKVGAAIVRWPGPILVGAVAL
ALVGLLTLPGYRTNYNDRNYLPADLPANEGYAAAERHFSQARMNPEVLMVESDHDMRNSADFLVINKIAKAIFAVEGISR
VQAITRPDGKPIESFYLPPEVFDNPDFQRGLEQFLSPDGHAVRFIISHEGDPMSQAGIARIAKIKTAAKEAIKGTPLEGS
AIYLGGTAAMFKDLSDGNTYDLMIAGISALCLIFIIMLITTRSVVAAAVIVGTVVLSLGASFGLSVLIWQHILGIELHWL
VLAMAVIILLAVGADYNLLLVARLKEEIHAGINTGIIRAMGGSGSVVTAAGLVFAFTMMSFAVSELTVMAQVGTTIGMGL
LFDTLIVRSFMTPSIAALLGKWFWWPQVVRQRPIPQPWPSPASARTFALVALEVLFQGPQFSKGEELFTGVVPILVELDG
DVNGHKFSVSGEGEGDATYGKLTLKFICTTGKLPVPWPTLVTTLTYGVQCFSRYPDHMKRHDFFKSAMPEGYVQERTISF
KDDGNYKTRAEVKFEGDTLVNRIELKGIDFKEDGNILGHKLEYNYNSHNVYITADKQKNGIKANFKIRHNIEDGSVQLAD
HYQQNTPIGDGPVLLPDNHYLSTQSALSKDPNEKRDHMVLLEFVTAAGITHGMDELYKTSDYKDDDDK
;
D,E,F
3 'polypeptide(L)'
;MAATQEEIIAGLAEIIEEVTGIEPSEVTPEKSFVDDLDID(4HH)LSMVEIAVQTEDKYGVKIPDEDLAGLRTVGDVVAY
IQKLEEENPEAAAALREKFAADQ
;
G,H,I
#
loop_
_chem_comp.id
_chem_comp.type
_chem_comp.name
_chem_comp.formula
L9Q non-polymer '(1S)-2-{[(S)-(2-aminoethoxy)(hydroxy)phosphoryl]oxy}-1-[(octadecanoyloxy)methyl]ethyl (9Z)-octadec-9-enoate' 'C41 H80 N O8 P'
#
# COMPACT_ATOMS: atom_id res chain seq x y z
N SER A 2 26.65 29.34 24.98
CA SER A 2 27.41 28.34 25.70
C SER A 2 26.80 26.96 25.52
N ILE A 3 27.60 25.92 25.74
CA ILE A 3 27.11 24.55 25.64
C ILE A 3 26.55 24.06 26.98
N GLY A 4 26.91 24.71 28.09
CA GLY A 4 26.38 24.32 29.38
C GLY A 4 24.89 24.57 29.51
N THR A 5 24.41 25.67 28.94
CA THR A 5 22.99 25.98 28.97
C THR A 5 22.16 25.11 28.03
N LEU A 6 22.81 24.39 27.11
CA LEU A 6 22.11 23.51 26.17
C LEU A 6 22.10 22.05 26.62
N LYS A 7 23.07 21.63 27.44
CA LYS A 7 23.15 20.25 27.88
C LYS A 7 22.70 20.06 29.32
N ARG A 8 22.42 21.13 30.06
CA ARG A 8 21.86 21.01 31.39
C ARG A 8 20.34 21.13 31.41
N ALA A 9 19.76 21.80 30.42
CA ALA A 9 18.32 21.95 30.28
C ALA A 9 17.84 21.32 28.99
N TRP A 10 18.35 20.12 28.68
CA TRP A 10 17.92 19.45 27.46
C TRP A 10 16.54 18.83 27.60
N ILE A 11 16.19 18.33 28.79
CA ILE A 11 14.84 17.81 29.02
C ILE A 11 13.79 18.92 28.92
N PRO A 12 13.90 20.09 29.59
CA PRO A 12 12.87 21.12 29.39
C PRO A 12 12.80 21.66 27.98
N LEU A 13 13.94 21.77 27.29
CA LEU A 13 13.92 22.25 25.91
C LEU A 13 13.26 21.23 24.98
N LEU A 14 13.55 19.94 25.19
CA LEU A 14 12.91 18.90 24.39
C LEU A 14 11.41 18.86 24.62
N ILE A 15 10.99 18.99 25.90
CA ILE A 15 9.57 19.04 26.21
C ILE A 15 8.93 20.27 25.57
N LEU A 16 9.63 21.42 25.60
CA LEU A 16 9.09 22.62 24.98
C LEU A 16 8.90 22.45 23.48
N VAL A 17 9.86 21.80 22.81
CA VAL A 17 9.73 21.54 21.38
C VAL A 17 8.55 20.60 21.10
N VAL A 18 8.40 19.56 21.93
CA VAL A 18 7.30 18.60 21.74
C VAL A 18 5.94 19.29 21.93
N VAL A 19 5.79 20.09 22.99
CA VAL A 19 4.54 20.79 23.23
C VAL A 19 4.28 21.84 22.16
N ALA A 20 5.34 22.50 21.66
CA ALA A 20 5.15 23.51 20.62
C ALA A 20 4.66 22.88 19.33
N ILE A 21 5.29 21.80 18.88
CA ILE A 21 4.85 21.15 17.65
C ILE A 21 3.49 20.50 17.83
N ALA A 22 3.20 19.98 19.05
CA ALA A 22 1.89 19.40 19.32
C ALA A 22 0.79 20.44 19.26
N GLY A 23 1.01 21.60 19.90
CA GLY A 23 0.03 22.66 19.86
C GLY A 23 -0.18 23.21 18.46
N PHE A 24 0.91 23.32 17.70
CA PHE A 24 0.80 23.76 16.30
C PHE A 24 -0.05 22.80 15.47
N THR A 25 0.21 21.49 15.60
CA THR A 25 -0.55 20.52 14.82
C THR A 25 -2.00 20.45 15.27
N VAL A 26 -2.27 20.47 16.59
CA VAL A 26 -3.64 20.40 17.08
C VAL A 26 -4.43 21.65 16.67
N GLN A 27 -3.80 22.83 16.74
CA GLN A 27 -4.46 24.04 16.27
C GLN A 27 -4.69 24.01 14.77
N ARG A 28 -3.81 23.35 14.01
CA ARG A 28 -4.02 23.23 12.57
C ARG A 28 -5.18 22.30 12.24
N ILE A 29 -5.28 21.16 12.95
CA ILE A 29 -6.41 20.25 12.69
C ILE A 29 -7.72 20.80 13.25
N ARG A 30 -7.67 21.69 14.24
CA ARG A 30 -8.88 22.21 14.85
C ARG A 30 -9.73 23.04 13.88
N THR A 31 -9.09 23.66 12.89
CA THR A 31 -9.80 24.53 11.96
C THR A 31 -10.35 23.78 10.75
N PHE A 32 -10.12 22.47 10.65
CA PHE A 32 -10.67 21.69 9.55
C PHE A 32 -12.19 21.57 9.66
N SER B 2 34.97 -20.51 -20.50
CA SER B 2 36.04 -20.86 -19.57
C SER B 2 35.89 -20.10 -18.26
N ILE B 3 36.31 -20.73 -17.16
CA ILE B 3 36.19 -20.10 -15.84
C ILE B 3 37.17 -18.94 -15.71
N GLY B 4 38.41 -19.14 -16.16
CA GLY B 4 39.45 -18.13 -15.96
C GLY B 4 39.22 -16.85 -16.72
N THR B 5 38.76 -16.96 -17.97
CA THR B 5 38.52 -15.76 -18.77
C THR B 5 37.31 -14.98 -18.26
N LEU B 6 36.30 -15.67 -17.75
CA LEU B 6 35.16 -14.99 -17.14
C LEU B 6 35.55 -14.34 -15.81
N LYS B 7 36.45 -14.97 -15.05
CA LYS B 7 36.88 -14.42 -13.78
C LYS B 7 37.85 -13.26 -13.95
N ARG B 8 38.59 -13.23 -15.05
CA ARG B 8 39.60 -12.20 -15.25
C ARG B 8 38.98 -10.85 -15.61
N ALA B 9 37.91 -10.86 -16.40
CA ALA B 9 37.36 -9.65 -17.00
C ALA B 9 35.87 -9.52 -16.69
N TRP B 10 35.51 -9.64 -15.41
CA TRP B 10 34.10 -9.58 -15.04
C TRP B 10 33.55 -8.15 -15.07
N ILE B 11 34.41 -7.15 -14.84
CA ILE B 11 33.97 -5.75 -14.80
C ILE B 11 33.45 -5.26 -16.15
N PRO B 12 34.15 -5.43 -17.30
CA PRO B 12 33.55 -4.96 -18.56
C PRO B 12 32.28 -5.70 -18.93
N LEU B 13 32.18 -6.99 -18.57
CA LEU B 13 30.96 -7.74 -18.84
C LEU B 13 29.79 -7.24 -18.00
N LEU B 14 30.05 -6.90 -16.73
CA LEU B 14 28.98 -6.37 -15.89
C LEU B 14 28.55 -4.99 -16.36
N ILE B 15 29.50 -4.15 -16.76
CA ILE B 15 29.14 -2.84 -17.33
C ILE B 15 28.33 -3.02 -18.61
N LEU B 16 28.71 -4.00 -19.44
CA LEU B 16 28.00 -4.26 -20.68
C LEU B 16 26.57 -4.73 -20.43
N VAL B 17 26.36 -5.63 -19.46
CA VAL B 17 25.01 -6.13 -19.24
C VAL B 17 24.13 -5.06 -18.58
N VAL B 18 24.69 -4.23 -17.70
CA VAL B 18 23.93 -3.11 -17.13
C VAL B 18 23.56 -2.11 -18.21
N VAL B 19 24.50 -1.79 -19.11
CA VAL B 19 24.21 -0.86 -20.20
C VAL B 19 23.16 -1.43 -21.14
N ALA B 20 23.22 -2.74 -21.42
CA ALA B 20 22.24 -3.35 -22.31
C ALA B 20 20.83 -3.36 -21.69
N ILE B 21 20.74 -3.70 -20.40
CA ILE B 21 19.44 -3.71 -19.72
C ILE B 21 18.87 -2.30 -19.67
N ALA B 22 19.71 -1.32 -19.31
CA ALA B 22 19.26 0.07 -19.25
C ALA B 22 18.85 0.59 -20.61
N GLY B 23 19.59 0.24 -21.66
CA GLY B 23 19.24 0.68 -23.00
C GLY B 23 17.93 0.10 -23.48
N PHE B 24 17.70 -1.19 -23.21
CA PHE B 24 16.42 -1.81 -23.56
C PHE B 24 15.27 -1.16 -22.81
N THR B 25 15.44 -0.91 -21.51
CA THR B 25 14.38 -0.30 -20.71
C THR B 25 14.07 1.13 -21.18
N VAL B 26 15.11 1.95 -21.40
CA VAL B 26 14.91 3.32 -21.84
C VAL B 26 14.28 3.35 -23.23
N GLN B 27 14.74 2.51 -24.15
CA GLN B 27 14.15 2.44 -25.48
C GLN B 27 12.69 1.98 -25.42
N ARG B 28 12.34 1.15 -24.44
CA ARG B 28 10.94 0.83 -24.23
C ARG B 28 10.14 2.04 -23.74
N ILE B 29 10.71 2.82 -22.83
CA ILE B 29 9.95 3.91 -22.21
C ILE B 29 9.75 5.07 -23.20
N ARG B 30 10.73 5.35 -24.07
CA ARG B 30 10.59 6.47 -25.00
C ARG B 30 9.46 6.31 -26.01
N THR B 31 8.98 5.08 -26.24
CA THR B 31 7.89 4.86 -27.17
C THR B 31 6.52 5.01 -26.54
N PHE B 32 6.45 5.36 -25.25
CA PHE B 32 5.17 5.49 -24.55
C PHE B 32 4.41 6.71 -25.04
N SER C 2 -3.89 -31.78 31.94
CA SER C 2 -2.70 -31.58 32.75
C SER C 2 -1.49 -31.22 31.87
N ILE C 3 -0.34 -31.05 32.50
CA ILE C 3 0.88 -30.72 31.76
C ILE C 3 1.35 -31.92 30.93
N GLY C 4 1.33 -33.11 31.52
CA GLY C 4 1.89 -34.28 30.85
C GLY C 4 1.10 -34.69 29.63
N THR C 5 -0.22 -34.72 29.72
CA THR C 5 -1.04 -35.12 28.59
C THR C 5 -1.12 -34.06 27.51
N LEU C 6 -0.77 -32.80 27.83
CA LEU C 6 -0.76 -31.74 26.84
C LEU C 6 0.58 -31.67 26.10
N LYS C 7 1.68 -31.77 26.85
CA LYS C 7 3.00 -31.75 26.24
C LYS C 7 3.36 -33.09 25.61
N ARG C 8 2.67 -34.17 25.97
CA ARG C 8 2.92 -35.47 25.36
C ARG C 8 2.32 -35.55 23.97
N ALA C 9 1.16 -34.92 23.74
CA ALA C 9 0.40 -35.04 22.50
C ALA C 9 0.12 -33.66 21.93
N TRP C 10 1.15 -32.82 21.87
CA TRP C 10 1.00 -31.49 21.27
C TRP C 10 0.81 -31.57 19.76
N ILE C 11 1.40 -32.57 19.12
CA ILE C 11 1.33 -32.74 17.67
C ILE C 11 -0.10 -33.03 17.20
N PRO C 12 -0.81 -34.07 17.70
CA PRO C 12 -2.19 -34.28 17.20
C PRO C 12 -3.11 -33.12 17.55
N LEU C 13 -2.88 -32.47 18.68
CA LEU C 13 -3.65 -31.29 19.03
C LEU C 13 -3.43 -30.14 18.05
N LEU C 14 -2.18 -29.93 17.59
CA LEU C 14 -1.95 -28.82 16.68
C LEU C 14 -2.51 -29.13 15.29
N ILE C 15 -2.35 -30.36 14.81
CA ILE C 15 -3.01 -30.72 13.56
C ILE C 15 -4.53 -30.60 13.68
N LEU C 16 -5.09 -30.96 14.83
CA LEU C 16 -6.53 -30.82 15.05
C LEU C 16 -6.97 -29.36 15.00
N VAL C 17 -6.22 -28.48 15.66
CA VAL C 17 -6.56 -27.05 15.69
C VAL C 17 -6.43 -26.44 14.30
N VAL C 18 -5.35 -26.78 13.58
CA VAL C 18 -5.16 -26.23 12.23
C VAL C 18 -6.25 -26.70 11.28
N VAL C 19 -6.61 -28.00 11.34
CA VAL C 19 -7.66 -28.46 10.43
C VAL C 19 -9.02 -27.92 10.86
N ALA C 20 -9.21 -27.62 12.15
CA ALA C 20 -10.45 -27.02 12.60
C ALA C 20 -10.61 -25.60 12.05
N ILE C 21 -9.57 -24.78 12.17
CA ILE C 21 -9.63 -23.41 11.62
C ILE C 21 -9.75 -23.46 10.10
N ALA C 22 -9.03 -24.39 9.45
CA ALA C 22 -9.09 -24.51 8.00
C ALA C 22 -10.48 -24.91 7.53
N GLY C 23 -11.11 -25.86 8.23
CA GLY C 23 -12.46 -26.26 7.88
C GLY C 23 -13.47 -25.15 8.09
N PHE C 24 -13.32 -24.39 9.19
CA PHE C 24 -14.18 -23.23 9.43
C PHE C 24 -14.04 -22.22 8.29
N THR C 25 -12.81 -21.90 7.91
CA THR C 25 -12.60 -20.92 6.84
C THR C 25 -13.14 -21.41 5.50
N VAL C 26 -12.88 -22.68 5.15
CA VAL C 26 -13.34 -23.20 3.86
C VAL C 26 -14.87 -23.25 3.81
N GLN C 27 -15.50 -23.67 4.91
CA GLN C 27 -16.96 -23.65 4.98
C GLN C 27 -17.51 -22.23 4.91
N ARG C 28 -16.74 -21.25 5.39
CA ARG C 28 -17.16 -19.86 5.23
C ARG C 28 -17.08 -19.40 3.78
N ILE C 29 -15.98 -19.73 3.09
CA ILE C 29 -15.81 -19.25 1.71
C ILE C 29 -16.76 -19.94 0.74
N ARG C 30 -17.09 -21.22 0.98
CA ARG C 30 -17.99 -21.91 0.06
C ARG C 30 -19.40 -21.34 0.07
N THR C 31 -19.77 -20.59 1.11
CA THR C 31 -21.08 -19.94 1.15
C THR C 31 -21.19 -18.86 0.07
N PHE C 32 -20.08 -18.20 -0.25
CA PHE C 32 -20.03 -17.09 -1.20
C PHE C 32 -20.47 -17.50 -2.60
N ALA D 20 59.30 8.80 -8.92
CA ALA D 20 59.61 10.15 -9.33
C ALA D 20 58.35 10.99 -9.46
N ARG D 21 58.33 11.91 -10.43
CA ARG D 21 57.19 12.77 -10.63
C ARG D 21 56.55 12.48 -11.98
N PRO D 22 55.23 12.35 -12.04
CA PRO D 22 54.58 11.99 -13.31
C PRO D 22 54.67 13.10 -14.35
N PHE D 23 54.30 12.75 -15.58
CA PHE D 23 54.49 13.61 -16.73
C PHE D 23 53.53 14.79 -16.73
N ILE D 24 52.25 14.53 -16.47
CA ILE D 24 51.18 15.54 -16.60
C ILE D 24 51.32 16.71 -15.63
N PRO D 25 51.47 16.51 -14.29
CA PRO D 25 51.61 17.70 -13.44
C PRO D 25 52.92 18.44 -13.66
N ARG D 26 53.99 17.73 -14.03
CA ARG D 26 55.25 18.40 -14.35
C ARG D 26 55.10 19.28 -15.58
N MET D 27 54.43 18.79 -16.63
CA MET D 27 54.27 19.59 -17.83
C MET D 27 53.28 20.73 -17.63
N ILE D 28 52.32 20.57 -16.71
CA ILE D 28 51.46 21.71 -16.36
C ILE D 28 52.24 22.75 -15.58
N ARG D 29 53.10 22.32 -14.65
CA ARG D 29 53.72 23.27 -13.74
C ARG D 29 54.90 24.01 -14.38
N THR D 30 55.80 23.29 -15.06
CA THR D 30 56.97 23.97 -15.63
C THR D 30 56.61 24.89 -16.79
N PHE D 31 55.42 24.77 -17.35
CA PHE D 31 54.92 25.68 -18.37
C PHE D 31 53.72 26.48 -17.85
N ALA D 32 53.72 26.85 -16.57
CA ALA D 32 52.53 27.42 -15.94
C ALA D 32 52.21 28.81 -16.49
N VAL D 33 53.22 29.68 -16.60
CA VAL D 33 52.99 31.04 -17.09
C VAL D 33 52.49 31.07 -18.54
N PRO D 34 53.08 30.36 -19.51
CA PRO D 34 52.50 30.40 -20.86
C PRO D 34 51.11 29.80 -20.97
N ILE D 35 50.80 28.72 -20.25
CA ILE D 35 49.45 28.18 -20.36
C ILE D 35 48.44 29.07 -19.67
N ILE D 36 48.86 29.79 -18.61
CA ILE D 36 47.95 30.71 -17.95
C ILE D 36 47.67 31.92 -18.84
N LEU D 37 48.71 32.48 -19.46
CA LEU D 37 48.49 33.59 -20.39
C LEU D 37 47.69 33.15 -21.60
N GLY D 38 47.89 31.91 -22.07
CA GLY D 38 47.04 31.37 -23.12
C GLY D 38 45.59 31.25 -22.69
N TRP D 39 45.37 30.84 -21.43
CA TRP D 39 44.01 30.75 -20.90
C TRP D 39 43.36 32.13 -20.84
N LEU D 40 44.08 33.14 -20.37
CA LEU D 40 43.50 34.48 -20.28
C LEU D 40 43.22 35.05 -21.67
N VAL D 41 44.12 34.85 -22.62
CA VAL D 41 43.87 35.41 -23.95
C VAL D 41 42.76 34.64 -24.66
N THR D 42 42.61 33.33 -24.39
CA THR D 42 41.52 32.62 -25.03
C THR D 42 40.17 32.94 -24.41
N ILE D 43 40.13 33.19 -23.08
CA ILE D 43 38.88 33.67 -22.47
C ILE D 43 38.53 35.05 -23.01
N ALA D 44 39.53 35.92 -23.17
CA ALA D 44 39.27 37.25 -23.72
C ALA D 44 38.76 37.19 -25.15
N VAL D 45 39.36 36.35 -25.99
CA VAL D 45 38.92 36.31 -27.38
C VAL D 45 37.56 35.64 -27.51
N LEU D 46 37.24 34.66 -26.65
CA LEU D 46 35.90 34.10 -26.67
C LEU D 46 34.86 35.02 -26.06
N ASN D 47 35.27 36.00 -25.25
CA ASN D 47 34.32 36.90 -24.62
C ASN D 47 34.17 38.24 -25.31
N VAL D 48 35.07 38.61 -26.22
CA VAL D 48 34.98 39.90 -26.92
C VAL D 48 34.33 39.77 -28.29
N THR D 49 34.83 38.87 -29.14
CA THR D 49 34.27 38.74 -30.48
C THR D 49 32.96 37.97 -30.52
N VAL D 50 32.58 37.33 -29.41
CA VAL D 50 31.35 36.58 -29.31
C VAL D 50 30.47 37.27 -28.29
N PRO D 51 29.20 37.56 -28.58
CA PRO D 51 28.33 38.21 -27.59
C PRO D 51 28.00 37.29 -26.42
N GLN D 52 27.33 37.87 -25.44
CA GLN D 52 27.04 37.16 -24.21
C GLN D 52 26.05 36.03 -24.45
N LEU D 53 26.05 35.05 -23.54
CA LEU D 53 25.31 33.82 -23.76
C LEU D 53 23.82 34.05 -23.70
N GLU D 54 23.38 35.04 -22.90
CA GLU D 54 21.96 35.33 -22.77
C GLU D 54 21.36 35.80 -24.09
N THR D 55 22.03 36.73 -24.76
CA THR D 55 21.49 37.32 -25.99
C THR D 55 21.36 36.29 -27.10
N VAL D 56 22.43 35.53 -27.33
CA VAL D 56 22.38 34.46 -28.32
C VAL D 56 21.42 33.35 -27.88
N GLY D 57 21.15 33.24 -26.57
CA GLY D 57 20.08 32.37 -26.14
C GLY D 57 18.71 32.83 -26.61
N GLN D 58 18.40 34.12 -26.45
CA GLN D 58 17.06 34.55 -26.86
C GLN D 58 16.94 34.85 -28.35
N ILE D 59 18.03 34.86 -29.12
CA ILE D 59 17.90 35.01 -30.57
C ILE D 59 17.18 33.80 -31.16
N GLN D 60 17.59 32.59 -30.77
CA GLN D 60 17.14 31.36 -31.40
C GLN D 60 16.39 30.44 -30.43
N ALA D 61 15.52 31.04 -29.60
CA ALA D 61 14.76 30.27 -28.62
C ALA D 61 13.76 29.33 -29.30
N VAL D 62 13.45 28.23 -28.61
CA VAL D 62 12.68 27.14 -29.19
C VAL D 62 11.31 27.07 -28.52
N SER D 63 10.42 26.31 -29.14
CA SER D 63 9.09 26.09 -28.58
C SER D 63 9.16 25.16 -27.38
N MET D 64 8.37 25.47 -26.36
CA MET D 64 8.37 24.69 -25.13
C MET D 64 7.49 23.44 -25.20
N SER D 65 6.65 23.34 -26.20
CA SER D 65 5.72 22.23 -26.36
C SER D 65 6.29 21.17 -27.31
N PRO D 66 5.93 19.91 -27.11
CA PRO D 66 6.40 18.86 -28.02
C PRO D 66 5.84 19.01 -29.42
N ASP D 67 6.57 18.44 -30.38
CA ASP D 67 6.22 18.60 -31.79
C ASP D 67 4.95 17.85 -32.16
N ALA D 68 4.77 16.64 -31.61
CA ALA D 68 3.66 15.78 -31.98
C ALA D 68 2.75 15.50 -30.79
N ALA D 69 2.58 16.49 -29.92
CA ALA D 69 1.64 16.36 -28.82
C ALA D 69 0.21 16.43 -29.38
N PRO D 70 -0.74 15.71 -28.75
CA PRO D 70 -2.13 15.78 -29.22
C PRO D 70 -2.75 17.17 -29.11
N SER D 71 -2.27 18.01 -28.19
CA SER D 71 -2.81 19.37 -28.08
C SER D 71 -2.30 20.27 -29.19
N MET D 72 -1.04 20.10 -29.59
CA MET D 72 -0.47 20.94 -30.63
C MET D 72 -1.05 20.61 -32.01
N ILE D 73 -1.16 19.32 -32.33
CA ILE D 73 -1.71 18.88 -33.61
C ILE D 73 -3.14 19.38 -33.77
N SER D 74 -3.91 19.37 -32.68
CA SER D 74 -5.27 19.91 -32.71
C SER D 74 -5.28 21.40 -33.03
N MET D 75 -4.39 22.17 -32.42
CA MET D 75 -4.36 23.62 -32.67
C MET D 75 -3.95 23.94 -34.10
N LYS D 76 -2.94 23.24 -34.62
CA LYS D 76 -2.56 23.44 -36.02
C LYS D 76 -3.70 23.05 -36.96
N HIS D 77 -4.45 22.00 -36.62
CA HIS D 77 -5.51 21.56 -37.51
C HIS D 77 -6.70 22.52 -37.45
N ILE D 78 -6.98 23.10 -36.27
CA ILE D 78 -7.98 24.16 -36.15
C ILE D 78 -7.58 25.36 -37.00
N GLY D 79 -6.31 25.78 -36.93
CA GLY D 79 -5.86 26.89 -37.75
C GLY D 79 -5.89 26.59 -39.23
N LYS D 80 -5.68 25.32 -39.59
CA LYS D 80 -5.69 24.94 -41.00
C LYS D 80 -7.10 24.93 -41.58
N VAL D 81 -8.07 24.34 -40.87
CA VAL D 81 -9.36 24.14 -41.51
C VAL D 81 -10.23 25.41 -41.45
N PHE D 82 -10.07 26.26 -40.45
CA PHE D 82 -10.84 27.49 -40.36
C PHE D 82 -10.10 28.68 -40.98
N GLU D 83 -8.88 28.46 -41.48
CA GLU D 83 -8.01 29.49 -42.07
C GLU D 83 -7.85 30.69 -41.12
N GLU D 84 -7.29 30.39 -39.95
CA GLU D 84 -7.11 31.38 -38.89
C GLU D 84 -5.70 31.29 -38.34
N GLY D 85 -4.72 31.26 -39.23
CA GLY D 85 -3.33 31.20 -38.82
C GLY D 85 -2.81 29.78 -38.70
N ASP D 86 -1.53 29.70 -38.35
CA ASP D 86 -0.84 28.42 -38.22
C ASP D 86 -0.01 28.36 -36.94
N SER D 87 -0.47 29.04 -35.89
CA SER D 87 0.26 29.04 -34.63
C SER D 87 -0.69 28.70 -33.48
N ASP D 88 -0.19 28.78 -32.24
CA ASP D 88 -0.99 28.49 -31.06
C ASP D 88 -0.87 29.59 -30.01
N SER D 89 -0.55 30.81 -30.42
CA SER D 89 -0.47 31.93 -29.51
C SER D 89 -1.78 32.72 -29.49
N ALA D 90 -2.13 33.24 -28.33
CA ALA D 90 -3.39 33.96 -28.17
C ALA D 90 -3.28 34.96 -27.04
N ALA D 91 -4.09 36.00 -27.12
CA ALA D 91 -4.17 37.03 -26.09
C ALA D 91 -5.59 37.59 -26.09
N MET D 92 -5.92 38.34 -25.03
CA MET D 92 -7.23 38.95 -24.91
C MET D 92 -7.11 40.40 -24.47
N ILE D 93 -8.06 41.20 -24.91
CA ILE D 93 -8.13 42.62 -24.58
C ILE D 93 -9.48 42.89 -23.93
N VAL D 94 -9.44 43.51 -22.75
CA VAL D 94 -10.61 43.62 -21.87
C VAL D 94 -11.02 45.09 -21.78
N LEU D 95 -12.29 45.36 -22.03
CA LEU D 95 -12.91 46.66 -21.81
C LEU D 95 -13.66 46.62 -20.49
N GLU D 96 -13.30 47.53 -19.57
CA GLU D 96 -13.94 47.64 -18.28
C GLU D 96 -14.54 49.03 -18.15
N GLY D 97 -15.80 49.11 -17.74
CA GLY D 97 -16.48 50.37 -17.57
C GLY D 97 -16.98 50.54 -16.15
N GLN D 98 -17.13 51.80 -15.72
CA GLN D 98 -17.78 52.09 -14.46
C GLN D 98 -19.29 52.22 -14.60
N ARG D 99 -19.79 52.27 -15.83
CA ARG D 99 -21.20 52.33 -16.17
C ARG D 99 -21.43 51.34 -17.31
N PRO D 100 -22.68 50.94 -17.57
CA PRO D 100 -22.96 50.11 -18.74
C PRO D 100 -22.53 50.78 -20.04
N LEU D 101 -21.98 49.98 -20.94
CA LEU D 101 -21.32 50.51 -22.13
C LEU D 101 -22.34 50.91 -23.18
N GLY D 102 -22.11 52.06 -23.81
CA GLY D 102 -22.99 52.62 -24.80
C GLY D 102 -22.41 52.56 -26.21
N ASP D 103 -22.94 53.44 -27.07
CA ASP D 103 -22.55 53.44 -28.48
C ASP D 103 -21.18 54.06 -28.71
N ALA D 104 -20.74 54.96 -27.83
CA ALA D 104 -19.40 55.52 -27.95
C ALA D 104 -18.33 54.45 -27.77
N ALA D 105 -18.53 53.57 -26.78
CA ALA D 105 -17.63 52.43 -26.61
C ALA D 105 -17.73 51.48 -27.80
N HIS D 106 -18.91 51.38 -28.41
CA HIS D 106 -19.07 50.54 -29.61
C HIS D 106 -18.23 51.08 -30.77
N ALA D 107 -18.28 52.39 -31.00
CA ALA D 107 -17.51 52.99 -32.08
C ALA D 107 -16.01 52.91 -31.81
N PHE D 108 -15.60 53.15 -30.55
CA PHE D 108 -14.19 53.03 -30.18
C PHE D 108 -13.70 51.61 -30.35
N TYR D 109 -14.53 50.63 -29.97
CA TYR D 109 -14.22 49.22 -30.17
C TYR D 109 -14.05 48.88 -31.65
N ASP D 110 -14.95 49.39 -32.50
CA ASP D 110 -14.87 49.10 -33.93
C ASP D 110 -13.60 49.68 -34.54
N GLN D 111 -13.27 50.93 -34.19
CA GLN D 111 -12.03 51.53 -34.68
C GLN D 111 -10.80 50.78 -34.17
N MET D 112 -10.86 50.33 -32.91
CA MET D 112 -9.75 49.56 -32.34
C MET D 112 -9.55 48.24 -33.06
N ILE D 113 -10.64 47.52 -33.35
CA ILE D 113 -10.53 46.24 -34.04
C ILE D 113 -10.02 46.43 -35.46
N GLY D 114 -10.44 47.52 -36.12
CA GLY D 114 -9.86 47.84 -37.43
C GLY D 114 -8.37 48.10 -37.37
N ARG D 115 -7.92 48.85 -36.36
CA ARG D 115 -6.49 49.11 -36.21
C ARG D 115 -5.71 47.84 -35.87
N LEU D 116 -6.28 46.98 -35.02
CA LEU D 116 -5.63 45.70 -34.69
C LEU D 116 -5.51 44.80 -35.90
N GLN D 117 -6.55 44.78 -36.75
CA GLN D 117 -6.49 43.98 -37.96
C GLN D 117 -5.60 44.60 -39.03
N ALA D 118 -5.26 45.89 -38.90
CA ALA D 118 -4.35 46.51 -39.85
C ALA D 118 -2.92 46.01 -39.75
N ASP D 119 -2.54 45.41 -38.62
CA ASP D 119 -1.16 44.96 -38.39
C ASP D 119 -1.10 43.50 -38.81
N THR D 120 -0.61 43.24 -40.01
CA THR D 120 -0.55 41.87 -40.52
C THR D 120 0.71 41.12 -40.08
N THR D 121 1.74 41.81 -39.59
CA THR D 121 3.00 41.16 -39.26
C THR D 121 3.10 40.71 -37.80
N HIS D 122 2.15 41.09 -36.95
CA HIS D 122 2.20 40.73 -35.54
C HIS D 122 0.99 39.95 -35.06
N VAL D 123 -0.20 40.20 -35.60
CA VAL D 123 -1.36 39.36 -35.33
C VAL D 123 -1.69 38.61 -36.61
N GLN D 124 -2.28 37.43 -36.45
CA GLN D 124 -2.75 36.66 -37.59
C GLN D 124 -4.26 36.59 -37.69
N SER D 125 -4.99 36.45 -36.58
CA SER D 125 -6.44 36.46 -36.68
C SER D 125 -7.06 37.06 -35.43
N LEU D 126 -8.36 37.30 -35.51
CA LEU D 126 -9.10 37.94 -34.42
C LEU D 126 -10.49 37.32 -34.35
N GLN D 127 -11.01 37.19 -33.13
CA GLN D 127 -12.31 36.60 -32.85
C GLN D 127 -13.25 37.73 -32.42
N ASP D 128 -13.94 38.31 -33.40
CA ASP D 128 -14.87 39.42 -33.15
C ASP D 128 -16.24 38.84 -32.82
N PHE D 129 -16.52 38.68 -31.52
CA PHE D 129 -17.83 38.24 -31.06
C PHE D 129 -18.74 39.41 -30.67
N TRP D 130 -18.19 40.45 -30.03
CA TRP D 130 -19.03 41.50 -29.49
C TRP D 130 -19.64 42.39 -30.57
N GLY D 131 -19.07 42.40 -31.77
CA GLY D 131 -19.64 43.15 -32.87
C GLY D 131 -20.82 42.49 -33.55
N ASP D 132 -21.08 41.22 -33.23
CA ASP D 132 -22.22 40.50 -33.80
C ASP D 132 -23.33 40.49 -32.77
N PRO D 133 -24.49 41.10 -33.04
CA PRO D 133 -25.56 41.15 -32.03
C PRO D 133 -26.15 39.79 -31.67
N LEU D 134 -25.99 38.78 -32.52
CA LEU D 134 -26.55 37.46 -32.20
C LEU D 134 -25.77 36.77 -31.10
N THR D 135 -24.44 36.89 -31.12
CA THR D 135 -23.59 36.27 -30.12
C THR D 135 -23.05 37.29 -29.10
N ALA D 136 -23.55 38.52 -29.13
CA ALA D 136 -23.11 39.53 -28.19
C ALA D 136 -23.54 39.24 -26.75
N THR D 137 -24.57 38.40 -26.58
CA THR D 137 -25.02 38.03 -25.24
C THR D 137 -23.97 37.18 -24.52
N GLY D 138 -23.14 36.46 -25.26
CA GLY D 138 -22.08 35.67 -24.66
C GLY D 138 -20.75 36.39 -24.63
N ALA D 139 -20.66 37.53 -25.29
CA ALA D 139 -19.45 38.34 -25.30
C ALA D 139 -19.53 39.56 -24.39
N GLN D 140 -20.56 39.65 -23.57
CA GLN D 140 -20.75 40.75 -22.64
C GLN D 140 -21.10 40.15 -21.28
N SER D 141 -20.70 40.85 -20.21
CA SER D 141 -21.01 40.39 -18.86
C SER D 141 -22.52 40.38 -18.62
N SER D 142 -22.93 39.63 -17.59
CA SER D 142 -24.35 39.50 -17.27
C SER D 142 -24.95 40.84 -16.86
N ASP D 143 -24.20 41.64 -16.10
CA ASP D 143 -24.63 42.99 -15.75
C ASP D 143 -24.26 44.03 -16.80
N GLY D 144 -23.68 43.60 -17.92
CA GLY D 144 -23.43 44.46 -19.06
C GLY D 144 -22.45 45.58 -18.83
N LYS D 145 -21.31 45.28 -18.19
CA LYS D 145 -20.35 46.32 -17.83
C LYS D 145 -18.93 45.92 -18.21
N ALA D 146 -18.76 44.87 -19.01
CA ALA D 146 -17.42 44.46 -19.43
C ALA D 146 -17.51 43.82 -20.81
N ALA D 147 -16.36 43.75 -21.47
CA ALA D 147 -16.26 43.13 -22.79
C ALA D 147 -14.84 42.63 -23.01
N TYR D 148 -14.67 41.79 -24.02
CA TYR D 148 -13.35 41.24 -24.31
C TYR D 148 -13.25 40.89 -25.78
N VAL D 149 -12.02 40.81 -26.27
CA VAL D 149 -11.74 40.33 -27.62
C VAL D 149 -10.55 39.37 -27.57
N GLN D 150 -10.60 38.35 -28.42
CA GLN D 150 -9.55 37.35 -28.55
C GLN D 150 -8.75 37.61 -29.81
N VAL D 151 -7.43 37.60 -29.69
CA VAL D 151 -6.53 37.76 -30.82
C VAL D 151 -5.60 36.56 -30.88
N LYS D 152 -5.45 35.98 -32.08
CA LYS D 152 -4.50 34.90 -32.32
C LYS D 152 -3.27 35.52 -32.96
N LEU D 153 -2.17 35.49 -32.21
CA LEU D 153 -0.97 36.27 -32.48
C LEU D 153 -0.07 35.54 -33.48
N ALA D 154 1.16 36.01 -33.61
CA ALA D 154 2.17 35.37 -34.45
C ALA D 154 3.37 34.99 -33.60
N GLY D 155 3.78 33.73 -33.70
CA GLY D 155 4.92 33.24 -32.93
C GLY D 155 4.57 32.19 -31.91
N ASN D 156 5.24 31.05 -31.98
CA ASN D 156 5.01 29.96 -31.04
C ASN D 156 5.56 30.36 -29.66
N GLN D 157 4.93 29.84 -28.62
CA GLN D 157 5.37 30.10 -27.24
C GLN D 157 6.80 29.67 -27.02
N GLY D 158 7.58 30.55 -26.41
CA GLY D 158 9.00 30.33 -26.21
C GLY D 158 9.82 31.12 -27.20
N GLU D 159 9.35 31.17 -28.44
CA GLU D 159 10.01 31.97 -29.46
C GLU D 159 9.73 33.44 -29.23
N SER D 160 10.77 34.27 -29.36
CA SER D 160 10.70 35.69 -29.02
C SER D 160 9.82 36.50 -29.98
N LEU D 161 9.44 35.91 -31.12
CA LEU D 161 8.52 36.59 -32.03
C LEU D 161 7.17 36.82 -31.38
N ALA D 162 6.70 35.84 -30.58
CA ALA D 162 5.47 36.04 -29.82
C ALA D 162 5.63 37.15 -28.78
N ASN D 163 6.80 37.24 -28.15
CA ASN D 163 7.04 38.28 -27.16
C ASN D 163 7.01 39.67 -27.78
N GLU D 164 7.68 39.85 -28.91
CA GLU D 164 7.63 41.16 -29.56
C GLU D 164 6.26 41.43 -30.19
N SER D 165 5.51 40.38 -30.54
CA SER D 165 4.12 40.59 -30.94
C SER D 165 3.28 41.09 -29.77
N VAL D 166 3.51 40.56 -28.56
CA VAL D 166 2.84 41.07 -27.37
C VAL D 166 3.16 42.54 -27.16
N GLU D 167 4.45 42.90 -27.30
CA GLU D 167 4.85 44.29 -27.17
C GLU D 167 4.20 45.17 -28.24
N ALA D 168 4.08 44.67 -29.47
CA ALA D 168 3.48 45.44 -30.54
C ALA D 168 1.98 45.68 -30.32
N VAL D 169 1.26 44.64 -29.88
CA VAL D 169 -0.15 44.83 -29.56
C VAL D 169 -0.31 45.75 -28.36
N LYS D 170 0.61 45.68 -27.40
CA LYS D 170 0.55 46.60 -26.26
C LYS D 170 0.77 48.04 -26.69
N THR D 171 1.68 48.29 -27.63
CA THR D 171 1.87 49.66 -28.10
C THR D 171 0.68 50.13 -28.94
N ILE D 172 0.08 49.26 -29.76
CA ILE D 172 -1.06 49.71 -30.57
C ILE D 172 -2.29 49.97 -29.69
N VAL D 173 -2.44 49.23 -28.59
CA VAL D 173 -3.56 49.54 -27.71
C VAL D 173 -3.27 50.80 -26.89
N GLU D 174 -2.02 51.00 -26.46
CA GLU D 174 -1.73 52.13 -25.59
C GLU D 174 -1.48 53.43 -26.36
N ARG D 175 -1.41 53.39 -27.69
CA ARG D 175 -1.13 54.61 -28.43
C ARG D 175 -2.34 55.53 -28.57
N LEU D 176 -3.55 55.06 -28.29
CA LEU D 176 -4.75 55.86 -28.40
C LEU D 176 -5.49 55.88 -27.08
N ALA D 177 -6.14 57.02 -26.80
CA ALA D 177 -6.80 57.24 -25.52
C ALA D 177 -8.24 56.76 -25.59
N PRO D 178 -8.68 55.90 -24.67
CA PRO D 178 -10.07 55.43 -24.67
C PRO D 178 -11.02 56.55 -24.29
N PRO D 179 -12.30 56.44 -24.68
CA PRO D 179 -13.28 57.45 -24.25
C PRO D 179 -13.50 57.37 -22.75
N PRO D 180 -13.92 58.46 -22.12
CA PRO D 180 -14.12 58.44 -20.66
C PRO D 180 -15.26 57.53 -20.25
N GLY D 181 -15.10 56.94 -19.07
CA GLY D 181 -16.03 55.94 -18.58
C GLY D 181 -15.66 54.51 -18.88
N VAL D 182 -14.62 54.28 -19.68
CA VAL D 182 -14.16 52.94 -20.01
C VAL D 182 -12.63 52.95 -20.08
N LYS D 183 -12.02 51.86 -19.62
CA LYS D 183 -10.57 51.68 -19.69
C LYS D 183 -10.28 50.28 -20.21
N VAL D 184 -9.03 50.09 -20.64
CA VAL D 184 -8.65 48.94 -21.45
C VAL D 184 -7.47 48.23 -20.79
N TYR D 185 -7.51 46.90 -20.76
CA TYR D 185 -6.40 46.08 -20.31
C TYR D 185 -6.05 45.04 -21.37
N VAL D 186 -4.83 44.52 -21.27
CA VAL D 186 -4.37 43.40 -22.10
C VAL D 186 -3.94 42.28 -21.18
N THR D 187 -4.45 41.07 -21.44
CA THR D 187 -4.18 39.92 -20.58
C THR D 187 -4.15 38.67 -21.45
N GLY D 188 -3.90 37.53 -20.81
CA GLY D 188 -3.85 36.26 -21.50
C GLY D 188 -2.62 35.48 -21.10
N SER D 189 -2.20 34.57 -21.98
CA SER D 189 -1.04 33.73 -21.71
C SER D 189 0.24 34.27 -22.34
N ALA D 190 0.16 34.77 -23.58
CA ALA D 190 1.34 35.34 -24.23
C ALA D 190 1.79 36.61 -23.54
N ALA D 191 0.84 37.46 -23.13
CA ALA D 191 1.18 38.63 -22.32
C ALA D 191 1.81 38.21 -21.01
N LEU D 192 1.30 37.14 -20.40
CA LEU D 192 1.84 36.67 -19.13
C LEU D 192 3.28 36.19 -19.28
N VAL D 193 3.60 35.45 -20.35
CA VAL D 193 4.96 34.94 -20.49
C VAL D 193 5.93 36.08 -20.84
N ALA D 194 5.49 37.04 -21.66
CA ALA D 194 6.34 38.19 -21.97
C ALA D 194 6.63 39.02 -20.71
N ASP D 195 5.60 39.28 -19.92
CA ASP D 195 5.81 40.09 -18.72
C ASP D 195 6.53 39.33 -17.60
N GLN D 196 6.46 37.99 -17.56
CA GLN D 196 7.27 37.31 -16.55
C GLN D 196 8.75 37.26 -16.96
N GLN D 197 9.03 37.20 -18.26
CA GLN D 197 10.41 37.38 -18.72
C GLN D 197 10.93 38.76 -18.34
N GLN D 198 10.11 39.80 -18.54
CA GLN D 198 10.51 41.14 -18.13
C GLN D 198 10.67 41.26 -16.62
N ALA D 199 9.83 40.54 -15.85
CA ALA D 199 9.93 40.58 -14.40
C ALA D 199 11.23 39.95 -13.90
N GLY D 200 11.63 38.82 -14.48
CA GLY D 200 12.92 38.25 -14.13
C GLY D 200 14.08 39.15 -14.51
N ASP D 201 14.00 39.78 -15.69
CA ASP D 201 15.01 40.74 -16.12
C ASP D 201 14.99 42.00 -15.27
N ARG D 202 13.92 42.23 -14.52
CA ARG D 202 13.92 43.31 -13.53
C ARG D 202 14.58 42.87 -12.22
N SER D 203 14.27 41.67 -11.75
CA SER D 203 14.70 41.24 -10.42
C SER D 203 16.13 40.69 -10.35
N LEU D 204 16.78 40.48 -11.50
CA LEU D 204 18.10 39.85 -11.52
C LEU D 204 19.13 40.66 -10.72
N GLN D 205 19.00 42.00 -10.72
CA GLN D 205 20.02 42.83 -10.09
C GLN D 205 19.99 42.71 -8.57
N VAL D 206 18.80 42.76 -7.97
CA VAL D 206 18.71 42.67 -6.52
C VAL D 206 19.06 41.26 -6.05
N ILE D 207 18.65 40.23 -6.81
CA ILE D 207 19.01 38.89 -6.36
C ILE D 207 20.51 38.66 -6.54
N GLU D 208 21.12 39.29 -7.55
CA GLU D 208 22.56 39.18 -7.75
C GLU D 208 23.32 39.86 -6.61
N ALA D 209 22.85 41.03 -6.17
CA ALA D 209 23.50 41.72 -5.06
C ALA D 209 23.45 40.90 -3.78
N VAL D 210 22.28 40.31 -3.48
CA VAL D 210 22.15 39.51 -2.26
C VAL D 210 23.02 38.25 -2.35
N THR D 211 23.03 37.59 -3.52
CA THR D 211 23.86 36.39 -3.65
C THR D 211 25.34 36.73 -3.57
N PHE D 212 25.76 37.86 -4.13
CA PHE D 212 27.17 38.22 -4.10
C PHE D 212 27.63 38.49 -2.66
N THR D 213 26.83 39.24 -1.89
CA THR D 213 27.27 39.50 -0.52
C THR D 213 27.22 38.25 0.36
N VAL D 214 26.29 37.32 0.09
CA VAL D 214 26.30 36.12 0.92
C VAL D 214 27.45 35.18 0.53
N ILE D 215 27.85 35.16 -0.76
CA ILE D 215 29.03 34.41 -1.16
C ILE D 215 30.28 34.98 -0.48
N ILE D 216 30.38 36.32 -0.42
CA ILE D 216 31.54 36.93 0.22
C ILE D 216 31.60 36.59 1.71
N VAL D 217 30.47 36.70 2.42
CA VAL D 217 30.53 36.43 3.86
C VAL D 217 30.79 34.94 4.12
N MET D 218 30.19 34.05 3.32
CA MET D 218 30.44 32.62 3.49
C MET D 218 31.89 32.27 3.22
N LEU D 219 32.49 32.90 2.21
CA LEU D 219 33.90 32.64 1.92
C LEU D 219 34.82 33.18 3.02
N LEU D 220 34.45 34.30 3.65
CA LEU D 220 35.24 34.78 4.79
C LEU D 220 35.13 33.84 5.97
N LEU D 221 33.97 33.22 6.20
CA LEU D 221 33.91 32.17 7.23
C LEU D 221 34.75 30.95 6.86
N VAL D 222 34.71 30.53 5.60
CA VAL D 222 35.36 29.27 5.23
C VAL D 222 36.88 29.42 5.24
N TYR D 223 37.41 30.47 4.62
CA TYR D 223 38.84 30.50 4.39
C TYR D 223 39.63 31.31 5.41
N ARG D 224 38.97 32.14 6.22
CA ARG D 224 39.61 32.96 7.27
C ARG D 224 40.67 33.89 6.71
N SER D 225 40.51 34.32 5.46
CA SER D 225 41.51 35.12 4.78
C SER D 225 40.84 35.84 3.63
N ILE D 226 41.44 36.95 3.21
CA ILE D 226 40.87 37.77 2.14
C ILE D 226 41.62 37.53 0.84
N ILE D 227 42.91 37.17 0.94
CA ILE D 227 43.67 36.88 -0.27
C ILE D 227 43.29 35.54 -0.87
N THR D 228 43.10 34.50 -0.04
CA THR D 228 42.80 33.17 -0.54
C THR D 228 41.37 33.10 -1.09
N SER D 229 40.44 33.79 -0.43
CA SER D 229 39.07 33.86 -0.93
C SER D 229 39.02 34.58 -2.27
N ALA D 230 39.79 35.66 -2.42
CA ALA D 230 39.86 36.36 -3.70
C ALA D 230 40.49 35.49 -4.78
N ILE D 231 41.51 34.70 -4.42
CA ILE D 231 42.17 33.81 -5.37
C ILE D 231 41.19 32.75 -5.88
N MET D 232 40.44 32.14 -4.95
CA MET D 232 39.48 31.12 -5.36
C MET D 232 38.34 31.73 -6.17
N LEU D 233 37.92 32.94 -5.81
CA LEU D 233 36.89 33.63 -6.59
C LEU D 233 37.39 33.94 -7.99
N THR D 234 38.68 34.26 -8.13
CA THR D 234 39.27 34.44 -9.46
C THR D 234 39.24 33.15 -10.26
N MET D 235 39.58 32.02 -9.61
CA MET D 235 39.50 30.72 -10.28
C MET D 235 38.09 30.43 -10.77
N VAL D 236 37.10 30.68 -9.90
CA VAL D 236 35.70 30.41 -10.22
C VAL D 236 35.23 31.32 -11.36
N VAL D 237 35.57 32.60 -11.31
CA VAL D 237 35.05 33.52 -12.32
C VAL D 237 35.73 33.29 -13.67
N LEU D 238 37.01 32.88 -13.67
CA LEU D 238 37.65 32.52 -14.94
C LEU D 238 37.02 31.26 -15.54
N GLY D 239 36.72 30.26 -14.71
CA GLY D 239 36.03 29.09 -15.21
C GLY D 239 34.64 29.41 -15.76
N LEU D 240 33.89 30.26 -15.05
CA LEU D 240 32.58 30.69 -15.51
C LEU D 240 32.66 31.44 -16.84
N LEU D 241 33.63 32.37 -16.94
CA LEU D 241 33.76 33.17 -18.16
C LEU D 241 34.13 32.30 -19.35
N ALA D 242 35.02 31.31 -19.13
CA ALA D 242 35.35 30.38 -20.19
C ALA D 242 34.14 29.55 -20.60
N THR D 243 33.31 29.14 -19.63
CA THR D 243 32.13 28.34 -19.93
C THR D 243 31.13 29.12 -20.77
N ARG D 244 30.76 30.32 -20.33
CA ARG D 244 29.80 31.12 -21.08
C ARG D 244 30.34 31.50 -22.46
N GLY D 245 31.64 31.83 -22.54
CA GLY D 245 32.23 32.13 -23.84
C GLY D 245 32.20 30.96 -24.79
N GLY D 246 32.54 29.76 -24.30
CA GLY D 246 32.55 28.59 -25.16
C GLY D 246 31.17 28.19 -25.64
N VAL D 247 30.18 28.19 -24.74
CA VAL D 247 28.83 27.82 -25.16
C VAL D 247 28.23 28.88 -26.07
N ALA D 248 28.53 30.16 -25.84
CA ALA D 248 28.04 31.20 -26.73
C ALA D 248 28.71 31.13 -28.10
N PHE D 249 30.00 30.77 -28.14
CA PHE D 249 30.69 30.58 -29.42
C PHE D 249 30.08 29.42 -30.19
N LEU D 250 29.83 28.29 -29.52
CA LEU D 250 29.25 27.15 -30.22
C LEU D 250 27.77 27.34 -30.54
N GLY D 251 27.11 28.28 -29.88
CA GLY D 251 25.74 28.57 -30.22
C GLY D 251 25.54 29.67 -31.23
N PHE D 252 26.57 30.49 -31.46
CA PHE D 252 26.44 31.59 -32.41
C PHE D 252 26.34 31.08 -33.84
N HIS D 253 27.23 30.17 -34.22
CA HIS D 253 27.32 29.71 -35.61
C HIS D 253 26.39 28.54 -35.91
N ARG D 254 25.33 28.37 -35.12
CA ARG D 254 24.29 27.36 -35.32
C ARG D 254 24.86 25.94 -35.27
N ILE D 255 25.96 25.75 -34.54
CA ILE D 255 26.51 24.41 -34.37
C ILE D 255 25.61 23.59 -33.45
N ILE D 256 25.16 24.19 -32.34
CA ILE D 256 24.21 23.57 -31.43
C ILE D 256 23.04 24.52 -31.23
N GLY D 257 22.00 24.03 -30.55
CA GLY D 257 20.85 24.84 -30.22
C GLY D 257 20.89 25.32 -28.77
N LEU D 258 20.28 26.48 -28.54
CA LEU D 258 20.30 27.12 -27.23
C LEU D 258 18.89 27.57 -26.85
N SER D 259 18.69 27.76 -25.55
CA SER D 259 17.44 28.27 -24.99
C SER D 259 17.75 28.90 -23.63
N THR D 260 16.82 29.74 -23.16
CA THR D 260 17.06 30.44 -21.89
C THR D 260 16.95 29.52 -20.69
N PHE D 261 16.15 28.45 -20.79
CA PHE D 261 16.11 27.43 -19.75
C PHE D 261 17.47 26.78 -19.57
N ALA D 262 18.09 26.41 -20.70
CA ALA D 262 19.45 25.88 -20.68
C ALA D 262 20.44 26.93 -20.20
N THR D 263 20.18 28.21 -20.48
CA THR D 263 21.04 29.29 -20.00
C THR D 263 21.07 29.33 -18.47
N ASN D 264 19.90 29.39 -17.84
CA ASN D 264 19.87 29.49 -16.38
C ASN D 264 20.42 28.22 -15.72
N LEU D 265 20.05 27.04 -16.25
CA LEU D 265 20.57 25.81 -15.67
C LEU D 265 22.07 25.67 -15.88
N LEU D 266 22.59 26.15 -17.02
CA LEU D 266 24.02 26.08 -17.28
C LEU D 266 24.79 27.00 -16.35
N VAL D 267 24.26 28.20 -16.09
CA VAL D 267 24.92 29.10 -15.14
C VAL D 267 24.95 28.49 -13.74
N VAL D 268 23.83 27.92 -13.29
CA VAL D 268 23.79 27.32 -11.95
C VAL D 268 24.73 26.13 -11.85
N LEU D 269 24.74 25.27 -12.87
CA LEU D 269 25.59 24.08 -12.84
C LEU D 269 27.06 24.44 -12.94
N ALA D 270 27.39 25.47 -13.73
CA ALA D 270 28.78 25.93 -13.82
C ALA D 270 29.26 26.51 -12.50
N ILE D 271 28.38 27.28 -11.82
CA ILE D 271 28.67 27.76 -10.47
C ILE D 271 29.00 26.60 -9.55
N ALA D 272 28.14 25.57 -9.56
CA ALA D 272 28.31 24.45 -8.64
C ALA D 272 29.61 23.69 -8.93
N ALA D 273 29.84 23.33 -10.19
CA ALA D 273 31.02 22.55 -10.55
C ALA D 273 32.31 23.31 -10.31
N ALA D 274 32.34 24.61 -10.68
CA ALA D 274 33.54 25.40 -10.52
C ALA D 274 33.89 25.59 -9.05
N THR D 275 32.88 25.93 -8.22
CA THR D 275 33.21 26.12 -6.80
C THR D 275 33.60 24.81 -6.14
N ASP D 276 32.97 23.69 -6.54
CA ASP D 276 33.34 22.39 -5.97
C ASP D 276 34.79 22.07 -6.27
N TYR D 277 35.16 22.13 -7.57
CA TYR D 277 36.52 21.78 -7.98
C TYR D 277 37.56 22.70 -7.35
N ALA D 278 37.24 24.00 -7.26
CA ALA D 278 38.18 24.95 -6.64
C ALA D 278 38.40 24.65 -5.17
N ILE D 279 37.32 24.37 -4.42
CA ILE D 279 37.50 24.06 -3.00
C ILE D 279 38.24 22.74 -2.82
N PHE D 280 37.99 21.73 -3.68
CA PHE D 280 38.73 20.48 -3.52
C PHE D 280 40.22 20.68 -3.76
N LEU D 281 40.58 21.43 -4.80
CA LEU D 281 41.99 21.68 -5.10
C LEU D 281 42.68 22.45 -3.96
N ILE D 282 42.10 23.58 -3.56
CA ILE D 282 42.77 24.44 -2.58
C ILE D 282 42.77 23.78 -1.20
N GLY D 283 41.69 23.10 -0.82
CA GLY D 283 41.67 22.41 0.46
C GLY D 283 42.63 21.24 0.53
N ARG D 284 42.77 20.49 -0.57
CA ARG D 284 43.76 19.42 -0.61
C ARG D 284 45.17 19.98 -0.52
N TYR D 285 45.41 21.13 -1.16
CA TYR D 285 46.73 21.75 -1.05
C TYR D 285 47.00 22.21 0.38
N GLN D 286 46.02 22.82 1.05
CA GLN D 286 46.27 23.28 2.41
C GLN D 286 46.42 22.12 3.39
N GLU D 287 45.71 21.01 3.16
CA GLU D 287 45.94 19.83 3.97
C GLU D 287 47.35 19.28 3.76
N ALA D 288 47.81 19.26 2.51
CA ALA D 288 49.17 18.80 2.23
C ALA D 288 50.21 19.70 2.88
N ARG D 289 49.98 21.01 2.87
CA ARG D 289 50.91 21.94 3.50
C ARG D 289 50.88 21.79 5.03
N GLY D 290 49.70 21.54 5.59
CA GLY D 290 49.59 21.33 7.02
C GLY D 290 50.18 20.02 7.50
N LEU D 291 50.30 19.03 6.60
CA LEU D 291 51.03 17.81 6.96
C LEU D 291 52.51 18.10 7.15
N GLY D 292 53.08 19.02 6.38
CA GLY D 292 54.45 19.43 6.61
C GLY D 292 55.35 19.42 5.40
N GLN D 293 54.79 19.18 4.22
CA GLN D 293 55.61 19.09 3.02
C GLN D 293 56.01 20.48 2.53
N ASP D 294 56.88 20.49 1.52
CA ASP D 294 57.32 21.71 0.87
C ASP D 294 56.29 22.02 -0.24
N ARG D 295 56.52 23.09 -1.00
CA ARG D 295 55.54 23.51 -2.00
C ARG D 295 55.48 22.54 -3.18
N GLU D 296 56.64 22.06 -3.63
CA GLU D 296 56.70 21.11 -4.74
C GLU D 296 56.01 19.79 -4.36
N SER D 297 56.34 19.26 -3.19
CA SER D 297 55.74 18.01 -2.73
C SER D 297 54.24 18.15 -2.53
N ALA D 298 53.81 19.29 -1.96
CA ALA D 298 52.38 19.50 -1.74
C ALA D 298 51.62 19.61 -3.05
N TYR D 299 52.18 20.32 -4.03
CA TYR D 299 51.53 20.43 -5.34
C TYR D 299 51.42 19.07 -6.01
N TYR D 300 52.49 18.28 -5.96
CA TYR D 300 52.44 16.99 -6.65
C TYR D 300 51.52 16.01 -5.93
N THR D 301 51.47 16.07 -4.59
CA THR D 301 50.56 15.22 -3.84
C THR D 301 49.09 15.61 -4.08
N MET D 302 48.78 16.91 -4.10
CA MET D 302 47.40 17.32 -4.32
C MET D 302 46.95 16.97 -5.74
N PHE D 303 47.84 17.12 -6.74
CA PHE D 303 47.47 16.72 -8.09
C PHE D 303 47.23 15.21 -8.18
N GLY D 304 48.19 14.42 -7.69
CA GLY D 304 48.07 12.97 -7.76
C GLY D 304 46.99 12.38 -6.90
N GLY D 305 46.45 13.15 -5.95
CA GLY D 305 45.33 12.68 -5.18
C GLY D 305 43.96 13.17 -5.62
N THR D 306 43.90 14.29 -6.36
CA THR D 306 42.62 14.91 -6.65
C THR D 306 42.23 14.87 -8.14
N ALA D 307 43.21 14.92 -9.05
CA ALA D 307 42.92 15.19 -10.46
C ALA D 307 42.09 14.08 -11.11
N HIS D 308 42.36 12.82 -10.77
CA HIS D 308 41.60 11.73 -11.38
C HIS D 308 40.16 11.70 -10.88
N VAL D 309 39.95 12.04 -9.61
CA VAL D 309 38.60 12.19 -9.08
C VAL D 309 37.85 13.30 -9.81
N VAL D 310 38.51 14.43 -10.02
CA VAL D 310 37.89 15.56 -10.72
C VAL D 310 37.52 15.17 -12.14
N LEU D 311 38.43 14.44 -12.81
CA LEU D 311 38.18 13.95 -14.16
C LEU D 311 36.97 13.03 -14.21
N GLY D 312 36.91 12.08 -13.28
CA GLY D 312 35.80 11.13 -13.26
C GLY D 312 34.46 11.79 -12.97
N SER D 313 34.43 12.69 -11.98
CA SER D 313 33.19 13.39 -11.64
C SER D 313 32.70 14.24 -12.80
N GLY D 314 33.61 14.99 -13.44
CA GLY D 314 33.20 15.82 -14.55
C GLY D 314 32.67 15.03 -15.72
N LEU D 315 33.34 13.93 -16.07
CA LEU D 315 32.85 13.12 -17.18
C LEU D 315 31.55 12.39 -16.85
N THR D 316 31.36 11.98 -15.59
CA THR D 316 30.09 11.33 -15.23
C THR D 316 28.92 12.31 -15.28
N ILE D 317 29.11 13.52 -14.75
CA ILE D 317 28.04 14.52 -14.82
C ILE D 317 27.75 14.89 -16.27
N ALA D 318 28.80 15.03 -17.09
CA ALA D 318 28.61 15.33 -18.50
C ALA D 318 27.89 14.20 -19.22
N GLY D 319 28.22 12.95 -18.90
CA GLY D 319 27.54 11.82 -19.52
C GLY D 319 26.08 11.73 -19.13
N ALA D 320 25.77 12.00 -17.86
CA ALA D 320 24.37 12.01 -17.42
C ALA D 320 23.58 13.13 -18.10
N THR D 321 24.15 14.33 -18.17
CA THR D 321 23.44 15.43 -18.82
C THR D 321 23.36 15.24 -20.33
N PHE D 322 24.25 14.44 -20.91
CA PHE D 322 24.11 14.12 -22.33
C PHE D 322 23.07 13.04 -22.57
N CYS D 323 23.03 12.02 -21.71
CA CYS D 323 22.04 10.96 -21.85
C CYS D 323 20.64 11.42 -21.45
N LEU D 324 20.52 12.60 -20.83
CA LEU D 324 19.23 13.26 -20.68
C LEU D 324 18.61 13.69 -22.01
N SER D 325 19.36 13.68 -23.11
CA SER D 325 18.85 14.16 -24.40
C SER D 325 17.84 13.20 -25.04
N PHE D 326 17.76 11.94 -24.59
CA PHE D 326 16.81 10.99 -25.16
C PHE D 326 15.37 11.29 -24.76
N THR D 327 15.17 12.18 -23.78
CA THR D 327 13.88 12.73 -23.42
C THR D 327 13.06 13.20 -24.63
N ARG D 328 11.75 12.96 -24.58
CA ARG D 328 10.83 13.37 -25.64
C ARG D 328 10.13 14.70 -25.38
N LEU D 329 10.43 15.38 -24.28
CA LEU D 329 9.81 16.67 -23.99
C LEU D 329 10.84 17.78 -24.15
N PRO D 330 10.49 18.88 -24.82
CA PRO D 330 11.51 19.87 -25.23
C PRO D 330 12.27 20.53 -24.08
N TYR D 331 11.64 20.72 -22.91
CA TYR D 331 12.28 21.38 -21.79
C TYR D 331 13.57 20.67 -21.37
N PHE D 332 13.64 19.36 -21.56
CA PHE D 332 14.81 18.57 -21.20
C PHE D 332 15.54 18.01 -22.41
N GLN D 333 14.87 17.95 -23.56
CA GLN D 333 15.55 17.53 -24.78
C GLN D 333 16.50 18.61 -25.28
N THR D 334 16.11 19.89 -25.16
CA THR D 334 16.99 20.95 -25.63
C THR D 334 18.06 21.32 -24.61
N LEU D 335 18.03 20.73 -23.43
CA LEU D 335 18.97 21.06 -22.36
C LEU D 335 20.11 20.06 -22.26
N GLY D 336 20.09 19.00 -23.07
CA GLY D 336 21.07 17.93 -22.95
C GLY D 336 22.44 18.23 -23.51
N VAL D 337 22.51 18.63 -24.77
CA VAL D 337 23.76 18.94 -25.46
C VAL D 337 24.51 20.15 -24.88
N PRO D 338 23.87 21.34 -24.67
CA PRO D 338 24.67 22.48 -24.18
C PRO D 338 25.24 22.29 -22.79
N LEU D 339 24.51 21.62 -21.90
CA LEU D 339 25.05 21.33 -20.57
C LEU D 339 26.22 20.36 -20.65
N ALA D 340 26.18 19.43 -21.60
CA ALA D 340 27.30 18.50 -21.77
C ALA D 340 28.56 19.22 -22.25
N ILE D 341 28.42 20.09 -23.25
CA ILE D 341 29.59 20.83 -23.73
C ILE D 341 30.10 21.79 -22.66
N GLY D 342 29.18 22.42 -21.92
CA GLY D 342 29.59 23.29 -20.83
C GLY D 342 30.34 22.53 -19.75
N MET D 343 29.90 21.31 -19.45
CA MET D 343 30.61 20.47 -18.48
C MET D 343 32.00 20.11 -18.96
N VAL D 344 32.14 19.84 -20.27
CA VAL D 344 33.47 19.57 -20.83
C VAL D 344 34.38 20.79 -20.69
N ILE D 345 33.85 21.99 -20.96
CA ILE D 345 34.65 23.21 -20.82
C ILE D 345 35.05 23.44 -19.37
N VAL D 346 34.11 23.21 -18.43
CA VAL D 346 34.40 23.36 -17.00
C VAL D 346 35.50 22.40 -16.55
N VAL D 347 35.40 21.14 -16.97
CA VAL D 347 36.39 20.18 -16.48
C VAL D 347 37.76 20.44 -17.13
N ALA D 348 37.79 20.88 -18.40
CA ALA D 348 39.06 21.24 -19.02
C ALA D 348 39.72 22.42 -18.32
N ALA D 349 38.93 23.46 -18.03
CA ALA D 349 39.47 24.63 -17.33
C ALA D 349 39.93 24.27 -15.93
N ALA D 350 39.16 23.47 -15.20
CA ALA D 350 39.52 23.11 -13.83
C ALA D 350 40.71 22.17 -13.78
N LEU D 351 40.97 21.40 -14.85
CA LEU D 351 42.17 20.57 -14.85
C LEU D 351 43.41 21.32 -15.30
N THR D 352 43.27 22.32 -16.19
CA THR D 352 44.48 22.96 -16.69
C THR D 352 44.78 24.31 -16.04
N LEU D 353 43.80 25.22 -15.97
CA LEU D 353 44.05 26.55 -15.43
C LEU D 353 44.28 26.52 -13.93
N GLY D 354 43.54 25.67 -13.21
CA GLY D 354 43.55 25.62 -11.76
C GLY D 354 44.86 25.25 -11.09
N PRO D 355 45.43 24.08 -11.43
CA PRO D 355 46.75 23.75 -10.88
C PRO D 355 47.85 24.72 -11.28
N ALA D 356 47.77 25.30 -12.48
CA ALA D 356 48.78 26.26 -12.90
C ALA D 356 48.71 27.55 -12.09
N ILE D 357 47.49 28.07 -11.86
CA ILE D 357 47.36 29.29 -11.07
C ILE D 357 47.73 29.04 -9.62
N ILE D 358 47.42 27.84 -9.10
CA ILE D 358 47.84 27.48 -7.75
C ILE D 358 49.37 27.45 -7.66
N ALA D 359 50.02 26.85 -8.66
CA ALA D 359 51.48 26.73 -8.65
C ALA D 359 52.17 28.08 -8.76
N VAL D 360 51.72 28.94 -9.68
CA VAL D 360 52.40 30.21 -9.87
C VAL D 360 52.13 31.16 -8.70
N THR D 361 50.91 31.11 -8.12
CA THR D 361 50.63 31.95 -6.97
C THR D 361 51.41 31.49 -5.74
N SER D 362 51.62 30.18 -5.61
CA SER D 362 52.44 29.69 -4.52
C SER D 362 53.91 30.05 -4.71
N ARG D 363 54.42 29.96 -5.95
CA ARG D 363 55.83 30.21 -6.20
C ARG D 363 56.17 31.69 -6.09
N PHE D 364 55.23 32.56 -6.50
CA PHE D 364 55.51 33.99 -6.58
C PHE D 364 55.77 34.61 -5.21
N GLY D 365 54.95 34.28 -4.22
CA GLY D 365 55.11 34.88 -2.91
C GLY D 365 54.80 33.96 -1.74
N LYS D 366 54.01 34.46 -0.79
CA LYS D 366 53.56 33.70 0.38
C LYS D 366 52.05 33.92 0.48
N LEU D 367 51.28 33.09 -0.22
CA LEU D 367 49.86 33.33 -0.41
C LEU D 367 48.96 32.24 0.17
N LEU D 368 49.15 30.99 -0.23
CA LEU D 368 48.29 29.88 0.20
C LEU D 368 49.01 29.08 1.27
N GLU D 369 48.72 29.39 2.54
CA GLU D 369 49.30 28.67 3.67
C GLU D 369 48.21 28.36 4.70
N PRO D 370 48.33 27.23 5.39
CA PRO D 370 47.31 26.88 6.40
C PRO D 370 47.53 27.66 7.69
N LYS D 371 46.50 28.40 8.10
CA LYS D 371 46.49 29.06 9.40
C LYS D 371 45.37 28.43 10.23
N ARG D 372 45.69 28.13 11.50
CA ARG D 372 44.80 27.52 12.49
C ARG D 372 44.51 26.06 12.13
N MET D 373 44.45 25.18 13.14
CA MET D 373 44.09 23.77 12.96
C MET D 373 42.92 23.47 13.90
N ALA D 374 41.69 23.64 13.42
CA ALA D 374 40.53 23.34 14.26
C ALA D 374 39.41 22.57 13.56
N ARG D 375 39.38 22.48 12.23
CA ARG D 375 38.30 21.76 11.56
C ARG D 375 38.64 20.28 11.35
N VAL D 376 39.90 19.99 11.01
CA VAL D 376 40.31 18.61 10.78
C VAL D 376 40.18 17.80 12.06
N ARG D 377 40.52 18.41 13.20
CA ARG D 377 40.40 17.72 14.48
C ARG D 377 38.94 17.41 14.81
N GLY D 378 38.05 18.37 14.59
CA GLY D 378 36.64 18.15 14.86
C GLY D 378 36.01 17.12 13.93
N TRP D 379 36.42 17.12 12.66
CA TRP D 379 35.86 16.14 11.74
C TRP D 379 36.43 14.74 11.97
N ARG D 380 37.68 14.64 12.43
CA ARG D 380 38.19 13.37 12.92
C ARG D 380 37.40 12.90 14.15
N LYS D 381 37.00 13.85 15.00
CA LYS D 381 36.22 13.50 16.18
C LYS D 381 34.85 12.92 15.80
N VAL D 382 34.16 13.58 14.86
CA VAL D 382 32.86 13.06 14.47
C VAL D 382 33.01 11.76 13.68
N GLY D 383 34.11 11.59 12.94
CA GLY D 383 34.36 10.32 12.28
C GLY D 383 34.56 9.17 13.25
N ALA D 384 35.31 9.41 14.33
CA ALA D 384 35.47 8.39 15.36
C ALA D 384 34.15 8.12 16.09
N ALA D 385 33.31 9.14 16.23
CA ALA D 385 31.97 8.93 16.80
C ALA D 385 31.14 8.02 15.91
N ILE D 386 31.25 8.18 14.58
CA ILE D 386 30.57 7.28 13.65
C ILE D 386 31.11 5.86 13.80
N VAL D 387 32.44 5.72 13.84
CA VAL D 387 33.07 4.40 13.83
C VAL D 387 32.73 3.61 15.09
N ARG D 388 32.77 4.25 16.26
CA ARG D 388 32.57 3.50 17.50
C ARG D 388 31.13 2.99 17.63
N TRP D 389 30.15 3.76 17.16
CA TRP D 389 28.73 3.40 17.30
C TRP D 389 28.03 3.50 15.96
N PRO D 390 28.26 2.54 15.06
CA PRO D 390 27.59 2.59 13.75
C PRO D 390 26.14 2.15 13.79
N GLY D 391 25.71 1.45 14.83
CA GLY D 391 24.34 1.03 14.95
C GLY D 391 23.36 2.17 15.20
N PRO D 392 23.46 2.79 16.39
CA PRO D 392 22.50 3.86 16.75
C PRO D 392 22.53 5.08 15.85
N ILE D 393 23.69 5.46 15.32
CA ILE D 393 23.74 6.64 14.45
C ILE D 393 23.00 6.38 13.14
N LEU D 394 23.11 5.15 12.61
CA LEU D 394 22.40 4.80 11.40
C LEU D 394 20.89 4.83 11.62
N VAL D 395 20.41 4.30 12.76
CA VAL D 395 18.97 4.27 12.98
C VAL D 395 18.43 5.67 13.27
N GLY D 396 19.23 6.53 13.91
CA GLY D 396 18.81 7.92 14.07
C GLY D 396 18.73 8.66 12.74
N ALA D 397 19.74 8.49 11.89
CA ALA D 397 19.75 9.15 10.59
C ALA D 397 18.61 8.65 9.71
N VAL D 398 18.35 7.35 9.71
CA VAL D 398 17.23 6.84 8.94
C VAL D 398 15.91 7.21 9.58
N ALA D 399 15.87 7.50 10.90
CA ALA D 399 14.65 8.03 11.49
C ALA D 399 14.32 9.42 10.96
N LEU D 400 15.32 10.31 10.89
CA LEU D 400 15.11 11.60 10.23
C LEU D 400 14.73 11.41 8.77
N ALA D 401 15.31 10.40 8.11
CA ALA D 401 14.95 10.10 6.73
C ALA D 401 13.49 9.71 6.59
N LEU D 402 12.97 8.87 7.49
CA LEU D 402 11.56 8.51 7.45
C LEU D 402 10.66 9.70 7.75
N VAL D 403 11.08 10.57 8.68
CA VAL D 403 10.32 11.81 8.94
C VAL D 403 10.23 12.64 7.67
N GLY D 404 11.30 12.69 6.89
CA GLY D 404 11.23 13.32 5.59
C GLY D 404 10.30 12.60 4.62
N LEU D 405 10.36 11.25 4.61
CA LEU D 405 9.67 10.48 3.58
C LEU D 405 8.16 10.38 3.77
N LEU D 406 7.65 10.41 5.01
CA LEU D 406 6.21 10.23 5.20
C LEU D 406 5.38 11.40 4.66
N THR D 407 5.98 12.57 4.46
CA THR D 407 5.27 13.70 3.87
C THR D 407 5.19 13.57 2.35
N LEU D 408 6.07 12.74 1.75
CA LEU D 408 6.17 12.64 0.29
C LEU D 408 4.91 12.13 -0.42
N PRO D 409 4.22 11.05 0.02
CA PRO D 409 3.08 10.58 -0.78
C PRO D 409 1.90 11.53 -0.84
N GLY D 410 1.77 12.47 0.10
CA GLY D 410 0.81 13.55 -0.07
C GLY D 410 1.47 14.75 -0.71
N TYR D 411 1.35 14.88 -2.02
CA TYR D 411 2.06 15.91 -2.76
C TYR D 411 1.26 16.31 -3.98
N ARG D 412 1.00 17.60 -4.13
CA ARG D 412 0.19 18.13 -5.22
C ARG D 412 0.94 19.24 -5.92
N THR D 413 0.84 19.26 -7.24
CA THR D 413 1.48 20.28 -8.07
C THR D 413 0.47 21.32 -8.51
N ASN D 414 0.98 22.47 -8.91
CA ASN D 414 0.16 23.54 -9.47
C ASN D 414 0.76 23.93 -10.80
N TYR D 415 -0.05 23.88 -11.86
CA TYR D 415 0.40 24.20 -13.20
C TYR D 415 0.11 25.63 -13.59
N ASN D 416 -0.41 26.44 -12.67
CA ASN D 416 -0.77 27.83 -12.94
C ASN D 416 0.33 28.72 -12.39
N ASP D 417 0.96 29.51 -13.27
CA ASP D 417 2.01 30.44 -12.89
C ASP D 417 1.49 31.82 -12.49
N ARG D 418 0.18 32.06 -12.66
CA ARG D 418 -0.42 33.32 -12.23
C ARG D 418 -0.23 33.58 -10.75
N ASN D 419 -0.22 32.52 -9.93
CA ASN D 419 -0.01 32.65 -8.50
C ASN D 419 1.47 32.58 -8.13
N TYR D 420 2.37 32.72 -9.09
CA TYR D 420 3.80 32.66 -8.81
C TYR D 420 4.53 33.94 -9.22
N LEU D 421 3.77 35.02 -9.43
CA LEU D 421 4.28 36.30 -9.87
C LEU D 421 3.67 37.39 -9.00
N PRO D 422 4.32 38.55 -8.89
CA PRO D 422 3.68 39.67 -8.18
C PRO D 422 2.48 40.21 -8.94
N ALA D 423 1.78 41.16 -8.31
CA ALA D 423 0.49 41.61 -8.80
C ALA D 423 0.54 42.98 -9.49
N ASP D 424 1.72 43.56 -9.68
CA ASP D 424 1.83 44.88 -10.28
C ASP D 424 1.93 44.83 -11.80
N LEU D 425 2.04 43.65 -12.40
CA LEU D 425 2.13 43.54 -13.84
C LEU D 425 0.77 43.81 -14.48
N PRO D 426 0.73 44.43 -15.67
CA PRO D 426 -0.57 44.80 -16.26
C PRO D 426 -1.46 43.62 -16.62
N ALA D 427 -0.88 42.47 -16.98
CA ALA D 427 -1.68 41.29 -17.28
C ALA D 427 -2.42 40.80 -16.03
N ASN D 428 -1.79 40.91 -14.87
CA ASN D 428 -2.48 40.59 -13.62
C ASN D 428 -3.63 41.56 -13.35
N GLU D 429 -3.46 42.84 -13.71
CA GLU D 429 -4.54 43.80 -13.53
C GLU D 429 -5.72 43.50 -14.44
N GLY D 430 -5.44 43.11 -15.69
CA GLY D 430 -6.50 42.67 -16.58
C GLY D 430 -7.18 41.40 -16.09
N TYR D 431 -6.40 40.48 -15.54
CA TYR D 431 -6.96 39.27 -14.91
C TYR D 431 -7.90 39.64 -13.77
N ALA D 432 -7.50 40.60 -12.92
CA ALA D 432 -8.32 41.01 -11.80
C ALA D 432 -9.61 41.66 -12.25
N ALA D 433 -9.55 42.50 -13.29
CA ALA D 433 -10.77 43.10 -13.84
C ALA D 433 -11.71 42.04 -14.40
N ALA D 434 -11.15 41.05 -15.11
CA ALA D 434 -11.96 39.97 -15.66
C ALA D 434 -12.62 39.14 -14.57
N GLU D 435 -11.88 38.85 -13.48
CA GLU D 435 -12.49 38.13 -12.37
C GLU D 435 -13.49 38.99 -11.62
N ARG D 436 -13.33 40.31 -11.63
CA ARG D 436 -14.28 41.19 -10.97
C ARG D 436 -15.61 41.21 -11.71
N HIS D 437 -15.59 41.24 -13.04
CA HIS D 437 -16.83 41.33 -13.81
C HIS D 437 -17.28 40.00 -14.41
N PHE D 438 -16.69 38.87 -14.02
CA PHE D 438 -17.14 37.58 -14.52
C PHE D 438 -17.07 36.54 -13.40
N SER D 439 -17.95 35.55 -13.49
CA SER D 439 -18.02 34.48 -12.50
C SER D 439 -17.31 33.20 -12.94
N GLN D 440 -16.74 33.18 -14.13
CA GLN D 440 -16.04 32.03 -14.67
C GLN D 440 -14.59 32.39 -14.94
N ALA D 441 -13.82 31.41 -15.42
CA ALA D 441 -12.45 31.64 -15.88
C ALA D 441 -12.46 31.79 -17.40
N ARG D 442 -12.97 32.94 -17.84
CA ARG D 442 -13.18 33.17 -19.26
C ARG D 442 -11.90 33.48 -20.02
N MET D 443 -10.79 33.74 -19.32
CA MET D 443 -9.54 34.11 -19.96
C MET D 443 -8.73 32.92 -20.44
N ASN D 444 -9.18 31.69 -20.18
CA ASN D 444 -8.48 30.48 -20.61
C ASN D 444 -9.49 29.50 -21.22
N PRO D 445 -10.01 29.79 -22.41
CA PRO D 445 -11.03 28.94 -23.02
C PRO D 445 -10.37 27.75 -23.72
N GLU D 446 -11.22 26.87 -24.26
CA GLU D 446 -10.77 25.76 -25.07
C GLU D 446 -11.65 25.66 -26.31
N VAL D 447 -11.11 25.06 -27.37
CA VAL D 447 -11.86 24.85 -28.60
C VAL D 447 -11.92 23.35 -28.87
N LEU D 448 -13.13 22.82 -29.00
CA LEU D 448 -13.33 21.42 -29.39
C LEU D 448 -13.94 21.41 -30.79
N MET D 449 -13.33 20.65 -31.70
CA MET D 449 -13.89 20.51 -33.04
C MET D 449 -14.15 19.05 -33.36
N VAL D 450 -15.25 18.83 -34.07
CA VAL D 450 -15.60 17.53 -34.63
C VAL D 450 -15.51 17.64 -36.14
N GLU D 451 -14.75 16.74 -36.76
CA GLU D 451 -14.58 16.67 -38.20
C GLU D 451 -15.21 15.40 -38.72
N SER D 452 -16.13 15.54 -39.66
CA SER D 452 -16.87 14.45 -40.29
C SER D 452 -16.56 14.43 -41.78
N ASP D 453 -17.30 13.60 -42.52
CA ASP D 453 -17.07 13.42 -43.95
C ASP D 453 -18.23 13.91 -44.81
N HIS D 454 -19.09 14.77 -44.27
CA HIS D 454 -20.18 15.34 -45.04
C HIS D 454 -20.58 16.69 -44.47
N ASP D 455 -21.34 17.44 -45.25
CA ASP D 455 -21.72 18.80 -44.89
C ASP D 455 -22.62 18.82 -43.67
N MET D 456 -22.34 19.72 -42.74
CA MET D 456 -23.05 19.80 -41.46
C MET D 456 -24.24 20.75 -41.49
N ARG D 457 -24.48 21.44 -42.59
CA ARG D 457 -25.53 22.47 -42.65
C ARG D 457 -26.87 21.87 -43.06
N ASN D 458 -27.45 21.10 -42.13
CA ASN D 458 -28.81 20.60 -42.25
C ASN D 458 -29.30 20.31 -40.84
N SER D 459 -30.62 20.09 -40.73
CA SER D 459 -31.30 20.09 -39.44
C SER D 459 -30.85 18.94 -38.54
N ALA D 460 -30.65 17.75 -39.11
CA ALA D 460 -30.26 16.59 -38.30
C ALA D 460 -28.86 16.77 -37.71
N ASP D 461 -27.94 17.33 -38.50
CA ASP D 461 -26.61 17.59 -37.98
C ASP D 461 -26.63 18.70 -36.92
N PHE D 462 -27.53 19.68 -37.07
CA PHE D 462 -27.69 20.68 -36.02
C PHE D 462 -28.22 20.04 -34.75
N LEU D 463 -29.13 19.07 -34.87
CA LEU D 463 -29.66 18.37 -33.71
C LEU D 463 -28.57 17.58 -32.98
N VAL D 464 -27.71 16.88 -33.74
CA VAL D 464 -26.67 16.12 -33.04
C VAL D 464 -25.59 17.07 -32.50
N ILE D 465 -25.39 18.23 -33.13
CA ILE D 465 -24.50 19.25 -32.56
C ILE D 465 -25.03 19.75 -31.22
N ASN D 466 -26.33 19.98 -31.14
CA ASN D 466 -26.93 20.37 -29.85
C ASN D 466 -26.81 19.25 -28.83
N LYS D 467 -26.91 17.99 -29.29
CA LYS D 467 -26.70 16.85 -28.40
C LYS D 467 -25.29 16.84 -27.83
N ILE D 468 -24.29 17.13 -28.68
CA ILE D 468 -22.90 17.18 -28.22
C ILE D 468 -22.72 18.31 -27.21
N ALA D 469 -23.28 19.48 -27.50
CA ALA D 469 -23.12 20.63 -26.62
C ALA D 469 -23.77 20.39 -25.27
N LYS D 470 -24.95 19.75 -25.27
CA LYS D 470 -25.62 19.42 -24.02
C LYS D 470 -24.85 18.35 -23.24
N ALA D 471 -24.24 17.40 -23.95
CA ALA D 471 -23.45 16.36 -23.27
C ALA D 471 -22.21 16.96 -22.62
N ILE D 472 -21.55 17.90 -23.29
CA ILE D 472 -20.37 18.55 -22.70
C ILE D 472 -20.78 19.47 -21.56
N PHE D 473 -21.90 20.18 -21.72
CA PHE D 473 -22.37 21.10 -20.68
C PHE D 473 -22.80 20.38 -19.42
N ALA D 474 -23.16 19.10 -19.51
CA ALA D 474 -23.59 18.32 -18.35
C ALA D 474 -22.42 17.75 -17.55
N VAL D 475 -21.18 17.93 -18.02
CA VAL D 475 -20.02 17.50 -17.26
C VAL D 475 -19.84 18.43 -16.06
N GLU D 476 -19.50 17.85 -14.91
CA GLU D 476 -19.21 18.64 -13.72
C GLU D 476 -17.99 19.52 -13.97
N GLY D 477 -18.04 20.75 -13.45
CA GLY D 477 -16.96 21.69 -13.61
C GLY D 477 -17.08 22.59 -14.83
N ILE D 478 -17.73 22.12 -15.89
CA ILE D 478 -17.88 22.91 -17.10
C ILE D 478 -19.03 23.89 -16.89
N SER D 479 -18.75 25.18 -17.12
CA SER D 479 -19.74 26.22 -16.90
C SER D 479 -20.33 26.80 -18.17
N ARG D 480 -19.52 27.06 -19.20
CA ARG D 480 -20.02 27.66 -20.43
C ARG D 480 -19.60 26.78 -21.60
N VAL D 481 -20.54 26.50 -22.51
CA VAL D 481 -20.23 25.84 -23.77
C VAL D 481 -20.92 26.67 -24.85
N GLN D 482 -20.12 27.41 -25.62
CA GLN D 482 -20.64 28.21 -26.71
C GLN D 482 -20.64 27.38 -27.98
N ALA D 483 -21.80 27.28 -28.62
CA ALA D 483 -21.97 26.54 -29.87
C ALA D 483 -22.83 27.37 -30.81
N ILE D 484 -23.02 26.86 -32.02
CA ILE D 484 -23.85 27.57 -32.99
C ILE D 484 -25.33 27.54 -32.58
N THR D 485 -25.78 26.46 -31.96
CA THR D 485 -27.18 26.33 -31.59
C THR D 485 -27.59 27.30 -30.49
N ARG D 486 -26.73 27.49 -29.49
CA ARG D 486 -26.99 28.43 -28.40
C ARG D 486 -25.75 29.27 -28.16
N PRO D 487 -25.70 30.49 -28.70
CA PRO D 487 -24.45 31.27 -28.64
C PRO D 487 -24.03 31.71 -27.24
N ASP D 488 -24.99 31.99 -26.33
CA ASP D 488 -24.60 32.50 -25.02
C ASP D 488 -24.11 31.41 -24.07
N GLY D 489 -24.33 30.15 -24.39
CA GLY D 489 -23.83 29.06 -23.60
C GLY D 489 -24.83 28.33 -22.73
N LYS D 490 -26.11 28.32 -23.11
CA LYS D 490 -27.17 27.66 -22.32
C LYS D 490 -27.94 26.65 -23.17
N PRO D 491 -27.34 25.49 -23.52
CA PRO D 491 -28.18 24.50 -24.25
C PRO D 491 -29.01 23.62 -23.32
N ILE D 492 -30.09 24.17 -22.77
CA ILE D 492 -30.94 23.42 -21.85
C ILE D 492 -32.40 23.46 -22.28
N GLU D 493 -32.66 23.77 -23.55
CA GLU D 493 -34.00 23.71 -24.11
C GLU D 493 -34.03 22.79 -25.32
N SER D 494 -35.24 22.40 -25.71
CA SER D 494 -35.43 21.66 -26.95
C SER D 494 -35.24 22.59 -28.15
N PHE D 495 -34.92 21.98 -29.29
CA PHE D 495 -34.46 22.71 -30.46
C PHE D 495 -35.27 22.34 -31.69
N TYR D 496 -35.77 23.36 -32.39
CA TYR D 496 -36.43 23.21 -33.68
C TYR D 496 -35.91 24.28 -34.62
N LEU D 497 -35.58 23.88 -35.85
CA LEU D 497 -35.05 24.85 -36.80
C LEU D 497 -35.55 24.56 -38.22
N PRO D 498 -36.28 25.49 -38.83
CA PRO D 498 -36.59 25.38 -40.24
C PRO D 498 -35.38 25.78 -41.08
N PRO D 499 -35.27 25.28 -42.31
CA PRO D 499 -34.05 25.53 -43.10
C PRO D 499 -33.91 26.96 -43.61
N GLU D 500 -34.98 27.76 -43.67
CA GLU D 500 -34.87 29.07 -44.28
C GLU D 500 -34.02 30.06 -43.48
N VAL D 501 -33.66 29.70 -42.24
CA VAL D 501 -32.68 30.48 -41.48
C VAL D 501 -31.32 30.50 -42.13
N PHE D 502 -31.08 29.63 -43.14
CA PHE D 502 -29.96 29.66 -44.06
C PHE D 502 -30.05 30.83 -45.07
N ASP D 503 -30.92 31.82 -44.89
CA ASP D 503 -30.96 32.98 -45.77
C ASP D 503 -30.83 34.32 -45.02
N ASN D 504 -30.41 34.30 -43.76
CA ASN D 504 -30.29 35.54 -42.97
C ASN D 504 -28.82 35.91 -42.82
N PRO D 505 -28.41 37.14 -43.20
CA PRO D 505 -26.97 37.48 -43.25
C PRO D 505 -26.23 37.37 -41.93
N ASP D 506 -26.87 37.76 -40.82
CA ASP D 506 -26.26 37.61 -39.50
C ASP D 506 -26.06 36.14 -39.16
N PHE D 507 -26.97 35.28 -39.63
CA PHE D 507 -26.80 33.85 -39.41
C PHE D 507 -25.59 33.32 -40.18
N GLN D 508 -25.33 33.78 -41.41
CA GLN D 508 -24.11 33.31 -42.06
C GLN D 508 -22.86 33.93 -41.44
N ARG D 509 -22.96 35.11 -40.85
CA ARG D 509 -21.80 35.64 -40.12
C ARG D 509 -21.46 34.75 -38.92
N GLY D 510 -22.47 34.41 -38.11
CA GLY D 510 -22.26 33.46 -37.04
C GLY D 510 -21.87 32.08 -37.52
N LEU D 511 -22.34 31.71 -38.73
CA LEU D 511 -22.04 30.40 -39.30
C LEU D 511 -20.59 30.32 -39.76
N GLU D 512 -20.06 31.42 -40.30
CA GLU D 512 -18.64 31.49 -40.60
C GLU D 512 -17.82 31.47 -39.32
N GLN D 513 -18.33 32.10 -38.25
CA GLN D 513 -17.64 32.04 -36.97
C GLN D 513 -17.62 30.63 -36.39
N PHE D 514 -18.69 29.85 -36.59
CA PHE D 514 -18.87 28.59 -35.88
C PHE D 514 -18.72 27.35 -36.76
N LEU D 515 -18.36 27.50 -38.03
CA LEU D 515 -18.17 26.35 -38.92
C LEU D 515 -17.00 26.61 -39.86
N SER D 516 -16.49 25.51 -40.41
CA SER D 516 -15.49 25.59 -41.46
C SER D 516 -16.12 26.17 -42.74
N PRO D 517 -15.31 26.81 -43.60
CA PRO D 517 -15.88 27.32 -44.86
C PRO D 517 -16.41 26.23 -45.78
N ASP D 518 -15.86 25.03 -45.72
CA ASP D 518 -16.40 23.90 -46.46
C ASP D 518 -17.45 23.13 -45.65
N GLY D 519 -17.64 23.49 -44.39
CA GLY D 519 -18.71 22.92 -43.58
C GLY D 519 -18.43 21.54 -43.02
N HIS D 520 -17.19 21.05 -43.09
CA HIS D 520 -16.90 19.68 -42.70
C HIS D 520 -16.48 19.54 -41.24
N ALA D 521 -16.41 20.63 -40.48
CA ALA D 521 -16.01 20.55 -39.08
C ALA D 521 -16.72 21.64 -38.30
N VAL D 522 -17.02 21.32 -37.03
CA VAL D 522 -17.75 22.21 -36.14
C VAL D 522 -16.92 22.42 -34.87
N ARG D 523 -16.95 23.64 -34.33
CA ARG D 523 -16.16 23.96 -33.15
C ARG D 523 -17.02 24.63 -32.08
N PHE D 524 -16.76 24.25 -30.83
CA PHE D 524 -17.40 24.78 -29.65
C PHE D 524 -16.35 25.36 -28.74
N ILE D 525 -16.66 26.46 -28.07
CA ILE D 525 -15.74 27.11 -27.14
C ILE D 525 -16.18 26.81 -25.72
N ILE D 526 -15.27 26.25 -24.93
CA ILE D 526 -15.57 25.70 -23.61
C ILE D 526 -14.88 26.57 -22.57
N SER D 527 -15.65 27.04 -21.59
CA SER D 527 -15.14 27.85 -20.49
C SER D 527 -15.43 27.14 -19.17
N HIS D 528 -14.39 26.95 -18.37
CA HIS D 528 -14.46 26.15 -17.15
C HIS D 528 -14.91 27.03 -15.98
N GLU D 529 -14.80 26.52 -14.76
CA GLU D 529 -14.97 27.30 -13.55
C GLU D 529 -13.78 27.05 -12.64
N GLY D 530 -13.53 28.02 -11.75
CA GLY D 530 -12.40 27.90 -10.86
C GLY D 530 -11.09 28.09 -11.59
N ASP D 531 -10.10 27.28 -11.21
CA ASP D 531 -8.76 27.39 -11.79
C ASP D 531 -8.61 26.31 -12.87
N PRO D 532 -8.55 26.68 -14.15
CA PRO D 532 -8.46 25.65 -15.20
C PRO D 532 -7.11 24.96 -15.30
N MET D 533 -6.09 25.46 -14.60
CA MET D 533 -4.76 24.84 -14.63
C MET D 533 -4.48 23.98 -13.41
N SER D 534 -5.37 23.96 -12.43
CA SER D 534 -5.20 23.04 -11.31
C SER D 534 -5.50 21.62 -11.76
N GLN D 535 -5.26 20.65 -10.86
CA GLN D 535 -5.34 19.24 -11.20
C GLN D 535 -6.75 18.82 -11.61
N ALA D 536 -7.78 19.47 -11.05
CA ALA D 536 -9.15 19.17 -11.45
C ALA D 536 -9.42 19.58 -12.89
N GLY D 537 -8.95 20.78 -13.27
CA GLY D 537 -9.11 21.21 -14.65
C GLY D 537 -8.25 20.45 -15.63
N ILE D 538 -7.16 19.84 -15.16
CA ILE D 538 -6.38 18.95 -16.01
C ILE D 538 -7.11 17.63 -16.21
N ALA D 539 -7.70 17.09 -15.13
CA ALA D 539 -8.40 15.81 -15.23
C ALA D 539 -9.74 15.93 -15.94
N ARG D 540 -10.28 17.15 -16.07
CA ARG D 540 -11.55 17.35 -16.77
C ARG D 540 -11.45 17.07 -18.27
N ILE D 541 -10.23 17.05 -18.83
CA ILE D 541 -10.04 16.94 -20.28
C ILE D 541 -10.52 15.59 -20.80
N ALA D 542 -10.15 14.51 -20.11
CA ALA D 542 -10.56 13.17 -20.54
C ALA D 542 -12.06 13.00 -20.46
N LYS D 543 -12.69 13.60 -19.44
CA LYS D 543 -14.14 13.55 -19.32
C LYS D 543 -14.83 14.31 -20.45
N ILE D 544 -14.26 15.46 -20.84
CA ILE D 544 -14.81 16.21 -21.99
C ILE D 544 -14.73 15.37 -23.26
N LYS D 545 -13.58 14.75 -23.49
CA LYS D 545 -13.39 13.93 -24.69
C LYS D 545 -14.34 12.72 -24.69
N THR D 546 -14.49 12.07 -23.54
CA THR D 546 -15.38 10.91 -23.44
C THR D 546 -16.84 11.31 -23.66
N ALA D 547 -17.27 12.44 -23.11
CA ALA D 547 -18.64 12.90 -23.31
C ALA D 547 -18.89 13.26 -24.76
N ALA D 548 -17.94 13.93 -25.42
CA ALA D 548 -18.12 14.28 -26.82
C ALA D 548 -18.08 13.04 -27.71
N LYS D 549 -17.34 12.00 -27.31
CA LYS D 549 -17.33 10.75 -28.06
C LYS D 549 -18.65 10.01 -27.93
N GLU D 550 -19.20 9.94 -26.71
CA GLU D 550 -20.45 9.23 -26.48
C GLU D 550 -21.67 10.02 -26.91
N ALA D 551 -21.52 11.31 -27.22
CA ALA D 551 -22.66 12.07 -27.72
C ALA D 551 -22.99 11.74 -29.17
N ILE D 552 -22.06 11.16 -29.92
CA ILE D 552 -22.27 10.86 -31.33
C ILE D 552 -22.40 9.37 -31.59
N LYS D 553 -22.57 8.56 -30.54
CA LYS D 553 -22.72 7.13 -30.72
C LYS D 553 -24.13 6.83 -31.21
N GLY D 554 -24.24 6.20 -32.38
CA GLY D 554 -25.52 5.87 -32.96
C GLY D 554 -26.06 6.91 -33.92
N THR D 555 -25.55 8.14 -33.87
CA THR D 555 -25.90 9.16 -34.83
C THR D 555 -25.04 9.00 -36.08
N PRO D 556 -25.44 9.58 -37.22
CA PRO D 556 -24.60 9.46 -38.43
C PRO D 556 -23.27 10.21 -38.37
N LEU D 557 -22.95 10.88 -37.27
CA LEU D 557 -21.63 11.43 -37.04
C LEU D 557 -20.71 10.45 -36.34
N GLU D 558 -21.09 9.18 -36.25
CA GLU D 558 -20.27 8.19 -35.57
C GLU D 558 -19.01 7.91 -36.38
N GLY D 559 -17.88 7.81 -35.67
CA GLY D 559 -16.58 7.63 -36.31
C GLY D 559 -15.88 8.92 -36.69
N SER D 560 -16.47 10.08 -36.41
CA SER D 560 -15.83 11.35 -36.70
C SER D 560 -14.68 11.61 -35.73
N ALA D 561 -13.84 12.58 -36.09
CA ALA D 561 -12.62 12.84 -35.34
C ALA D 561 -12.80 14.07 -34.47
N ILE D 562 -12.48 13.92 -33.17
CA ILE D 562 -12.61 15.00 -32.21
C ILE D 562 -11.22 15.51 -31.86
N TYR D 563 -11.07 16.83 -31.81
CA TYR D 563 -9.82 17.47 -31.45
C TYR D 563 -10.10 18.55 -30.41
N LEU D 564 -9.30 18.57 -29.36
CA LEU D 564 -9.43 19.54 -28.28
C LEU D 564 -8.15 20.34 -28.15
N GLY D 565 -8.26 21.66 -28.22
CA GLY D 565 -7.12 22.54 -28.08
C GLY D 565 -7.35 23.55 -26.98
N GLY D 566 -6.28 23.86 -26.25
CA GLY D 566 -6.36 24.81 -25.15
C GLY D 566 -5.19 24.64 -24.22
N THR D 567 -5.18 25.48 -23.18
CA THR D 567 -4.06 25.45 -22.24
C THR D 567 -4.12 24.27 -21.28
N ALA D 568 -5.31 23.81 -20.89
CA ALA D 568 -5.41 22.70 -19.97
C ALA D 568 -4.99 21.39 -20.65
N ALA D 569 -5.36 21.22 -21.92
CA ALA D 569 -4.91 20.06 -22.69
C ALA D 569 -3.39 20.08 -22.84
N MET D 570 -2.83 21.27 -23.07
CA MET D 570 -1.38 21.42 -23.16
C MET D 570 -0.70 21.00 -21.87
N PHE D 571 -1.24 21.42 -20.72
CA PHE D 571 -0.60 21.06 -19.47
C PHE D 571 -0.81 19.60 -19.10
N LYS D 572 -1.91 18.98 -19.56
CA LYS D 572 -2.07 17.53 -19.45
C LYS D 572 -0.98 16.79 -20.22
N ASP D 573 -0.73 17.23 -21.45
CA ASP D 573 0.34 16.65 -22.26
C ASP D 573 1.70 16.83 -21.58
N LEU D 574 1.93 18.02 -21.01
CA LEU D 574 3.20 18.29 -20.34
C LEU D 574 3.36 17.46 -19.06
N SER D 575 2.26 17.15 -18.36
CA SER D 575 2.41 16.32 -17.15
C SER D 575 2.71 14.87 -17.50
N ASP D 576 2.07 14.35 -18.57
CA ASP D 576 2.41 13.00 -19.05
C ASP D 576 3.87 12.93 -19.50
N GLY D 577 4.31 13.94 -20.26
CA GLY D 577 5.70 14.02 -20.64
C GLY D 577 6.62 14.16 -19.44
N ASN D 578 6.17 14.85 -18.39
CA ASN D 578 6.97 15.06 -17.20
C ASN D 578 7.25 13.74 -16.48
N THR D 579 6.22 12.91 -16.30
CA THR D 579 6.46 11.66 -15.57
C THR D 579 7.30 10.69 -16.40
N TYR D 580 7.07 10.64 -17.72
CA TYR D 580 7.94 9.80 -18.57
C TYR D 580 9.38 10.31 -18.56
N ASP D 581 9.55 11.64 -18.54
CA ASP D 581 10.87 12.25 -18.48
C ASP D 581 11.62 11.85 -17.23
N LEU D 582 10.94 11.93 -16.09
CA LEU D 582 11.60 11.63 -14.83
C LEU D 582 11.98 10.16 -14.75
N MET D 583 11.15 9.26 -15.31
CA MET D 583 11.54 7.86 -15.32
C MET D 583 12.78 7.61 -16.19
N ILE D 584 12.81 8.18 -17.40
CA ILE D 584 13.96 7.98 -18.30
C ILE D 584 15.23 8.56 -17.69
N ALA D 585 15.15 9.79 -17.19
CA ALA D 585 16.31 10.47 -16.62
C ALA D 585 16.82 9.78 -15.37
N GLY D 586 15.91 9.32 -14.51
CA GLY D 586 16.33 8.63 -13.31
C GLY D 586 17.05 7.33 -13.60
N ILE D 587 16.51 6.53 -14.54
CA ILE D 587 17.16 5.27 -14.89
C ILE D 587 18.56 5.53 -15.46
N SER D 588 18.65 6.48 -16.39
CA SER D 588 19.94 6.74 -17.04
C SER D 588 20.98 7.27 -16.05
N ALA D 589 20.58 8.24 -15.21
CA ALA D 589 21.52 8.84 -14.26
C ALA D 589 21.99 7.84 -13.22
N LEU D 590 21.07 7.03 -12.67
CA LEU D 590 21.47 6.06 -11.67
C LEU D 590 22.34 4.96 -12.26
N CYS D 591 22.08 4.54 -13.51
CA CYS D 591 22.96 3.57 -14.14
C CYS D 591 24.36 4.14 -14.38
N LEU D 592 24.46 5.40 -14.80
CA LEU D 592 25.79 5.99 -15.01
C LEU D 592 26.54 6.16 -13.70
N ILE D 593 25.82 6.50 -12.61
CA ILE D 593 26.45 6.57 -11.29
C ILE D 593 26.95 5.20 -10.87
N PHE D 594 26.16 4.15 -11.13
CA PHE D 594 26.58 2.78 -10.88
C PHE D 594 27.86 2.45 -11.63
N ILE D 595 27.93 2.84 -12.91
CA ILE D 595 29.11 2.57 -13.73
C ILE D 595 30.34 3.25 -13.16
N ILE D 596 30.23 4.53 -12.78
CA ILE D 596 31.42 5.22 -12.31
C ILE D 596 31.86 4.73 -10.94
N MET D 597 30.93 4.35 -10.05
CA MET D 597 31.36 3.79 -8.77
C MET D 597 32.01 2.42 -8.96
N LEU D 598 31.48 1.64 -9.92
CA LEU D 598 32.10 0.36 -10.25
C LEU D 598 33.50 0.52 -10.79
N ILE D 599 33.73 1.55 -11.61
CA ILE D 599 35.07 1.77 -12.16
C ILE D 599 36.03 2.27 -11.07
N THR D 600 35.56 3.19 -10.21
CA THR D 600 36.46 3.77 -9.22
C THR D 600 36.84 2.77 -8.13
N THR D 601 35.87 2.07 -7.55
CA THR D 601 36.17 1.25 -6.39
C THR D 601 36.26 -0.24 -6.68
N ARG D 602 36.00 -0.66 -7.93
CA ARG D 602 36.02 -2.06 -8.36
C ARG D 602 35.03 -2.94 -7.60
N SER D 603 34.06 -2.33 -6.92
CA SER D 603 33.16 -3.03 -6.00
C SER D 603 31.72 -2.86 -6.43
N VAL D 604 30.94 -3.91 -6.29
CA VAL D 604 29.55 -3.91 -6.73
C VAL D 604 28.65 -3.68 -5.52
N VAL D 605 29.11 -4.09 -4.33
CA VAL D 605 28.32 -3.86 -3.12
C VAL D 605 28.30 -2.37 -2.77
N ALA D 606 29.47 -1.72 -2.81
CA ALA D 606 29.58 -0.31 -2.43
C ALA D 606 28.81 0.58 -3.40
N ALA D 607 28.84 0.24 -4.70
CA ALA D 607 28.14 1.02 -5.69
C ALA D 607 26.63 0.98 -5.46
N ALA D 608 26.09 -0.20 -5.12
CA ALA D 608 24.66 -0.32 -4.85
C ALA D 608 24.26 0.47 -3.61
N VAL D 609 25.12 0.47 -2.59
CA VAL D 609 24.88 1.26 -1.38
C VAL D 609 24.85 2.74 -1.71
N ILE D 610 25.77 3.19 -2.58
CA ILE D 610 25.80 4.61 -2.96
C ILE D 610 24.55 4.99 -3.76
N VAL D 611 24.09 4.11 -4.67
CA VAL D 611 22.87 4.40 -5.43
C VAL D 611 21.65 4.48 -4.51
N GLY D 612 21.54 3.54 -3.57
CA GLY D 612 20.44 3.59 -2.62
C GLY D 612 20.48 4.83 -1.75
N THR D 613 21.67 5.24 -1.33
CA THR D 613 21.82 6.47 -0.55
C THR D 613 21.40 7.70 -1.36
N VAL D 614 21.77 7.75 -2.64
CA VAL D 614 21.38 8.87 -3.50
C VAL D 614 19.86 8.94 -3.64
N VAL D 615 19.21 7.78 -3.86
CA VAL D 615 17.76 7.75 -4.00
C VAL D 615 17.08 8.20 -2.71
N LEU D 616 17.56 7.70 -1.56
CA LEU D 616 16.98 8.08 -0.28
C LEU D 616 17.18 9.56 0.01
N SER D 617 18.36 10.10 -0.32
CA SER D 617 18.63 11.52 -0.10
C SER D 617 17.72 12.40 -0.93
N LEU D 618 17.52 12.03 -2.19
CA LEU D 618 16.61 12.79 -3.06
C LEU D 618 15.18 12.76 -2.52
N GLY D 619 14.75 11.58 -2.05
CA GLY D 619 13.41 11.46 -1.50
C GLY D 619 13.21 12.28 -0.23
N ALA D 620 14.18 12.23 0.69
CA ALA D 620 14.06 12.99 1.93
C ALA D 620 14.18 14.49 1.70
N SER D 621 15.03 14.90 0.75
CA SER D 621 15.10 16.31 0.35
C SER D 621 13.76 16.82 -0.14
N PHE D 622 13.13 16.09 -1.07
CA PHE D 622 11.84 16.55 -1.57
C PHE D 622 10.76 16.47 -0.50
N GLY D 623 10.86 15.51 0.42
CA GLY D 623 9.91 15.45 1.52
C GLY D 623 9.98 16.64 2.44
N LEU D 624 11.20 17.06 2.82
CA LEU D 624 11.35 18.28 3.62
C LEU D 624 10.86 19.50 2.87
N SER D 625 11.11 19.57 1.55
CA SER D 625 10.64 20.71 0.77
C SER D 625 9.12 20.78 0.74
N VAL D 626 8.46 19.64 0.56
CA VAL D 626 6.99 19.60 0.57
C VAL D 626 6.45 19.97 1.95
N LEU D 627 7.11 19.49 3.01
CA LEU D 627 6.65 19.80 4.36
C LEU D 627 6.77 21.28 4.67
N ILE D 628 7.88 21.91 4.27
CA ILE D 628 8.06 23.33 4.57
C ILE D 628 7.14 24.19 3.72
N TRP D 629 7.05 23.90 2.42
CA TRP D 629 6.43 24.88 1.54
C TRP D 629 4.91 24.76 1.43
N GLN D 630 4.38 23.54 1.29
CA GLN D 630 2.95 23.40 1.02
C GLN D 630 2.12 23.01 2.23
N HIS D 631 2.76 22.60 3.33
CA HIS D 631 2.02 22.32 4.55
C HIS D 631 2.06 23.47 5.55
N ILE D 632 3.22 24.08 5.75
CA ILE D 632 3.36 25.14 6.75
C ILE D 632 3.00 26.49 6.14
N LEU D 633 3.66 26.87 5.05
CA LEU D 633 3.41 28.14 4.42
C LEU D 633 2.17 28.14 3.53
N GLY D 634 1.61 26.97 3.23
CA GLY D 634 0.40 26.88 2.44
C GLY D 634 0.50 27.31 1.00
N ILE D 635 1.64 27.08 0.36
CA ILE D 635 1.82 27.36 -1.06
C ILE D 635 2.36 26.10 -1.71
N GLU D 636 1.65 25.59 -2.72
CA GLU D 636 2.06 24.37 -3.40
C GLU D 636 3.33 24.59 -4.20
N LEU D 637 4.02 23.49 -4.50
CA LEU D 637 5.20 23.53 -5.33
C LEU D 637 4.80 23.70 -6.80
N HIS D 638 5.68 24.31 -7.58
CA HIS D 638 5.46 24.43 -9.00
C HIS D 638 5.69 23.08 -9.68
N TRP D 639 5.27 22.98 -10.94
CA TRP D 639 5.44 21.75 -11.70
C TRP D 639 6.84 21.59 -12.27
N LEU D 640 7.75 22.53 -12.01
CA LEU D 640 9.11 22.45 -12.48
C LEU D 640 10.16 22.54 -11.38
N VAL D 641 9.75 22.76 -10.13
CA VAL D 641 10.70 22.81 -9.02
C VAL D 641 11.35 21.45 -8.81
N LEU D 642 10.55 20.39 -8.87
CA LEU D 642 11.02 19.03 -8.60
C LEU D 642 12.10 18.61 -9.59
N ALA D 643 11.90 18.90 -10.87
CA ALA D 643 12.78 18.38 -11.91
C ALA D 643 14.14 19.09 -11.91
N MET D 644 14.13 20.43 -11.85
CA MET D 644 15.39 21.17 -11.78
C MET D 644 16.13 20.84 -10.48
N ALA D 645 15.38 20.69 -9.39
CA ALA D 645 15.98 20.33 -8.11
C ALA D 645 16.67 18.97 -8.19
N VAL D 646 16.01 17.97 -8.79
CA VAL D 646 16.61 16.64 -8.80
C VAL D 646 17.79 16.59 -9.75
N ILE D 647 17.77 17.38 -10.84
CA ILE D 647 18.94 17.43 -11.73
C ILE D 647 20.15 18.01 -10.99
N ILE D 648 19.97 19.16 -10.33
CA ILE D 648 21.11 19.82 -9.67
C ILE D 648 21.61 18.98 -8.49
N LEU D 649 20.70 18.44 -7.68
CA LEU D 649 21.12 17.62 -6.56
C LEU D 649 21.76 16.32 -7.02
N LEU D 650 21.31 15.74 -8.12
CA LEU D 650 21.94 14.52 -8.64
C LEU D 650 23.38 14.79 -9.04
N ALA D 651 23.63 15.89 -9.76
CA ALA D 651 24.98 16.21 -10.17
C ALA D 651 25.89 16.48 -8.97
N VAL D 652 25.43 17.31 -8.03
CA VAL D 652 26.25 17.70 -6.89
C VAL D 652 26.53 16.51 -5.98
N GLY D 653 25.51 15.67 -5.75
CA GLY D 653 25.71 14.49 -4.93
C GLY D 653 26.62 13.47 -5.59
N ALA D 654 26.55 13.34 -6.92
CA ALA D 654 27.49 12.48 -7.63
C ALA D 654 28.92 12.91 -7.39
N ASP D 655 29.17 14.23 -7.49
CA ASP D 655 30.50 14.77 -7.23
C ASP D 655 31.00 14.44 -5.83
N TYR D 656 30.19 14.78 -4.81
CA TYR D 656 30.66 14.61 -3.43
C TYR D 656 30.81 13.14 -3.05
N ASN D 657 29.84 12.29 -3.43
CA ASN D 657 29.93 10.87 -3.10
C ASN D 657 31.13 10.22 -3.78
N LEU D 658 31.39 10.55 -5.05
CA LEU D 658 32.53 9.93 -5.73
C LEU D 658 33.84 10.35 -5.08
N LEU D 659 33.96 11.63 -4.69
CA LEU D 659 35.22 12.05 -4.10
C LEU D 659 35.43 11.44 -2.71
N LEU D 660 34.36 11.34 -1.91
CA LEU D 660 34.49 10.72 -0.60
C LEU D 660 34.83 9.24 -0.70
N VAL D 661 34.19 8.52 -1.63
CA VAL D 661 34.45 7.08 -1.70
C VAL D 661 35.83 6.83 -2.31
N ALA D 662 36.32 7.73 -3.17
CA ALA D 662 37.68 7.59 -3.68
C ALA D 662 38.71 7.82 -2.59
N ARG D 663 38.48 8.79 -1.70
CA ARG D 663 39.37 8.96 -0.56
C ARG D 663 39.34 7.74 0.36
N LEU D 664 38.15 7.19 0.59
CA LEU D 664 38.03 5.95 1.37
C LEU D 664 38.83 4.83 0.75
N LYS D 665 38.72 4.65 -0.57
CA LYS D 665 39.47 3.61 -1.27
C LYS D 665 40.97 3.85 -1.18
N GLU D 666 41.39 5.12 -1.22
CA GLU D 666 42.80 5.45 -1.07
C GLU D 666 43.33 5.10 0.31
N GLU D 667 42.52 5.21 1.36
CA GLU D 667 43.00 4.97 2.72
C GLU D 667 42.33 3.71 3.29
N ILE D 668 42.63 2.54 2.73
CA ILE D 668 42.19 1.29 3.33
C ILE D 668 43.32 0.58 4.08
N HIS D 669 44.55 0.66 3.52
CA HIS D 669 45.61 -0.32 3.84
C HIS D 669 45.98 -0.36 5.33
N ALA D 670 45.93 0.77 6.01
CA ALA D 670 46.25 0.80 7.44
C ALA D 670 44.98 0.73 8.29
N GLY D 671 44.24 -0.36 8.11
CA GLY D 671 43.00 -0.57 8.83
C GLY D 671 41.80 0.03 8.13
N ILE D 672 40.65 -0.65 8.18
CA ILE D 672 39.49 -0.16 7.43
C ILE D 672 38.86 1.04 8.11
N ASN D 673 38.65 1.00 9.44
CA ASN D 673 37.86 2.05 10.08
C ASN D 673 38.71 3.21 10.60
N THR D 674 40.00 2.98 10.88
CA THR D 674 40.94 4.10 10.88
C THR D 674 40.96 4.78 9.51
N GLY D 675 40.71 4.01 8.45
CA GLY D 675 40.49 4.61 7.15
C GLY D 675 39.29 5.54 7.11
N ILE D 676 38.19 5.14 7.77
CA ILE D 676 37.03 6.04 7.83
C ILE D 676 37.35 7.31 8.62
N ILE D 677 37.99 7.19 9.79
CA ILE D 677 38.27 8.39 10.57
C ILE D 677 39.27 9.31 9.85
N ARG D 678 40.24 8.72 9.16
CA ARG D 678 41.27 9.52 8.49
C ARG D 678 40.72 10.16 7.22
N ALA D 679 39.93 9.42 6.44
CA ALA D 679 39.29 9.98 5.26
C ALA D 679 38.24 11.01 5.63
N MET D 680 37.56 10.84 6.77
CA MET D 680 36.62 11.85 7.24
C MET D 680 37.35 13.14 7.58
N GLY D 681 38.40 13.05 8.40
CA GLY D 681 39.16 14.25 8.74
C GLY D 681 39.86 14.87 7.55
N GLY D 682 40.15 14.09 6.52
CA GLY D 682 40.77 14.64 5.33
C GLY D 682 39.85 15.23 4.29
N SER D 683 38.64 14.68 4.15
CA SER D 683 37.78 15.02 3.03
C SER D 683 36.39 15.49 3.41
N GLY D 684 35.87 15.09 4.59
CA GLY D 684 34.57 15.56 5.01
C GLY D 684 34.56 17.07 5.22
N SER D 685 35.68 17.62 5.69
CA SER D 685 35.81 19.07 5.82
C SER D 685 35.65 19.76 4.47
N VAL D 686 36.30 19.24 3.44
CA VAL D 686 36.27 19.87 2.13
C VAL D 686 34.88 19.75 1.50
N VAL D 687 34.28 18.56 1.57
CA VAL D 687 32.98 18.38 0.94
C VAL D 687 31.90 19.14 1.70
N THR D 688 32.02 19.24 3.03
CA THR D 688 31.04 20.00 3.81
C THR D 688 31.21 21.50 3.57
N ALA D 689 32.45 21.97 3.40
CA ALA D 689 32.66 23.37 3.07
C ALA D 689 32.04 23.72 1.72
N ALA D 690 32.27 22.87 0.71
CA ALA D 690 31.69 23.12 -0.61
C ALA D 690 30.17 23.07 -0.58
N GLY D 691 29.62 22.07 0.14
CA GLY D 691 28.18 21.98 0.28
C GLY D 691 27.57 23.17 1.00
N LEU D 692 28.23 23.66 2.05
CA LEU D 692 27.70 24.78 2.82
C LEU D 692 27.73 26.07 2.00
N VAL D 693 28.82 26.34 1.29
CA VAL D 693 28.88 27.54 0.46
C VAL D 693 27.82 27.51 -0.64
N PHE D 694 27.73 26.38 -1.36
CA PHE D 694 26.75 26.31 -2.45
C PHE D 694 25.33 26.33 -1.91
N ALA D 695 25.10 25.72 -0.75
CA ALA D 695 23.77 25.66 -0.18
C ALA D 695 23.29 27.02 0.29
N PHE D 696 24.16 27.80 0.94
CA PHE D 696 23.74 29.13 1.38
C PHE D 696 23.63 30.10 0.21
N THR D 697 24.47 29.93 -0.82
CA THR D 697 24.30 30.71 -2.04
C THR D 697 22.95 30.43 -2.69
N MET D 698 22.52 29.17 -2.69
CA MET D 698 21.20 28.85 -3.26
C MET D 698 20.08 29.29 -2.34
N MET D 699 20.29 29.27 -1.02
CA MET D 699 19.24 29.66 -0.08
C MET D 699 19.03 31.17 -0.02
N SER D 700 20.01 31.97 -0.41
CA SER D 700 19.78 33.41 -0.45
C SER D 700 18.82 33.84 -1.56
N PHE D 701 18.43 32.93 -2.45
CA PHE D 701 17.44 33.22 -3.48
C PHE D 701 16.03 33.38 -2.92
N ALA D 702 15.80 33.06 -1.65
CA ALA D 702 14.46 33.06 -1.07
C ALA D 702 13.85 34.46 -0.98
N VAL D 703 14.68 35.51 -0.96
CA VAL D 703 14.17 36.88 -0.85
C VAL D 703 13.71 37.45 -2.18
N SER D 704 13.72 36.65 -3.25
CA SER D 704 13.30 37.14 -4.55
C SER D 704 11.80 37.37 -4.60
N GLU D 705 11.39 38.40 -5.33
CA GLU D 705 9.96 38.66 -5.54
C GLU D 705 9.33 37.71 -6.54
N LEU D 706 10.13 37.04 -7.36
CA LEU D 706 9.62 35.98 -8.22
C LEU D 706 9.54 34.71 -7.38
N THR D 707 8.34 34.16 -7.24
CA THR D 707 8.12 33.10 -6.27
C THR D 707 8.75 31.79 -6.71
N VAL D 708 8.68 31.47 -8.02
CA VAL D 708 9.13 30.17 -8.51
C VAL D 708 10.65 30.02 -8.38
N MET D 709 11.40 31.10 -8.63
CA MET D 709 12.84 31.05 -8.46
C MET D 709 13.21 30.89 -6.99
N ALA D 710 12.46 31.55 -6.11
CA ALA D 710 12.66 31.37 -4.67
C ALA D 710 12.38 29.93 -4.26
N GLN D 711 11.34 29.32 -4.84
CA GLN D 711 11.01 27.93 -4.52
C GLN D 711 12.11 26.98 -4.96
N VAL D 712 12.63 27.17 -6.18
CA VAL D 712 13.70 26.32 -6.68
C VAL D 712 14.95 26.48 -5.84
N GLY D 713 15.32 27.73 -5.52
CA GLY D 713 16.50 27.96 -4.70
C GLY D 713 16.37 27.41 -3.30
N THR D 714 15.22 27.59 -2.67
CA THR D 714 15.01 27.07 -1.31
C THR D 714 15.00 25.55 -1.30
N THR D 715 14.37 24.92 -2.30
CA THR D 715 14.36 23.46 -2.38
C THR D 715 15.77 22.90 -2.53
N ILE D 716 16.56 23.47 -3.45
CA ILE D 716 17.93 23.01 -3.67
C ILE D 716 18.79 23.24 -2.44
N GLY D 717 18.66 24.42 -1.82
CA GLY D 717 19.46 24.72 -0.63
C GLY D 717 19.14 23.83 0.55
N MET D 718 17.84 23.66 0.85
CA MET D 718 17.44 22.82 1.98
C MET D 718 17.81 21.36 1.74
N GLY D 719 17.66 20.90 0.49
CA GLY D 719 18.11 19.57 0.16
C GLY D 719 19.60 19.39 0.29
N LEU D 720 20.38 20.43 -0.01
CA LEU D 720 21.82 20.29 0.10
C LEU D 720 22.28 20.36 1.56
N LEU D 721 21.61 21.12 2.42
CA LEU D 721 21.86 20.99 3.87
C LEU D 721 21.53 19.60 4.37
N PHE D 722 20.41 19.02 3.92
CA PHE D 722 20.07 17.67 4.36
C PHE D 722 21.09 16.64 3.86
N ASP D 723 21.53 16.78 2.61
CA ASP D 723 22.50 15.83 2.06
C ASP D 723 23.87 15.97 2.73
N THR D 724 24.32 17.20 2.96
CA THR D 724 25.63 17.40 3.54
C THR D 724 25.67 17.05 5.02
N LEU D 725 24.67 17.48 5.78
CA LEU D 725 24.81 17.46 7.23
C LEU D 725 24.38 16.15 7.88
N ILE D 726 23.41 15.44 7.32
CA ILE D 726 22.92 14.25 8.02
C ILE D 726 23.08 12.98 7.19
N VAL D 727 23.12 13.09 5.86
CA VAL D 727 23.31 11.90 5.05
C VAL D 727 24.79 11.60 4.85
N ARG D 728 25.50 12.49 4.17
CA ARG D 728 26.88 12.23 3.81
C ARG D 728 27.81 12.31 5.01
N SER D 729 27.41 13.05 6.05
CA SER D 729 28.23 13.20 7.24
C SER D 729 27.94 12.16 8.31
N PHE D 730 26.79 11.51 8.26
CA PHE D 730 26.45 10.58 9.34
C PHE D 730 25.99 9.21 8.87
N MET D 731 25.23 9.14 7.77
CA MET D 731 24.61 7.89 7.35
C MET D 731 25.56 7.02 6.55
N THR D 732 26.14 7.56 5.47
CA THR D 732 26.96 6.75 4.57
C THR D 732 28.24 6.19 5.22
N PRO D 733 29.04 6.97 5.98
CA PRO D 733 30.15 6.31 6.71
C PRO D 733 29.66 5.30 7.74
N SER D 734 28.46 5.48 8.29
CA SER D 734 27.92 4.49 9.21
C SER D 734 27.59 3.18 8.51
N ILE D 735 27.02 3.26 7.30
CA ILE D 735 26.76 2.04 6.52
C ILE D 735 28.08 1.38 6.13
N ALA D 736 29.09 2.18 5.77
CA ALA D 736 30.38 1.63 5.41
C ALA D 736 31.05 0.93 6.60
N ALA D 737 30.94 1.51 7.79
CA ALA D 737 31.50 0.89 8.98
C ALA D 737 30.68 -0.28 9.50
N LEU D 738 29.40 -0.35 9.13
CA LEU D 738 28.57 -1.46 9.59
C LEU D 738 28.71 -2.68 8.68
N LEU D 739 28.71 -2.46 7.36
CA LEU D 739 28.90 -3.57 6.42
C LEU D 739 30.31 -4.12 6.51
N GLY D 740 31.28 -3.29 6.89
CA GLY D 740 32.62 -3.80 7.15
C GLY D 740 33.36 -4.14 5.88
N LYS D 741 34.06 -5.28 5.91
CA LYS D 741 34.84 -5.74 4.77
C LYS D 741 33.98 -6.24 3.63
N TRP D 742 32.69 -6.43 3.85
CA TRP D 742 31.76 -6.80 2.79
C TRP D 742 31.38 -5.61 1.92
N PHE D 743 31.80 -4.40 2.29
CA PHE D 743 31.51 -3.21 1.50
C PHE D 743 32.26 -3.24 0.17
N TRP D 744 33.41 -3.92 0.10
CA TRP D 744 34.27 -3.90 -1.06
C TRP D 744 34.25 -5.19 -1.85
N TRP D 745 33.24 -6.04 -1.67
CA TRP D 745 33.11 -7.26 -2.45
C TRP D 745 32.96 -6.92 -3.94
N PRO D 746 33.63 -7.67 -4.84
CA PRO D 746 34.36 -8.93 -4.69
C PRO D 746 35.81 -8.85 -4.20
N GLN D 747 36.38 -7.69 -3.92
CA GLN D 747 37.75 -7.63 -3.42
C GLN D 747 37.84 -8.22 -2.03
N VAL D 748 39.01 -8.80 -1.72
CA VAL D 748 39.26 -9.41 -0.43
C VAL D 748 40.09 -8.42 0.38
N VAL D 749 39.42 -7.64 1.21
CA VAL D 749 40.07 -6.70 2.10
C VAL D 749 40.05 -7.28 3.51
N ARG D 750 40.83 -6.68 4.40
CA ARG D 750 41.00 -7.18 5.75
C ARG D 750 40.53 -6.14 6.75
N GLN D 751 39.85 -6.61 7.80
CA GLN D 751 39.26 -5.71 8.79
C GLN D 751 40.32 -4.94 9.55
N ARG D 752 41.41 -5.59 9.91
CA ARG D 752 42.57 -4.98 10.54
C ARG D 752 43.82 -5.50 9.87
N PRO D 753 44.91 -4.75 9.90
CA PRO D 753 46.18 -5.29 9.39
C PRO D 753 46.76 -6.35 10.31
N ILE D 754 47.88 -6.94 9.91
CA ILE D 754 48.61 -7.83 10.81
C ILE D 754 49.10 -7.02 12.00
N PRO D 755 48.86 -7.45 13.25
CA PRO D 755 49.24 -6.62 14.41
C PRO D 755 50.75 -6.48 14.58
N GLN D 756 51.24 -5.27 14.35
CA GLN D 756 52.67 -4.99 14.46
C GLN D 756 53.10 -5.03 15.92
N PRO D 757 54.33 -5.47 16.18
CA PRO D 757 54.83 -5.47 17.56
C PRO D 757 55.18 -4.06 18.02
N TRP D 758 55.46 -3.95 19.32
CA TRP D 758 55.77 -2.68 19.94
C TRP D 758 57.13 -2.14 19.51
N ALA E 20 16.38 9.56 56.95
CA ALA E 20 15.34 9.81 57.95
C ALA E 20 14.01 9.20 57.51
N ARG E 21 13.01 10.06 57.29
CA ARG E 21 11.68 9.60 56.91
C ARG E 21 10.94 10.74 56.24
N PRO E 22 10.25 10.50 55.12
CA PRO E 22 9.53 11.59 54.45
C PRO E 22 8.33 12.08 55.24
N PHE E 23 7.86 13.27 54.86
CA PHE E 23 6.92 14.05 55.65
C PHE E 23 5.46 13.77 55.30
N ILE E 24 5.12 13.66 54.00
CA ILE E 24 3.74 13.44 53.60
C ILE E 24 3.18 12.10 54.09
N PRO E 25 3.86 10.95 53.92
CA PRO E 25 3.27 9.71 54.49
C PRO E 25 3.18 9.72 56.00
N ARG E 26 4.13 10.37 56.69
CA ARG E 26 4.03 10.49 58.15
C ARG E 26 2.82 11.33 58.55
N MET E 27 2.57 12.41 57.83
CA MET E 27 1.42 13.26 58.12
C MET E 27 0.11 12.53 57.86
N ILE E 28 0.02 11.78 56.77
CA ILE E 28 -1.19 11.02 56.48
C ILE E 28 -1.37 9.88 57.49
N ARG E 29 -0.26 9.27 57.91
CA ARG E 29 -0.32 8.13 58.82
C ARG E 29 -0.75 8.56 60.23
N THR E 30 -0.17 9.64 60.75
CA THR E 30 -0.48 10.06 62.11
C THR E 30 -1.92 10.54 62.25
N PHE E 31 -2.40 11.31 61.28
CA PHE E 31 -3.74 11.88 61.31
C PHE E 31 -4.74 11.07 60.50
N ALA E 32 -4.64 9.73 60.55
CA ALA E 32 -5.37 8.86 59.64
C ALA E 32 -6.88 8.94 59.87
N VAL E 33 -7.34 8.74 61.11
CA VAL E 33 -8.77 8.71 61.38
C VAL E 33 -9.48 10.07 61.29
N PRO E 34 -8.86 11.24 61.56
CA PRO E 34 -9.54 12.48 61.15
C PRO E 34 -9.74 12.59 59.64
N ILE E 35 -8.77 12.11 58.84
CA ILE E 35 -8.93 12.12 57.39
C ILE E 35 -10.06 11.18 56.96
N ILE E 36 -10.14 10.01 57.59
CA ILE E 36 -11.20 9.05 57.28
C ILE E 36 -12.57 9.64 57.59
N LEU E 37 -12.71 10.22 58.79
CA LEU E 37 -14.00 10.79 59.19
C LEU E 37 -14.36 12.00 58.35
N GLY E 38 -13.38 12.85 58.02
CA GLY E 38 -13.65 14.00 57.19
C GLY E 38 -14.07 13.63 55.78
N TRP E 39 -13.42 12.62 55.20
CA TRP E 39 -13.83 12.13 53.89
C TRP E 39 -15.24 11.55 53.93
N LEU E 40 -15.57 10.81 55.00
CA LEU E 40 -16.91 10.24 55.13
C LEU E 40 -17.96 11.34 55.25
N VAL E 41 -17.68 12.38 56.03
CA VAL E 41 -18.63 13.49 56.20
C VAL E 41 -18.82 14.24 54.88
N THR E 42 -17.72 14.49 54.15
CA THR E 42 -17.83 15.17 52.86
C THR E 42 -18.64 14.35 51.86
N ILE E 43 -18.41 13.04 51.80
CA ILE E 43 -19.19 12.17 50.92
C ILE E 43 -20.66 12.19 51.30
N ALA E 44 -20.96 12.13 52.61
CA ALA E 44 -22.34 12.16 53.06
C ALA E 44 -23.04 13.46 52.70
N VAL E 45 -22.36 14.60 52.88
CA VAL E 45 -22.95 15.89 52.52
C VAL E 45 -23.20 15.99 51.02
N LEU E 46 -22.22 15.58 50.20
CA LEU E 46 -22.37 15.70 48.75
C LEU E 46 -23.43 14.75 48.21
N ASN E 47 -23.64 13.60 48.87
CA ASN E 47 -24.66 12.67 48.40
C ASN E 47 -26.01 12.83 49.08
N VAL E 48 -26.13 13.71 50.08
CA VAL E 48 -27.42 14.03 50.67
C VAL E 48 -27.98 15.35 50.15
N THR E 49 -27.21 16.44 50.24
CA THR E 49 -27.76 17.75 49.90
C THR E 49 -27.78 18.02 48.40
N VAL E 50 -27.21 17.14 47.58
CA VAL E 50 -27.13 17.32 46.14
C VAL E 50 -27.80 16.11 45.49
N PRO E 51 -28.68 16.29 44.50
CA PRO E 51 -29.34 15.13 43.88
C PRO E 51 -28.38 14.26 43.06
N GLN E 52 -28.91 13.15 42.54
CA GLN E 52 -28.06 12.15 41.89
C GLN E 52 -27.58 12.64 40.53
N LEU E 53 -26.65 11.87 39.94
CA LEU E 53 -26.01 12.29 38.70
C LEU E 53 -26.90 12.11 37.49
N GLU E 54 -27.78 11.10 37.50
CA GLU E 54 -28.70 10.92 36.38
C GLU E 54 -29.70 12.07 36.30
N THR E 55 -30.16 12.57 37.46
CA THR E 55 -31.14 13.65 37.45
C THR E 55 -30.51 14.98 37.01
N VAL E 56 -29.29 15.27 37.49
CA VAL E 56 -28.63 16.50 37.07
C VAL E 56 -28.13 16.41 35.64
N GLY E 57 -27.87 15.19 35.15
CA GLY E 57 -27.63 15.02 33.72
C GLY E 57 -28.88 15.26 32.89
N GLN E 58 -30.03 14.81 33.40
CA GLN E 58 -31.29 15.00 32.68
C GLN E 58 -31.69 16.47 32.62
N ILE E 59 -31.59 17.19 33.74
CA ILE E 59 -32.03 18.58 33.77
C ILE E 59 -31.03 19.53 33.13
N GLN E 60 -29.81 19.09 32.88
CA GLN E 60 -28.76 19.93 32.30
C GLN E 60 -28.14 19.25 31.09
N ALA E 61 -28.96 18.67 30.23
CA ALA E 61 -28.45 18.02 29.04
C ALA E 61 -28.06 19.06 27.99
N VAL E 62 -27.34 18.60 26.97
CA VAL E 62 -26.93 19.44 25.85
C VAL E 62 -27.30 18.74 24.55
N SER E 63 -27.30 19.51 23.47
CA SER E 63 -27.49 18.94 22.16
C SER E 63 -26.26 18.13 21.74
N MET E 64 -26.48 17.17 20.85
CA MET E 64 -25.42 16.29 20.40
C MET E 64 -24.81 16.70 19.06
N SER E 65 -25.45 17.58 18.33
CA SER E 65 -24.92 18.09 17.08
C SER E 65 -24.29 19.46 17.28
N PRO E 66 -23.22 19.78 16.55
CA PRO E 66 -22.62 21.12 16.66
C PRO E 66 -23.56 22.19 16.16
N ASP E 67 -23.41 23.39 16.73
CA ASP E 67 -24.15 24.54 16.22
C ASP E 67 -23.59 25.02 14.89
N ALA E 68 -22.32 24.74 14.62
CA ALA E 68 -21.68 25.14 13.37
C ALA E 68 -21.74 24.05 12.30
N ALA E 69 -22.36 22.91 12.59
CA ALA E 69 -22.51 21.86 11.60
C ALA E 69 -23.49 22.31 10.52
N PRO E 70 -23.19 22.05 9.24
CA PRO E 70 -24.09 22.48 8.16
C PRO E 70 -25.49 21.88 8.23
N SER E 71 -25.64 20.66 8.76
CA SER E 71 -26.97 20.07 8.89
C SER E 71 -27.82 20.83 9.91
N MET E 72 -27.22 21.20 11.05
CA MET E 72 -27.96 21.93 12.08
C MET E 72 -28.33 23.32 11.61
N ILE E 73 -27.41 24.00 10.91
CA ILE E 73 -27.69 25.32 10.35
C ILE E 73 -28.81 25.23 9.32
N SER E 74 -28.77 24.20 8.46
CA SER E 74 -29.81 24.02 7.46
C SER E 74 -31.17 23.73 8.10
N MET E 75 -31.19 22.93 9.17
CA MET E 75 -32.45 22.63 9.83
C MET E 75 -33.02 23.86 10.54
N LYS E 76 -32.17 24.64 11.20
CA LYS E 76 -32.63 25.90 11.79
C LYS E 76 -33.15 26.86 10.73
N HIS E 77 -32.49 26.92 9.58
CA HIS E 77 -32.91 27.84 8.53
C HIS E 77 -34.22 27.40 7.91
N ILE E 78 -34.42 26.09 7.73
CA ILE E 78 -35.70 25.56 7.25
C ILE E 78 -36.81 25.88 8.26
N GLY E 79 -36.52 25.73 9.55
CA GLY E 79 -37.50 26.07 10.56
C GLY E 79 -37.83 27.56 10.58
N LYS E 80 -36.84 28.40 10.31
CA LYS E 80 -37.07 29.84 10.35
C LYS E 80 -37.84 30.34 9.12
N VAL E 81 -37.53 29.83 7.93
CA VAL E 81 -38.17 30.36 6.72
C VAL E 81 -39.64 29.99 6.66
N PHE E 82 -39.96 28.73 6.93
CA PHE E 82 -41.33 28.26 6.85
C PHE E 82 -42.12 28.51 8.13
N GLU E 83 -41.49 29.13 9.14
CA GLU E 83 -42.12 29.51 10.40
C GLU E 83 -42.70 28.30 11.13
N GLU E 84 -41.84 27.29 11.36
CA GLU E 84 -42.25 26.04 11.96
C GLU E 84 -41.46 25.71 13.22
N GLY E 85 -40.85 26.69 13.85
CA GLY E 85 -40.12 26.49 15.08
C GLY E 85 -38.62 26.52 14.86
N ASP E 86 -37.89 26.34 15.97
CA ASP E 86 -36.44 26.34 15.99
C ASP E 86 -35.89 25.01 16.47
N SER E 87 -36.56 23.92 16.12
CA SER E 87 -36.19 22.60 16.59
C SER E 87 -36.02 21.66 15.41
N ASP E 88 -35.11 20.69 15.59
CA ASP E 88 -34.89 19.63 14.61
C ASP E 88 -35.62 18.33 14.93
N SER E 89 -36.17 18.20 16.14
CA SER E 89 -36.81 16.95 16.54
C SER E 89 -38.15 16.78 15.84
N ALA E 90 -38.47 15.54 15.49
CA ALA E 90 -39.73 15.23 14.82
C ALA E 90 -40.12 13.79 15.11
N ALA E 91 -41.41 13.50 14.95
CA ALA E 91 -41.93 12.16 15.12
C ALA E 91 -43.07 11.97 14.12
N MET E 92 -43.57 10.74 14.05
CA MET E 92 -44.65 10.41 13.13
C MET E 92 -45.70 9.57 13.83
N ILE E 93 -46.94 9.72 13.37
CA ILE E 93 -48.09 8.95 13.84
C ILE E 93 -48.54 8.08 12.68
N VAL E 94 -48.64 6.78 12.91
CA VAL E 94 -48.95 5.83 11.85
C VAL E 94 -50.22 5.07 12.21
N LEU E 95 -51.13 4.96 11.23
CA LEU E 95 -52.41 4.28 11.36
C LEU E 95 -52.49 3.16 10.34
N GLU E 96 -52.77 1.94 10.79
CA GLU E 96 -52.87 0.82 9.87
C GLU E 96 -54.07 -0.04 10.22
N GLY E 97 -54.63 -0.69 9.20
CA GLY E 97 -55.77 -1.55 9.39
C GLY E 97 -55.66 -2.81 8.56
N GLN E 98 -56.37 -3.85 8.99
CA GLN E 98 -56.42 -5.10 8.25
C GLN E 98 -57.30 -5.02 7.01
N ARG E 99 -58.06 -3.94 6.86
CA ARG E 99 -58.84 -3.62 5.68
C ARG E 99 -58.41 -2.25 5.17
N PRO E 100 -58.68 -1.93 3.89
CA PRO E 100 -58.41 -0.57 3.42
C PRO E 100 -59.20 0.47 4.21
N LEU E 101 -58.54 1.59 4.49
CA LEU E 101 -59.09 2.57 5.41
C LEU E 101 -60.25 3.33 4.80
N GLY E 102 -61.27 3.62 5.61
CA GLY E 102 -62.46 4.28 5.14
C GLY E 102 -62.74 5.59 5.84
N ASP E 103 -64.00 6.01 5.86
CA ASP E 103 -64.37 7.31 6.40
C ASP E 103 -64.21 7.41 7.91
N ALA E 104 -64.27 6.27 8.61
CA ALA E 104 -63.97 6.28 10.04
C ALA E 104 -62.52 6.69 10.30
N ALA E 105 -61.61 6.23 9.44
CA ALA E 105 -60.21 6.65 9.54
C ALA E 105 -60.06 8.14 9.25
N HIS E 106 -60.83 8.67 8.29
CA HIS E 106 -60.80 10.10 8.02
C HIS E 106 -61.29 10.91 9.21
N ALA E 107 -62.38 10.47 9.85
CA ALA E 107 -62.89 11.17 11.01
C ALA E 107 -61.92 11.10 12.18
N PHE E 108 -61.32 9.93 12.40
CA PHE E 108 -60.31 9.80 13.45
C PHE E 108 -59.11 10.70 13.17
N TYR E 109 -58.67 10.76 11.91
CA TYR E 109 -57.52 11.58 11.54
C TYR E 109 -57.80 13.05 11.76
N ASP E 110 -58.98 13.53 11.35
CA ASP E 110 -59.32 14.93 11.53
C ASP E 110 -59.44 15.30 13.00
N GLN E 111 -60.09 14.45 13.80
CA GLN E 111 -60.21 14.71 15.23
C GLN E 111 -58.86 14.67 15.93
N MET E 112 -58.00 13.73 15.52
CA MET E 112 -56.69 13.59 16.15
C MET E 112 -55.79 14.77 15.83
N ILE E 113 -55.80 15.24 14.57
CA ILE E 113 -54.97 16.40 14.26
C ILE E 113 -55.54 17.66 14.88
N GLY E 114 -56.86 17.71 15.10
CA GLY E 114 -57.43 18.83 15.85
C GLY E 114 -56.95 18.88 17.28
N ARG E 115 -56.99 17.73 17.97
CA ARG E 115 -56.49 17.72 19.34
C ARG E 115 -54.98 17.85 19.41
N LEU E 116 -54.25 17.48 18.35
CA LEU E 116 -52.82 17.67 18.34
C LEU E 116 -52.46 19.15 18.13
N GLN E 117 -53.21 19.83 17.27
CA GLN E 117 -53.01 21.26 17.08
C GLN E 117 -53.52 22.07 18.26
N ALA E 118 -54.36 21.48 19.12
CA ALA E 118 -54.72 22.12 20.39
C ALA E 118 -53.51 22.31 21.29
N ASP E 119 -52.63 21.31 21.35
CA ASP E 119 -51.42 21.40 22.17
C ASP E 119 -50.44 22.35 21.50
N THR E 120 -49.87 23.27 22.27
CA THR E 120 -48.89 24.23 21.77
C THR E 120 -47.54 24.13 22.46
N THR E 121 -47.53 23.92 23.78
CA THR E 121 -46.29 23.96 24.54
C THR E 121 -45.39 22.74 24.32
N HIS E 122 -45.91 21.66 23.72
CA HIS E 122 -45.10 20.51 23.38
C HIS E 122 -44.89 20.35 21.87
N VAL E 123 -45.95 20.47 21.08
CA VAL E 123 -45.87 20.35 19.64
C VAL E 123 -46.06 21.73 19.02
N GLN E 124 -45.23 22.07 18.05
CA GLN E 124 -45.37 23.33 17.34
C GLN E 124 -45.85 23.16 15.91
N SER E 125 -45.42 22.14 15.19
CA SER E 125 -45.78 22.03 13.79
C SER E 125 -46.37 20.67 13.50
N LEU E 126 -47.22 20.60 12.49
CA LEU E 126 -47.81 19.34 12.06
C LEU E 126 -48.01 19.40 10.55
N GLN E 127 -47.36 18.50 9.82
CA GLN E 127 -47.45 18.49 8.36
C GLN E 127 -48.65 17.65 7.98
N ASP E 128 -49.80 18.30 7.83
CA ASP E 128 -51.04 17.61 7.49
C ASP E 128 -51.04 17.35 5.99
N PHE E 129 -50.78 16.10 5.62
CA PHE E 129 -50.76 15.68 4.23
C PHE E 129 -51.98 14.85 3.84
N TRP E 130 -52.45 13.98 4.74
CA TRP E 130 -53.58 13.12 4.43
C TRP E 130 -54.89 13.89 4.37
N GLY E 131 -54.97 15.06 5.02
CA GLY E 131 -56.19 15.85 4.96
C GLY E 131 -56.49 16.37 3.57
N ASP E 132 -55.48 16.88 2.88
CA ASP E 132 -55.63 17.36 1.52
C ASP E 132 -55.68 16.18 0.56
N PRO E 133 -56.68 16.12 -0.34
CA PRO E 133 -56.73 14.99 -1.29
C PRO E 133 -55.64 15.04 -2.36
N LEU E 134 -54.99 16.18 -2.60
CA LEU E 134 -53.90 16.20 -3.58
C LEU E 134 -52.69 15.42 -3.09
N THR E 135 -52.32 15.58 -1.83
CA THR E 135 -51.17 14.91 -1.27
C THR E 135 -51.55 13.68 -0.46
N ALA E 136 -52.85 13.32 -0.47
CA ALA E 136 -53.30 12.09 0.18
C ALA E 136 -52.70 10.86 -0.50
N THR E 137 -52.56 10.89 -1.82
CA THR E 137 -51.92 9.78 -2.53
C THR E 137 -50.43 9.69 -2.23
N GLY E 138 -49.80 10.79 -1.79
CA GLY E 138 -48.42 10.76 -1.37
C GLY E 138 -48.28 10.40 0.10
N ALA E 139 -49.37 10.50 0.84
CA ALA E 139 -49.39 10.16 2.26
C ALA E 139 -50.20 8.90 2.55
N GLN E 140 -50.20 7.94 1.62
CA GLN E 140 -50.94 6.70 1.82
C GLN E 140 -50.19 5.56 1.16
N SER E 141 -50.41 4.35 1.68
CA SER E 141 -49.72 3.16 1.19
C SER E 141 -50.26 2.76 -0.18
N SER E 142 -49.53 1.86 -0.85
CA SER E 142 -49.94 1.38 -2.16
C SER E 142 -51.23 0.57 -2.09
N ASP E 143 -51.35 -0.30 -1.09
CA ASP E 143 -52.57 -1.08 -0.91
C ASP E 143 -53.62 -0.35 -0.07
N GLY E 144 -53.29 0.80 0.48
CA GLY E 144 -54.23 1.60 1.24
C GLY E 144 -54.40 1.25 2.70
N LYS E 145 -53.64 0.27 3.20
CA LYS E 145 -53.77 -0.18 4.58
C LYS E 145 -52.79 0.49 5.52
N ALA E 146 -52.29 1.68 5.19
CA ALA E 146 -51.39 2.39 6.08
C ALA E 146 -51.43 3.88 5.74
N ALA E 147 -51.23 4.71 6.76
CA ALA E 147 -51.11 6.14 6.59
C ALA E 147 -50.24 6.70 7.71
N TYR E 148 -49.67 7.88 7.47
CA TYR E 148 -48.76 8.48 8.45
C TYR E 148 -48.89 9.99 8.40
N VAL E 149 -48.51 10.63 9.49
CA VAL E 149 -48.44 12.08 9.58
C VAL E 149 -47.22 12.47 10.39
N GLN E 150 -46.57 13.57 10.03
CA GLN E 150 -45.35 14.03 10.67
C GLN E 150 -45.65 15.21 11.57
N VAL E 151 -45.15 15.16 12.81
CA VAL E 151 -45.34 16.22 13.78
C VAL E 151 -43.97 16.68 14.28
N LYS E 152 -43.76 17.99 14.32
CA LYS E 152 -42.48 18.58 14.70
C LYS E 152 -42.63 19.20 16.09
N LEU E 153 -41.85 18.67 17.03
CA LEU E 153 -41.97 18.87 18.46
C LEU E 153 -40.99 19.93 18.94
N ALA E 154 -40.93 20.12 20.26
CA ALA E 154 -40.10 21.13 20.88
C ALA E 154 -38.85 20.50 21.49
N GLY E 155 -37.72 21.22 21.38
CA GLY E 155 -36.49 20.78 21.99
C GLY E 155 -35.57 20.03 21.05
N ASN E 156 -34.27 20.30 21.15
CA ASN E 156 -33.30 19.62 20.32
C ASN E 156 -33.14 18.17 20.76
N GLN E 157 -32.62 17.35 19.85
CA GLN E 157 -32.38 15.95 20.16
C GLN E 157 -31.22 15.82 21.16
N GLY E 158 -31.37 14.90 22.11
CA GLY E 158 -30.45 14.79 23.21
C GLY E 158 -30.82 15.60 24.44
N GLU E 159 -31.85 16.44 24.34
CA GLU E 159 -32.33 17.24 25.45
C GLU E 159 -33.49 16.53 26.15
N SER E 160 -33.85 17.06 27.33
CA SER E 160 -34.99 16.51 28.05
C SER E 160 -36.31 16.96 27.45
N LEU E 161 -36.36 18.18 26.89
CA LEU E 161 -37.60 18.77 26.43
C LEU E 161 -38.22 17.95 25.30
N ALA E 162 -37.39 17.43 24.40
CA ALA E 162 -37.89 16.51 23.36
C ALA E 162 -38.45 15.24 23.97
N ASN E 163 -37.86 14.75 25.06
CA ASN E 163 -38.35 13.54 25.72
C ASN E 163 -39.75 13.76 26.30
N GLU E 164 -39.95 14.85 27.06
CA GLU E 164 -41.32 15.05 27.55
C GLU E 164 -42.28 15.45 26.45
N SER E 165 -41.80 16.04 25.34
CA SER E 165 -42.69 16.28 24.21
C SER E 165 -43.16 14.97 23.58
N VAL E 166 -42.26 13.99 23.47
CA VAL E 166 -42.62 12.66 22.97
C VAL E 166 -43.63 12.00 23.91
N GLU E 167 -43.40 12.09 25.22
CA GLU E 167 -44.33 11.50 26.17
C GLU E 167 -45.70 12.16 26.09
N ALA E 168 -45.74 13.49 25.95
CA ALA E 168 -47.01 14.20 25.85
C ALA E 168 -47.77 13.82 24.59
N VAL E 169 -47.09 13.76 23.45
CA VAL E 169 -47.81 13.45 22.21
C VAL E 169 -48.27 11.99 22.21
N LYS E 170 -47.49 11.07 22.80
CA LYS E 170 -47.94 9.67 22.80
C LYS E 170 -49.09 9.46 23.78
N THR E 171 -49.12 10.17 24.91
CA THR E 171 -50.28 10.01 25.78
C THR E 171 -51.52 10.73 25.22
N ILE E 172 -51.32 11.79 24.43
CA ILE E 172 -52.46 12.42 23.74
C ILE E 172 -53.05 11.45 22.72
N VAL E 173 -52.19 10.76 21.97
CA VAL E 173 -52.66 9.79 20.98
C VAL E 173 -53.35 8.61 21.67
N GLU E 174 -52.75 8.09 22.74
CA GLU E 174 -53.27 6.90 23.40
C GLU E 174 -54.52 7.19 24.24
N ARG E 175 -54.78 8.46 24.56
CA ARG E 175 -55.89 8.84 25.43
C ARG E 175 -57.25 8.43 24.87
N LEU E 176 -57.39 8.31 23.55
CA LEU E 176 -58.65 7.99 22.92
C LEU E 176 -58.60 6.61 22.27
N ALA E 177 -59.78 6.01 22.11
CA ALA E 177 -59.90 4.65 21.59
C ALA E 177 -60.06 4.68 20.08
N PRO E 178 -59.18 4.04 19.32
CA PRO E 178 -59.26 4.07 17.86
C PRO E 178 -60.47 3.29 17.36
N PRO E 179 -60.92 3.54 16.13
CA PRO E 179 -62.04 2.76 15.59
C PRO E 179 -61.65 1.32 15.41
N PRO E 180 -62.61 0.39 15.46
CA PRO E 180 -62.28 -1.04 15.39
C PRO E 180 -61.63 -1.43 14.07
N GLY E 181 -60.61 -2.27 14.17
CA GLY E 181 -59.84 -2.71 13.02
C GLY E 181 -58.71 -1.80 12.61
N VAL E 182 -58.55 -0.65 13.27
CA VAL E 182 -57.50 0.32 12.93
C VAL E 182 -56.68 0.58 14.19
N LYS E 183 -55.37 0.48 14.07
CA LYS E 183 -54.45 0.68 15.18
C LYS E 183 -53.46 1.79 14.88
N VAL E 184 -52.90 2.36 15.95
CA VAL E 184 -52.08 3.55 15.88
C VAL E 184 -50.75 3.29 16.59
N TYR E 185 -49.67 3.88 16.07
CA TYR E 185 -48.36 3.80 16.69
C TYR E 185 -47.60 5.11 16.51
N VAL E 186 -46.59 5.30 17.36
CA VAL E 186 -45.66 6.42 17.26
C VAL E 186 -44.32 5.92 16.74
N THR E 187 -43.75 6.64 15.78
CA THR E 187 -42.47 6.30 15.17
C THR E 187 -41.62 7.55 15.06
N GLY E 188 -40.39 7.37 14.59
CA GLY E 188 -39.50 8.47 14.32
C GLY E 188 -38.21 8.38 15.12
N SER E 189 -37.32 9.33 14.85
CA SER E 189 -36.04 9.39 15.56
C SER E 189 -36.22 9.86 17.00
N ALA E 190 -37.15 10.79 17.24
CA ALA E 190 -37.41 11.24 18.60
C ALA E 190 -38.03 10.14 19.44
N ALA E 191 -38.94 9.35 18.86
CA ALA E 191 -39.46 8.18 19.54
C ALA E 191 -38.36 7.16 19.79
N LEU E 192 -37.43 7.03 18.85
CA LEU E 192 -36.30 6.12 19.01
C LEU E 192 -35.41 6.53 20.18
N VAL E 193 -35.08 7.82 20.28
CA VAL E 193 -34.18 8.24 21.35
C VAL E 193 -34.90 8.23 22.70
N ALA E 194 -36.20 8.53 22.73
CA ALA E 194 -36.95 8.44 23.98
C ALA E 194 -37.06 7.00 24.46
N ASP E 195 -37.36 6.07 23.55
CA ASP E 195 -37.43 4.66 23.95
C ASP E 195 -36.06 4.09 24.26
N GLN E 196 -35.01 4.63 23.64
CA GLN E 196 -33.65 4.21 23.98
C GLN E 196 -33.27 4.65 25.38
N GLN E 197 -33.65 5.88 25.76
CA GLN E 197 -33.42 6.34 27.12
C GLN E 197 -34.21 5.50 28.11
N GLN E 198 -35.47 5.18 27.78
CA GLN E 198 -36.29 4.35 28.64
C GLN E 198 -35.70 2.94 28.79
N ALA E 199 -35.23 2.36 27.68
CA ALA E 199 -34.64 1.02 27.71
C ALA E 199 -33.35 1.00 28.50
N GLY E 200 -32.49 2.02 28.32
CA GLY E 200 -31.29 2.11 29.12
C GLY E 200 -31.58 2.36 30.59
N ASP E 201 -32.71 3.00 30.89
CA ASP E 201 -33.13 3.14 32.28
C ASP E 201 -33.55 1.80 32.87
N ARG E 202 -34.31 0.99 32.13
CA ARG E 202 -34.91 -0.21 32.70
C ARG E 202 -34.10 -1.47 32.47
N SER E 203 -32.94 -1.40 31.83
CA SER E 203 -32.11 -2.57 31.56
C SER E 203 -30.83 -2.56 32.37
N LEU E 204 -30.92 -2.14 33.63
CA LEU E 204 -29.76 -2.05 34.51
C LEU E 204 -30.03 -2.76 35.83
N GLN E 205 -30.64 -3.95 35.77
CA GLN E 205 -30.88 -4.74 36.97
C GLN E 205 -30.22 -6.11 36.91
N VAL E 206 -30.52 -6.92 35.89
CA VAL E 206 -30.01 -8.29 35.87
C VAL E 206 -28.58 -8.35 35.38
N ILE E 207 -28.20 -7.48 34.43
CA ILE E 207 -26.81 -7.40 34.04
C ILE E 207 -25.98 -6.85 35.19
N GLU E 208 -26.55 -5.96 36.00
CA GLU E 208 -25.85 -5.52 37.20
C GLU E 208 -25.74 -6.65 38.22
N ALA E 209 -26.73 -7.53 38.31
CA ALA E 209 -26.63 -8.68 39.21
C ALA E 209 -25.48 -9.59 38.82
N VAL E 210 -25.39 -9.93 37.53
CA VAL E 210 -24.30 -10.80 37.09
C VAL E 210 -22.96 -10.08 37.17
N THR E 211 -22.95 -8.75 37.01
CA THR E 211 -21.70 -7.99 37.16
C THR E 211 -21.21 -8.00 38.60
N PHE E 212 -22.10 -7.78 39.58
CA PHE E 212 -21.69 -7.83 40.98
C PHE E 212 -21.21 -9.22 41.38
N THR E 213 -21.88 -10.28 40.89
CA THR E 213 -21.40 -11.60 41.29
C THR E 213 -20.09 -11.97 40.58
N VAL E 214 -19.85 -11.49 39.36
CA VAL E 214 -18.58 -11.84 38.73
C VAL E 214 -17.45 -11.02 39.35
N ILE E 215 -17.73 -9.79 39.80
CA ILE E 215 -16.72 -9.02 40.54
C ILE E 215 -16.36 -9.73 41.84
N ILE E 216 -17.36 -10.21 42.58
CA ILE E 216 -17.03 -10.82 43.86
C ILE E 216 -16.30 -12.16 43.66
N VAL E 217 -16.65 -12.93 42.63
CA VAL E 217 -15.91 -14.17 42.42
C VAL E 217 -14.49 -13.89 41.90
N MET E 218 -14.32 -12.82 41.11
CA MET E 218 -12.98 -12.48 40.63
C MET E 218 -12.07 -12.00 41.76
N LEU E 219 -12.60 -11.20 42.68
CA LEU E 219 -11.79 -10.78 43.83
C LEU E 219 -11.51 -11.95 44.78
N LEU E 220 -12.46 -12.87 44.95
CA LEU E 220 -12.15 -14.06 45.75
C LEU E 220 -11.14 -14.97 45.05
N LEU E 221 -11.08 -14.95 43.72
CA LEU E 221 -10.07 -15.72 43.02
C LEU E 221 -8.69 -15.05 43.13
N VAL E 222 -8.64 -13.73 43.00
CA VAL E 222 -7.36 -13.01 42.98
C VAL E 222 -6.76 -12.97 44.37
N TYR E 223 -7.54 -12.56 45.37
CA TYR E 223 -7.00 -12.33 46.69
C TYR E 223 -7.04 -13.55 47.60
N ARG E 224 -7.94 -14.50 47.31
CA ARG E 224 -8.13 -15.73 48.10
C ARG E 224 -8.42 -15.43 49.56
N SER E 225 -9.22 -14.38 49.80
CA SER E 225 -9.63 -14.01 51.14
C SER E 225 -10.93 -13.21 51.04
N ILE E 226 -11.68 -13.22 52.13
CA ILE E 226 -12.93 -12.47 52.21
C ILE E 226 -12.74 -11.10 52.88
N ILE E 227 -11.63 -10.92 53.61
CA ILE E 227 -11.38 -9.65 54.29
C ILE E 227 -10.75 -8.64 53.34
N THR E 228 -9.68 -9.05 52.66
CA THR E 228 -8.94 -8.15 51.76
C THR E 228 -9.82 -7.67 50.62
N SER E 229 -10.68 -8.55 50.11
CA SER E 229 -11.67 -8.16 49.11
C SER E 229 -12.63 -7.12 49.67
N ALA E 230 -13.02 -7.24 50.94
CA ALA E 230 -13.91 -6.28 51.56
C ALA E 230 -13.28 -4.90 51.67
N ILE E 231 -12.03 -4.83 52.12
CA ILE E 231 -11.33 -3.54 52.18
C ILE E 231 -11.15 -2.94 50.78
N MET E 232 -10.83 -3.77 49.78
CA MET E 232 -10.61 -3.23 48.44
C MET E 232 -11.91 -2.71 47.83
N LEU E 233 -13.03 -3.42 48.07
CA LEU E 233 -14.33 -2.92 47.66
C LEU E 233 -14.70 -1.64 48.38
N THR E 234 -14.35 -1.53 49.67
CA THR E 234 -14.60 -0.29 50.40
C THR E 234 -13.85 0.88 49.77
N MET E 235 -12.60 0.64 49.37
CA MET E 235 -11.80 1.66 48.68
C MET E 235 -12.47 2.13 47.41
N VAL E 236 -12.88 1.18 46.56
CA VAL E 236 -13.49 1.54 45.28
C VAL E 236 -14.82 2.26 45.48
N VAL E 237 -15.66 1.78 46.40
CA VAL E 237 -16.98 2.38 46.54
C VAL E 237 -16.88 3.76 47.18
N LEU E 238 -15.93 3.97 48.10
CA LEU E 238 -15.75 5.29 48.69
C LEU E 238 -15.21 6.28 47.67
N GLY E 239 -14.25 5.85 46.85
CA GLY E 239 -13.76 6.73 45.79
C GLY E 239 -14.84 7.08 44.77
N LEU E 240 -15.67 6.08 44.43
CA LEU E 240 -16.75 6.32 43.48
C LEU E 240 -17.78 7.29 44.04
N LEU E 241 -18.15 7.13 45.31
CA LEU E 241 -19.10 8.05 45.92
C LEU E 241 -18.54 9.46 46.03
N ALA E 242 -17.26 9.60 46.38
CA ALA E 242 -16.64 10.91 46.47
C ALA E 242 -16.61 11.61 45.12
N THR E 243 -16.21 10.88 44.07
CA THR E 243 -16.15 11.44 42.74
C THR E 243 -17.54 11.84 42.24
N ARG E 244 -18.53 10.96 42.46
CA ARG E 244 -19.89 11.24 42.04
C ARG E 244 -20.45 12.48 42.75
N GLY E 245 -20.24 12.56 44.06
CA GLY E 245 -20.73 13.72 44.80
C GLY E 245 -20.06 15.01 44.40
N GLY E 246 -18.74 14.98 44.18
CA GLY E 246 -18.05 16.20 43.77
C GLY E 246 -18.49 16.70 42.42
N VAL E 247 -18.62 15.79 41.45
CA VAL E 247 -19.04 16.20 40.11
C VAL E 247 -20.49 16.67 40.13
N ALA E 248 -21.34 16.02 40.95
CA ALA E 248 -22.73 16.46 41.05
C ALA E 248 -22.85 17.83 41.70
N PHE E 249 -21.99 18.12 42.68
CA PHE E 249 -21.97 19.45 43.30
C PHE E 249 -21.53 20.50 42.30
N LEU E 250 -20.46 20.23 41.55
CA LEU E 250 -19.98 21.23 40.59
C LEU E 250 -20.94 21.42 39.43
N GLY E 251 -21.73 20.40 39.10
CA GLY E 251 -22.69 20.55 38.02
C GLY E 251 -24.02 21.15 38.43
N PHE E 252 -24.43 20.92 39.68
CA PHE E 252 -25.77 21.34 40.11
C PHE E 252 -25.88 22.86 40.21
N HIS E 253 -24.83 23.52 40.69
CA HIS E 253 -24.83 24.98 40.84
C HIS E 253 -24.36 25.70 39.60
N ARG E 254 -24.48 25.06 38.42
CA ARG E 254 -24.22 25.65 37.10
C ARG E 254 -22.78 26.13 36.94
N ILE E 255 -21.83 25.58 37.71
CA ILE E 255 -20.43 25.94 37.52
C ILE E 255 -19.89 25.31 36.25
N ILE E 256 -20.11 24.01 36.06
CA ILE E 256 -19.64 23.29 34.89
C ILE E 256 -20.82 22.61 34.20
N GLY E 257 -20.57 21.95 33.08
CA GLY E 257 -21.60 21.27 32.33
C GLY E 257 -21.56 19.77 32.51
N LEU E 258 -22.68 19.12 32.21
CA LEU E 258 -22.82 17.68 32.36
C LEU E 258 -23.64 17.10 31.22
N SER E 259 -23.56 15.78 31.08
CA SER E 259 -24.33 15.04 30.10
C SER E 259 -24.48 13.60 30.60
N THR E 260 -25.43 12.88 29.99
CA THR E 260 -25.60 11.47 30.32
C THR E 260 -24.42 10.64 29.82
N PHE E 261 -23.93 10.95 28.62
CA PHE E 261 -22.71 10.33 28.11
C PHE E 261 -21.53 10.64 29.02
N ALA E 262 -21.45 11.88 29.49
CA ALA E 262 -20.37 12.27 30.38
C ALA E 262 -20.41 11.50 31.69
N THR E 263 -21.61 11.32 32.26
CA THR E 263 -21.72 10.59 33.52
C THR E 263 -21.44 9.10 33.34
N ASN E 264 -21.87 8.53 32.21
CA ASN E 264 -21.60 7.11 31.97
C ASN E 264 -20.10 6.85 31.81
N LEU E 265 -19.43 7.63 30.95
CA LEU E 265 -18.00 7.46 30.78
C LEU E 265 -17.23 7.81 32.05
N LEU E 266 -17.72 8.79 32.81
CA LEU E 266 -17.09 9.17 34.07
C LEU E 266 -17.17 8.04 35.08
N VAL E 267 -18.33 7.39 35.20
CA VAL E 267 -18.45 6.34 36.21
C VAL E 267 -17.63 5.11 35.81
N VAL E 268 -17.62 4.76 34.52
CA VAL E 268 -16.85 3.57 34.14
C VAL E 268 -15.35 3.81 34.27
N LEU E 269 -14.87 5.02 33.91
CA LEU E 269 -13.45 5.30 34.06
C LEU E 269 -13.08 5.49 35.53
N ALA E 270 -14.02 5.97 36.36
CA ALA E 270 -13.78 6.08 37.79
C ALA E 270 -13.62 4.72 38.43
N ILE E 271 -14.49 3.75 38.08
CA ILE E 271 -14.32 2.39 38.59
C ILE E 271 -12.99 1.81 38.12
N ALA E 272 -12.62 2.05 36.85
CA ALA E 272 -11.36 1.54 36.33
C ALA E 272 -10.17 2.07 37.11
N ALA E 273 -10.06 3.40 37.23
CA ALA E 273 -8.92 4.02 37.90
C ALA E 273 -8.89 3.68 39.38
N ALA E 274 -10.05 3.64 40.04
CA ALA E 274 -10.09 3.32 41.46
C ALA E 274 -9.64 1.89 41.73
N THR E 275 -10.10 0.92 40.92
CA THR E 275 -9.67 -0.45 41.18
C THR E 275 -8.21 -0.66 40.82
N ASP E 276 -7.69 0.05 39.80
CA ASP E 276 -6.26 -0.03 39.51
C ASP E 276 -5.44 0.50 40.67
N TYR E 277 -5.78 1.67 41.19
CA TYR E 277 -4.98 2.24 42.27
C TYR E 277 -5.09 1.43 43.55
N ALA E 278 -6.29 0.91 43.86
CA ALA E 278 -6.45 0.08 45.05
C ALA E 278 -5.64 -1.20 44.96
N ILE E 279 -5.69 -1.87 43.80
CA ILE E 279 -4.91 -3.08 43.61
C ILE E 279 -3.42 -2.79 43.66
N PHE E 280 -2.99 -1.64 43.12
CA PHE E 280 -1.58 -1.24 43.16
C PHE E 280 -1.09 -1.09 44.59
N LEU E 281 -1.81 -0.30 45.40
CA LEU E 281 -1.40 -0.06 46.78
C LEU E 281 -1.42 -1.35 47.61
N ILE E 282 -2.48 -2.14 47.48
CA ILE E 282 -2.59 -3.36 48.29
C ILE E 282 -1.52 -4.38 47.87
N GLY E 283 -1.29 -4.53 46.56
CA GLY E 283 -0.29 -5.47 46.10
C GLY E 283 1.11 -5.08 46.49
N ARG E 284 1.43 -3.78 46.43
CA ARG E 284 2.76 -3.34 46.86
C ARG E 284 2.94 -3.54 48.37
N TYR E 285 1.89 -3.28 49.16
CA TYR E 285 2.00 -3.52 50.60
C TYR E 285 2.18 -4.99 50.92
N GLN E 286 1.42 -5.86 50.25
CA GLN E 286 1.53 -7.29 50.52
C GLN E 286 2.86 -7.85 50.07
N GLU E 287 3.40 -7.34 48.95
CA GLU E 287 4.74 -7.77 48.52
C GLU E 287 5.80 -7.30 49.50
N ALA E 288 5.66 -6.07 50.01
CA ALA E 288 6.63 -5.55 50.98
C ALA E 288 6.61 -6.34 52.28
N ARG E 289 5.41 -6.73 52.75
CA ARG E 289 5.35 -7.56 53.94
C ARG E 289 5.80 -8.99 53.64
N GLY E 290 5.62 -9.46 52.40
CA GLY E 290 6.13 -10.77 52.04
C GLY E 290 7.63 -10.82 51.88
N LEU E 291 8.28 -9.66 51.72
CA LEU E 291 9.74 -9.64 51.70
C LEU E 291 10.33 -10.01 53.06
N GLY E 292 9.66 -9.65 54.15
CA GLY E 292 10.10 -10.08 55.46
C GLY E 292 10.31 -8.97 56.47
N GLN E 293 9.73 -7.81 56.22
CA GLN E 293 9.85 -6.66 57.10
C GLN E 293 8.53 -6.42 57.85
N ASP E 294 8.61 -5.65 58.93
CA ASP E 294 7.46 -5.45 59.78
C ASP E 294 6.48 -4.46 59.16
N ARG E 295 5.36 -4.20 59.86
CA ARG E 295 4.18 -3.61 59.23
C ARG E 295 4.28 -2.11 59.02
N GLU E 296 5.22 -1.44 59.68
CA GLU E 296 5.31 0.02 59.56
C GLU E 296 6.22 0.44 58.41
N SER E 297 7.43 -0.14 58.34
CA SER E 297 8.30 0.14 57.21
C SER E 297 7.72 -0.42 55.92
N ALA E 298 6.90 -1.46 56.01
CA ALA E 298 6.18 -1.95 54.83
C ALA E 298 5.25 -0.87 54.29
N TYR E 299 4.52 -0.19 55.19
CA TYR E 299 3.67 0.92 54.77
C TYR E 299 4.49 2.06 54.19
N TYR E 300 5.62 2.38 54.83
CA TYR E 300 6.40 3.51 54.35
C TYR E 300 7.07 3.22 53.00
N THR E 301 7.52 1.97 52.79
CA THR E 301 8.11 1.63 51.49
C THR E 301 7.07 1.46 50.40
N MET E 302 5.86 0.99 50.71
CA MET E 302 4.84 0.96 49.66
C MET E 302 4.41 2.38 49.29
N PHE E 303 4.36 3.29 50.27
CA PHE E 303 4.09 4.70 49.96
C PHE E 303 5.20 5.27 49.07
N GLY E 304 6.45 5.14 49.50
CA GLY E 304 7.56 5.68 48.74
C GLY E 304 7.77 5.02 47.39
N GLY E 305 7.26 3.81 47.21
CA GLY E 305 7.33 3.13 45.94
C GLY E 305 6.27 3.57 44.96
N THR E 306 5.00 3.55 45.35
CA THR E 306 3.94 3.73 44.38
C THR E 306 3.21 5.07 44.47
N ALA E 307 3.54 5.93 45.43
CA ALA E 307 2.82 7.20 45.57
C ALA E 307 3.09 8.12 44.39
N HIS E 308 4.36 8.26 44.00
CA HIS E 308 4.68 9.08 42.84
C HIS E 308 4.20 8.43 41.55
N VAL E 309 4.12 7.09 41.52
CA VAL E 309 3.58 6.39 40.35
C VAL E 309 2.11 6.73 40.17
N VAL E 310 1.32 6.64 41.25
CA VAL E 310 -0.10 6.99 41.21
C VAL E 310 -0.28 8.46 40.86
N LEU E 311 0.57 9.33 41.44
CA LEU E 311 0.48 10.76 41.18
C LEU E 311 0.71 11.08 39.70
N GLY E 312 1.81 10.54 39.14
CA GLY E 312 2.11 10.80 37.75
C GLY E 312 1.11 10.19 36.78
N SER E 313 0.67 8.96 37.05
CA SER E 313 -0.32 8.31 36.20
C SER E 313 -1.64 9.06 36.21
N GLY E 314 -2.12 9.44 37.40
CA GLY E 314 -3.37 10.17 37.48
C GLY E 314 -3.29 11.54 36.83
N LEU E 315 -2.17 12.23 37.00
CA LEU E 315 -2.05 13.55 36.37
C LEU E 315 -1.91 13.45 34.85
N THR E 316 -1.26 12.41 34.32
CA THR E 316 -1.20 12.34 32.86
C THR E 316 -2.52 11.89 32.25
N ILE E 317 -3.29 11.03 32.93
CA ILE E 317 -4.65 10.74 32.46
C ILE E 317 -5.53 11.98 32.54
N ALA E 318 -5.39 12.76 33.63
CA ALA E 318 -6.16 14.00 33.76
C ALA E 318 -5.78 15.00 32.68
N GLY E 319 -4.50 15.10 32.34
CA GLY E 319 -4.08 16.00 31.28
C GLY E 319 -4.57 15.57 29.91
N ALA E 320 -4.54 14.26 29.62
CA ALA E 320 -5.08 13.77 28.36
C ALA E 320 -6.57 14.02 28.25
N THR E 321 -7.32 13.77 29.34
CA THR E 321 -8.75 14.00 29.31
C THR E 321 -9.09 15.48 29.28
N PHE E 322 -8.21 16.35 29.79
CA PHE E 322 -8.44 17.77 29.66
C PHE E 322 -8.15 18.25 28.24
N CYS E 323 -7.11 17.70 27.61
CA CYS E 323 -6.82 18.03 26.21
C CYS E 323 -7.88 17.46 25.27
N LEU E 324 -8.68 16.50 25.75
CA LEU E 324 -9.85 16.04 25.01
C LEU E 324 -10.90 17.14 24.84
N SER E 325 -10.83 18.22 25.61
CA SER E 325 -11.82 19.28 25.53
C SER E 325 -11.54 20.31 24.44
N PHE E 326 -10.45 20.16 23.69
CA PHE E 326 -10.08 21.12 22.63
C PHE E 326 -10.61 20.71 21.26
N THR E 327 -11.73 20.02 21.20
CA THR E 327 -12.18 19.37 19.97
C THR E 327 -13.45 20.05 19.46
N ARG E 328 -14.04 19.47 18.41
CA ARG E 328 -15.16 20.09 17.71
C ARG E 328 -16.32 19.12 17.55
N LEU E 329 -16.64 18.37 18.60
CA LEU E 329 -17.77 17.45 18.57
C LEU E 329 -18.43 17.51 19.95
N PRO E 330 -19.76 17.69 20.02
CA PRO E 330 -20.42 17.82 21.33
C PRO E 330 -20.37 16.57 22.18
N TYR E 331 -20.13 15.40 21.59
CA TYR E 331 -19.95 14.18 22.38
C TYR E 331 -18.65 14.20 23.17
N PHE E 332 -17.71 15.05 22.80
CA PHE E 332 -16.38 15.09 23.39
C PHE E 332 -16.00 16.41 24.00
N GLN E 333 -16.59 17.52 23.56
CA GLN E 333 -16.37 18.82 24.19
C GLN E 333 -16.87 18.84 25.62
N THR E 334 -18.05 18.26 25.86
CA THR E 334 -18.73 18.32 27.13
C THR E 334 -18.24 17.25 28.10
N LEU E 335 -17.15 16.56 27.78
CA LEU E 335 -16.73 15.39 28.53
C LEU E 335 -15.40 15.60 29.24
N GLY E 336 -14.57 16.51 28.72
CA GLY E 336 -13.20 16.62 29.19
C GLY E 336 -13.06 17.21 30.57
N VAL E 337 -13.72 18.35 30.82
CA VAL E 337 -13.68 18.96 32.16
C VAL E 337 -14.29 18.08 33.24
N PRO E 338 -15.47 17.44 33.04
CA PRO E 338 -15.91 16.45 34.05
C PRO E 338 -14.95 15.30 34.27
N LEU E 339 -14.34 14.74 33.21
CA LEU E 339 -13.36 13.67 33.44
C LEU E 339 -12.15 14.18 34.20
N ALA E 340 -11.68 15.39 33.88
CA ALA E 340 -10.49 15.92 34.53
C ALA E 340 -10.74 16.14 36.01
N ILE E 341 -11.85 16.80 36.36
CA ILE E 341 -12.16 17.05 37.76
C ILE E 341 -12.38 15.75 38.51
N GLY E 342 -13.14 14.81 37.91
CA GLY E 342 -13.35 13.53 38.55
C GLY E 342 -12.07 12.76 38.78
N MET E 343 -11.13 12.83 37.84
CA MET E 343 -9.84 12.16 38.05
C MET E 343 -9.02 12.84 39.13
N VAL E 344 -9.14 14.16 39.29
CA VAL E 344 -8.46 14.81 40.42
C VAL E 344 -9.00 14.31 41.76
N ILE E 345 -10.33 14.18 41.87
CA ILE E 345 -10.88 13.60 43.10
C ILE E 345 -10.45 12.14 43.27
N VAL E 346 -10.36 11.38 42.18
CA VAL E 346 -9.91 9.98 42.29
C VAL E 346 -8.48 9.89 42.80
N VAL E 347 -7.58 10.73 42.26
CA VAL E 347 -6.19 10.72 42.69
C VAL E 347 -6.08 11.17 44.15
N ALA E 348 -6.82 12.22 44.53
CA ALA E 348 -6.77 12.70 45.91
C ALA E 348 -7.28 11.65 46.88
N ALA E 349 -8.37 10.96 46.52
CA ALA E 349 -8.91 9.91 47.37
C ALA E 349 -7.93 8.75 47.50
N ALA E 350 -7.39 8.27 46.37
CA ALA E 350 -6.45 7.15 46.41
C ALA E 350 -5.13 7.51 47.08
N LEU E 351 -4.81 8.80 47.20
CA LEU E 351 -3.58 9.21 47.85
C LEU E 351 -3.77 9.48 49.34
N THR E 352 -4.94 9.93 49.79
CA THR E 352 -5.15 10.24 51.20
C THR E 352 -6.03 9.24 51.92
N LEU E 353 -7.21 8.91 51.37
CA LEU E 353 -8.10 7.98 52.05
C LEU E 353 -7.54 6.56 51.99
N GLY E 354 -6.94 6.19 50.87
CA GLY E 354 -6.40 4.87 50.64
C GLY E 354 -5.34 4.44 51.65
N PRO E 355 -4.18 5.12 51.66
CA PRO E 355 -3.14 4.77 52.65
C PRO E 355 -3.58 4.92 54.09
N ALA E 356 -4.49 5.85 54.40
CA ALA E 356 -4.98 5.99 55.76
C ALA E 356 -5.76 4.76 56.20
N ILE E 357 -6.64 4.24 55.34
CA ILE E 357 -7.42 3.09 55.75
C ILE E 357 -6.57 1.82 55.71
N ILE E 358 -5.56 1.77 54.83
CA ILE E 358 -4.58 0.68 54.89
C ILE E 358 -3.85 0.68 56.22
N ALA E 359 -3.44 1.86 56.69
CA ALA E 359 -2.75 1.97 57.97
C ALA E 359 -3.65 1.58 59.14
N VAL E 360 -4.91 2.05 59.14
CA VAL E 360 -5.75 1.80 60.30
C VAL E 360 -6.20 0.33 60.34
N THR E 361 -6.40 -0.30 59.17
CA THR E 361 -6.67 -1.74 59.19
C THR E 361 -5.42 -2.57 59.43
N SER E 362 -4.24 -1.99 59.20
CA SER E 362 -3.00 -2.68 59.53
C SER E 362 -2.79 -2.72 61.04
N ARG E 363 -2.97 -1.58 61.70
CA ARG E 363 -2.67 -1.51 63.12
C ARG E 363 -3.87 -1.85 64.01
N PHE E 364 -5.05 -2.06 63.42
CA PHE E 364 -6.17 -2.58 64.20
C PHE E 364 -5.88 -3.98 64.70
N GLY E 365 -5.25 -4.80 63.86
CA GLY E 365 -4.86 -6.14 64.25
C GLY E 365 -4.29 -6.93 63.10
N LYS E 366 -4.70 -8.19 62.97
CA LYS E 366 -4.28 -9.06 61.87
C LYS E 366 -5.42 -9.03 60.86
N LEU E 367 -5.30 -8.16 59.86
CA LEU E 367 -6.30 -8.04 58.81
C LEU E 367 -5.72 -8.31 57.44
N LEU E 368 -4.68 -7.60 57.04
CA LEU E 368 -4.09 -7.71 55.71
C LEU E 368 -2.85 -8.59 55.81
N GLU E 369 -2.93 -9.82 55.29
CA GLU E 369 -1.86 -10.79 55.48
C GLU E 369 -1.44 -11.37 54.14
N PRO E 370 -0.14 -11.59 53.92
CA PRO E 370 0.28 -12.39 52.78
C PRO E 370 0.17 -13.88 53.11
N LYS E 371 -0.39 -14.63 52.17
CA LYS E 371 -0.60 -16.06 52.37
C LYS E 371 -0.62 -16.74 51.01
N ARG E 372 0.18 -17.80 50.87
CA ARG E 372 0.30 -18.60 49.64
C ARG E 372 0.73 -17.71 48.47
N MET E 373 1.98 -17.25 48.57
CA MET E 373 2.59 -16.43 47.54
C MET E 373 3.17 -17.35 46.47
N ALA E 374 2.39 -17.62 45.43
CA ALA E 374 2.83 -18.45 44.31
C ALA E 374 2.78 -17.74 42.98
N ARG E 375 2.13 -16.58 42.89
CA ARG E 375 2.17 -15.80 41.66
C ARG E 375 3.55 -15.21 41.41
N VAL E 376 4.23 -14.81 42.50
CA VAL E 376 5.53 -14.15 42.37
C VAL E 376 6.56 -15.09 41.77
N ARG E 377 6.60 -16.34 42.23
CA ARG E 377 7.61 -17.28 41.74
C ARG E 377 7.34 -17.65 40.28
N GLY E 378 6.06 -17.79 39.92
CA GLY E 378 5.73 -18.06 38.53
C GLY E 378 6.08 -16.92 37.60
N TRP E 379 5.87 -15.69 38.06
CA TRP E 379 6.23 -14.55 37.21
C TRP E 379 7.73 -14.33 37.15
N ARG E 380 8.48 -14.71 38.19
CA ARG E 380 9.93 -14.74 38.07
C ARG E 380 10.39 -15.82 37.09
N LYS E 381 9.68 -16.95 37.03
CA LYS E 381 9.98 -17.95 36.00
C LYS E 381 9.73 -17.39 34.60
N VAL E 382 8.63 -16.66 34.42
CA VAL E 382 8.33 -16.03 33.14
C VAL E 382 9.41 -14.99 32.79
N GLY E 383 9.85 -14.22 33.79
CA GLY E 383 10.93 -13.28 33.56
C GLY E 383 12.24 -13.94 33.17
N ALA E 384 12.55 -15.06 33.82
CA ALA E 384 13.74 -15.83 33.45
C ALA E 384 13.63 -16.37 32.04
N ALA E 385 12.42 -16.73 31.61
CA ALA E 385 12.23 -17.18 30.23
C ALA E 385 12.41 -16.04 29.25
N ILE E 386 11.94 -14.83 29.58
CA ILE E 386 12.00 -13.76 28.60
C ILE E 386 13.41 -13.15 28.53
N VAL E 387 14.18 -13.25 29.62
CA VAL E 387 15.55 -12.73 29.60
C VAL E 387 16.46 -13.55 28.68
N ARG E 388 16.45 -14.87 28.82
CA ARG E 388 17.46 -15.68 28.13
C ARG E 388 17.22 -15.73 26.62
N TRP E 389 15.97 -15.73 26.17
CA TRP E 389 15.65 -15.81 24.76
C TRP E 389 14.74 -14.66 24.35
N PRO E 390 15.26 -13.42 24.26
CA PRO E 390 14.40 -12.29 23.88
C PRO E 390 13.98 -12.35 22.43
N GLY E 391 14.86 -12.84 21.55
CA GLY E 391 14.62 -12.88 20.13
C GLY E 391 13.41 -13.68 19.70
N PRO E 392 13.45 -15.01 19.89
CA PRO E 392 12.31 -15.85 19.48
C PRO E 392 10.99 -15.52 20.16
N ILE E 393 11.01 -15.14 21.44
CA ILE E 393 9.78 -14.76 22.12
C ILE E 393 9.23 -13.47 21.53
N LEU E 394 10.12 -12.53 21.18
CA LEU E 394 9.70 -11.31 20.52
C LEU E 394 9.09 -11.62 19.14
N VAL E 395 9.68 -12.58 18.42
CA VAL E 395 9.12 -13.00 17.14
C VAL E 395 7.73 -13.61 17.32
N GLY E 396 7.54 -14.42 18.36
CA GLY E 396 6.23 -14.98 18.61
C GLY E 396 5.18 -13.95 18.98
N ALA E 397 5.56 -12.98 19.83
CA ALA E 397 4.63 -11.92 20.22
C ALA E 397 4.28 -11.03 19.03
N VAL E 398 5.26 -10.69 18.19
CA VAL E 398 4.98 -9.92 16.99
C VAL E 398 4.18 -10.73 15.98
N ALA E 399 4.34 -12.06 15.96
CA ALA E 399 3.51 -12.91 15.11
C ALA E 399 2.06 -12.86 15.53
N LEU E 400 1.79 -12.92 16.84
CA LEU E 400 0.42 -12.77 17.33
C LEU E 400 -0.13 -11.37 17.07
N ALA E 401 0.74 -10.35 17.19
CA ALA E 401 0.31 -8.99 16.87
C ALA E 401 -0.06 -8.85 15.41
N LEU E 402 0.72 -9.43 14.50
CA LEU E 402 0.40 -9.40 13.08
C LEU E 402 -0.81 -10.27 12.77
N VAL E 403 -1.08 -11.30 13.56
CA VAL E 403 -2.36 -11.99 13.46
C VAL E 403 -3.50 -11.04 13.76
N GLY E 404 -3.33 -10.20 14.79
CA GLY E 404 -4.35 -9.20 15.10
C GLY E 404 -4.51 -8.12 14.05
N LEU E 405 -3.40 -7.68 13.45
CA LEU E 405 -3.41 -6.45 12.65
C LEU E 405 -3.96 -6.62 11.23
N LEU E 406 -3.85 -7.82 10.63
CA LEU E 406 -4.16 -7.96 9.22
C LEU E 406 -5.65 -7.81 8.90
N THR E 407 -6.53 -8.03 9.86
CA THR E 407 -7.96 -7.83 9.63
C THR E 407 -8.40 -6.40 9.89
N LEU E 408 -7.52 -5.56 10.43
CA LEU E 408 -7.85 -4.16 10.67
C LEU E 408 -8.20 -3.34 9.42
N PRO E 409 -7.51 -3.44 8.27
CA PRO E 409 -7.92 -2.63 7.11
C PRO E 409 -9.33 -2.88 6.61
N GLY E 410 -9.89 -4.08 6.85
CA GLY E 410 -11.28 -4.32 6.50
C GLY E 410 -12.19 -4.10 7.68
N TYR E 411 -12.85 -2.94 7.73
CA TYR E 411 -13.65 -2.58 8.90
C TYR E 411 -14.71 -1.57 8.49
N ARG E 412 -15.98 -1.90 8.78
CA ARG E 412 -17.11 -1.07 8.42
C ARG E 412 -17.91 -0.67 9.66
N THR E 413 -18.78 0.31 9.49
CA THR E 413 -19.58 0.84 10.58
C THR E 413 -21.04 0.99 10.16
N ASN E 414 -21.91 1.08 11.16
CA ASN E 414 -23.32 1.35 10.95
C ASN E 414 -23.76 2.45 11.91
N TYR E 415 -24.61 3.35 11.41
CA TYR E 415 -25.11 4.46 12.21
C TYR E 415 -26.57 4.30 12.62
N ASN E 416 -27.28 3.32 12.05
CA ASN E 416 -28.68 3.08 12.39
C ASN E 416 -28.71 2.42 13.76
N ASP E 417 -29.47 3.00 14.70
CA ASP E 417 -29.52 2.50 16.07
C ASP E 417 -30.72 1.60 16.33
N ARG E 418 -31.54 1.33 15.31
CA ARG E 418 -32.67 0.42 15.48
C ARG E 418 -32.21 -1.02 15.65
N ASN E 419 -31.18 -1.44 14.92
CA ASN E 419 -30.73 -2.82 14.96
C ASN E 419 -29.69 -3.07 16.06
N TYR E 420 -29.61 -2.19 17.05
CA TYR E 420 -28.83 -2.45 18.26
C TYR E 420 -29.69 -2.36 19.51
N LEU E 421 -30.99 -2.49 19.37
CA LEU E 421 -31.95 -2.34 20.46
C LEU E 421 -32.84 -3.57 20.52
N PRO E 422 -33.38 -3.90 21.69
CA PRO E 422 -34.37 -4.98 21.78
C PRO E 422 -35.62 -4.65 20.97
N ALA E 423 -36.27 -5.70 20.48
CA ALA E 423 -37.40 -5.55 19.57
C ALA E 423 -38.72 -5.29 20.29
N ASP E 424 -38.74 -5.25 21.61
CA ASP E 424 -39.96 -5.05 22.37
C ASP E 424 -40.34 -3.59 22.57
N LEU E 425 -39.53 -2.65 22.08
CA LEU E 425 -39.85 -1.24 22.24
C LEU E 425 -41.03 -0.87 21.33
N PRO E 426 -41.88 0.08 21.76
CA PRO E 426 -42.99 0.51 20.89
C PRO E 426 -42.56 1.17 19.60
N ALA E 427 -41.42 1.86 19.60
CA ALA E 427 -40.89 2.41 18.37
C ALA E 427 -40.52 1.31 17.38
N ASN E 428 -40.01 0.19 17.89
CA ASN E 428 -39.59 -0.90 17.01
C ASN E 428 -40.80 -1.60 16.39
N GLU E 429 -41.88 -1.79 17.15
CA GLU E 429 -43.06 -2.40 16.55
C GLU E 429 -43.79 -1.42 15.64
N GLY E 430 -43.70 -0.12 15.92
CA GLY E 430 -44.18 0.86 14.95
C GLY E 430 -43.40 0.83 13.66
N TYR E 431 -42.07 0.65 13.76
CA TYR E 431 -41.24 0.48 12.57
C TYR E 431 -41.60 -0.78 11.81
N ALA E 432 -41.87 -1.87 12.53
CA ALA E 432 -42.27 -3.12 11.89
C ALA E 432 -43.62 -2.98 11.19
N ALA E 433 -44.54 -2.23 11.79
CA ALA E 433 -45.83 -1.97 11.13
C ALA E 433 -45.64 -1.11 9.89
N ALA E 434 -44.72 -0.15 9.94
CA ALA E 434 -44.44 0.68 8.76
C ALA E 434 -43.79 -0.13 7.65
N GLU E 435 -42.90 -1.07 8.01
CA GLU E 435 -42.18 -1.85 7.01
C GLU E 435 -43.06 -2.88 6.31
N ARG E 436 -44.19 -3.26 6.92
CA ARG E 436 -45.05 -4.27 6.31
C ARG E 436 -45.80 -3.72 5.10
N HIS E 437 -46.05 -2.41 5.07
CA HIS E 437 -46.81 -1.80 3.99
C HIS E 437 -46.00 -0.83 3.14
N PHE E 438 -44.85 -0.37 3.61
CA PHE E 438 -44.00 0.56 2.88
C PHE E 438 -42.70 -0.14 2.51
N SER E 439 -42.33 -0.07 1.23
CA SER E 439 -41.12 -0.72 0.74
C SER E 439 -39.87 0.12 0.92
N GLN E 440 -40.00 1.30 1.52
CA GLN E 440 -38.92 2.28 1.62
C GLN E 440 -38.67 2.63 3.08
N ALA E 441 -37.69 3.49 3.31
CA ALA E 441 -37.47 4.06 4.63
C ALA E 441 -38.18 5.41 4.72
N ARG E 442 -39.50 5.35 4.69
CA ARG E 442 -40.33 6.55 4.69
C ARG E 442 -40.41 7.23 6.05
N MET E 443 -39.99 6.55 7.12
CA MET E 443 -40.04 7.15 8.46
C MET E 443 -38.91 8.13 8.72
N ASN E 444 -37.84 8.11 7.90
CA ASN E 444 -36.69 8.99 8.06
C ASN E 444 -36.47 9.75 6.75
N PRO E 445 -37.23 10.79 6.48
CA PRO E 445 -37.04 11.56 5.24
C PRO E 445 -35.93 12.58 5.39
N GLU E 446 -35.63 13.25 4.27
CA GLU E 446 -34.68 14.35 4.22
C GLU E 446 -35.38 15.53 3.57
N VAL E 447 -34.95 16.74 3.93
CA VAL E 447 -35.53 17.96 3.39
C VAL E 447 -34.43 18.75 2.69
N LEU E 448 -34.67 19.11 1.44
CA LEU E 448 -33.75 19.96 0.69
C LEU E 448 -34.45 21.26 0.37
N MET E 449 -33.87 22.37 0.83
CA MET E 449 -34.39 23.70 0.53
C MET E 449 -33.46 24.41 -0.44
N VAL E 450 -34.05 25.05 -1.44
CA VAL E 450 -33.35 25.94 -2.35
C VAL E 450 -33.90 27.34 -2.12
N GLU E 451 -33.00 28.29 -1.82
CA GLU E 451 -33.39 29.66 -1.49
C GLU E 451 -32.77 30.62 -2.50
N SER E 452 -33.62 31.34 -3.22
CA SER E 452 -33.23 32.30 -4.24
C SER E 452 -33.73 33.69 -3.85
N ASP E 453 -33.31 34.70 -4.59
CA ASP E 453 -33.58 36.10 -4.24
C ASP E 453 -34.72 36.72 -5.04
N HIS E 454 -35.71 35.92 -5.44
CA HIS E 454 -36.87 36.46 -6.13
C HIS E 454 -38.05 35.52 -5.92
N ASP E 455 -39.24 36.00 -6.32
CA ASP E 455 -40.47 35.27 -6.09
C ASP E 455 -40.54 34.02 -6.97
N MET E 456 -41.03 32.93 -6.40
CA MET E 456 -41.02 31.63 -7.06
C MET E 456 -42.38 31.17 -7.58
N ARG E 457 -43.37 32.07 -7.62
CA ARG E 457 -44.67 31.73 -8.20
C ARG E 457 -44.66 32.14 -9.66
N ASN E 458 -44.00 31.33 -10.48
CA ASN E 458 -43.90 31.59 -11.92
C ASN E 458 -43.79 30.24 -12.63
N SER E 459 -44.22 30.21 -13.89
CA SER E 459 -44.30 28.94 -14.62
C SER E 459 -42.93 28.42 -15.02
N ALA E 460 -42.07 29.30 -15.54
CA ALA E 460 -40.72 28.87 -15.94
C ALA E 460 -39.88 28.46 -14.72
N ASP E 461 -40.07 29.15 -13.61
CA ASP E 461 -39.37 28.75 -12.38
C ASP E 461 -39.91 27.41 -11.91
N PHE E 462 -41.20 27.16 -12.09
CA PHE E 462 -41.77 25.85 -11.77
C PHE E 462 -41.18 24.75 -12.65
N LEU E 463 -40.90 25.07 -13.92
CA LEU E 463 -40.19 24.13 -14.78
C LEU E 463 -38.79 23.84 -14.23
N VAL E 464 -38.12 24.88 -13.71
CA VAL E 464 -36.81 24.67 -13.11
C VAL E 464 -36.91 23.79 -11.86
N ILE E 465 -37.96 23.99 -11.05
CA ILE E 465 -38.18 23.14 -9.87
C ILE E 465 -38.41 21.68 -10.27
N ASN E 466 -39.17 21.47 -11.35
CA ASN E 466 -39.36 20.11 -11.84
C ASN E 466 -38.04 19.50 -12.32
N LYS E 467 -37.20 20.32 -12.95
CA LYS E 467 -35.87 19.87 -13.36
C LYS E 467 -35.02 19.47 -12.16
N ILE E 468 -35.07 20.25 -11.08
CA ILE E 468 -34.33 19.90 -9.86
C ILE E 468 -34.85 18.59 -9.28
N ALA E 469 -36.17 18.42 -9.24
CA ALA E 469 -36.75 17.20 -8.68
C ALA E 469 -36.38 15.97 -9.51
N LYS E 470 -36.41 16.10 -10.83
CA LYS E 470 -36.00 14.99 -11.71
C LYS E 470 -34.52 14.67 -11.54
N ALA E 471 -33.67 15.69 -11.40
CA ALA E 471 -32.24 15.45 -11.24
C ALA E 471 -31.92 14.80 -9.90
N ILE E 472 -32.64 15.18 -8.84
CA ILE E 472 -32.43 14.53 -7.54
C ILE E 472 -32.95 13.09 -7.58
N PHE E 473 -34.03 12.86 -8.32
CA PHE E 473 -34.63 11.52 -8.40
C PHE E 473 -33.69 10.51 -9.04
N ALA E 474 -32.80 10.94 -9.93
CA ALA E 474 -31.96 10.04 -10.71
C ALA E 474 -30.71 9.57 -9.95
N VAL E 475 -30.50 10.03 -8.72
CA VAL E 475 -29.37 9.55 -7.93
C VAL E 475 -29.64 8.09 -7.56
N GLU E 476 -28.60 7.26 -7.68
CA GLU E 476 -28.72 5.82 -7.44
C GLU E 476 -28.96 5.58 -5.96
N GLY E 477 -30.21 5.26 -5.61
CA GLY E 477 -30.55 4.96 -4.23
C GLY E 477 -31.68 5.79 -3.68
N ILE E 478 -32.16 6.75 -4.45
CA ILE E 478 -33.23 7.65 -4.02
C ILE E 478 -34.54 7.12 -4.58
N SER E 479 -35.46 6.75 -3.69
CA SER E 479 -36.71 6.13 -4.12
C SER E 479 -37.81 7.15 -4.39
N ARG E 480 -38.03 8.09 -3.47
CA ARG E 480 -39.09 9.07 -3.65
C ARG E 480 -38.55 10.47 -3.45
N VAL E 481 -39.00 11.39 -4.31
CA VAL E 481 -38.90 12.83 -4.04
C VAL E 481 -40.30 13.43 -4.16
N GLN E 482 -40.71 14.14 -3.13
CA GLN E 482 -41.98 14.85 -3.11
C GLN E 482 -41.70 16.33 -3.28
N ALA E 483 -42.31 16.92 -4.30
CA ALA E 483 -42.20 18.33 -4.63
C ALA E 483 -43.60 18.88 -4.82
N ILE E 484 -43.67 20.18 -5.09
CA ILE E 484 -44.96 20.78 -5.43
C ILE E 484 -45.42 20.29 -6.80
N THR E 485 -44.47 19.99 -7.70
CA THR E 485 -44.80 19.58 -9.06
C THR E 485 -45.44 18.19 -9.08
N ARG E 486 -44.84 17.21 -8.40
CA ARG E 486 -45.33 15.83 -8.38
C ARG E 486 -45.42 15.39 -6.92
N PRO E 487 -46.58 15.57 -6.29
CA PRO E 487 -46.69 15.28 -4.85
C PRO E 487 -46.58 13.80 -4.49
N ASP E 488 -46.90 12.89 -5.40
CA ASP E 488 -46.90 11.48 -5.04
C ASP E 488 -45.50 10.89 -4.96
N GLY E 489 -44.57 11.35 -5.80
CA GLY E 489 -43.21 10.86 -5.75
C GLY E 489 -42.75 10.13 -7.00
N LYS E 490 -43.35 10.45 -8.14
CA LYS E 490 -42.97 9.85 -9.43
C LYS E 490 -42.76 10.96 -10.46
N PRO E 491 -41.61 11.66 -10.43
CA PRO E 491 -41.36 12.70 -11.44
C PRO E 491 -40.81 12.13 -12.75
N ILE E 492 -41.62 11.27 -13.39
CA ILE E 492 -41.19 10.51 -14.55
C ILE E 492 -41.95 10.90 -15.81
N GLU E 493 -42.51 12.10 -15.84
CA GLU E 493 -43.25 12.57 -17.01
C GLU E 493 -42.85 14.00 -17.33
N SER E 494 -43.07 14.39 -18.59
CA SER E 494 -42.91 15.78 -18.98
C SER E 494 -44.01 16.62 -18.33
N PHE E 495 -43.64 17.80 -17.86
CA PHE E 495 -44.51 18.63 -17.05
C PHE E 495 -44.76 19.98 -17.71
N TYR E 496 -46.00 20.45 -17.63
CA TYR E 496 -46.38 21.80 -18.01
C TYR E 496 -47.45 22.28 -17.05
N LEU E 497 -47.51 23.59 -16.85
CA LEU E 497 -48.49 24.14 -15.92
C LEU E 497 -48.96 25.52 -16.37
N PRO E 498 -50.24 25.64 -16.77
CA PRO E 498 -50.75 26.95 -17.14
C PRO E 498 -50.88 27.84 -15.92
N PRO E 499 -50.79 29.17 -16.10
CA PRO E 499 -50.69 30.07 -14.94
C PRO E 499 -52.00 30.35 -14.22
N GLU E 500 -53.14 29.87 -14.73
CA GLU E 500 -54.41 30.15 -14.07
C GLU E 500 -54.66 29.25 -12.85
N VAL E 501 -53.74 28.35 -12.51
CA VAL E 501 -53.91 27.48 -11.36
C VAL E 501 -53.77 28.22 -10.04
N PHE E 502 -53.33 29.47 -10.05
CA PHE E 502 -53.11 30.24 -8.84
C PHE E 502 -54.41 30.79 -8.23
N ASP E 503 -55.58 30.40 -8.73
CA ASP E 503 -56.83 30.86 -8.15
C ASP E 503 -57.60 29.79 -7.38
N ASN E 504 -57.27 28.51 -7.56
CA ASN E 504 -57.99 27.45 -6.87
C ASN E 504 -57.45 27.32 -5.46
N PRO E 505 -58.30 27.44 -4.43
CA PRO E 505 -57.79 27.49 -3.04
C PRO E 505 -57.08 26.23 -2.60
N ASP E 506 -57.38 25.08 -3.19
CA ASP E 506 -56.70 23.84 -2.84
C ASP E 506 -55.25 23.86 -3.34
N PHE E 507 -55.03 24.40 -4.54
CA PHE E 507 -53.66 24.60 -5.02
C PHE E 507 -52.93 25.64 -4.18
N GLN E 508 -53.64 26.65 -3.68
CA GLN E 508 -53.03 27.61 -2.75
C GLN E 508 -52.62 26.92 -1.45
N ARG E 509 -53.44 25.99 -0.95
CA ARG E 509 -53.06 25.21 0.23
C ARG E 509 -51.79 24.40 -0.05
N GLY E 510 -51.72 23.78 -1.23
CA GLY E 510 -50.49 23.09 -1.60
C GLY E 510 -49.29 24.01 -1.69
N LEU E 511 -49.52 25.24 -2.17
CA LEU E 511 -48.43 26.21 -2.30
C LEU E 511 -47.91 26.66 -0.93
N GLU E 512 -48.82 26.86 0.04
CA GLU E 512 -48.36 27.13 1.40
C GLU E 512 -47.69 25.90 2.02
N GLN E 513 -48.09 24.71 1.59
CA GLN E 513 -47.48 23.50 2.14
C GLN E 513 -46.05 23.33 1.64
N PHE E 514 -45.78 23.65 0.38
CA PHE E 514 -44.47 23.36 -0.19
C PHE E 514 -43.58 24.60 -0.33
N LEU E 515 -44.07 25.67 -0.94
CA LEU E 515 -43.27 26.88 -1.06
C LEU E 515 -43.29 27.70 0.22
N SER E 516 -42.37 28.65 0.28
CA SER E 516 -42.27 29.60 1.39
C SER E 516 -43.50 30.51 1.41
N PRO E 517 -43.89 31.04 2.58
CA PRO E 517 -44.96 32.03 2.61
C PRO E 517 -44.64 33.32 1.85
N ASP E 518 -43.38 33.73 1.83
CA ASP E 518 -42.96 34.88 1.04
C ASP E 518 -42.50 34.50 -0.37
N GLY E 519 -42.47 33.22 -0.70
CA GLY E 519 -42.13 32.79 -2.04
C GLY E 519 -40.67 32.90 -2.40
N HIS E 520 -39.77 32.72 -1.44
CA HIS E 520 -38.33 32.83 -1.69
C HIS E 520 -37.59 31.54 -1.38
N ALA E 521 -38.31 30.43 -1.18
CA ALA E 521 -37.66 29.17 -0.87
C ALA E 521 -38.57 28.03 -1.31
N VAL E 522 -37.96 26.93 -1.71
CA VAL E 522 -38.69 25.73 -2.11
C VAL E 522 -38.06 24.53 -1.41
N ARG E 523 -38.89 23.55 -1.03
CA ARG E 523 -38.41 22.38 -0.33
C ARG E 523 -38.90 21.11 -1.00
N PHE E 524 -38.03 20.09 -0.96
CA PHE E 524 -38.30 18.75 -1.46
C PHE E 524 -38.11 17.76 -0.33
N ILE E 525 -39.01 16.77 -0.25
CA ILE E 525 -38.94 15.75 0.79
C ILE E 525 -38.49 14.44 0.13
N ILE E 526 -37.38 13.89 0.61
CA ILE E 526 -36.66 12.82 -0.09
C ILE E 526 -36.65 11.58 0.78
N SER E 527 -37.08 10.46 0.20
CA SER E 527 -37.12 9.16 0.87
C SER E 527 -36.18 8.19 0.16
N HIS E 528 -35.28 7.59 0.93
CA HIS E 528 -34.18 6.78 0.41
C HIS E 528 -34.66 5.38 0.07
N GLU E 529 -33.70 4.48 -0.18
CA GLU E 529 -33.94 3.06 -0.39
C GLU E 529 -33.20 2.25 0.65
N GLY E 530 -33.85 1.21 1.16
CA GLY E 530 -33.22 0.32 2.11
C GLY E 530 -32.89 0.98 3.43
N ASP E 531 -31.61 0.94 3.80
CA ASP E 531 -31.15 1.53 5.05
C ASP E 531 -30.54 2.90 4.75
N PRO E 532 -31.15 3.99 5.23
CA PRO E 532 -30.58 5.32 4.95
C PRO E 532 -29.46 5.72 5.90
N MET E 533 -29.21 4.97 6.97
CA MET E 533 -28.15 5.27 7.92
C MET E 533 -26.94 4.37 7.75
N SER E 534 -26.87 3.60 6.67
CA SER E 534 -25.69 2.81 6.38
C SER E 534 -24.62 3.69 5.73
N GLN E 535 -23.48 3.09 5.39
CA GLN E 535 -22.39 3.84 4.77
C GLN E 535 -22.80 4.38 3.40
N ALA E 536 -23.54 3.57 2.63
CA ALA E 536 -24.05 4.04 1.35
C ALA E 536 -25.03 5.18 1.54
N GLY E 537 -25.89 5.10 2.56
CA GLY E 537 -26.81 6.18 2.85
C GLY E 537 -26.11 7.46 3.26
N ILE E 538 -24.98 7.34 3.94
CA ILE E 538 -24.15 8.50 4.23
C ILE E 538 -23.59 9.08 2.93
N ALA E 539 -23.13 8.22 2.02
CA ALA E 539 -22.50 8.70 0.80
C ALA E 539 -23.49 9.28 -0.21
N ARG E 540 -24.79 8.96 -0.09
CA ARG E 540 -25.76 9.44 -1.06
C ARG E 540 -25.98 10.95 -1.02
N ILE E 541 -25.91 11.56 0.17
CA ILE E 541 -26.37 12.93 0.33
C ILE E 541 -25.42 13.92 -0.36
N ALA E 542 -24.12 13.62 -0.41
CA ALA E 542 -23.19 14.47 -1.16
C ALA E 542 -23.54 14.46 -2.65
N LYS E 543 -23.91 13.29 -3.16
CA LYS E 543 -24.37 13.20 -4.54
C LYS E 543 -25.69 13.92 -4.75
N ILE E 544 -26.55 13.94 -3.73
CA ILE E 544 -27.82 14.69 -3.80
C ILE E 544 -27.53 16.19 -3.95
N LYS E 545 -26.65 16.71 -3.09
CA LYS E 545 -26.32 18.13 -3.13
C LYS E 545 -25.63 18.49 -4.44
N THR E 546 -24.73 17.63 -4.92
CA THR E 546 -24.06 17.86 -6.20
C THR E 546 -25.05 17.85 -7.35
N ALA E 547 -26.02 16.92 -7.34
CA ALA E 547 -27.01 16.84 -8.39
C ALA E 547 -27.92 18.07 -8.40
N ALA E 548 -28.29 18.56 -7.22
CA ALA E 548 -29.05 19.81 -7.16
C ALA E 548 -28.23 20.99 -7.68
N LYS E 549 -26.93 21.01 -7.36
CA LYS E 549 -26.07 22.11 -7.78
C LYS E 549 -25.91 22.15 -9.29
N GLU E 550 -25.71 20.99 -9.94
CA GLU E 550 -25.72 21.02 -11.41
C GLU E 550 -27.12 21.06 -12.00
N ALA E 551 -28.17 20.90 -11.18
CA ALA E 551 -29.52 21.13 -11.69
C ALA E 551 -29.83 22.61 -11.78
N ILE E 552 -29.30 23.44 -10.87
CA ILE E 552 -29.58 24.87 -10.91
C ILE E 552 -28.68 25.66 -11.84
N LYS E 553 -27.73 25.00 -12.51
CA LYS E 553 -26.79 25.71 -13.38
C LYS E 553 -27.45 26.08 -14.71
N GLY E 554 -27.25 27.32 -15.14
CA GLY E 554 -27.76 27.80 -16.41
C GLY E 554 -29.14 28.44 -16.34
N THR E 555 -29.89 28.20 -15.28
CA THR E 555 -31.19 28.80 -15.08
C THR E 555 -31.01 30.19 -14.46
N PRO E 556 -32.05 31.05 -14.49
CA PRO E 556 -31.97 32.30 -13.73
C PRO E 556 -31.93 32.09 -12.22
N LEU E 557 -32.20 30.89 -11.75
CA LEU E 557 -32.09 30.50 -10.35
C LEU E 557 -30.66 30.11 -9.98
N GLU E 558 -29.72 30.16 -10.92
CA GLU E 558 -28.33 29.85 -10.63
C GLU E 558 -27.74 30.85 -9.64
N GLY E 559 -27.06 30.33 -8.61
CA GLY E 559 -26.54 31.15 -7.54
C GLY E 559 -27.35 31.15 -6.27
N SER E 560 -28.21 30.14 -6.06
CA SER E 560 -29.03 30.07 -4.87
C SER E 560 -28.27 29.43 -3.72
N ALA E 561 -28.93 29.33 -2.58
CA ALA E 561 -28.39 28.67 -1.40
C ALA E 561 -29.11 27.34 -1.22
N ILE E 562 -28.34 26.26 -1.15
CA ILE E 562 -28.88 24.91 -1.07
C ILE E 562 -28.62 24.38 0.33
N TYR E 563 -29.71 24.07 1.04
CA TYR E 563 -29.65 23.55 2.39
C TYR E 563 -30.20 22.13 2.42
N LEU E 564 -29.54 21.24 3.15
CA LEU E 564 -29.96 19.87 3.27
C LEU E 564 -30.03 19.49 4.74
N GLY E 565 -31.18 18.99 5.17
CA GLY E 565 -31.36 18.61 6.55
C GLY E 565 -32.00 17.24 6.67
N GLY E 566 -31.74 16.60 7.79
CA GLY E 566 -32.30 15.29 8.06
C GLY E 566 -31.36 14.47 8.92
N THR E 567 -31.69 13.19 9.03
CA THR E 567 -30.92 12.29 9.90
C THR E 567 -29.57 11.93 9.28
N ALA E 568 -29.56 11.62 7.97
CA ALA E 568 -28.32 11.20 7.32
C ALA E 568 -27.33 12.35 7.19
N ALA E 569 -27.81 13.58 6.98
CA ALA E 569 -26.92 14.74 6.97
C ALA E 569 -26.24 14.92 8.32
N MET E 570 -27.01 14.77 9.39
CA MET E 570 -26.46 14.85 10.74
C MET E 570 -25.42 13.76 10.97
N PHE E 571 -25.69 12.54 10.47
CA PHE E 571 -24.75 11.45 10.71
C PHE E 571 -23.48 11.58 9.88
N LYS E 572 -23.56 12.11 8.66
CA LYS E 572 -22.34 12.38 7.89
C LYS E 572 -21.50 13.47 8.56
N ASP E 573 -22.16 14.51 9.08
CA ASP E 573 -21.46 15.55 9.82
C ASP E 573 -20.76 14.96 11.04
N LEU E 574 -21.46 14.09 11.79
CA LEU E 574 -20.88 13.46 12.96
C LEU E 574 -19.73 12.55 12.61
N SER E 575 -19.77 11.85 11.46
CA SER E 575 -18.66 10.96 11.11
C SER E 575 -17.42 11.74 10.70
N ASP E 576 -17.59 12.85 9.96
CA ASP E 576 -16.45 13.69 9.62
C ASP E 576 -15.81 14.29 10.88
N GLY E 577 -16.66 14.83 11.78
CA GLY E 577 -16.15 15.31 13.04
C GLY E 577 -15.53 14.23 13.88
N ASN E 578 -16.03 13.00 13.77
CA ASN E 578 -15.47 11.88 14.51
C ASN E 578 -14.05 11.56 14.07
N THR E 579 -13.80 11.54 12.76
CA THR E 579 -12.44 11.19 12.32
C THR E 579 -11.45 12.32 12.62
N TYR E 580 -11.86 13.59 12.44
CA TYR E 580 -10.95 14.69 12.79
C TYR E 580 -10.68 14.72 14.30
N ASP E 581 -11.71 14.47 15.10
CA ASP E 581 -11.59 14.49 16.55
C ASP E 581 -10.74 13.32 17.05
N LEU E 582 -10.86 12.16 16.38
CA LEU E 582 -9.99 11.03 16.72
C LEU E 582 -8.52 11.36 16.48
N MET E 583 -8.21 12.02 15.36
CA MET E 583 -6.81 12.42 15.12
C MET E 583 -6.33 13.42 16.16
N ILE E 584 -7.17 14.41 16.50
CA ILE E 584 -6.76 15.44 17.46
C ILE E 584 -6.49 14.84 18.83
N ALA E 585 -7.43 14.02 19.33
CA ALA E 585 -7.28 13.41 20.64
C ALA E 585 -6.14 12.40 20.66
N GLY E 586 -5.90 11.69 19.56
CA GLY E 586 -4.77 10.77 19.51
C GLY E 586 -3.43 11.49 19.61
N ILE E 587 -3.27 12.59 18.87
CA ILE E 587 -2.02 13.34 18.93
C ILE E 587 -1.79 13.92 20.33
N SER E 588 -2.85 14.49 20.93
CA SER E 588 -2.71 15.05 22.27
C SER E 588 -2.37 13.98 23.30
N ALA E 589 -3.04 12.82 23.24
CA ALA E 589 -2.80 11.75 24.20
C ALA E 589 -1.39 11.18 24.07
N LEU E 590 -0.93 10.93 22.83
CA LEU E 590 0.40 10.37 22.65
C LEU E 590 1.49 11.37 23.04
N CYS E 591 1.27 12.67 22.81
CA CYS E 591 2.26 13.65 23.24
C CYS E 591 2.35 13.73 24.76
N LEU E 592 1.20 13.68 25.45
CA LEU E 592 1.25 13.67 26.92
C LEU E 592 1.90 12.40 27.46
N ILE E 593 1.65 11.25 26.83
CA ILE E 593 2.31 10.01 27.24
C ILE E 593 3.82 10.11 27.04
N PHE E 594 4.26 10.66 25.91
CA PHE E 594 5.70 10.83 25.67
C PHE E 594 6.31 11.74 26.72
N ILE E 595 5.61 12.81 27.09
CA ILE E 595 6.12 13.77 28.06
C ILE E 595 6.27 13.10 29.42
N ILE E 596 5.24 12.38 29.89
CA ILE E 596 5.32 11.81 31.24
C ILE E 596 6.36 10.69 31.29
N MET E 597 6.51 9.91 30.21
CA MET E 597 7.62 8.95 30.17
C MET E 597 8.97 9.64 30.18
N LEU E 598 9.06 10.81 29.53
CA LEU E 598 10.33 11.54 29.50
C LEU E 598 10.73 12.05 30.88
N ILE E 599 9.76 12.55 31.66
CA ILE E 599 10.07 12.89 33.05
C ILE E 599 10.43 11.65 33.86
N THR E 600 9.65 10.56 33.71
CA THR E 600 9.83 9.40 34.59
C THR E 600 11.16 8.70 34.35
N THR E 601 11.55 8.50 33.10
CA THR E 601 12.73 7.70 32.79
C THR E 601 14.00 8.50 32.58
N ARG E 602 13.87 9.79 32.23
CA ARG E 602 14.96 10.61 31.67
C ARG E 602 15.62 9.89 30.49
N SER E 603 14.82 9.29 29.62
CA SER E 603 15.30 8.52 28.48
C SER E 603 14.35 8.72 27.32
N VAL E 604 14.89 9.08 26.16
CA VAL E 604 14.05 9.32 24.98
C VAL E 604 13.75 8.01 24.24
N VAL E 605 14.69 7.07 24.23
CA VAL E 605 14.47 5.82 23.51
C VAL E 605 13.47 4.93 24.24
N ALA E 606 13.46 4.94 25.57
CA ALA E 606 12.46 4.19 26.32
C ALA E 606 11.07 4.76 26.13
N ALA E 607 10.96 6.10 26.08
CA ALA E 607 9.67 6.73 25.79
C ALA E 607 9.19 6.38 24.40
N ALA E 608 10.10 6.38 23.41
CA ALA E 608 9.71 6.01 22.04
C ALA E 608 9.25 4.55 21.97
N VAL E 609 9.95 3.66 22.66
CA VAL E 609 9.57 2.25 22.71
C VAL E 609 8.19 2.08 23.32
N ILE E 610 7.93 2.77 24.43
CA ILE E 610 6.64 2.64 25.10
C ILE E 610 5.50 3.18 24.25
N VAL E 611 5.71 4.33 23.59
CA VAL E 611 4.65 4.91 22.74
C VAL E 611 4.36 4.00 21.55
N GLY E 612 5.40 3.45 20.92
CA GLY E 612 5.19 2.51 19.82
C GLY E 612 4.46 1.26 20.26
N THR E 613 4.81 0.74 21.44
CA THR E 613 4.13 -0.43 21.98
C THR E 613 2.66 -0.14 22.26
N VAL E 614 2.34 1.04 22.80
CA VAL E 614 0.96 1.41 23.08
C VAL E 614 0.14 1.48 21.79
N VAL E 615 0.67 2.16 20.76
CA VAL E 615 -0.13 2.32 19.54
C VAL E 615 -0.29 1.00 18.80
N LEU E 616 0.76 0.16 18.80
CA LEU E 616 0.65 -1.15 18.17
C LEU E 616 -0.34 -2.05 18.91
N SER E 617 -0.31 -2.01 20.24
CA SER E 617 -1.22 -2.80 21.05
C SER E 617 -2.68 -2.38 20.85
N LEU E 618 -2.92 -1.07 20.78
CA LEU E 618 -4.28 -0.58 20.54
C LEU E 618 -4.80 -1.03 19.17
N GLY E 619 -3.96 -0.92 18.14
CA GLY E 619 -4.37 -1.34 16.81
C GLY E 619 -4.67 -2.84 16.73
N ALA E 620 -3.81 -3.66 17.34
CA ALA E 620 -4.02 -5.10 17.31
C ALA E 620 -5.27 -5.50 18.08
N SER E 621 -5.51 -4.88 19.24
CA SER E 621 -6.69 -5.21 20.03
C SER E 621 -7.98 -4.84 19.31
N PHE E 622 -8.03 -3.65 18.71
CA PHE E 622 -9.25 -3.27 18.00
C PHE E 622 -9.45 -4.12 16.75
N GLY E 623 -8.36 -4.55 16.10
CA GLY E 623 -8.50 -5.48 14.99
C GLY E 623 -9.06 -6.82 15.42
N LEU E 624 -8.60 -7.34 16.57
CA LEU E 624 -9.12 -8.61 17.07
C LEU E 624 -10.61 -8.50 17.40
N SER E 625 -11.02 -7.37 18.00
CA SER E 625 -12.44 -7.16 18.30
C SER E 625 -13.28 -7.09 17.02
N VAL E 626 -12.76 -6.42 15.99
CA VAL E 626 -13.46 -6.36 14.70
C VAL E 626 -13.58 -7.75 14.08
N LEU E 627 -12.52 -8.56 14.19
CA LEU E 627 -12.56 -9.93 13.68
C LEU E 627 -13.61 -10.77 14.39
N ILE E 628 -13.70 -10.63 15.71
CA ILE E 628 -14.69 -11.41 16.47
C ILE E 628 -16.10 -10.98 16.11
N TRP E 629 -16.36 -9.68 16.01
CA TRP E 629 -17.75 -9.24 15.88
C TRP E 629 -18.24 -9.21 14.44
N GLN E 630 -17.49 -8.59 13.53
CA GLN E 630 -17.99 -8.37 12.19
C GLN E 630 -17.90 -9.62 11.32
N HIS E 631 -16.88 -10.46 11.53
CA HIS E 631 -16.66 -11.60 10.64
C HIS E 631 -17.30 -12.88 11.15
N ILE E 632 -17.08 -13.22 12.42
CA ILE E 632 -17.59 -14.48 12.96
C ILE E 632 -19.07 -14.37 13.30
N LEU E 633 -19.42 -13.39 14.16
CA LEU E 633 -20.81 -13.25 14.58
C LEU E 633 -21.69 -12.65 13.49
N GLY E 634 -21.13 -11.78 12.64
CA GLY E 634 -21.84 -11.32 11.46
C GLY E 634 -22.58 -10.00 11.59
N ILE E 635 -22.36 -9.23 12.66
CA ILE E 635 -22.98 -7.93 12.81
C ILE E 635 -21.91 -6.87 12.98
N GLU E 636 -22.12 -5.71 12.36
CA GLU E 636 -21.13 -4.65 12.33
C GLU E 636 -20.99 -3.99 13.70
N LEU E 637 -19.91 -3.22 13.85
CA LEU E 637 -19.66 -2.47 15.07
C LEU E 637 -20.29 -1.09 14.97
N HIS E 638 -20.39 -0.43 16.13
CA HIS E 638 -20.86 0.94 16.22
C HIS E 638 -19.66 1.87 16.04
N TRP E 639 -19.82 3.16 16.36
CA TRP E 639 -18.71 4.08 16.38
C TRP E 639 -18.43 4.67 17.76
N LEU E 640 -19.46 4.77 18.60
CA LEU E 640 -19.26 5.02 20.03
C LEU E 640 -18.40 3.93 20.65
N VAL E 641 -18.49 2.69 20.14
CA VAL E 641 -17.66 1.61 20.68
C VAL E 641 -16.19 1.89 20.43
N LEU E 642 -15.85 2.39 19.23
CA LEU E 642 -14.45 2.74 18.94
C LEU E 642 -13.99 3.89 19.83
N ALA E 643 -14.85 4.90 20.01
CA ALA E 643 -14.47 6.05 20.82
C ALA E 643 -14.22 5.68 22.28
N MET E 644 -15.19 5.00 22.91
CA MET E 644 -15.03 4.62 24.31
C MET E 644 -13.90 3.64 24.50
N ALA E 645 -13.73 2.71 23.54
CA ALA E 645 -12.65 1.74 23.65
C ALA E 645 -11.29 2.41 23.62
N VAL E 646 -11.08 3.35 22.68
CA VAL E 646 -9.75 3.96 22.59
C VAL E 646 -9.48 4.84 23.81
N ILE E 647 -10.51 5.53 24.33
CA ILE E 647 -10.29 6.38 25.51
C ILE E 647 -9.94 5.54 26.74
N ILE E 648 -10.74 4.52 27.03
CA ILE E 648 -10.52 3.73 28.24
C ILE E 648 -9.22 2.94 28.15
N LEU E 649 -8.95 2.31 27.00
CA LEU E 649 -7.72 1.53 26.86
C LEU E 649 -6.48 2.41 26.88
N LEU E 650 -6.56 3.63 26.30
CA LEU E 650 -5.43 4.56 26.38
C LEU E 650 -5.12 4.91 27.83
N ALA E 651 -6.17 5.24 28.61
CA ALA E 651 -5.95 5.62 30.00
C ALA E 651 -5.34 4.48 30.82
N VAL E 652 -5.95 3.28 30.73
CA VAL E 652 -5.47 2.19 31.56
C VAL E 652 -4.08 1.72 31.10
N GLY E 653 -3.83 1.72 29.79
CA GLY E 653 -2.54 1.29 29.30
C GLY E 653 -1.43 2.23 29.70
N ALA E 654 -1.70 3.55 29.68
CA ALA E 654 -0.75 4.52 30.21
C ALA E 654 -0.46 4.24 31.69
N ASP E 655 -1.50 3.90 32.45
CA ASP E 655 -1.32 3.64 33.89
C ASP E 655 -0.41 2.42 34.12
N TYR E 656 -0.74 1.27 33.50
CA TYR E 656 0.06 0.08 33.80
C TYR E 656 1.46 0.18 33.21
N ASN E 657 1.61 0.81 32.03
CA ASN E 657 2.92 0.99 31.45
C ASN E 657 3.80 1.88 32.32
N LEU E 658 3.23 2.95 32.88
CA LEU E 658 4.00 3.82 33.75
C LEU E 658 4.44 3.09 35.01
N LEU E 659 3.55 2.27 35.59
CA LEU E 659 3.95 1.54 36.80
C LEU E 659 5.03 0.51 36.50
N LEU E 660 4.90 -0.21 35.39
CA LEU E 660 5.88 -1.23 35.03
C LEU E 660 7.25 -0.62 34.73
N VAL E 661 7.27 0.49 33.97
CA VAL E 661 8.53 1.13 33.62
C VAL E 661 9.18 1.77 34.84
N ALA E 662 8.36 2.34 35.75
CA ALA E 662 8.92 2.90 36.98
C ALA E 662 9.53 1.82 37.87
N ARG E 663 8.86 0.67 37.97
CA ARG E 663 9.44 -0.43 38.74
C ARG E 663 10.71 -0.97 38.08
N LEU E 664 10.75 -0.96 36.73
CA LEU E 664 11.96 -1.39 36.04
C LEU E 664 13.13 -0.44 36.29
N LYS E 665 12.86 0.87 36.23
CA LYS E 665 13.87 1.89 36.52
C LYS E 665 14.35 1.79 37.97
N GLU E 666 13.46 1.42 38.89
CA GLU E 666 13.75 1.46 40.32
C GLU E 666 14.96 0.59 40.67
N GLU E 667 15.11 -0.55 40.01
CA GLU E 667 16.28 -1.40 40.23
C GLU E 667 16.88 -1.75 38.87
N ILE E 668 17.98 -1.08 38.54
CA ILE E 668 18.86 -1.44 37.42
C ILE E 668 20.31 -1.58 37.84
N HIS E 669 20.70 -1.00 38.99
CA HIS E 669 22.08 -0.98 39.45
C HIS E 669 22.68 -2.38 39.60
N ALA E 670 21.86 -3.37 39.94
CA ALA E 670 22.30 -4.76 39.96
C ALA E 670 21.93 -5.48 38.67
N GLY E 671 22.38 -4.93 37.55
CA GLY E 671 22.22 -5.57 36.27
C GLY E 671 20.93 -5.20 35.56
N ILE E 672 20.94 -5.39 34.24
CA ILE E 672 19.76 -5.13 33.43
C ILE E 672 18.88 -6.37 33.29
N ASN E 673 19.50 -7.54 33.09
CA ASN E 673 18.72 -8.77 33.00
C ASN E 673 18.11 -9.15 34.35
N THR E 674 18.90 -9.06 35.42
CA THR E 674 18.37 -9.22 36.76
C THR E 674 17.35 -8.14 37.07
N GLY E 675 17.54 -6.94 36.52
CA GLY E 675 16.52 -5.92 36.62
C GLY E 675 15.22 -6.32 35.97
N ILE E 676 15.29 -6.98 34.82
CA ILE E 676 14.08 -7.41 34.11
C ILE E 676 13.34 -8.47 34.94
N ILE E 677 14.08 -9.47 35.45
CA ILE E 677 13.40 -10.54 36.20
C ILE E 677 12.83 -10.01 37.51
N ARG E 678 13.55 -9.12 38.20
CA ARG E 678 13.07 -8.62 39.49
C ARG E 678 11.90 -7.68 39.30
N ALA E 679 11.95 -6.83 38.28
CA ALA E 679 10.82 -5.94 37.99
C ALA E 679 9.59 -6.74 37.58
N MET E 680 9.77 -7.82 36.81
CA MET E 680 8.64 -8.65 36.42
C MET E 680 8.02 -9.32 37.65
N GLY E 681 8.84 -9.96 38.48
CA GLY E 681 8.31 -10.62 39.66
C GLY E 681 7.78 -9.68 40.72
N GLY E 682 8.15 -8.42 40.68
CA GLY E 682 7.62 -7.46 41.63
C GLY E 682 6.43 -6.66 41.16
N SER E 683 6.23 -6.53 39.84
CA SER E 683 5.18 -5.67 39.34
C SER E 683 4.20 -6.35 38.39
N GLY E 684 4.63 -7.35 37.62
CA GLY E 684 3.76 -7.97 36.64
C GLY E 684 2.59 -8.69 37.25
N SER E 685 2.76 -9.26 38.44
CA SER E 685 1.64 -9.92 39.12
C SER E 685 0.56 -8.91 39.51
N VAL E 686 0.95 -7.74 40.04
CA VAL E 686 0.00 -6.71 40.40
C VAL E 686 -0.70 -6.16 39.15
N VAL E 687 0.09 -5.91 38.09
CA VAL E 687 -0.48 -5.39 36.85
C VAL E 687 -1.46 -6.37 36.24
N THR E 688 -1.12 -7.66 36.22
CA THR E 688 -2.03 -8.62 35.61
C THR E 688 -3.23 -8.90 36.50
N ALA E 689 -3.11 -8.77 37.82
CA ALA E 689 -4.26 -8.92 38.69
C ALA E 689 -5.29 -7.83 38.42
N ALA E 690 -4.81 -6.58 38.35
CA ALA E 690 -5.70 -5.47 38.00
C ALA E 690 -6.28 -5.64 36.60
N GLY E 691 -5.47 -6.14 35.67
CA GLY E 691 -5.94 -6.33 34.32
C GLY E 691 -7.05 -7.36 34.21
N LEU E 692 -6.86 -8.53 34.83
CA LEU E 692 -7.91 -9.55 34.79
C LEU E 692 -9.17 -9.10 35.50
N VAL E 693 -9.04 -8.42 36.65
CA VAL E 693 -10.21 -7.99 37.41
C VAL E 693 -11.05 -7.02 36.58
N PHE E 694 -10.42 -5.97 36.04
CA PHE E 694 -11.20 -4.99 35.30
C PHE E 694 -11.65 -5.54 33.94
N ALA E 695 -10.85 -6.41 33.32
CA ALA E 695 -11.21 -6.97 32.03
C ALA E 695 -12.43 -7.88 32.13
N PHE E 696 -12.48 -8.74 33.15
CA PHE E 696 -13.66 -9.59 33.29
C PHE E 696 -14.86 -8.83 33.82
N THR E 697 -14.65 -7.78 34.63
CA THR E 697 -15.76 -6.91 35.02
C THR E 697 -16.41 -6.25 33.80
N MET E 698 -15.60 -5.76 32.86
CA MET E 698 -16.17 -5.22 31.62
C MET E 698 -16.67 -6.32 30.70
N MET E 699 -16.12 -7.53 30.81
CA MET E 699 -16.52 -8.63 29.94
C MET E 699 -17.91 -9.14 30.27
N SER E 700 -18.30 -9.09 31.55
CA SER E 700 -19.63 -9.62 31.88
C SER E 700 -20.79 -8.74 31.41
N PHE E 701 -20.57 -7.64 30.68
CA PHE E 701 -21.65 -6.86 30.09
C PHE E 701 -22.19 -7.48 28.81
N ALA E 702 -21.64 -8.63 28.39
CA ALA E 702 -22.03 -9.24 27.13
C ALA E 702 -23.41 -9.89 27.17
N VAL E 703 -23.95 -10.14 28.36
CA VAL E 703 -25.29 -10.71 28.49
C VAL E 703 -26.38 -9.66 28.36
N SER E 704 -26.02 -8.40 28.15
CA SER E 704 -27.00 -7.33 28.05
C SER E 704 -27.81 -7.45 26.77
N GLU E 705 -29.10 -7.17 26.88
CA GLU E 705 -29.97 -7.11 25.71
C GLU E 705 -29.79 -5.81 24.92
N LEU E 706 -29.05 -4.85 25.46
CA LEU E 706 -28.63 -3.67 24.73
C LEU E 706 -27.34 -4.01 23.99
N THR E 707 -27.37 -3.93 22.66
CA THR E 707 -26.25 -4.41 21.87
C THR E 707 -25.04 -3.49 21.94
N VAL E 708 -25.27 -2.17 22.05
CA VAL E 708 -24.17 -1.21 22.03
C VAL E 708 -23.29 -1.37 23.27
N MET E 709 -23.91 -1.45 24.44
CA MET E 709 -23.12 -1.54 25.67
C MET E 709 -22.47 -2.91 25.81
N ALA E 710 -23.10 -3.95 25.24
CA ALA E 710 -22.47 -5.26 25.18
C ALA E 710 -21.24 -5.23 24.30
N GLN E 711 -21.34 -4.57 23.14
CA GLN E 711 -20.19 -4.44 22.24
C GLN E 711 -19.06 -3.67 22.90
N VAL E 712 -19.38 -2.55 23.57
CA VAL E 712 -18.34 -1.75 24.22
C VAL E 712 -17.67 -2.54 25.33
N GLY E 713 -18.47 -3.21 26.16
CA GLY E 713 -17.91 -3.96 27.27
C GLY E 713 -17.01 -5.10 26.83
N THR E 714 -17.45 -5.88 25.83
CA THR E 714 -16.61 -7.00 25.44
C THR E 714 -15.43 -6.57 24.58
N THR E 715 -15.53 -5.45 23.83
CA THR E 715 -14.37 -4.93 23.12
C THR E 715 -13.29 -4.49 24.10
N ILE E 716 -13.68 -3.75 25.13
CA ILE E 716 -12.72 -3.34 26.17
C ILE E 716 -12.15 -4.57 26.87
N GLY E 717 -13.00 -5.58 27.13
CA GLY E 717 -12.53 -6.76 27.83
C GLY E 717 -11.50 -7.57 27.05
N MET E 718 -11.80 -7.89 25.78
CA MET E 718 -10.84 -8.69 25.02
C MET E 718 -9.62 -7.88 24.62
N GLY E 719 -9.78 -6.58 24.36
CA GLY E 719 -8.63 -5.74 24.08
C GLY E 719 -7.68 -5.65 25.26
N LEU E 720 -8.22 -5.49 26.46
CA LEU E 720 -7.35 -5.39 27.62
C LEU E 720 -6.79 -6.75 28.02
N LEU E 721 -7.51 -7.84 27.72
CA LEU E 721 -6.93 -9.17 27.94
C LEU E 721 -5.74 -9.41 27.01
N PHE E 722 -5.87 -9.02 25.74
CA PHE E 722 -4.74 -9.09 24.82
C PHE E 722 -3.60 -8.18 25.26
N ASP E 723 -3.93 -7.00 25.80
CA ASP E 723 -2.91 -6.07 26.27
C ASP E 723 -2.14 -6.64 27.46
N THR E 724 -2.86 -7.25 28.41
CA THR E 724 -2.25 -7.71 29.64
C THR E 724 -1.50 -9.03 29.46
N LEU E 725 -1.99 -9.90 28.56
CA LEU E 725 -1.45 -11.25 28.49
C LEU E 725 -0.29 -11.41 27.51
N ILE E 726 -0.20 -10.58 26.47
CA ILE E 726 0.76 -10.76 25.39
C ILE E 726 1.68 -9.54 25.25
N VAL E 727 1.09 -8.36 25.12
CA VAL E 727 1.88 -7.17 24.78
C VAL E 727 2.70 -6.71 25.99
N ARG E 728 2.07 -6.59 27.15
CA ARG E 728 2.77 -6.06 28.32
C ARG E 728 3.60 -7.13 29.03
N SER E 729 3.34 -8.40 28.78
CA SER E 729 4.07 -9.47 29.45
C SER E 729 5.18 -10.08 28.63
N PHE E 730 5.09 -10.03 27.29
CA PHE E 730 6.05 -10.70 26.43
C PHE E 730 6.70 -9.82 25.37
N MET E 731 6.20 -8.60 25.15
CA MET E 731 6.75 -7.75 24.10
C MET E 731 7.57 -6.59 24.63
N THR E 732 7.10 -5.87 25.65
CA THR E 732 7.90 -4.80 26.23
C THR E 732 9.14 -5.30 26.94
N PRO E 733 9.09 -6.33 27.81
CA PRO E 733 10.36 -6.84 28.37
C PRO E 733 11.29 -7.44 27.33
N SER E 734 10.76 -8.01 26.24
CA SER E 734 11.61 -8.55 25.19
C SER E 734 12.38 -7.44 24.48
N ILE E 735 11.71 -6.33 24.16
CA ILE E 735 12.39 -5.20 23.54
C ILE E 735 13.39 -4.58 24.50
N ALA E 736 13.04 -4.49 25.78
CA ALA E 736 13.96 -3.94 26.78
C ALA E 736 15.22 -4.79 26.89
N ALA E 737 15.07 -6.12 27.02
CA ALA E 737 16.24 -6.97 27.16
C ALA E 737 17.02 -7.12 25.86
N LEU E 738 16.35 -6.94 24.72
CA LEU E 738 17.04 -7.01 23.44
C LEU E 738 17.91 -5.78 23.21
N LEU E 739 17.36 -4.59 23.48
CA LEU E 739 18.17 -3.38 23.31
C LEU E 739 19.20 -3.23 24.43
N GLY E 740 18.99 -3.86 25.58
CA GLY E 740 20.03 -3.93 26.59
C GLY E 740 20.30 -2.61 27.29
N LYS E 741 21.49 -2.06 27.08
CA LYS E 741 21.87 -0.78 27.68
C LYS E 741 21.56 0.40 26.77
N TRP E 742 21.07 0.17 25.56
CA TRP E 742 20.60 1.25 24.71
C TRP E 742 19.12 1.52 24.90
N PHE E 743 18.50 0.91 25.91
CA PHE E 743 17.15 1.24 26.33
C PHE E 743 17.11 2.49 27.20
N TRP E 744 18.25 2.95 27.71
CA TRP E 744 18.30 4.09 28.62
C TRP E 744 19.12 5.25 28.10
N TRP E 745 19.33 5.31 26.78
CA TRP E 745 19.97 6.47 26.18
C TRP E 745 19.06 7.69 26.34
N PRO E 746 19.61 8.89 26.63
CA PRO E 746 21.02 9.32 26.70
C PRO E 746 21.82 8.92 27.94
N GLN E 747 21.20 8.42 29.01
CA GLN E 747 21.94 8.10 30.22
C GLN E 747 22.91 6.95 29.99
N VAL E 748 24.06 7.03 30.64
CA VAL E 748 25.11 6.02 30.52
C VAL E 748 24.88 4.98 31.61
N VAL E 749 24.44 3.79 31.21
CA VAL E 749 24.15 2.71 32.12
C VAL E 749 24.89 1.46 31.64
N ARG E 750 25.36 0.65 32.58
CA ARG E 750 26.07 -0.56 32.26
C ARG E 750 25.10 -1.71 32.05
N GLN E 751 25.47 -2.64 31.16
CA GLN E 751 24.68 -3.84 30.95
C GLN E 751 24.64 -4.68 32.22
N ARG E 752 25.77 -4.79 32.91
CA ARG E 752 25.88 -5.46 34.19
C ARG E 752 26.90 -4.71 35.01
N PRO E 753 26.83 -4.80 36.34
CA PRO E 753 27.84 -4.12 37.18
C PRO E 753 29.22 -4.75 37.07
N ILE E 754 30.18 -4.20 37.80
CA ILE E 754 31.53 -4.77 37.81
C ILE E 754 31.48 -6.15 38.46
N PRO E 755 32.17 -7.16 37.91
CA PRO E 755 32.07 -8.51 38.49
C PRO E 755 32.70 -8.59 39.87
N GLN E 756 31.86 -8.69 40.89
CA GLN E 756 32.36 -8.74 42.25
C GLN E 756 32.84 -10.14 42.59
N PRO E 757 33.80 -10.27 43.49
CA PRO E 757 34.25 -11.62 43.90
C PRO E 757 33.17 -12.32 44.71
N TRP E 758 33.29 -13.65 44.74
CA TRP E 758 32.33 -14.50 45.44
C TRP E 758 32.32 -14.23 46.94
N ALA F 20 16.70 -55.57 11.23
CA ALA F 20 17.76 -55.58 10.23
C ALA F 20 17.18 -55.50 8.82
N ARG F 21 16.47 -56.54 8.41
CA ARG F 21 15.88 -56.59 7.07
C ARG F 21 14.38 -56.42 7.21
N PRO F 22 13.84 -55.24 6.90
CA PRO F 22 12.40 -55.01 7.13
C PRO F 22 11.52 -55.77 6.15
N PHE F 23 10.25 -55.90 6.55
CA PHE F 23 9.33 -56.86 5.94
C PHE F 23 9.01 -56.50 4.49
N ILE F 24 8.65 -55.24 4.24
CA ILE F 24 8.19 -54.85 2.90
C ILE F 24 9.27 -55.01 1.83
N PRO F 25 10.48 -54.42 1.97
CA PRO F 25 11.47 -54.60 0.89
C PRO F 25 11.95 -56.03 0.77
N ARG F 26 11.94 -56.81 1.86
CA ARG F 26 12.33 -58.20 1.75
C ARG F 26 11.30 -59.01 0.98
N MET F 27 10.00 -58.69 1.14
CA MET F 27 8.97 -59.36 0.36
C MET F 27 9.00 -58.95 -1.11
N ILE F 28 9.26 -57.68 -1.42
CA ILE F 28 9.43 -57.31 -2.83
C ILE F 28 10.72 -57.92 -3.40
N ARG F 29 11.81 -57.96 -2.62
CA ARG F 29 13.08 -58.47 -3.11
C ARG F 29 13.02 -59.96 -3.40
N THR F 30 12.47 -60.75 -2.46
CA THR F 30 12.41 -62.19 -2.66
C THR F 30 11.40 -62.58 -3.73
N PHE F 31 10.30 -61.84 -3.82
CA PHE F 31 9.20 -62.16 -4.74
C PHE F 31 9.16 -61.17 -5.89
N ALA F 32 10.32 -60.85 -6.45
CA ALA F 32 10.41 -59.79 -7.45
C ALA F 32 9.74 -60.18 -8.76
N VAL F 33 10.08 -61.37 -9.29
CA VAL F 33 9.54 -61.78 -10.60
C VAL F 33 8.03 -62.01 -10.62
N PRO F 34 7.38 -62.63 -9.61
CA PRO F 34 5.92 -62.71 -9.69
C PRO F 34 5.26 -61.35 -9.57
N ILE F 35 5.83 -60.43 -8.78
CA ILE F 35 5.31 -59.07 -8.68
C ILE F 35 5.38 -58.37 -10.03
N ILE F 36 6.50 -58.54 -10.73
CA ILE F 36 6.68 -57.91 -12.04
C ILE F 36 5.68 -58.48 -13.05
N LEU F 37 5.57 -59.81 -13.11
CA LEU F 37 4.65 -60.43 -14.07
C LEU F 37 3.19 -60.10 -13.75
N GLY F 38 2.84 -60.05 -12.47
CA GLY F 38 1.49 -59.66 -12.08
C GLY F 38 1.18 -58.21 -12.45
N TRP F 39 2.14 -57.31 -12.23
CA TRP F 39 1.94 -55.92 -12.61
C TRP F 39 1.77 -55.78 -14.11
N LEU F 40 2.61 -56.46 -14.90
CA LEU F 40 2.50 -56.38 -16.35
C LEU F 40 1.17 -56.95 -16.85
N VAL F 41 0.73 -58.08 -16.28
CA VAL F 41 -0.53 -58.66 -16.77
C VAL F 41 -1.72 -57.81 -16.34
N THR F 42 -1.67 -57.16 -15.17
CA THR F 42 -2.77 -56.29 -14.78
C THR F 42 -2.84 -55.03 -15.64
N ILE F 43 -1.69 -54.43 -15.97
CA ILE F 43 -1.71 -53.32 -16.92
C ILE F 43 -2.23 -53.77 -18.28
N ALA F 44 -1.84 -54.97 -18.73
CA ALA F 44 -2.31 -55.48 -20.02
C ALA F 44 -3.82 -55.67 -20.02
N VAL F 45 -4.38 -56.27 -18.97
CA VAL F 45 -5.81 -56.55 -18.96
C VAL F 45 -6.64 -55.30 -18.67
N LEU F 46 -6.08 -54.29 -18.00
CA LEU F 46 -6.79 -53.02 -17.88
C LEU F 46 -6.73 -52.21 -19.17
N ASN F 47 -5.68 -52.40 -19.98
CA ASN F 47 -5.56 -51.65 -21.21
C ASN F 47 -6.21 -52.31 -22.41
N VAL F 48 -6.49 -53.61 -22.36
CA VAL F 48 -7.00 -54.29 -23.56
C VAL F 48 -8.52 -54.20 -23.67
N THR F 49 -9.25 -54.21 -22.55
CA THR F 49 -10.71 -54.32 -22.59
C THR F 49 -11.41 -53.00 -22.33
N VAL F 50 -10.72 -51.99 -21.81
CA VAL F 50 -11.31 -50.70 -21.48
C VAL F 50 -10.65 -49.66 -22.37
N PRO F 51 -11.42 -48.77 -23.04
CA PRO F 51 -10.81 -47.80 -23.96
C PRO F 51 -9.92 -46.76 -23.30
N GLN F 52 -9.35 -45.87 -24.10
CA GLN F 52 -8.39 -44.89 -23.63
C GLN F 52 -9.08 -43.77 -22.87
N LEU F 53 -8.28 -42.85 -22.32
CA LEU F 53 -8.82 -41.77 -21.50
C LEU F 53 -9.55 -40.73 -22.33
N GLU F 54 -9.09 -40.44 -23.55
CA GLU F 54 -9.75 -39.45 -24.38
C GLU F 54 -11.15 -39.91 -24.79
N THR F 55 -11.28 -41.18 -25.19
CA THR F 55 -12.59 -41.69 -25.61
C THR F 55 -13.56 -41.76 -24.43
N VAL F 56 -13.10 -42.19 -23.26
CA VAL F 56 -13.94 -42.24 -22.08
C VAL F 56 -14.35 -40.83 -21.65
N GLY F 57 -13.42 -39.88 -21.75
CA GLY F 57 -13.74 -38.50 -21.42
C GLY F 57 -14.74 -37.88 -22.38
N GLN F 58 -14.65 -38.21 -23.67
CA GLN F 58 -15.58 -37.61 -24.62
C GLN F 58 -16.91 -38.35 -24.69
N ILE F 59 -17.00 -39.58 -24.16
CA ILE F 59 -18.33 -40.17 -24.00
C ILE F 59 -18.93 -39.83 -22.64
N GLN F 60 -18.14 -39.35 -21.69
CA GLN F 60 -18.61 -38.93 -20.38
C GLN F 60 -18.37 -37.42 -20.21
N ALA F 61 -18.64 -36.66 -21.24
CA ALA F 61 -18.40 -35.22 -21.20
C ALA F 61 -19.41 -34.51 -20.31
N VAL F 62 -18.95 -33.47 -19.61
CA VAL F 62 -19.76 -32.76 -18.64
C VAL F 62 -19.82 -31.29 -19.01
N SER F 63 -20.78 -30.59 -18.41
CA SER F 63 -20.96 -29.17 -18.65
C SER F 63 -19.84 -28.35 -18.01
N MET F 64 -19.54 -27.21 -18.63
CA MET F 64 -18.52 -26.29 -18.15
C MET F 64 -19.06 -25.06 -17.44
N SER F 65 -20.37 -24.85 -17.44
CA SER F 65 -20.90 -23.77 -16.64
C SER F 65 -21.62 -24.33 -15.42
N PRO F 66 -21.38 -23.76 -14.24
CA PRO F 66 -21.94 -24.34 -13.01
C PRO F 66 -23.44 -24.17 -12.91
N ASP F 67 -24.04 -24.98 -12.03
CA ASP F 67 -25.49 -25.01 -11.91
C ASP F 67 -26.03 -23.75 -11.24
N ALA F 68 -25.33 -23.23 -10.24
CA ALA F 68 -25.81 -22.13 -9.43
C ALA F 68 -25.40 -20.75 -9.96
N ALA F 69 -24.73 -20.69 -11.11
CA ALA F 69 -24.31 -19.43 -11.66
C ALA F 69 -25.52 -18.63 -12.15
N PRO F 70 -25.56 -17.33 -11.87
CA PRO F 70 -26.72 -16.51 -12.31
C PRO F 70 -26.89 -16.48 -13.82
N SER F 71 -25.82 -16.53 -14.60
CA SER F 71 -25.95 -16.57 -16.05
C SER F 71 -26.55 -17.88 -16.52
N MET F 72 -26.19 -19.00 -15.87
CA MET F 72 -26.73 -20.29 -16.28
C MET F 72 -28.21 -20.40 -15.97
N ILE F 73 -28.62 -20.00 -14.75
CA ILE F 73 -30.03 -20.00 -14.39
C ILE F 73 -30.80 -19.02 -15.26
N SER F 74 -30.19 -17.88 -15.58
CA SER F 74 -30.82 -16.90 -16.47
C SER F 74 -31.04 -17.48 -17.86
N MET F 75 -30.05 -18.19 -18.40
CA MET F 75 -30.20 -18.75 -19.74
C MET F 75 -31.22 -19.87 -19.77
N LYS F 76 -31.24 -20.71 -18.72
CA LYS F 76 -32.29 -21.73 -18.61
C LYS F 76 -33.67 -21.10 -18.52
N HIS F 77 -33.80 -19.99 -17.77
CA HIS F 77 -35.10 -19.36 -17.61
C HIS F 77 -35.56 -18.68 -18.90
N ILE F 78 -34.63 -18.07 -19.63
CA ILE F 78 -34.98 -17.47 -20.92
C ILE F 78 -35.39 -18.54 -21.92
N GLY F 79 -34.68 -19.67 -21.95
CA GLY F 79 -35.08 -20.77 -22.80
C GLY F 79 -36.41 -21.38 -22.41
N LYS F 80 -36.71 -21.38 -21.11
CA LYS F 80 -37.98 -21.94 -20.64
C LYS F 80 -39.17 -21.05 -20.98
N VAL F 81 -39.02 -19.73 -20.80
CA VAL F 81 -40.15 -18.82 -21.02
C VAL F 81 -40.52 -18.73 -22.49
N PHE F 82 -39.54 -18.54 -23.36
CA PHE F 82 -39.83 -18.40 -24.78
C PHE F 82 -39.94 -19.72 -25.51
N GLU F 83 -39.75 -20.84 -24.81
CA GLU F 83 -39.89 -22.19 -25.35
C GLU F 83 -38.97 -22.41 -26.55
N GLU F 84 -37.67 -22.17 -26.33
CA GLU F 84 -36.65 -22.28 -27.37
C GLU F 84 -35.46 -23.07 -26.85
N GLY F 85 -35.73 -24.21 -26.24
CA GLY F 85 -34.66 -25.09 -25.78
C GLY F 85 -34.25 -24.83 -24.34
N ASP F 86 -33.27 -25.61 -23.90
CA ASP F 86 -32.78 -25.54 -22.54
C ASP F 86 -31.27 -25.34 -22.42
N SER F 87 -30.55 -25.34 -23.53
CA SER F 87 -29.10 -25.27 -23.51
C SER F 87 -28.63 -23.85 -23.79
N ASP F 88 -27.30 -23.68 -23.74
CA ASP F 88 -26.68 -22.38 -23.96
C ASP F 88 -25.82 -22.32 -25.21
N SER F 89 -25.53 -23.45 -25.84
CA SER F 89 -24.70 -23.46 -27.03
C SER F 89 -25.44 -22.85 -28.20
N ALA F 90 -24.72 -22.12 -29.04
CA ALA F 90 -25.33 -21.46 -30.20
C ALA F 90 -24.29 -21.28 -31.29
N ALA F 91 -24.63 -21.72 -32.50
CA ALA F 91 -23.80 -21.49 -33.67
C ALA F 91 -24.33 -20.28 -34.42
N MET F 92 -23.57 -19.86 -35.44
CA MET F 92 -23.93 -18.61 -36.11
C MET F 92 -23.40 -18.66 -37.52
N ILE F 93 -24.29 -18.54 -38.49
CA ILE F 93 -23.95 -18.65 -39.90
C ILE F 93 -23.81 -17.25 -40.48
N VAL F 94 -22.69 -17.01 -41.17
CA VAL F 94 -22.38 -15.71 -41.76
C VAL F 94 -22.36 -15.87 -43.28
N LEU F 95 -23.11 -15.01 -43.96
CA LEU F 95 -23.11 -14.93 -45.41
C LEU F 95 -22.35 -13.68 -45.84
N GLU F 96 -21.36 -13.84 -46.71
CA GLU F 96 -20.53 -12.75 -47.19
C GLU F 96 -20.68 -12.61 -48.70
N GLY F 97 -20.82 -11.37 -49.17
CA GLY F 97 -20.89 -11.12 -50.59
C GLY F 97 -20.05 -9.95 -51.06
N GLN F 98 -19.39 -10.09 -52.21
CA GLN F 98 -18.56 -9.02 -52.74
C GLN F 98 -19.37 -7.92 -53.42
N ARG F 99 -20.66 -8.15 -53.64
CA ARG F 99 -21.61 -7.19 -54.17
C ARG F 99 -22.76 -7.08 -53.17
N PRO F 100 -23.56 -6.01 -53.24
CA PRO F 100 -24.75 -5.94 -52.38
C PRO F 100 -25.71 -7.10 -52.65
N LEU F 101 -26.25 -7.64 -51.56
CA LEU F 101 -26.99 -8.90 -51.62
C LEU F 101 -28.35 -8.71 -52.28
N GLY F 102 -28.78 -9.74 -53.00
CA GLY F 102 -30.02 -9.68 -53.75
C GLY F 102 -30.98 -10.83 -53.46
N ASP F 103 -31.93 -11.05 -54.38
CA ASP F 103 -33.00 -12.02 -54.13
C ASP F 103 -32.51 -13.45 -54.21
N ALA F 104 -31.40 -13.69 -54.94
CA ALA F 104 -30.83 -15.03 -54.99
C ALA F 104 -30.30 -15.44 -53.61
N ALA F 105 -29.68 -14.51 -52.90
CA ALA F 105 -29.25 -14.77 -51.53
C ALA F 105 -30.44 -15.01 -50.62
N HIS F 106 -31.54 -14.28 -50.85
CA HIS F 106 -32.76 -14.49 -50.07
C HIS F 106 -33.31 -15.90 -50.28
N ALA F 107 -33.36 -16.35 -51.53
CA ALA F 107 -33.88 -17.68 -51.83
C ALA F 107 -32.99 -18.78 -51.27
N PHE F 108 -31.67 -18.63 -51.44
CA PHE F 108 -30.73 -19.60 -50.89
C PHE F 108 -30.83 -19.65 -49.36
N TYR F 109 -30.94 -18.48 -48.73
CA TYR F 109 -31.03 -18.42 -47.28
C TYR F 109 -32.33 -19.05 -46.78
N ASP F 110 -33.44 -18.82 -47.49
CA ASP F 110 -34.72 -19.42 -47.10
C ASP F 110 -34.67 -20.94 -47.22
N GLN F 111 -34.11 -21.44 -48.33
CA GLN F 111 -34.00 -22.89 -48.53
C GLN F 111 -33.11 -23.52 -47.46
N MET F 112 -31.97 -22.87 -47.17
CA MET F 112 -31.05 -23.36 -46.15
C MET F 112 -31.70 -23.34 -44.77
N ILE F 113 -32.45 -22.29 -44.46
CA ILE F 113 -32.93 -22.17 -43.09
C ILE F 113 -34.10 -23.13 -42.87
N GLY F 114 -34.89 -23.41 -43.93
CA GLY F 114 -35.90 -24.46 -43.83
C GLY F 114 -35.30 -25.83 -43.68
N ARG F 115 -34.24 -26.12 -44.45
CA ARG F 115 -33.55 -27.40 -44.33
C ARG F 115 -32.93 -27.57 -42.94
N LEU F 116 -32.48 -26.48 -42.33
CA LEU F 116 -31.96 -26.57 -40.97
C LEU F 116 -33.08 -26.68 -39.94
N GLN F 117 -34.24 -26.07 -40.18
CA GLN F 117 -35.40 -26.32 -39.32
C GLN F 117 -35.88 -27.77 -39.41
N ALA F 118 -35.57 -28.47 -40.51
CA ALA F 118 -36.00 -29.86 -40.64
C ALA F 118 -35.29 -30.78 -39.65
N ASP F 119 -34.06 -30.46 -39.25
CA ASP F 119 -33.25 -31.34 -38.40
C ASP F 119 -33.59 -31.07 -36.94
N THR F 120 -34.72 -31.65 -36.49
CA THR F 120 -35.22 -31.39 -35.15
C THR F 120 -34.31 -31.96 -34.06
N THR F 121 -33.56 -33.02 -34.38
CA THR F 121 -32.79 -33.74 -33.37
C THR F 121 -31.62 -32.90 -32.85
N HIS F 122 -30.98 -32.13 -33.73
CA HIS F 122 -29.72 -31.49 -33.38
C HIS F 122 -29.78 -29.98 -33.24
N VAL F 123 -30.82 -29.32 -33.74
CA VAL F 123 -31.06 -27.92 -33.44
C VAL F 123 -32.39 -27.81 -32.71
N GLN F 124 -32.41 -27.02 -31.63
CA GLN F 124 -33.70 -26.69 -31.02
C GLN F 124 -34.35 -25.50 -31.70
N SER F 125 -33.63 -24.39 -31.83
CA SER F 125 -34.31 -23.21 -32.34
C SER F 125 -33.32 -22.38 -33.16
N LEU F 126 -33.80 -21.22 -33.62
CA LEU F 126 -33.03 -20.31 -34.44
C LEU F 126 -33.77 -18.99 -34.51
N GLN F 127 -33.01 -17.90 -34.43
CA GLN F 127 -33.60 -16.55 -34.42
C GLN F 127 -33.74 -16.08 -35.85
N ASP F 128 -34.93 -16.26 -36.40
CA ASP F 128 -35.27 -15.81 -37.75
C ASP F 128 -35.44 -14.30 -37.76
N PHE F 129 -34.35 -13.57 -38.00
CA PHE F 129 -34.36 -12.11 -37.96
C PHE F 129 -34.31 -11.47 -39.33
N TRP F 130 -33.57 -12.05 -40.27
CA TRP F 130 -33.40 -11.50 -41.60
C TRP F 130 -34.51 -11.95 -42.55
N GLY F 131 -35.40 -12.84 -42.10
CA GLY F 131 -36.51 -13.31 -42.91
C GLY F 131 -37.70 -12.39 -42.95
N ASP F 132 -37.70 -11.29 -42.20
CA ASP F 132 -38.78 -10.32 -42.23
C ASP F 132 -38.22 -8.93 -42.45
N PRO F 133 -38.98 -8.04 -43.11
CA PRO F 133 -38.44 -6.72 -43.44
C PRO F 133 -38.27 -5.80 -42.24
N LEU F 134 -38.86 -6.13 -41.09
CA LEU F 134 -38.79 -5.23 -39.94
C LEU F 134 -37.39 -5.24 -39.32
N THR F 135 -36.79 -6.42 -39.17
CA THR F 135 -35.51 -6.57 -38.51
C THR F 135 -34.41 -6.82 -39.54
N ALA F 136 -34.75 -6.81 -40.84
CA ALA F 136 -33.76 -6.98 -41.89
C ALA F 136 -32.75 -5.84 -41.92
N THR F 137 -33.14 -4.65 -41.49
CA THR F 137 -32.18 -3.56 -41.36
C THR F 137 -31.30 -3.68 -40.13
N GLY F 138 -31.72 -4.48 -39.13
CA GLY F 138 -30.95 -4.73 -37.93
C GLY F 138 -30.10 -5.97 -37.97
N ALA F 139 -30.20 -6.78 -39.02
CA ALA F 139 -29.37 -7.96 -39.20
C ALA F 139 -28.44 -7.85 -40.41
N GLN F 140 -28.44 -6.72 -41.10
CA GLN F 140 -27.61 -6.51 -42.27
C GLN F 140 -26.64 -5.37 -42.00
N SER F 141 -25.47 -5.44 -42.63
CA SER F 141 -24.44 -4.43 -42.46
C SER F 141 -24.87 -3.10 -43.09
N SER F 142 -24.09 -2.06 -42.79
CA SER F 142 -24.40 -0.73 -43.29
C SER F 142 -24.24 -0.63 -44.80
N ASP F 143 -23.24 -1.30 -45.36
CA ASP F 143 -23.04 -1.31 -46.80
C ASP F 143 -23.78 -2.45 -47.50
N GLY F 144 -24.48 -3.30 -46.75
CA GLY F 144 -25.28 -4.37 -47.32
C GLY F 144 -24.50 -5.47 -48.00
N LYS F 145 -23.39 -5.91 -47.39
CA LYS F 145 -22.55 -6.95 -47.97
C LYS F 145 -22.37 -8.15 -47.07
N ALA F 146 -23.14 -8.25 -45.99
CA ALA F 146 -23.01 -9.38 -45.08
C ALA F 146 -24.34 -9.62 -44.37
N ALA F 147 -24.49 -10.83 -43.85
CA ALA F 147 -25.66 -11.19 -43.07
C ALA F 147 -25.29 -12.27 -42.07
N TYR F 148 -26.05 -12.35 -40.99
CA TYR F 148 -25.78 -13.30 -39.92
C TYR F 148 -27.08 -13.90 -39.40
N VAL F 149 -27.00 -15.18 -39.01
CA VAL F 149 -28.12 -15.92 -38.43
C VAL F 149 -27.60 -16.64 -37.20
N GLN F 150 -28.34 -16.57 -36.09
CA GLN F 150 -27.97 -17.30 -34.90
C GLN F 150 -28.89 -18.50 -34.74
N VAL F 151 -28.31 -19.68 -34.51
CA VAL F 151 -29.07 -20.91 -34.31
C VAL F 151 -28.71 -21.48 -32.95
N LYS F 152 -29.73 -21.92 -32.21
CA LYS F 152 -29.56 -22.45 -30.86
C LYS F 152 -29.57 -23.98 -30.96
N LEU F 153 -28.41 -24.57 -30.68
CA LEU F 153 -28.10 -25.98 -30.88
C LEU F 153 -28.43 -26.78 -29.63
N ALA F 154 -27.97 -28.04 -29.60
CA ALA F 154 -28.29 -28.98 -28.54
C ALA F 154 -27.09 -29.19 -27.61
N GLY F 155 -27.40 -29.52 -26.36
CA GLY F 155 -26.38 -29.85 -25.39
C GLY F 155 -25.69 -28.63 -24.81
N ASN F 156 -25.30 -28.72 -23.54
CA ASN F 156 -24.57 -27.63 -22.92
C ASN F 156 -23.13 -27.59 -23.46
N GLN F 157 -22.46 -26.50 -23.15
CA GLN F 157 -21.06 -26.35 -23.52
C GLN F 157 -20.20 -27.35 -22.75
N GLY F 158 -19.26 -27.97 -23.43
CA GLY F 158 -18.43 -29.00 -22.83
C GLY F 158 -18.97 -30.40 -22.95
N GLU F 159 -20.18 -30.58 -23.47
CA GLU F 159 -20.79 -31.88 -23.68
C GLU F 159 -20.60 -32.28 -25.14
N SER F 160 -20.32 -33.57 -25.37
CA SER F 160 -20.11 -34.06 -26.72
C SER F 160 -21.36 -33.95 -27.59
N LEU F 161 -22.54 -33.87 -26.98
CA LEU F 161 -23.77 -33.67 -27.74
C LEU F 161 -23.71 -32.39 -28.55
N ALA F 162 -23.15 -31.33 -27.96
CA ALA F 162 -22.89 -30.11 -28.71
C ALA F 162 -21.91 -30.33 -29.86
N ASN F 163 -20.92 -31.22 -29.67
CA ASN F 163 -19.95 -31.49 -30.71
C ASN F 163 -20.59 -32.17 -31.93
N GLU F 164 -21.36 -33.25 -31.70
CA GLU F 164 -22.01 -33.84 -32.86
C GLU F 164 -23.10 -32.95 -33.44
N SER F 165 -23.73 -32.09 -32.62
CA SER F 165 -24.74 -31.20 -33.19
C SER F 165 -24.12 -30.12 -34.06
N VAL F 166 -22.95 -29.58 -33.66
CA VAL F 166 -22.32 -28.57 -34.49
C VAL F 166 -21.71 -29.21 -35.74
N GLU F 167 -21.23 -30.46 -35.64
CA GLU F 167 -20.82 -31.17 -36.84
C GLU F 167 -21.99 -31.41 -37.77
N ALA F 168 -23.17 -31.72 -37.21
CA ALA F 168 -24.36 -31.91 -38.03
C ALA F 168 -24.78 -30.62 -38.72
N VAL F 169 -24.76 -29.49 -38.00
CA VAL F 169 -25.21 -28.25 -38.63
C VAL F 169 -24.22 -27.81 -39.71
N LYS F 170 -22.91 -28.02 -39.51
CA LYS F 170 -21.98 -27.61 -40.57
C LYS F 170 -22.09 -28.54 -41.78
N THR F 171 -22.30 -29.84 -41.57
CA THR F 171 -22.52 -30.72 -42.72
C THR F 171 -23.85 -30.46 -43.43
N ILE F 172 -24.85 -29.91 -42.73
CA ILE F 172 -26.02 -29.42 -43.43
C ILE F 172 -25.67 -28.16 -44.25
N VAL F 173 -24.80 -27.31 -43.70
CA VAL F 173 -24.49 -26.04 -44.37
C VAL F 173 -23.72 -26.27 -45.66
N GLU F 174 -22.57 -26.95 -45.60
CA GLU F 174 -21.76 -27.02 -46.82
C GLU F 174 -22.22 -28.09 -47.81
N ARG F 175 -23.37 -28.72 -47.58
CA ARG F 175 -23.89 -29.68 -48.54
C ARG F 175 -24.48 -29.02 -49.78
N LEU F 176 -24.87 -27.75 -49.68
CA LEU F 176 -25.44 -27.00 -50.79
C LEU F 176 -24.39 -26.09 -51.41
N ALA F 177 -24.68 -25.64 -52.63
CA ALA F 177 -23.83 -24.69 -53.33
C ALA F 177 -24.40 -23.30 -53.19
N PRO F 178 -23.67 -22.35 -52.62
CA PRO F 178 -24.17 -20.97 -52.49
C PRO F 178 -24.22 -20.29 -53.85
N PRO F 179 -25.00 -19.22 -53.98
CA PRO F 179 -24.98 -18.46 -55.23
C PRO F 179 -23.65 -17.81 -55.44
N PRO F 180 -23.25 -17.56 -56.70
CA PRO F 180 -21.89 -17.08 -56.98
C PRO F 180 -21.62 -15.71 -56.40
N GLY F 181 -20.40 -15.54 -55.89
CA GLY F 181 -20.00 -14.34 -55.20
C GLY F 181 -20.41 -14.26 -53.75
N VAL F 182 -21.11 -15.27 -53.24
CA VAL F 182 -21.56 -15.32 -51.85
C VAL F 182 -20.98 -16.57 -51.22
N LYS F 183 -20.30 -16.40 -50.09
CA LYS F 183 -19.71 -17.49 -49.34
C LYS F 183 -20.38 -17.61 -47.98
N VAL F 184 -20.50 -18.85 -47.50
CA VAL F 184 -21.22 -19.16 -46.29
C VAL F 184 -20.26 -19.80 -45.30
N TYR F 185 -20.20 -19.26 -44.08
CA TYR F 185 -19.32 -19.78 -43.05
C TYR F 185 -20.12 -20.06 -41.79
N VAL F 186 -19.61 -21.00 -40.98
CA VAL F 186 -20.17 -21.32 -39.68
C VAL F 186 -19.16 -20.90 -38.62
N THR F 187 -19.61 -20.11 -37.66
CA THR F 187 -18.74 -19.53 -36.64
C THR F 187 -19.56 -19.39 -35.37
N GLY F 188 -18.99 -18.72 -34.37
CA GLY F 188 -19.67 -18.46 -33.13
C GLY F 188 -18.94 -19.06 -31.95
N SER F 189 -19.56 -18.96 -30.78
CA SER F 189 -18.96 -19.52 -29.57
C SER F 189 -19.01 -21.04 -29.58
N ALA F 190 -20.06 -21.64 -30.15
CA ALA F 190 -20.14 -23.08 -30.21
C ALA F 190 -19.17 -23.67 -31.21
N ALA F 191 -18.96 -22.98 -32.34
CA ALA F 191 -18.02 -23.47 -33.34
C ALA F 191 -16.58 -23.37 -32.86
N LEU F 192 -16.27 -22.37 -32.02
CA LEU F 192 -14.91 -22.17 -31.57
C LEU F 192 -14.46 -23.29 -30.63
N VAL F 193 -15.35 -23.72 -29.72
CA VAL F 193 -14.99 -24.74 -28.75
C VAL F 193 -14.75 -26.09 -29.44
N ALA F 194 -15.67 -26.47 -30.34
CA ALA F 194 -15.48 -27.71 -31.09
C ALA F 194 -14.28 -27.63 -32.03
N ASP F 195 -14.04 -26.45 -32.61
CA ASP F 195 -12.90 -26.28 -33.49
C ASP F 195 -11.59 -26.40 -32.72
N GLN F 196 -11.55 -25.88 -31.49
CA GLN F 196 -10.40 -26.07 -30.63
C GLN F 196 -10.25 -27.53 -30.21
N GLN F 197 -11.38 -28.23 -30.01
CA GLN F 197 -11.32 -29.65 -29.67
C GLN F 197 -10.74 -30.47 -30.82
N GLN F 198 -11.13 -30.16 -32.06
CA GLN F 198 -10.59 -30.85 -33.23
C GLN F 198 -9.20 -30.35 -33.62
N ALA F 199 -8.76 -29.19 -33.11
CA ALA F 199 -7.40 -28.72 -33.32
C ALA F 199 -6.45 -29.15 -32.21
N GLY F 200 -6.96 -29.62 -31.08
CA GLY F 200 -6.12 -30.04 -29.99
C GLY F 200 -5.45 -31.39 -30.17
N ASP F 201 -5.86 -32.14 -31.19
CA ASP F 201 -5.24 -33.42 -31.49
C ASP F 201 -4.50 -33.47 -32.83
N ARG F 202 -4.70 -32.47 -33.69
CA ARG F 202 -3.99 -32.41 -34.96
C ARG F 202 -2.59 -31.82 -34.83
N SER F 203 -2.23 -31.34 -33.65
CA SER F 203 -0.93 -30.71 -33.41
C SER F 203 -0.25 -31.34 -32.21
N LEU F 204 -0.27 -32.67 -32.13
CA LEU F 204 0.36 -33.39 -31.03
C LEU F 204 1.51 -34.28 -31.47
N GLN F 205 1.79 -34.38 -32.77
CA GLN F 205 2.84 -35.30 -33.23
C GLN F 205 4.22 -34.65 -33.11
N VAL F 206 4.37 -33.45 -33.68
CA VAL F 206 5.68 -32.80 -33.70
C VAL F 206 6.11 -32.38 -32.30
N ILE F 207 5.17 -31.95 -31.46
CA ILE F 207 5.55 -31.59 -30.10
C ILE F 207 5.91 -32.83 -29.30
N GLU F 208 5.31 -33.99 -29.61
CA GLU F 208 5.69 -35.22 -28.93
C GLU F 208 7.08 -35.66 -29.37
N ALA F 209 7.40 -35.48 -30.66
CA ALA F 209 8.75 -35.80 -31.13
C ALA F 209 9.79 -34.90 -30.48
N VAL F 210 9.50 -33.60 -30.37
CA VAL F 210 10.43 -32.67 -29.74
C VAL F 210 10.60 -32.98 -28.26
N THR F 211 9.51 -33.23 -27.54
CA THR F 211 9.66 -33.53 -26.13
C THR F 211 10.33 -34.88 -25.92
N PHE F 212 10.16 -35.83 -26.85
CA PHE F 212 10.83 -37.12 -26.72
C PHE F 212 12.33 -36.98 -26.89
N THR F 213 12.77 -36.21 -27.91
CA THR F 213 14.21 -36.05 -28.07
C THR F 213 14.82 -35.19 -26.97
N VAL F 214 14.04 -34.26 -26.40
CA VAL F 214 14.53 -33.50 -25.24
C VAL F 214 14.69 -34.42 -24.02
N ILE F 215 13.73 -35.32 -23.79
CA ILE F 215 13.88 -36.28 -22.69
C ILE F 215 15.09 -37.18 -22.90
N ILE F 216 15.31 -37.64 -24.14
CA ILE F 216 16.45 -38.50 -24.42
C ILE F 216 17.78 -37.77 -24.17
N VAL F 217 17.91 -36.54 -24.69
CA VAL F 217 19.17 -35.83 -24.53
C VAL F 217 19.38 -35.42 -23.06
N MET F 218 18.29 -35.11 -22.35
CA MET F 218 18.44 -34.74 -20.94
C MET F 218 18.83 -35.95 -20.09
N LEU F 219 18.28 -37.13 -20.41
CA LEU F 219 18.70 -38.32 -19.66
C LEU F 219 20.11 -38.74 -20.03
N LEU F 220 20.53 -38.52 -21.27
CA LEU F 220 21.92 -38.79 -21.60
C LEU F 220 22.87 -37.74 -21.02
N LEU F 221 22.34 -36.58 -20.59
CA LEU F 221 23.16 -35.66 -19.83
C LEU F 221 23.21 -36.03 -18.35
N VAL F 222 22.08 -36.46 -17.78
CA VAL F 222 22.03 -36.82 -16.36
C VAL F 222 22.80 -38.11 -16.09
N TYR F 223 22.69 -39.11 -16.97
CA TYR F 223 23.28 -40.40 -16.68
C TYR F 223 24.49 -40.74 -17.54
N ARG F 224 24.56 -40.23 -18.78
CA ARG F 224 25.64 -40.52 -19.73
C ARG F 224 25.80 -42.02 -19.99
N SER F 225 24.67 -42.73 -19.92
CA SER F 225 24.63 -44.16 -20.16
C SER F 225 23.28 -44.49 -20.76
N ILE F 226 23.25 -45.45 -21.68
CA ILE F 226 22.02 -45.75 -22.39
C ILE F 226 21.17 -46.80 -21.66
N ILE F 227 21.81 -47.72 -20.93
CA ILE F 227 21.07 -48.79 -20.29
C ILE F 227 20.36 -48.31 -19.03
N THR F 228 21.02 -47.44 -18.25
CA THR F 228 20.38 -46.82 -17.08
C THR F 228 19.22 -45.91 -17.50
N SER F 229 19.42 -45.15 -18.58
CA SER F 229 18.34 -44.30 -19.09
C SER F 229 17.18 -45.13 -19.60
N ALA F 230 17.46 -46.27 -20.23
CA ALA F 230 16.40 -47.16 -20.69
C ALA F 230 15.61 -47.73 -19.52
N ILE F 231 16.30 -48.07 -18.43
CA ILE F 231 15.62 -48.55 -17.21
C ILE F 231 14.70 -47.48 -16.65
N MET F 232 15.18 -46.23 -16.58
CA MET F 232 14.36 -45.13 -16.08
C MET F 232 13.12 -44.91 -16.95
N LEU F 233 13.31 -44.94 -18.28
CA LEU F 233 12.19 -44.76 -19.18
C LEU F 233 11.17 -45.88 -19.05
N THR F 234 11.64 -47.12 -18.82
CA THR F 234 10.73 -48.23 -18.58
C THR F 234 9.90 -48.01 -17.32
N MET F 235 10.54 -47.51 -16.25
CA MET F 235 9.81 -47.18 -15.02
C MET F 235 8.69 -46.17 -15.30
N VAL F 236 9.04 -45.10 -16.01
CA VAL F 236 8.08 -44.01 -16.26
C VAL F 236 6.90 -44.51 -17.10
N VAL F 237 7.19 -45.27 -18.17
CA VAL F 237 6.10 -45.67 -19.04
C VAL F 237 5.22 -46.72 -18.36
N LEU F 238 5.80 -47.60 -17.52
CA LEU F 238 4.98 -48.58 -16.83
C LEU F 238 4.06 -47.91 -15.82
N GLY F 239 4.57 -46.91 -15.08
CA GLY F 239 3.71 -46.18 -14.16
C GLY F 239 2.61 -45.41 -14.87
N LEU F 240 2.93 -44.78 -15.99
CA LEU F 240 1.94 -44.05 -16.79
C LEU F 240 0.84 -44.98 -17.28
N LEU F 241 1.22 -46.14 -17.83
CA LEU F 241 0.21 -47.06 -18.36
C LEU F 241 -0.66 -47.64 -17.25
N ALA F 242 -0.08 -47.93 -16.09
CA ALA F 242 -0.88 -48.41 -14.97
C ALA F 242 -1.90 -47.38 -14.51
N THR F 243 -1.47 -46.11 -14.42
CA THR F 243 -2.39 -45.05 -13.98
C THR F 243 -3.50 -44.83 -15.00
N ARG F 244 -3.14 -44.79 -16.28
CA ARG F 244 -4.15 -44.62 -17.33
C ARG F 244 -5.16 -45.76 -17.33
N GLY F 245 -4.68 -47.00 -17.21
CA GLY F 245 -5.60 -48.13 -17.17
C GLY F 245 -6.53 -48.12 -15.96
N GLY F 246 -5.98 -47.78 -14.79
CA GLY F 246 -6.81 -47.73 -13.59
C GLY F 246 -7.90 -46.68 -13.66
N VAL F 247 -7.54 -45.47 -14.09
CA VAL F 247 -8.54 -44.39 -14.15
C VAL F 247 -9.56 -44.66 -15.25
N ALA F 248 -9.12 -45.24 -16.39
CA ALA F 248 -10.06 -45.57 -17.45
C ALA F 248 -11.04 -46.66 -17.01
N PHE F 249 -10.57 -47.64 -16.24
CA PHE F 249 -11.48 -48.68 -15.77
C PHE F 249 -12.46 -48.14 -14.73
N LEU F 250 -11.99 -47.28 -13.82
CA LEU F 250 -12.90 -46.71 -12.84
C LEU F 250 -13.89 -45.73 -13.47
N GLY F 251 -13.52 -45.11 -14.59
CA GLY F 251 -14.44 -44.20 -15.25
C GLY F 251 -15.37 -44.84 -16.26
N PHE F 252 -15.04 -46.03 -16.75
CA PHE F 252 -15.88 -46.64 -17.77
C PHE F 252 -17.15 -47.26 -17.18
N HIS F 253 -17.10 -47.78 -15.95
CA HIS F 253 -18.27 -48.31 -15.26
C HIS F 253 -19.06 -47.24 -14.52
N ARG F 254 -18.79 -45.96 -14.79
CA ARG F 254 -19.49 -44.82 -14.20
C ARG F 254 -19.41 -44.80 -12.68
N ILE F 255 -18.34 -45.36 -12.11
CA ILE F 255 -18.11 -45.23 -10.68
C ILE F 255 -17.79 -43.79 -10.32
N ILE F 256 -16.92 -43.15 -11.11
CA ILE F 256 -16.58 -41.74 -10.93
C ILE F 256 -16.88 -41.02 -12.24
N GLY F 257 -16.59 -39.73 -12.29
CA GLY F 257 -16.83 -38.93 -13.48
C GLY F 257 -15.52 -38.33 -14.00
N LEU F 258 -15.37 -38.34 -15.33
CA LEU F 258 -14.18 -37.82 -15.97
C LEU F 258 -14.54 -36.69 -16.93
N SER F 259 -13.50 -36.02 -17.43
CA SER F 259 -13.64 -34.94 -18.39
C SER F 259 -12.30 -34.80 -19.12
N THR F 260 -12.30 -33.95 -20.15
CA THR F 260 -11.11 -33.78 -20.97
C THR F 260 -9.99 -33.08 -20.20
N PHE F 261 -10.32 -32.01 -19.47
CA PHE F 261 -9.31 -31.32 -18.69
C PHE F 261 -8.78 -32.18 -17.55
N ALA F 262 -9.65 -32.99 -16.96
CA ALA F 262 -9.21 -33.93 -15.93
C ALA F 262 -8.19 -34.92 -16.47
N THR F 263 -8.42 -35.45 -17.67
CA THR F 263 -7.49 -36.41 -18.24
C THR F 263 -6.17 -35.77 -18.66
N ASN F 264 -6.22 -34.55 -19.22
CA ASN F 264 -4.96 -33.89 -19.59
C ASN F 264 -4.12 -33.53 -18.36
N LEU F 265 -4.75 -32.97 -17.32
CA LEU F 265 -4.01 -32.71 -16.09
C LEU F 265 -3.53 -33.98 -15.43
N LEU F 266 -4.30 -35.07 -15.57
CA LEU F 266 -3.87 -36.36 -15.02
C LEU F 266 -2.63 -36.86 -15.74
N VAL F 267 -2.57 -36.73 -17.06
CA VAL F 267 -1.39 -37.15 -17.81
C VAL F 267 -0.17 -36.33 -17.41
N VAL F 268 -0.34 -35.00 -17.28
CA VAL F 268 0.79 -34.14 -16.96
C VAL F 268 1.31 -34.44 -15.55
N LEU F 269 0.40 -34.56 -14.58
CA LEU F 269 0.82 -34.85 -13.21
C LEU F 269 1.36 -36.27 -13.06
N ALA F 270 0.87 -37.21 -13.86
CA ALA F 270 1.38 -38.57 -13.81
C ALA F 270 2.80 -38.64 -14.35
N ILE F 271 3.07 -37.94 -15.46
CA ILE F 271 4.45 -37.80 -15.94
C ILE F 271 5.34 -37.19 -14.87
N ALA F 272 4.86 -36.11 -14.24
CA ALA F 272 5.65 -35.43 -13.20
C ALA F 272 6.01 -36.37 -12.06
N ALA F 273 5.01 -37.03 -11.47
CA ALA F 273 5.25 -37.87 -10.31
C ALA F 273 6.07 -39.11 -10.67
N ALA F 274 5.80 -39.71 -11.83
CA ALA F 274 6.52 -40.93 -12.21
C ALA F 274 7.99 -40.64 -12.48
N THR F 275 8.28 -39.59 -13.26
CA THR F 275 9.67 -39.23 -13.50
C THR F 275 10.38 -38.85 -12.21
N ASP F 276 9.70 -38.10 -11.33
CA ASP F 276 10.31 -37.72 -10.07
C ASP F 276 10.71 -38.94 -9.26
N TYR F 277 9.75 -39.84 -9.00
CA TYR F 277 10.01 -40.97 -8.10
C TYR F 277 11.03 -41.93 -8.70
N ALA F 278 11.00 -42.12 -10.03
CA ALA F 278 11.98 -42.99 -10.66
C ALA F 278 13.39 -42.42 -10.55
N ILE F 279 13.56 -41.11 -10.79
CA ILE F 279 14.87 -40.50 -10.62
C ILE F 279 15.33 -40.57 -9.17
N PHE F 280 14.41 -40.38 -8.21
CA PHE F 280 14.81 -40.45 -6.80
C PHE F 280 15.32 -41.86 -6.47
N LEU F 281 14.62 -42.88 -6.95
CA LEU F 281 14.98 -44.26 -6.66
C LEU F 281 16.34 -44.61 -7.25
N ILE F 282 16.53 -44.37 -8.56
CA ILE F 282 17.78 -44.76 -9.20
C ILE F 282 18.96 -43.92 -8.69
N GLY F 283 18.73 -42.63 -8.42
CA GLY F 283 19.79 -41.80 -7.87
C GLY F 283 20.24 -42.26 -6.50
N ARG F 284 19.29 -42.62 -5.63
CA ARG F 284 19.67 -43.10 -4.31
C ARG F 284 20.39 -44.43 -4.39
N TYR F 285 19.97 -45.32 -5.30
CA TYR F 285 20.70 -46.57 -5.46
C TYR F 285 22.11 -46.35 -5.99
N GLN F 286 22.27 -45.44 -6.96
CA GLN F 286 23.59 -45.18 -7.53
C GLN F 286 24.53 -44.57 -6.52
N GLU F 287 24.05 -43.65 -5.68
CA GLU F 287 24.92 -43.10 -4.66
C GLU F 287 25.19 -44.08 -3.53
N ALA F 288 24.25 -44.97 -3.23
CA ALA F 288 24.54 -46.02 -2.25
C ALA F 288 25.57 -47.00 -2.79
N ARG F 289 25.62 -47.20 -4.10
CA ARG F 289 26.69 -48.00 -4.68
C ARG F 289 28.01 -47.25 -4.70
N GLY F 290 27.96 -45.95 -5.00
CA GLY F 290 29.17 -45.14 -5.04
C GLY F 290 29.78 -44.88 -3.68
N LEU F 291 29.01 -45.05 -2.60
CA LEU F 291 29.59 -44.99 -1.26
C LEU F 291 30.55 -46.14 -1.02
N GLY F 292 30.34 -47.28 -1.67
CA GLY F 292 31.21 -48.42 -1.49
C GLY F 292 30.50 -49.65 -0.96
N GLN F 293 29.23 -49.78 -1.27
CA GLN F 293 28.42 -50.91 -0.82
C GLN F 293 28.22 -51.92 -1.95
N ASP F 294 27.83 -53.13 -1.55
CA ASP F 294 27.52 -54.19 -2.50
C ASP F 294 26.10 -53.99 -3.04
N ARG F 295 25.67 -54.92 -3.90
CA ARG F 295 24.37 -54.79 -4.54
C ARG F 295 23.21 -55.30 -3.68
N GLU F 296 23.51 -55.95 -2.55
CA GLU F 296 22.47 -56.46 -1.66
C GLU F 296 22.08 -55.44 -0.61
N SER F 297 23.07 -54.87 0.07
CA SER F 297 22.79 -53.92 1.15
C SER F 297 22.35 -52.56 0.63
N ALA F 298 22.77 -52.19 -0.59
CA ALA F 298 22.44 -50.87 -1.12
C ALA F 298 20.96 -50.76 -1.46
N TYR F 299 20.33 -51.86 -1.90
CA TYR F 299 18.90 -51.85 -2.18
C TYR F 299 18.10 -51.62 -0.90
N TYR F 300 18.50 -52.27 0.20
CA TYR F 300 17.82 -52.06 1.47
C TYR F 300 18.10 -50.66 2.02
N THR F 301 19.31 -50.13 1.78
CA THR F 301 19.63 -48.77 2.20
C THR F 301 18.79 -47.74 1.47
N MET F 302 18.65 -47.88 0.14
CA MET F 302 17.84 -46.91 -0.60
C MET F 302 16.35 -47.05 -0.28
N PHE F 303 15.87 -48.28 -0.02
CA PHE F 303 14.49 -48.43 0.41
C PHE F 303 14.24 -47.74 1.75
N GLY F 304 15.07 -48.05 2.76
CA GLY F 304 14.93 -47.42 4.06
C GLY F 304 15.18 -45.92 4.04
N GLY F 305 15.87 -45.42 3.02
CA GLY F 305 16.01 -44.00 2.84
C GLY F 305 14.80 -43.30 2.25
N THR F 306 14.27 -43.77 1.12
CA THR F 306 13.31 -42.98 0.37
C THR F 306 11.88 -43.50 0.41
N ALA F 307 11.61 -44.63 1.09
CA ALA F 307 10.26 -45.20 1.06
C ALA F 307 9.24 -44.31 1.75
N HIS F 308 9.54 -43.87 2.97
CA HIS F 308 8.61 -42.98 3.68
C HIS F 308 8.49 -41.63 2.99
N VAL F 309 9.56 -41.20 2.31
CA VAL F 309 9.53 -39.92 1.60
C VAL F 309 8.56 -39.99 0.43
N VAL F 310 8.66 -41.04 -0.39
CA VAL F 310 7.77 -41.14 -1.55
C VAL F 310 6.33 -41.39 -1.10
N LEU F 311 6.14 -42.18 -0.04
CA LEU F 311 4.78 -42.43 0.47
C LEU F 311 4.14 -41.14 0.98
N GLY F 312 4.87 -40.38 1.81
CA GLY F 312 4.33 -39.15 2.35
C GLY F 312 4.06 -38.10 1.28
N SER F 313 5.00 -37.95 0.34
CA SER F 313 4.81 -36.99 -0.75
C SER F 313 3.59 -37.35 -1.58
N GLY F 314 3.44 -38.63 -1.94
CA GLY F 314 2.33 -39.03 -2.78
C GLY F 314 0.99 -38.88 -2.09
N LEU F 315 0.90 -39.27 -0.81
CA LEU F 315 -0.36 -39.08 -0.10
C LEU F 315 -0.66 -37.61 0.17
N THR F 316 0.36 -36.76 0.28
CA THR F 316 0.08 -35.33 0.44
C THR F 316 -0.49 -34.73 -0.85
N ILE F 317 0.09 -35.07 -2.01
CA ILE F 317 -0.49 -34.59 -3.27
C ILE F 317 -1.88 -35.17 -3.50
N ALA F 318 -2.07 -36.45 -3.13
CA ALA F 318 -3.39 -37.06 -3.26
C ALA F 318 -4.42 -36.37 -2.37
N GLY F 319 -4.03 -36.05 -1.14
CA GLY F 319 -4.95 -35.37 -0.23
C GLY F 319 -5.28 -33.95 -0.66
N ALA F 320 -4.29 -33.22 -1.17
CA ALA F 320 -4.55 -31.87 -1.67
C ALA F 320 -5.47 -31.89 -2.87
N THR F 321 -5.23 -32.81 -3.81
CA THR F 321 -6.09 -32.92 -4.98
C THR F 321 -7.48 -33.42 -4.59
N PHE F 322 -7.58 -34.21 -3.51
CA PHE F 322 -8.89 -34.63 -3.03
C PHE F 322 -9.64 -33.47 -2.37
N CYS F 323 -8.94 -32.65 -1.58
CA CYS F 323 -9.57 -31.48 -0.96
C CYS F 323 -9.88 -30.39 -1.98
N LEU F 324 -9.35 -30.51 -3.21
CA LEU F 324 -9.73 -29.62 -4.29
C LEU F 324 -11.18 -29.83 -4.77
N SER F 325 -11.86 -30.89 -4.32
CA SER F 325 -13.23 -31.16 -4.76
C SER F 325 -14.29 -30.43 -3.96
N PHE F 326 -13.91 -29.50 -3.07
CA PHE F 326 -14.85 -28.66 -2.35
C PHE F 326 -15.08 -27.32 -3.04
N THR F 327 -15.07 -27.33 -4.37
CA THR F 327 -14.94 -26.14 -5.19
C THR F 327 -16.19 -25.93 -6.05
N ARG F 328 -16.58 -24.66 -6.19
CA ARG F 328 -17.83 -24.32 -6.87
C ARG F 328 -17.75 -24.46 -8.38
N LEU F 329 -16.64 -24.06 -9.00
CA LEU F 329 -16.55 -24.14 -10.45
C LEU F 329 -16.40 -25.58 -10.91
N PRO F 330 -17.02 -25.95 -12.04
CA PRO F 330 -16.90 -27.34 -12.53
C PRO F 330 -15.50 -27.69 -13.02
N TYR F 331 -14.71 -26.70 -13.43
CA TYR F 331 -13.34 -26.94 -13.90
C TYR F 331 -12.51 -27.63 -12.83
N PHE F 332 -12.67 -27.21 -11.58
CA PHE F 332 -11.94 -27.81 -10.48
C PHE F 332 -12.76 -28.85 -9.75
N GLN F 333 -14.08 -28.85 -9.95
CA GLN F 333 -14.94 -29.85 -9.31
C GLN F 333 -14.80 -31.21 -9.98
N THR F 334 -14.71 -31.23 -11.31
CA THR F 334 -14.52 -32.50 -12.03
C THR F 334 -13.07 -32.91 -12.11
N LEU F 335 -12.23 -32.41 -11.19
CA LEU F 335 -10.80 -32.65 -11.20
C LEU F 335 -10.30 -33.21 -9.88
N GLY F 336 -11.12 -33.23 -8.84
CA GLY F 336 -10.68 -33.62 -7.51
C GLY F 336 -10.43 -35.09 -7.29
N VAL F 337 -11.46 -35.92 -7.46
CA VAL F 337 -11.34 -37.36 -7.16
C VAL F 337 -10.66 -38.19 -8.26
N PRO F 338 -10.79 -37.96 -9.58
CA PRO F 338 -10.08 -38.87 -10.50
C PRO F 338 -8.57 -38.71 -10.46
N LEU F 339 -8.07 -37.47 -10.31
CA LEU F 339 -6.64 -37.30 -10.16
C LEU F 339 -6.14 -37.81 -8.81
N ALA F 340 -7.00 -37.80 -7.79
CA ALA F 340 -6.63 -38.41 -6.52
C ALA F 340 -6.45 -39.91 -6.66
N ILE F 341 -7.38 -40.57 -7.35
CA ILE F 341 -7.27 -42.01 -7.61
C ILE F 341 -6.02 -42.30 -8.44
N GLY F 342 -5.77 -41.45 -9.45
CA GLY F 342 -4.58 -41.61 -10.26
C GLY F 342 -3.29 -41.47 -9.46
N MET F 343 -3.26 -40.51 -8.53
CA MET F 343 -2.07 -40.33 -7.70
C MET F 343 -1.86 -41.51 -6.75
N VAL F 344 -2.95 -42.08 -6.21
CA VAL F 344 -2.80 -43.28 -5.38
C VAL F 344 -2.28 -44.44 -6.20
N ILE F 345 -2.70 -44.55 -7.46
CA ILE F 345 -2.20 -45.62 -8.33
C ILE F 345 -0.71 -45.40 -8.62
N VAL F 346 -0.31 -44.15 -8.85
CA VAL F 346 1.11 -43.81 -9.04
C VAL F 346 1.94 -44.21 -7.82
N VAL F 347 1.42 -43.91 -6.62
CA VAL F 347 2.14 -44.26 -5.39
C VAL F 347 2.27 -45.77 -5.25
N ALA F 348 1.19 -46.51 -5.52
CA ALA F 348 1.24 -47.96 -5.42
C ALA F 348 2.23 -48.56 -6.41
N ALA F 349 2.22 -48.07 -7.66
CA ALA F 349 3.17 -48.55 -8.66
C ALA F 349 4.60 -48.25 -8.27
N ALA F 350 4.86 -47.01 -7.81
CA ALA F 350 6.23 -46.63 -7.45
C ALA F 350 6.72 -47.34 -6.21
N LEU F 351 5.81 -47.78 -5.34
CA LEU F 351 6.23 -48.50 -4.13
C LEU F 351 6.41 -50.00 -4.35
N THR F 352 5.69 -50.61 -5.29
CA THR F 352 5.89 -52.04 -5.49
C THR F 352 6.69 -52.38 -6.74
N LEU F 353 6.31 -51.84 -7.89
CA LEU F 353 6.93 -52.24 -9.16
C LEU F 353 8.37 -51.76 -9.28
N GLY F 354 8.63 -50.49 -8.93
CA GLY F 354 9.92 -49.88 -9.08
C GLY F 354 11.08 -50.54 -8.36
N PRO F 355 10.97 -50.71 -7.03
CA PRO F 355 12.01 -51.47 -6.32
C PRO F 355 12.17 -52.90 -6.79
N ALA F 356 11.09 -53.53 -7.26
CA ALA F 356 11.20 -54.88 -7.81
C ALA F 356 12.04 -54.91 -9.07
N ILE F 357 11.83 -53.96 -9.98
CA ILE F 357 12.61 -54.00 -11.22
C ILE F 357 14.04 -53.56 -10.96
N ILE F 358 14.27 -52.68 -9.97
CA ILE F 358 15.64 -52.38 -9.56
C ILE F 358 16.32 -53.63 -9.01
N ALA F 359 15.60 -54.40 -8.19
CA ALA F 359 16.18 -55.61 -7.59
C ALA F 359 16.46 -56.68 -8.64
N VAL F 360 15.63 -56.78 -9.67
CA VAL F 360 15.88 -57.83 -10.65
C VAL F 360 16.94 -57.40 -11.68
N THR F 361 17.04 -56.11 -12.00
CA THR F 361 18.08 -55.66 -12.92
C THR F 361 19.42 -55.53 -12.21
N SER F 362 19.43 -55.46 -10.88
CA SER F 362 20.68 -55.45 -10.14
C SER F 362 21.41 -56.78 -10.23
N ARG F 363 20.69 -57.88 -9.98
CA ARG F 363 21.33 -59.19 -9.87
C ARG F 363 21.70 -59.79 -11.22
N PHE F 364 21.02 -59.38 -12.30
CA PHE F 364 21.17 -60.01 -13.61
C PHE F 364 22.61 -59.89 -14.14
N GLY F 365 23.23 -58.73 -13.92
CA GLY F 365 24.62 -58.57 -14.31
C GLY F 365 25.16 -57.21 -13.94
N LYS F 366 25.93 -56.60 -14.84
CA LYS F 366 26.46 -55.25 -14.64
C LYS F 366 25.58 -54.32 -15.47
N LEU F 367 24.44 -53.92 -14.92
CA LEU F 367 23.46 -53.14 -15.67
C LEU F 367 23.18 -51.78 -15.03
N LEU F 368 23.05 -51.71 -13.72
CA LEU F 368 22.90 -50.44 -13.00
C LEU F 368 24.21 -50.15 -12.27
N GLU F 369 24.90 -49.10 -12.70
CA GLU F 369 26.24 -48.85 -12.17
C GLU F 369 26.57 -47.36 -12.19
N PRO F 370 27.02 -46.80 -11.07
CA PRO F 370 27.53 -45.43 -11.10
C PRO F 370 28.87 -45.34 -11.81
N LYS F 371 29.12 -44.18 -12.40
CA LYS F 371 30.37 -43.93 -13.09
C LYS F 371 30.61 -42.43 -13.13
N ARG F 372 31.89 -42.04 -13.05
CA ARG F 372 32.31 -40.63 -13.02
C ARG F 372 31.59 -39.88 -11.89
N MET F 373 31.96 -40.24 -10.67
CA MET F 373 31.32 -39.69 -9.49
C MET F 373 31.98 -38.33 -9.22
N ALA F 374 31.44 -37.29 -9.87
CA ALA F 374 32.02 -35.95 -9.78
C ALA F 374 31.01 -34.85 -9.50
N ARG F 375 29.72 -35.04 -9.78
CA ARG F 375 28.74 -34.01 -9.46
C ARG F 375 28.51 -33.88 -7.96
N VAL F 376 28.73 -34.98 -7.22
CA VAL F 376 28.63 -34.93 -5.76
C VAL F 376 29.70 -33.99 -5.19
N ARG F 377 30.90 -34.01 -5.77
CA ARG F 377 31.96 -33.10 -5.34
C ARG F 377 31.57 -31.64 -5.59
N GLY F 378 31.01 -31.35 -6.76
CA GLY F 378 30.62 -29.99 -7.07
C GLY F 378 29.50 -29.48 -6.19
N TRP F 379 28.50 -30.32 -5.94
CA TRP F 379 27.40 -29.89 -5.09
C TRP F 379 27.81 -29.81 -3.62
N ARG F 380 28.78 -30.62 -3.21
CA ARG F 380 29.35 -30.45 -1.88
C ARG F 380 30.09 -29.12 -1.76
N LYS F 381 30.81 -28.72 -2.82
CA LYS F 381 31.47 -27.41 -2.82
C LYS F 381 30.45 -26.26 -2.75
N VAL F 382 29.34 -26.41 -3.47
CA VAL F 382 28.26 -25.42 -3.40
C VAL F 382 27.70 -25.35 -1.98
N GLY F 383 27.51 -26.50 -1.34
CA GLY F 383 27.09 -26.52 0.05
C GLY F 383 28.09 -25.89 1.00
N ALA F 384 29.39 -26.04 0.70
CA ALA F 384 30.43 -25.37 1.48
C ALA F 384 30.33 -23.86 1.35
N ALA F 385 30.06 -23.38 0.13
CA ALA F 385 29.84 -21.95 -0.06
C ALA F 385 28.63 -21.48 0.72
N ILE F 386 27.57 -22.28 0.75
CA ILE F 386 26.35 -21.91 1.46
C ILE F 386 26.58 -21.85 2.97
N VAL F 387 27.30 -22.82 3.52
CA VAL F 387 27.52 -22.84 4.97
C VAL F 387 28.47 -21.70 5.39
N ARG F 388 29.52 -21.43 4.61
CA ARG F 388 30.55 -20.51 5.10
C ARG F 388 30.04 -19.07 5.19
N TRP F 389 29.28 -18.62 4.19
CA TRP F 389 28.75 -17.26 4.15
C TRP F 389 27.26 -17.32 3.87
N PRO F 390 26.44 -17.63 4.87
CA PRO F 390 24.99 -17.76 4.63
C PRO F 390 24.29 -16.42 4.46
N GLY F 391 24.82 -15.39 5.13
CA GLY F 391 24.25 -14.06 5.10
C GLY F 391 24.21 -13.41 3.72
N PRO F 392 25.39 -13.18 3.12
CA PRO F 392 25.41 -12.60 1.76
C PRO F 392 24.69 -13.43 0.71
N ILE F 393 24.76 -14.76 0.81
CA ILE F 393 24.04 -15.62 -0.14
C ILE F 393 22.54 -15.46 0.02
N LEU F 394 22.06 -15.38 1.27
CA LEU F 394 20.64 -15.13 1.49
C LEU F 394 20.24 -13.75 0.97
N VAL F 395 21.12 -12.75 1.14
CA VAL F 395 20.82 -11.41 0.63
C VAL F 395 20.71 -11.42 -0.90
N GLY F 396 21.61 -12.14 -1.57
CA GLY F 396 21.51 -12.23 -3.03
C GLY F 396 20.28 -12.97 -3.51
N ALA F 397 19.95 -14.09 -2.83
CA ALA F 397 18.76 -14.85 -3.21
C ALA F 397 17.48 -14.07 -2.98
N VAL F 398 17.39 -13.36 -1.85
CA VAL F 398 16.23 -12.49 -1.59
C VAL F 398 16.20 -11.32 -2.56
N ALA F 399 17.35 -10.80 -2.99
CA ALA F 399 17.36 -9.74 -4.00
C ALA F 399 16.77 -10.22 -5.31
N LEU F 400 17.18 -11.42 -5.75
CA LEU F 400 16.60 -12.01 -6.96
C LEU F 400 15.10 -12.28 -6.78
N ALA F 401 14.71 -12.70 -5.57
CA ALA F 401 13.31 -12.96 -5.29
C ALA F 401 12.48 -11.68 -5.39
N LEU F 402 12.99 -10.56 -4.87
CA LEU F 402 12.27 -9.29 -4.99
C LEU F 402 12.23 -8.80 -6.44
N VAL F 403 13.29 -9.07 -7.22
CA VAL F 403 13.25 -8.77 -8.65
C VAL F 403 12.12 -9.56 -9.32
N GLY F 404 11.93 -10.81 -8.90
CA GLY F 404 10.78 -11.57 -9.39
C GLY F 404 9.44 -11.03 -8.92
N LEU F 405 9.35 -10.67 -7.63
CA LEU F 405 8.07 -10.31 -7.02
C LEU F 405 7.58 -8.91 -7.43
N LEU F 406 8.48 -8.02 -7.84
CA LEU F 406 8.08 -6.65 -8.13
C LEU F 406 7.23 -6.52 -9.38
N THR F 407 7.11 -7.57 -10.18
CA THR F 407 6.27 -7.55 -11.38
C THR F 407 4.83 -7.98 -11.08
N LEU F 408 4.63 -8.73 -9.98
CA LEU F 408 3.31 -9.28 -9.65
C LEU F 408 2.18 -8.27 -9.49
N PRO F 409 2.36 -7.08 -8.88
CA PRO F 409 1.24 -6.11 -8.86
C PRO F 409 0.74 -5.69 -10.24
N GLY F 410 1.59 -5.69 -11.25
CA GLY F 410 1.12 -5.43 -12.60
C GLY F 410 0.78 -6.72 -13.32
N TYR F 411 -0.51 -7.08 -13.32
CA TYR F 411 -0.95 -8.35 -13.87
C TYR F 411 -2.34 -8.23 -14.46
N ARG F 412 -2.48 -8.63 -15.71
CA ARG F 412 -3.76 -8.65 -16.39
C ARG F 412 -3.99 -10.02 -17.02
N THR F 413 -5.26 -10.35 -17.24
CA THR F 413 -5.65 -11.65 -17.74
C THR F 413 -6.73 -11.48 -18.81
N ASN F 414 -6.58 -12.18 -19.92
CA ASN F 414 -7.56 -12.17 -20.99
C ASN F 414 -8.44 -13.40 -20.91
N TYR F 415 -9.74 -13.21 -21.14
CA TYR F 415 -10.72 -14.30 -21.12
C TYR F 415 -11.17 -14.70 -22.51
N ASN F 416 -10.44 -14.27 -23.55
CA ASN F 416 -10.81 -14.51 -24.92
C ASN F 416 -9.96 -15.65 -25.45
N ASP F 417 -10.61 -16.67 -26.00
CA ASP F 417 -9.91 -17.85 -26.51
C ASP F 417 -9.59 -17.70 -28.00
N ARG F 418 -10.11 -16.66 -28.64
CA ARG F 418 -9.84 -16.44 -30.06
C ARG F 418 -8.36 -16.16 -30.32
N ASN F 419 -7.75 -15.31 -29.49
CA ASN F 419 -6.38 -14.86 -29.71
C ASN F 419 -5.34 -15.88 -29.26
N TYR F 420 -5.73 -17.11 -28.97
CA TYR F 420 -4.79 -18.14 -28.53
C TYR F 420 -4.79 -19.35 -29.46
N LEU F 421 -5.37 -19.23 -30.65
CA LEU F 421 -5.47 -20.29 -31.64
C LEU F 421 -4.98 -19.77 -32.98
N PRO F 422 -4.48 -20.66 -33.86
CA PRO F 422 -4.02 -20.23 -35.19
C PRO F 422 -5.16 -19.66 -36.02
N ALA F 423 -4.80 -18.79 -36.96
CA ALA F 423 -5.77 -18.04 -37.73
C ALA F 423 -6.32 -18.80 -38.93
N ASP F 424 -5.83 -20.01 -39.22
CA ASP F 424 -6.31 -20.76 -40.37
C ASP F 424 -7.53 -21.64 -40.08
N LEU F 425 -7.95 -21.71 -38.82
CA LEU F 425 -9.12 -22.50 -38.47
C LEU F 425 -10.39 -21.84 -39.02
N PRO F 426 -11.40 -22.64 -39.42
CA PRO F 426 -12.56 -22.07 -40.13
C PRO F 426 -13.41 -21.11 -39.31
N ALA F 427 -13.54 -21.35 -38.00
CA ALA F 427 -14.26 -20.41 -37.14
C ALA F 427 -13.56 -19.07 -37.11
N ASN F 428 -12.23 -19.08 -37.10
CA ASN F 428 -11.47 -17.82 -37.05
C ASN F 428 -11.61 -17.04 -38.35
N GLU F 429 -11.68 -17.70 -39.50
CA GLU F 429 -11.85 -16.92 -40.72
C GLU F 429 -13.30 -16.46 -40.89
N GLY F 430 -14.26 -17.20 -40.34
CA GLY F 430 -15.62 -16.65 -40.25
C GLY F 430 -15.68 -15.42 -39.38
N TYR F 431 -15.00 -15.45 -38.22
CA TYR F 431 -14.82 -14.26 -37.40
C TYR F 431 -14.19 -13.12 -38.18
N ALA F 432 -13.17 -13.44 -38.98
CA ALA F 432 -12.45 -12.41 -39.73
C ALA F 432 -13.35 -11.74 -40.76
N ALA F 433 -14.17 -12.54 -41.46
CA ALA F 433 -15.14 -11.96 -42.40
C ALA F 433 -16.15 -11.08 -41.68
N ALA F 434 -16.63 -11.54 -40.51
CA ALA F 434 -17.56 -10.75 -39.72
C ALA F 434 -16.96 -9.42 -39.28
N GLU F 435 -15.70 -9.42 -38.85
CA GLU F 435 -15.07 -8.17 -38.45
C GLU F 435 -14.69 -7.29 -39.63
N ARG F 436 -14.45 -7.89 -40.81
CA ARG F 436 -14.23 -7.06 -41.99
C ARG F 436 -15.50 -6.38 -42.46
N HIS F 437 -16.68 -6.93 -42.16
CA HIS F 437 -17.92 -6.30 -42.61
C HIS F 437 -18.78 -5.72 -41.49
N PHE F 438 -18.29 -5.69 -40.25
CA PHE F 438 -19.02 -5.12 -39.13
C PHE F 438 -18.08 -4.24 -38.30
N SER F 439 -18.67 -3.31 -37.56
CA SER F 439 -17.90 -2.34 -36.77
C SER F 439 -17.69 -2.76 -35.32
N GLN F 440 -18.31 -3.84 -34.86
CA GLN F 440 -18.17 -4.29 -33.47
C GLN F 440 -18.41 -5.80 -33.43
N ALA F 441 -18.42 -6.34 -32.20
CA ALA F 441 -18.46 -7.79 -31.98
C ALA F 441 -19.91 -8.26 -31.99
N ARG F 442 -20.43 -8.49 -33.19
CA ARG F 442 -21.78 -9.03 -33.35
C ARG F 442 -21.85 -10.53 -33.15
N MET F 443 -20.71 -11.21 -33.03
CA MET F 443 -20.72 -12.67 -32.91
C MET F 443 -21.02 -13.14 -31.50
N ASN F 444 -20.94 -12.27 -30.50
CA ASN F 444 -21.21 -12.65 -29.11
C ASN F 444 -22.20 -11.67 -28.48
N PRO F 445 -23.51 -11.81 -28.77
CA PRO F 445 -24.50 -10.92 -28.15
C PRO F 445 -24.78 -11.28 -26.70
N GLU F 446 -25.69 -10.52 -26.08
CA GLU F 446 -26.21 -10.79 -24.75
C GLU F 446 -27.71 -10.58 -24.75
N VAL F 447 -28.40 -11.27 -23.85
CA VAL F 447 -29.85 -11.22 -23.75
C VAL F 447 -30.23 -10.75 -22.36
N LEU F 448 -31.08 -9.72 -22.30
CA LEU F 448 -31.62 -9.20 -21.05
C LEU F 448 -33.13 -9.34 -21.08
N MET F 449 -33.70 -10.06 -20.12
CA MET F 449 -35.13 -10.32 -20.07
C MET F 449 -35.72 -9.70 -18.81
N VAL F 450 -36.85 -9.02 -18.99
CA VAL F 450 -37.63 -8.44 -17.90
C VAL F 450 -38.88 -9.30 -17.74
N GLU F 451 -39.10 -9.77 -16.51
CA GLU F 451 -40.24 -10.60 -16.12
C GLU F 451 -41.14 -9.78 -15.21
N SER F 452 -42.30 -9.39 -15.73
CA SER F 452 -43.31 -8.65 -14.98
C SER F 452 -44.42 -9.61 -14.56
N ASP F 453 -45.48 -9.06 -13.97
CA ASP F 453 -46.63 -9.85 -13.52
C ASP F 453 -47.92 -9.40 -14.17
N HIS F 454 -47.84 -8.84 -15.38
CA HIS F 454 -49.02 -8.46 -16.14
C HIS F 454 -48.69 -8.45 -17.62
N ASP F 455 -49.74 -8.37 -18.43
CA ASP F 455 -49.59 -8.39 -19.89
C ASP F 455 -49.04 -7.05 -20.36
N MET F 456 -47.95 -7.09 -21.13
CA MET F 456 -47.23 -5.89 -21.56
C MET F 456 -47.70 -5.34 -22.90
N ARG F 457 -48.74 -5.92 -23.50
CA ARG F 457 -49.18 -5.51 -24.83
C ARG F 457 -50.22 -4.39 -24.72
N ASN F 458 -49.74 -3.26 -24.20
CA ASN F 458 -50.52 -2.03 -24.17
C ASN F 458 -49.55 -0.86 -24.19
N SER F 459 -50.09 0.36 -24.15
CA SER F 459 -49.32 1.54 -24.54
C SER F 459 -48.21 1.88 -23.54
N ALA F 460 -48.54 1.92 -22.25
CA ALA F 460 -47.59 2.43 -21.25
C ALA F 460 -46.42 1.48 -21.04
N ASP F 461 -46.65 0.18 -21.14
CA ASP F 461 -45.57 -0.77 -20.98
C ASP F 461 -44.55 -0.66 -22.11
N PHE F 462 -44.98 -0.27 -23.30
CA PHE F 462 -44.01 -0.03 -24.36
C PHE F 462 -43.26 1.29 -24.14
N LEU F 463 -43.89 2.28 -23.50
CA LEU F 463 -43.17 3.49 -23.10
C LEU F 463 -42.02 3.18 -22.15
N VAL F 464 -42.31 2.39 -21.11
CA VAL F 464 -41.23 2.05 -20.18
C VAL F 464 -40.23 1.09 -20.82
N ILE F 465 -40.65 0.26 -21.79
CA ILE F 465 -39.70 -0.59 -22.50
C ILE F 465 -38.72 0.26 -23.31
N ASN F 466 -39.23 1.30 -23.99
CA ASN F 466 -38.37 2.21 -24.74
C ASN F 466 -37.44 2.97 -23.79
N LYS F 467 -37.94 3.35 -22.61
CA LYS F 467 -37.11 4.01 -21.62
C LYS F 467 -35.98 3.11 -21.12
N ILE F 468 -36.28 1.82 -20.93
CA ILE F 468 -35.24 0.86 -20.54
C ILE F 468 -34.18 0.76 -21.63
N ALA F 469 -34.62 0.64 -22.89
CA ALA F 469 -33.66 0.51 -23.99
C ALA F 469 -32.77 1.74 -24.12
N LYS F 470 -33.35 2.94 -23.96
CA LYS F 470 -32.57 4.16 -24.00
C LYS F 470 -31.62 4.26 -22.82
N ALA F 471 -31.99 3.72 -21.66
CA ALA F 471 -31.09 3.74 -20.51
C ALA F 471 -29.91 2.79 -20.71
N ILE F 472 -30.15 1.63 -21.32
CA ILE F 472 -29.04 0.71 -21.58
C ILE F 472 -28.11 1.24 -22.67
N PHE F 473 -28.66 1.95 -23.66
CA PHE F 473 -27.83 2.45 -24.75
C PHE F 473 -26.82 3.49 -24.27
N ALA F 474 -27.12 4.20 -23.18
CA ALA F 474 -26.23 5.22 -22.66
C ALA F 474 -25.15 4.67 -21.75
N VAL F 475 -25.13 3.36 -21.51
CA VAL F 475 -24.02 2.74 -20.79
C VAL F 475 -22.76 2.86 -21.65
N GLU F 476 -21.63 3.15 -21.01
CA GLU F 476 -20.39 3.38 -21.74
C GLU F 476 -19.93 2.10 -22.45
N GLY F 477 -19.50 2.27 -23.69
CA GLY F 477 -18.93 1.17 -24.46
C GLY F 477 -19.90 0.14 -24.99
N ILE F 478 -21.20 0.31 -24.76
CA ILE F 478 -22.19 -0.59 -25.33
C ILE F 478 -22.58 -0.06 -26.70
N SER F 479 -22.35 -0.85 -27.74
CA SER F 479 -22.52 -0.36 -29.09
C SER F 479 -23.99 -0.42 -29.52
N ARG F 480 -24.59 -1.59 -29.45
CA ARG F 480 -25.95 -1.79 -29.94
C ARG F 480 -26.82 -2.37 -28.83
N VAL F 481 -28.06 -1.87 -28.73
CA VAL F 481 -29.09 -2.51 -27.93
C VAL F 481 -30.37 -2.48 -28.75
N GLN F 482 -30.91 -3.66 -29.07
CA GLN F 482 -32.09 -3.75 -29.91
C GLN F 482 -33.26 -4.35 -29.13
N ALA F 483 -34.44 -3.80 -29.40
CA ALA F 483 -35.67 -4.08 -28.67
C ALA F 483 -36.82 -4.15 -29.66
N ILE F 484 -38.04 -4.29 -29.12
CA ILE F 484 -39.23 -4.26 -29.97
C ILE F 484 -39.57 -2.83 -30.37
N THR F 485 -39.24 -1.84 -29.54
CA THR F 485 -39.51 -0.45 -29.88
C THR F 485 -38.55 0.07 -30.95
N ARG F 486 -37.29 -0.34 -30.89
CA ARG F 486 -36.29 0.07 -31.86
C ARG F 486 -35.47 -1.17 -32.26
N PRO F 487 -35.65 -1.67 -33.48
CA PRO F 487 -35.13 -3.00 -33.82
C PRO F 487 -33.68 -3.06 -34.28
N ASP F 488 -33.13 -1.99 -34.85
CA ASP F 488 -31.80 -2.09 -35.43
C ASP F 488 -30.67 -1.75 -34.45
N GLY F 489 -31.00 -1.28 -33.26
CA GLY F 489 -30.00 -1.02 -32.24
C GLY F 489 -29.63 0.43 -31.98
N LYS F 490 -30.46 1.39 -32.40
CA LYS F 490 -30.17 2.81 -32.22
C LYS F 490 -31.35 3.48 -31.52
N PRO F 491 -31.52 3.27 -30.21
CA PRO F 491 -32.67 3.88 -29.51
C PRO F 491 -32.41 5.31 -29.03
N ILE F 492 -32.46 6.25 -29.98
CA ILE F 492 -32.26 7.66 -29.71
C ILE F 492 -33.48 8.49 -30.11
N GLU F 493 -34.63 7.84 -30.23
CA GLU F 493 -35.84 8.50 -30.69
C GLU F 493 -36.96 8.32 -29.67
N SER F 494 -37.70 9.40 -29.43
CA SER F 494 -38.79 9.36 -28.47
C SER F 494 -39.96 8.54 -29.01
N PHE F 495 -40.84 8.14 -28.09
CA PHE F 495 -41.85 7.12 -28.37
C PHE F 495 -43.13 7.78 -28.88
N TYR F 496 -43.57 7.35 -30.06
CA TYR F 496 -44.96 7.53 -30.51
C TYR F 496 -45.33 6.29 -31.31
N LEU F 497 -46.16 5.42 -30.72
CA LEU F 497 -46.50 4.14 -31.33
C LEU F 497 -47.89 3.73 -30.85
N PRO F 498 -48.93 4.01 -31.64
CA PRO F 498 -50.30 3.76 -31.19
C PRO F 498 -50.66 2.29 -31.32
N PRO F 499 -51.65 1.81 -30.55
CA PRO F 499 -51.88 0.35 -30.44
C PRO F 499 -52.49 -0.33 -31.67
N GLU F 500 -53.00 0.41 -32.67
CA GLU F 500 -53.59 -0.28 -33.82
C GLU F 500 -52.56 -1.03 -34.66
N VAL F 501 -51.27 -0.81 -34.44
CA VAL F 501 -50.23 -1.63 -35.04
C VAL F 501 -50.31 -3.08 -34.60
N PHE F 502 -51.07 -3.38 -33.54
CA PHE F 502 -51.39 -4.74 -33.15
C PHE F 502 -52.44 -5.39 -34.06
N ASP F 503 -52.75 -4.81 -35.23
CA ASP F 503 -53.65 -5.42 -36.19
C ASP F 503 -53.00 -5.64 -37.55
N ASN F 504 -51.67 -5.76 -37.59
CA ASN F 504 -50.94 -5.96 -38.85
C ASN F 504 -49.95 -7.09 -38.65
N PRO F 505 -50.04 -8.19 -39.42
CA PRO F 505 -49.44 -9.47 -39.00
C PRO F 505 -47.92 -9.48 -38.83
N ASP F 506 -47.19 -8.64 -39.58
CA ASP F 506 -45.73 -8.58 -39.40
C ASP F 506 -45.34 -8.09 -38.01
N PHE F 507 -46.19 -7.24 -37.41
CA PHE F 507 -45.96 -6.83 -36.03
C PHE F 507 -46.13 -8.01 -35.08
N GLN F 508 -47.10 -8.90 -35.32
CA GLN F 508 -47.18 -10.11 -34.49
C GLN F 508 -46.02 -11.06 -34.74
N ARG F 509 -45.45 -11.07 -35.95
CA ARG F 509 -44.24 -11.88 -36.16
C ARG F 509 -43.08 -11.35 -35.32
N GLY F 510 -42.83 -10.04 -35.38
CA GLY F 510 -41.82 -9.44 -34.52
C GLY F 510 -42.16 -9.54 -33.04
N LEU F 511 -43.45 -9.51 -32.71
CA LEU F 511 -43.90 -9.58 -31.34
C LEU F 511 -43.73 -10.98 -30.76
N GLU F 512 -43.89 -12.01 -31.57
CA GLU F 512 -43.56 -13.35 -31.12
C GLU F 512 -42.05 -13.54 -31.04
N GLN F 513 -41.29 -12.81 -31.88
CA GLN F 513 -39.84 -12.87 -31.80
C GLN F 513 -39.31 -12.24 -30.51
N PHE F 514 -39.90 -11.12 -30.08
CA PHE F 514 -39.36 -10.34 -28.97
C PHE F 514 -40.11 -10.53 -27.66
N LEU F 515 -41.44 -10.39 -27.68
CA LEU F 515 -42.26 -10.57 -26.50
C LEU F 515 -42.64 -12.04 -26.31
N SER F 516 -42.94 -12.39 -25.05
CA SER F 516 -43.35 -13.73 -24.69
C SER F 516 -44.73 -14.03 -25.28
N PRO F 517 -45.05 -15.31 -25.54
CA PRO F 517 -46.41 -15.63 -26.01
C PRO F 517 -47.50 -15.34 -25.00
N ASP F 518 -47.20 -15.38 -23.70
CA ASP F 518 -48.17 -14.96 -22.70
C ASP F 518 -48.01 -13.50 -22.32
N GLY F 519 -47.02 -12.81 -22.88
CA GLY F 519 -46.85 -11.39 -22.68
C GLY F 519 -46.17 -10.98 -21.38
N HIS F 520 -45.72 -11.92 -20.56
CA HIS F 520 -45.15 -11.61 -19.26
C HIS F 520 -43.66 -11.36 -19.30
N ALA F 521 -43.05 -11.34 -20.49
CA ALA F 521 -41.61 -11.16 -20.62
C ALA F 521 -41.29 -10.25 -21.79
N VAL F 522 -40.18 -9.53 -21.67
CA VAL F 522 -39.60 -8.82 -22.80
C VAL F 522 -38.10 -9.06 -22.80
N ARG F 523 -37.49 -9.11 -23.99
CA ARG F 523 -36.06 -9.35 -24.07
C ARG F 523 -35.39 -8.36 -25.01
N PHE F 524 -34.16 -8.00 -24.64
CA PHE F 524 -33.32 -7.01 -25.28
C PHE F 524 -32.04 -7.71 -25.71
N ILE F 525 -31.55 -7.41 -26.90
CA ILE F 525 -30.31 -8.04 -27.40
C ILE F 525 -29.23 -6.97 -27.49
N ILE F 526 -28.10 -7.24 -26.85
CA ILE F 526 -27.05 -6.25 -26.60
C ILE F 526 -25.77 -6.70 -27.28
N SER F 527 -25.16 -5.80 -28.03
CA SER F 527 -23.87 -6.04 -28.68
C SER F 527 -22.85 -5.03 -28.16
N HIS F 528 -21.74 -5.54 -27.63
CA HIS F 528 -20.68 -4.69 -27.09
C HIS F 528 -19.91 -4.00 -28.22
N GLU F 529 -18.88 -3.26 -27.85
CA GLU F 529 -17.90 -2.77 -28.81
C GLU F 529 -16.51 -3.05 -28.25
N GLY F 530 -15.58 -3.29 -29.16
CA GLY F 530 -14.26 -3.74 -28.75
C GLY F 530 -14.25 -5.23 -28.55
N ASP F 531 -13.76 -5.67 -27.39
CA ASP F 531 -13.70 -7.09 -27.06
C ASP F 531 -14.65 -7.39 -25.92
N PRO F 532 -15.68 -8.22 -26.12
CA PRO F 532 -16.55 -8.60 -25.01
C PRO F 532 -15.84 -9.38 -23.91
N MET F 533 -14.83 -10.16 -24.27
CA MET F 533 -14.17 -11.03 -23.31
C MET F 533 -12.98 -10.38 -22.62
N SER F 534 -12.65 -9.14 -22.96
CA SER F 534 -11.57 -8.45 -22.29
C SER F 534 -12.01 -7.99 -20.90
N GLN F 535 -11.07 -7.47 -20.13
CA GLN F 535 -11.36 -7.04 -18.77
C GLN F 535 -12.25 -5.81 -18.72
N ALA F 536 -12.37 -5.06 -19.82
CA ALA F 536 -13.27 -3.93 -19.91
C ALA F 536 -14.67 -4.34 -20.35
N GLY F 537 -14.88 -5.62 -20.69
CA GLY F 537 -16.19 -6.10 -21.05
C GLY F 537 -16.81 -6.96 -19.97
N ILE F 538 -15.95 -7.51 -19.09
CA ILE F 538 -16.43 -8.29 -17.96
C ILE F 538 -17.11 -7.39 -16.94
N ALA F 539 -16.52 -6.22 -16.65
CA ALA F 539 -17.03 -5.31 -15.65
C ALA F 539 -18.07 -4.33 -16.20
N ARG F 540 -18.70 -4.66 -17.32
CA ARG F 540 -19.67 -3.80 -17.98
C ARG F 540 -21.10 -4.28 -17.80
N ILE F 541 -21.29 -5.59 -17.65
CA ILE F 541 -22.62 -6.17 -17.50
C ILE F 541 -23.26 -5.77 -16.18
N ALA F 542 -22.45 -5.50 -15.14
CA ALA F 542 -22.99 -4.97 -13.90
C ALA F 542 -23.59 -3.59 -14.12
N LYS F 543 -22.94 -2.78 -14.95
CA LYS F 543 -23.51 -1.49 -15.33
C LYS F 543 -24.77 -1.66 -16.17
N ILE F 544 -24.84 -2.70 -17.01
CA ILE F 544 -26.08 -2.98 -17.76
C ILE F 544 -27.23 -3.30 -16.81
N LYS F 545 -26.99 -4.19 -15.85
CA LYS F 545 -28.03 -4.58 -14.89
C LYS F 545 -28.46 -3.40 -14.04
N THR F 546 -27.50 -2.60 -13.57
CA THR F 546 -27.83 -1.42 -12.78
C THR F 546 -28.62 -0.40 -13.59
N ALA F 547 -28.26 -0.22 -14.86
CA ALA F 547 -29.00 0.71 -15.72
C ALA F 547 -30.45 0.25 -15.92
N ALA F 548 -30.65 -1.05 -16.12
CA ALA F 548 -32.02 -1.56 -16.23
C ALA F 548 -32.79 -1.39 -14.92
N LYS F 549 -32.13 -1.63 -13.79
CA LYS F 549 -32.80 -1.53 -12.49
C LYS F 549 -33.21 -0.09 -12.18
N GLU F 550 -32.37 0.89 -12.52
CA GLU F 550 -32.80 2.27 -12.35
C GLU F 550 -33.73 2.73 -13.47
N ALA F 551 -33.79 2.01 -14.58
CA ALA F 551 -34.76 2.36 -15.62
C ALA F 551 -36.17 1.92 -15.26
N ILE F 552 -36.33 0.81 -14.54
CA ILE F 552 -37.67 0.35 -14.18
C ILE F 552 -38.24 1.04 -12.96
N LYS F 553 -37.53 2.00 -12.36
CA LYS F 553 -37.96 2.62 -11.11
C LYS F 553 -39.06 3.66 -11.37
N GLY F 554 -40.06 3.67 -10.50
CA GLY F 554 -41.16 4.61 -10.58
C GLY F 554 -42.30 4.17 -11.48
N THR F 555 -41.95 3.53 -12.59
CA THR F 555 -42.93 2.99 -13.52
C THR F 555 -43.59 1.76 -12.91
N PRO F 556 -44.77 1.34 -13.40
CA PRO F 556 -45.46 0.20 -12.76
C PRO F 556 -44.80 -1.15 -12.95
N LEU F 557 -43.67 -1.27 -13.64
CA LEU F 557 -42.88 -2.49 -13.60
C LEU F 557 -41.84 -2.47 -12.49
N GLU F 558 -42.02 -1.65 -11.46
CA GLU F 558 -41.11 -1.64 -10.34
C GLU F 558 -41.21 -2.97 -9.58
N GLY F 559 -40.07 -3.59 -9.33
CA GLY F 559 -40.04 -4.88 -8.68
C GLY F 559 -40.09 -6.07 -9.59
N SER F 560 -39.86 -5.88 -10.90
CA SER F 560 -39.84 -6.99 -11.84
C SER F 560 -38.54 -7.78 -11.68
N ALA F 561 -38.43 -8.86 -12.45
CA ALA F 561 -37.24 -9.71 -12.43
C ALA F 561 -36.36 -9.42 -13.62
N ILE F 562 -35.06 -9.27 -13.38
CA ILE F 562 -34.09 -8.91 -14.40
C ILE F 562 -33.14 -10.09 -14.59
N TYR F 563 -33.10 -10.63 -15.81
CA TYR F 563 -32.29 -11.80 -16.14
C TYR F 563 -31.33 -11.44 -17.26
N LEU F 564 -30.05 -11.73 -17.08
CA LEU F 564 -29.05 -11.36 -18.07
C LEU F 564 -28.16 -12.56 -18.36
N GLY F 565 -28.00 -12.88 -19.65
CA GLY F 565 -27.23 -14.04 -20.05
C GLY F 565 -26.43 -13.77 -21.31
N GLY F 566 -25.40 -14.59 -21.50
CA GLY F 566 -24.52 -14.47 -22.64
C GLY F 566 -23.15 -14.99 -22.30
N THR F 567 -22.20 -14.73 -23.21
CA THR F 567 -20.82 -15.15 -22.99
C THR F 567 -20.15 -14.33 -21.90
N ALA F 568 -20.37 -13.01 -21.91
CA ALA F 568 -19.72 -12.13 -20.95
C ALA F 568 -20.21 -12.39 -19.53
N ALA F 569 -21.51 -12.66 -19.36
CA ALA F 569 -22.04 -12.99 -18.03
C ALA F 569 -21.46 -14.30 -17.51
N MET F 570 -21.34 -15.30 -18.40
CA MET F 570 -20.70 -16.55 -18.05
C MET F 570 -19.27 -16.33 -17.59
N PHE F 571 -18.52 -15.51 -18.32
CA PHE F 571 -17.12 -15.31 -17.97
C PHE F 571 -16.95 -14.51 -16.69
N LYS F 572 -17.87 -13.58 -16.41
CA LYS F 572 -17.81 -12.86 -15.13
C LYS F 572 -18.09 -13.79 -13.95
N ASP F 573 -19.08 -14.68 -14.10
CA ASP F 573 -19.34 -15.65 -13.05
C ASP F 573 -18.15 -16.59 -12.85
N LEU F 574 -17.54 -17.05 -13.94
CA LEU F 574 -16.36 -17.90 -13.84
C LEU F 574 -15.17 -17.18 -13.19
N SER F 575 -15.00 -15.88 -13.46
CA SER F 575 -13.86 -15.18 -12.87
C SER F 575 -14.05 -14.96 -11.36
N ASP F 576 -15.27 -14.60 -10.95
CA ASP F 576 -15.54 -14.47 -9.51
C ASP F 576 -15.36 -15.80 -8.79
N GLY F 577 -15.95 -16.87 -9.35
CA GLY F 577 -15.73 -18.19 -8.79
C GLY F 577 -14.27 -18.59 -8.79
N ASN F 578 -13.52 -18.15 -9.79
CA ASN F 578 -12.10 -18.45 -9.86
C ASN F 578 -11.34 -17.85 -8.69
N THR F 579 -11.59 -16.59 -8.37
CA THR F 579 -10.81 -16.00 -7.27
C THR F 579 -11.18 -16.62 -5.93
N TYR F 580 -12.49 -16.89 -5.68
CA TYR F 580 -12.84 -17.52 -4.40
C TYR F 580 -12.29 -18.94 -4.32
N ASP F 581 -12.31 -19.68 -5.42
CA ASP F 581 -11.88 -21.07 -5.41
C ASP F 581 -10.37 -21.21 -5.38
N LEU F 582 -9.64 -20.25 -5.97
CA LEU F 582 -8.20 -20.20 -5.79
C LEU F 582 -7.85 -19.96 -4.32
N MET F 583 -8.61 -19.10 -3.64
CA MET F 583 -8.39 -18.91 -2.21
C MET F 583 -8.61 -20.22 -1.43
N ILE F 584 -9.70 -20.93 -1.75
CA ILE F 584 -10.02 -22.18 -1.05
C ILE F 584 -8.91 -23.22 -1.28
N ALA F 585 -8.50 -23.39 -2.54
CA ALA F 585 -7.49 -24.39 -2.88
C ALA F 585 -6.14 -24.05 -2.25
N GLY F 586 -5.78 -22.76 -2.23
CA GLY F 586 -4.55 -22.35 -1.58
C GLY F 586 -4.55 -22.65 -0.10
N ILE F 587 -5.67 -22.36 0.59
CA ILE F 587 -5.77 -22.66 2.02
C ILE F 587 -5.60 -24.15 2.27
N SER F 588 -6.33 -24.99 1.51
CA SER F 588 -6.27 -26.43 1.74
C SER F 588 -4.88 -27.00 1.45
N ALA F 589 -4.26 -26.57 0.35
CA ALA F 589 -2.95 -27.09 -0.03
C ALA F 589 -1.87 -26.66 0.97
N LEU F 590 -1.86 -25.40 1.38
CA LEU F 590 -0.85 -24.93 2.33
C LEU F 590 -1.04 -25.57 3.70
N CYS F 591 -2.29 -25.79 4.13
CA CYS F 591 -2.50 -26.50 5.39
C CYS F 591 -1.98 -27.93 5.32
N LEU F 592 -2.20 -28.63 4.20
CA LEU F 592 -1.73 -30.01 4.09
C LEU F 592 -0.20 -30.08 4.02
N ILE F 593 0.44 -29.12 3.34
CA ILE F 593 1.90 -29.08 3.33
C ILE F 593 2.44 -28.81 4.73
N PHE F 594 1.80 -27.92 5.49
CA PHE F 594 2.18 -27.69 6.87
C PHE F 594 2.04 -28.96 7.71
N ILE F 595 0.96 -29.71 7.48
CA ILE F 595 0.73 -30.95 8.22
C ILE F 595 1.83 -31.97 7.94
N ILE F 596 2.14 -32.20 6.66
CA ILE F 596 3.12 -33.25 6.34
C ILE F 596 4.52 -32.84 6.80
N MET F 597 4.86 -31.55 6.70
CA MET F 597 6.14 -31.10 7.24
C MET F 597 6.17 -31.19 8.76
N LEU F 598 5.01 -31.10 9.42
CA LEU F 598 4.99 -31.20 10.87
C LEU F 598 5.14 -32.64 11.34
N ILE F 599 4.51 -33.60 10.65
CA ILE F 599 4.74 -35.00 10.99
C ILE F 599 6.17 -35.42 10.67
N THR F 600 6.71 -35.01 9.52
CA THR F 600 8.03 -35.48 9.10
C THR F 600 9.15 -35.01 10.04
N THR F 601 9.13 -33.72 10.41
CA THR F 601 10.24 -33.13 11.13
C THR F 601 9.97 -32.92 12.61
N ARG F 602 8.71 -33.05 13.05
CA ARG F 602 8.27 -32.83 14.43
C ARG F 602 8.58 -31.42 14.94
N SER F 603 8.74 -30.46 14.05
CA SER F 603 9.08 -29.09 14.43
C SER F 603 8.17 -28.11 13.71
N VAL F 604 7.80 -27.04 14.40
CA VAL F 604 6.83 -26.09 13.87
C VAL F 604 7.53 -24.92 13.18
N VAL F 605 8.74 -24.56 13.60
CA VAL F 605 9.48 -23.47 12.96
C VAL F 605 9.88 -23.86 11.54
N ALA F 606 10.37 -25.09 11.36
CA ALA F 606 10.81 -25.54 10.05
C ALA F 606 9.65 -25.60 9.06
N ALA F 607 8.49 -26.05 9.52
CA ALA F 607 7.31 -26.10 8.65
C ALA F 607 6.89 -24.71 8.21
N ALA F 608 6.94 -23.73 9.12
CA ALA F 608 6.62 -22.35 8.78
C ALA F 608 7.63 -21.79 7.77
N VAL F 609 8.92 -22.09 7.96
CA VAL F 609 9.94 -21.64 7.02
C VAL F 609 9.71 -22.24 5.64
N ILE F 610 9.39 -23.53 5.58
CA ILE F 610 9.17 -24.19 4.29
C ILE F 610 7.94 -23.63 3.59
N VAL F 611 6.84 -23.41 4.32
CA VAL F 611 5.64 -22.91 3.65
C VAL F 611 5.83 -21.47 3.18
N GLY F 612 6.57 -20.66 3.95
CA GLY F 612 6.90 -19.32 3.49
C GLY F 612 7.80 -19.33 2.26
N THR F 613 8.75 -20.28 2.23
CA THR F 613 9.61 -20.45 1.07
C THR F 613 8.79 -20.87 -0.16
N VAL F 614 7.80 -21.74 0.02
CA VAL F 614 6.95 -22.16 -1.10
C VAL F 614 6.14 -20.98 -1.63
N VAL F 615 5.62 -20.14 -0.72
CA VAL F 615 4.88 -18.95 -1.15
C VAL F 615 5.78 -18.01 -1.95
N LEU F 616 7.00 -17.76 -1.45
CA LEU F 616 7.94 -16.91 -2.17
C LEU F 616 8.34 -17.51 -3.52
N SER F 617 8.49 -18.84 -3.56
CA SER F 617 8.84 -19.52 -4.81
C SER F 617 7.76 -19.33 -5.86
N LEU F 618 6.51 -19.60 -5.50
CA LEU F 618 5.41 -19.47 -6.45
C LEU F 618 5.25 -18.01 -6.90
N GLY F 619 5.36 -17.07 -5.95
CA GLY F 619 5.22 -15.67 -6.30
C GLY F 619 6.30 -15.19 -7.26
N ALA F 620 7.56 -15.52 -6.96
CA ALA F 620 8.66 -15.07 -7.81
C ALA F 620 8.63 -15.76 -9.18
N SER F 621 8.29 -17.04 -9.22
CA SER F 621 8.23 -17.76 -10.49
C SER F 621 7.12 -17.21 -11.38
N PHE F 622 5.94 -17.00 -10.82
CA PHE F 622 4.86 -16.46 -11.62
C PHE F 622 5.12 -15.01 -12.00
N GLY F 623 5.79 -14.24 -11.14
CA GLY F 623 6.15 -12.88 -11.51
C GLY F 623 7.16 -12.83 -12.64
N LEU F 624 8.11 -13.76 -12.65
CA LEU F 624 9.04 -13.87 -13.78
C LEU F 624 8.30 -14.24 -15.06
N SER F 625 7.31 -15.14 -14.96
CA SER F 625 6.51 -15.48 -16.13
C SER F 625 5.74 -14.28 -16.65
N VAL F 626 5.19 -13.47 -15.74
CA VAL F 626 4.51 -12.23 -16.12
C VAL F 626 5.49 -11.28 -16.80
N LEU F 627 6.70 -11.14 -16.24
CA LEU F 627 7.69 -10.22 -16.75
C LEU F 627 8.12 -10.59 -18.17
N ILE F 628 8.28 -11.87 -18.44
CA ILE F 628 8.69 -12.28 -19.78
C ILE F 628 7.52 -12.25 -20.76
N TRP F 629 6.38 -12.84 -20.39
CA TRP F 629 5.30 -12.97 -21.37
C TRP F 629 4.60 -11.65 -21.65
N GLN F 630 4.27 -10.88 -20.61
CA GLN F 630 3.48 -9.67 -20.82
C GLN F 630 4.34 -8.51 -21.30
N HIS F 631 5.50 -8.31 -20.71
CA HIS F 631 6.28 -7.10 -20.94
C HIS F 631 7.25 -7.22 -22.10
N ILE F 632 7.79 -8.40 -22.36
CA ILE F 632 8.81 -8.55 -23.38
C ILE F 632 8.19 -8.96 -24.71
N LEU F 633 7.54 -10.13 -24.76
CA LEU F 633 6.91 -10.57 -25.99
C LEU F 633 5.59 -9.85 -26.26
N GLY F 634 4.98 -9.24 -25.25
CA GLY F 634 3.84 -8.39 -25.47
C GLY F 634 2.50 -9.09 -25.67
N ILE F 635 2.29 -10.23 -25.01
CA ILE F 635 1.00 -10.91 -25.02
C ILE F 635 0.64 -11.30 -23.59
N GLU F 636 -0.64 -11.15 -23.24
CA GLU F 636 -1.08 -11.39 -21.88
C GLU F 636 -1.20 -12.89 -21.62
N LEU F 637 -1.56 -13.24 -20.38
CA LEU F 637 -1.65 -14.62 -19.96
C LEU F 637 -3.10 -15.10 -20.00
N HIS F 638 -3.31 -16.32 -19.52
CA HIS F 638 -4.61 -16.97 -19.47
C HIS F 638 -4.84 -17.44 -18.05
N TRP F 639 -6.10 -17.51 -17.64
CA TRP F 639 -6.40 -17.88 -16.25
C TRP F 639 -6.12 -19.36 -15.96
N LEU F 640 -6.28 -20.21 -16.98
CA LEU F 640 -5.90 -21.61 -16.85
C LEU F 640 -4.41 -21.76 -16.59
N VAL F 641 -3.59 -20.84 -17.10
CA VAL F 641 -2.14 -20.90 -16.84
C VAL F 641 -1.87 -20.77 -15.35
N LEU F 642 -2.50 -19.79 -14.71
CA LEU F 642 -2.34 -19.63 -13.26
C LEU F 642 -2.86 -20.84 -12.50
N ALA F 643 -4.01 -21.38 -12.91
CA ALA F 643 -4.60 -22.52 -12.20
C ALA F 643 -3.70 -23.75 -12.24
N MET F 644 -3.37 -24.22 -13.46
CA MET F 644 -2.53 -25.40 -13.60
C MET F 644 -1.11 -25.17 -13.07
N ALA F 645 -0.60 -23.94 -13.18
CA ALA F 645 0.73 -23.64 -12.66
C ALA F 645 0.75 -23.79 -11.14
N VAL F 646 -0.24 -23.25 -10.45
CA VAL F 646 -0.29 -23.38 -8.99
C VAL F 646 -0.39 -24.85 -8.58
N ILE F 647 -1.25 -25.62 -9.27
CA ILE F 647 -1.45 -27.02 -8.90
C ILE F 647 -0.15 -27.81 -9.07
N ILE F 648 0.46 -27.71 -10.25
CA ILE F 648 1.63 -28.52 -10.58
C ILE F 648 2.83 -28.10 -9.75
N LEU F 649 3.05 -26.79 -9.59
CA LEU F 649 4.17 -26.28 -8.82
C LEU F 649 4.05 -26.66 -7.35
N LEU F 650 2.83 -26.59 -6.78
CA LEU F 650 2.65 -27.00 -5.39
C LEU F 650 2.97 -28.48 -5.21
N ALA F 651 2.52 -29.32 -6.14
CA ALA F 651 2.80 -30.76 -6.03
C ALA F 651 4.30 -31.05 -6.06
N VAL F 652 4.99 -30.53 -7.08
CA VAL F 652 6.42 -30.87 -7.23
C VAL F 652 7.25 -30.21 -6.14
N GLY F 653 6.85 -29.02 -5.68
CA GLY F 653 7.51 -28.35 -4.59
C GLY F 653 7.41 -29.13 -3.30
N ALA F 654 6.20 -29.62 -2.97
CA ALA F 654 6.03 -30.47 -1.79
C ALA F 654 6.92 -31.70 -1.86
N ASP F 655 7.00 -32.32 -3.06
CA ASP F 655 7.84 -33.52 -3.23
C ASP F 655 9.31 -33.22 -2.95
N TYR F 656 9.87 -32.19 -3.61
CA TYR F 656 11.30 -31.91 -3.49
C TYR F 656 11.65 -31.43 -2.09
N ASN F 657 10.85 -30.52 -1.53
CA ASN F 657 11.13 -30.03 -0.17
C ASN F 657 11.04 -31.15 0.85
N LEU F 658 10.07 -32.06 0.70
CA LEU F 658 9.94 -33.13 1.68
C LEU F 658 11.17 -34.04 1.62
N LEU F 659 11.66 -34.37 0.41
CA LEU F 659 12.87 -35.21 0.33
C LEU F 659 14.07 -34.51 0.95
N LEU F 660 14.29 -33.24 0.59
CA LEU F 660 15.47 -32.52 1.05
C LEU F 660 15.47 -32.36 2.55
N VAL F 661 14.33 -31.99 3.13
CA VAL F 661 14.27 -31.77 4.57
C VAL F 661 14.35 -33.10 5.32
N ALA F 662 13.82 -34.19 4.74
CA ALA F 662 13.96 -35.49 5.38
C ALA F 662 15.41 -35.94 5.43
N ARG F 663 16.14 -35.78 4.32
CA ARG F 663 17.56 -36.13 4.30
C ARG F 663 18.36 -35.26 5.26
N LEU F 664 18.04 -33.96 5.31
CA LEU F 664 18.78 -33.04 6.17
C LEU F 664 18.54 -33.36 7.64
N LYS F 665 17.29 -33.71 7.99
CA LYS F 665 16.97 -34.17 9.34
C LYS F 665 17.69 -35.47 9.67
N GLU F 666 17.86 -36.35 8.69
CA GLU F 666 18.61 -37.57 8.93
C GLU F 666 20.09 -37.29 9.19
N GLU F 667 20.66 -36.30 8.49
CA GLU F 667 22.09 -36.00 8.61
C GLU F 667 22.41 -34.89 9.61
N ILE F 668 21.43 -34.44 10.41
CA ILE F 668 21.71 -33.50 11.51
C ILE F 668 22.77 -34.05 12.47
N HIS F 669 22.73 -35.35 12.78
CA HIS F 669 23.28 -35.90 14.03
C HIS F 669 24.76 -35.58 14.24
N ALA F 670 25.55 -35.59 13.17
CA ALA F 670 26.99 -35.25 13.29
C ALA F 670 27.22 -33.82 12.84
N GLY F 671 26.81 -32.89 13.70
CA GLY F 671 26.93 -31.46 13.41
C GLY F 671 25.87 -30.96 12.46
N ILE F 672 25.33 -29.77 12.69
CA ILE F 672 24.24 -29.28 11.86
C ILE F 672 24.73 -28.92 10.47
N ASN F 673 25.77 -28.09 10.37
CA ASN F 673 26.08 -27.53 9.07
C ASN F 673 27.02 -28.41 8.24
N THR F 674 27.79 -29.30 8.87
CA THR F 674 28.27 -30.48 8.16
C THR F 674 27.11 -31.32 7.66
N GLY F 675 26.01 -31.32 8.40
CA GLY F 675 24.78 -31.93 7.91
C GLY F 675 24.24 -31.27 6.65
N ILE F 676 24.25 -29.93 6.58
CA ILE F 676 23.87 -29.27 5.33
C ILE F 676 24.84 -29.62 4.19
N ILE F 677 26.14 -29.70 4.49
CA ILE F 677 27.11 -30.06 3.44
C ILE F 677 26.84 -31.47 2.90
N ARG F 678 26.71 -32.45 3.81
CA ARG F 678 26.49 -33.83 3.40
C ARG F 678 25.13 -34.03 2.75
N ALA F 679 24.09 -33.38 3.27
CA ALA F 679 22.76 -33.50 2.68
C ALA F 679 22.69 -32.84 1.32
N MET F 680 23.40 -31.73 1.13
CA MET F 680 23.48 -31.13 -0.20
C MET F 680 24.16 -32.07 -1.18
N GLY F 681 25.36 -32.55 -0.82
CA GLY F 681 26.09 -33.46 -1.67
C GLY F 681 25.38 -34.76 -1.96
N GLY F 682 24.51 -35.21 -1.05
CA GLY F 682 23.67 -36.35 -1.34
C GLY F 682 22.46 -36.04 -2.18
N SER F 683 21.51 -35.26 -1.66
CA SER F 683 20.20 -35.16 -2.30
C SER F 683 20.00 -33.91 -3.14
N GLY F 684 20.83 -32.88 -3.01
CA GLY F 684 20.69 -31.72 -3.86
C GLY F 684 20.94 -32.06 -5.32
N SER F 685 21.90 -32.96 -5.56
CA SER F 685 22.16 -33.44 -6.92
C SER F 685 20.95 -34.16 -7.49
N VAL F 686 20.30 -35.01 -6.69
CA VAL F 686 19.15 -35.77 -7.16
C VAL F 686 17.97 -34.85 -7.45
N VAL F 687 17.70 -33.92 -6.53
CA VAL F 687 16.60 -32.97 -6.69
C VAL F 687 16.84 -32.07 -7.90
N THR F 688 18.09 -31.60 -8.07
CA THR F 688 18.40 -30.76 -9.22
C THR F 688 18.26 -31.53 -10.53
N ALA F 689 18.70 -32.79 -10.56
CA ALA F 689 18.59 -33.59 -11.76
C ALA F 689 17.14 -33.81 -12.15
N ALA F 690 16.30 -34.20 -11.18
CA ALA F 690 14.88 -34.40 -11.45
C ALA F 690 14.20 -33.10 -11.88
N GLY F 691 14.53 -32.00 -11.22
CA GLY F 691 13.95 -30.71 -11.58
C GLY F 691 14.35 -30.26 -12.96
N LEU F 692 15.61 -30.47 -13.35
CA LEU F 692 16.05 -30.07 -14.68
C LEU F 692 15.41 -30.92 -15.77
N VAL F 693 15.30 -32.24 -15.54
CA VAL F 693 14.65 -33.10 -16.53
C VAL F 693 13.19 -32.68 -16.71
N PHE F 694 12.47 -32.48 -15.60
CA PHE F 694 11.07 -32.06 -15.69
C PHE F 694 10.94 -30.68 -16.33
N ALA F 695 11.83 -29.76 -15.97
CA ALA F 695 11.76 -28.39 -16.47
C ALA F 695 11.96 -28.33 -17.97
N PHE F 696 12.93 -29.09 -18.49
CA PHE F 696 13.14 -29.05 -19.93
C PHE F 696 12.10 -29.87 -20.69
N THR F 697 11.56 -30.94 -20.07
CA THR F 697 10.42 -31.64 -20.67
C THR F 697 9.21 -30.72 -20.81
N MET F 698 8.97 -29.88 -19.81
CA MET F 698 7.87 -28.92 -19.92
C MET F 698 8.21 -27.76 -20.87
N MET F 699 9.48 -27.34 -20.90
CA MET F 699 9.86 -26.21 -21.73
C MET F 699 9.89 -26.57 -23.21
N SER F 700 10.04 -27.85 -23.55
CA SER F 700 10.01 -28.25 -24.96
C SER F 700 8.64 -28.06 -25.61
N PHE F 701 7.59 -27.79 -24.83
CA PHE F 701 6.27 -27.45 -25.37
C PHE F 701 6.19 -26.03 -25.90
N ALA F 702 7.28 -25.25 -25.82
CA ALA F 702 7.26 -23.86 -26.26
C ALA F 702 7.07 -23.71 -27.76
N VAL F 703 7.43 -24.73 -28.54
CA VAL F 703 7.33 -24.66 -30.00
C VAL F 703 5.95 -25.02 -30.52
N SER F 704 4.99 -25.28 -29.64
CA SER F 704 3.65 -25.66 -30.07
C SER F 704 2.91 -24.46 -30.65
N GLU F 705 2.08 -24.73 -31.66
CA GLU F 705 1.29 -23.67 -32.29
C GLU F 705 0.10 -23.25 -31.44
N LEU F 706 -0.32 -24.07 -30.48
CA LEU F 706 -1.33 -23.69 -29.51
C LEU F 706 -0.63 -22.92 -28.40
N THR F 707 -0.78 -21.60 -28.39
CA THR F 707 0.02 -20.79 -27.48
C THR F 707 -0.48 -20.83 -26.04
N VAL F 708 -1.68 -21.33 -25.78
CA VAL F 708 -2.12 -21.45 -24.40
C VAL F 708 -1.35 -22.56 -23.68
N MET F 709 -1.20 -23.72 -24.32
CA MET F 709 -0.43 -24.79 -23.69
C MET F 709 1.06 -24.50 -23.74
N ALA F 710 1.51 -23.73 -24.74
CA ALA F 710 2.87 -23.22 -24.72
C ALA F 710 3.10 -22.30 -23.54
N GLN F 711 2.12 -21.45 -23.23
CA GLN F 711 2.22 -20.57 -22.06
C GLN F 711 2.30 -21.37 -20.78
N VAL F 712 1.46 -22.40 -20.65
CA VAL F 712 1.51 -23.26 -19.47
C VAL F 712 2.85 -23.98 -19.37
N GLY F 713 3.34 -24.53 -20.49
CA GLY F 713 4.60 -25.24 -20.46
C GLY F 713 5.78 -24.37 -20.09
N THR F 714 5.85 -23.17 -20.66
CA THR F 714 6.94 -22.25 -20.31
C THR F 714 6.82 -21.74 -18.87
N THR F 715 5.59 -21.52 -18.38
CA THR F 715 5.43 -21.07 -16.99
C THR F 715 5.92 -22.12 -16.01
N ILE F 716 5.51 -23.39 -16.18
CA ILE F 716 6.01 -24.44 -15.30
C ILE F 716 7.51 -24.68 -15.49
N GLY F 717 8.01 -24.57 -16.73
CA GLY F 717 9.44 -24.78 -16.93
C GLY F 717 10.31 -23.74 -16.25
N MET F 718 9.95 -22.46 -16.41
CA MET F 718 10.67 -21.38 -15.73
C MET F 718 10.45 -21.43 -14.23
N GLY F 719 9.28 -21.88 -13.78
CA GLY F 719 9.05 -22.05 -12.36
C GLY F 719 9.98 -23.08 -11.75
N LEU F 720 10.12 -24.24 -12.42
CA LEU F 720 11.07 -25.24 -11.94
C LEU F 720 12.51 -24.74 -11.99
N LEU F 721 12.86 -23.99 -13.05
CA LEU F 721 14.23 -23.48 -13.15
C LEU F 721 14.56 -22.52 -12.01
N PHE F 722 13.65 -21.57 -11.73
CA PHE F 722 13.89 -20.63 -10.63
C PHE F 722 13.84 -21.34 -9.29
N ASP F 723 12.94 -22.30 -9.13
CA ASP F 723 12.77 -22.93 -7.82
C ASP F 723 13.90 -23.90 -7.49
N THR F 724 14.55 -24.49 -8.50
CA THR F 724 15.66 -25.39 -8.21
C THR F 724 17.03 -24.73 -8.28
N LEU F 725 17.18 -23.68 -9.10
CA LEU F 725 18.50 -23.08 -9.25
C LEU F 725 18.79 -21.97 -8.27
N ILE F 726 17.75 -21.30 -7.74
CA ILE F 726 17.91 -20.15 -6.86
C ILE F 726 17.38 -20.42 -5.46
N VAL F 727 16.20 -21.03 -5.37
CA VAL F 727 15.49 -21.09 -4.10
C VAL F 727 15.88 -22.33 -3.31
N ARG F 728 15.70 -23.51 -3.91
CA ARG F 728 15.92 -24.75 -3.16
C ARG F 728 17.40 -25.00 -2.93
N SER F 729 18.23 -24.64 -3.91
CA SER F 729 19.67 -24.84 -3.76
C SER F 729 20.27 -23.85 -2.77
N PHE F 730 19.91 -22.56 -2.88
CA PHE F 730 20.62 -21.51 -2.17
C PHE F 730 19.87 -20.92 -0.99
N MET F 731 18.57 -20.63 -1.11
CA MET F 731 17.88 -19.86 -0.07
C MET F 731 17.56 -20.71 1.16
N THR F 732 16.89 -21.84 0.97
CA THR F 732 16.50 -22.67 2.11
C THR F 732 17.68 -23.21 2.92
N PRO F 733 18.77 -23.74 2.35
CA PRO F 733 19.91 -24.11 3.20
C PRO F 733 20.55 -22.94 3.94
N SER F 734 20.57 -21.73 3.36
CA SER F 734 21.18 -20.61 4.09
C SER F 734 20.27 -20.16 5.23
N ILE F 735 18.95 -20.21 5.04
CA ILE F 735 18.03 -19.93 6.14
C ILE F 735 18.22 -20.96 7.25
N ALA F 736 18.35 -22.23 6.88
CA ALA F 736 18.61 -23.27 7.88
C ALA F 736 19.91 -23.04 8.63
N ALA F 737 20.96 -22.64 7.89
CA ALA F 737 22.27 -22.43 8.52
C ALA F 737 22.28 -21.21 9.43
N LEU F 738 21.58 -20.13 9.04
CA LEU F 738 21.50 -18.96 9.91
C LEU F 738 20.70 -19.24 11.16
N LEU F 739 19.54 -19.89 11.03
CA LEU F 739 18.75 -20.17 12.21
C LEU F 739 19.41 -21.21 13.11
N GLY F 740 20.21 -22.10 12.55
CA GLY F 740 21.02 -22.99 13.38
C GLY F 740 20.20 -24.04 14.11
N LYS F 741 20.19 -23.96 15.43
CA LYS F 741 19.38 -24.86 16.24
C LYS F 741 17.94 -24.38 16.38
N TRP F 742 17.64 -23.15 15.96
CA TRP F 742 16.27 -22.65 16.01
C TRP F 742 15.45 -23.06 14.80
N PHE F 743 16.04 -23.77 13.85
CA PHE F 743 15.30 -24.36 12.75
C PHE F 743 14.55 -25.62 13.16
N TRP F 744 14.86 -26.19 14.33
CA TRP F 744 14.27 -27.44 14.77
C TRP F 744 13.45 -27.30 16.04
N TRP F 745 13.07 -26.09 16.42
CA TRP F 745 12.22 -25.88 17.58
C TRP F 745 10.85 -26.49 17.34
N PRO F 746 10.24 -27.16 18.35
CA PRO F 746 10.61 -27.26 19.78
C PRO F 746 11.61 -28.35 20.18
N GLN F 747 12.21 -29.10 19.27
CA GLN F 747 13.24 -30.05 19.65
C GLN F 747 14.50 -29.33 20.10
N VAL F 748 15.31 -30.03 20.90
CA VAL F 748 16.59 -29.51 21.38
C VAL F 748 17.69 -30.17 20.57
N VAL F 749 18.46 -29.35 19.85
CA VAL F 749 19.51 -29.82 18.96
C VAL F 749 20.72 -28.92 19.13
N ARG F 750 21.91 -29.52 19.13
CA ARG F 750 23.14 -28.77 19.29
C ARG F 750 23.73 -28.40 17.94
N GLN F 751 24.43 -27.26 17.91
CA GLN F 751 25.08 -26.81 16.68
C GLN F 751 26.20 -27.76 16.26
N ARG F 752 26.88 -28.36 17.22
CA ARG F 752 27.94 -29.32 16.95
C ARG F 752 28.04 -30.27 18.13
N PRO F 753 28.47 -31.52 17.92
CA PRO F 753 28.60 -32.45 19.05
C PRO F 753 29.78 -32.13 19.95
N ILE F 754 29.98 -32.96 20.97
CA ILE F 754 31.10 -32.78 21.91
C ILE F 754 32.41 -32.99 21.16
N PRO F 755 33.39 -32.10 21.30
CA PRO F 755 34.68 -32.29 20.59
C PRO F 755 35.44 -33.49 21.12
N GLN F 756 35.64 -34.48 20.25
CA GLN F 756 36.35 -35.72 20.51
C GLN F 756 37.87 -35.50 20.48
N PRO F 757 38.63 -36.35 21.16
CA PRO F 757 40.09 -36.27 21.06
C PRO F 757 40.58 -36.59 19.65
N TRP F 758 41.80 -36.15 19.37
CA TRP F 758 42.38 -36.23 18.04
C TRP F 758 42.70 -37.66 17.64
N THR G 4 38.50 -24.33 47.98
CA THR G 4 37.99 -23.11 47.37
C THR G 4 36.58 -23.34 46.81
N GLN G 5 36.18 -24.62 46.76
CA GLN G 5 34.86 -24.95 46.24
C GLN G 5 33.74 -24.58 47.21
N GLU G 6 34.02 -24.59 48.52
CA GLU G 6 32.99 -24.37 49.53
C GLU G 6 32.49 -22.94 49.53
N GLU G 7 33.34 -21.98 49.16
CA GLU G 7 32.96 -20.58 49.16
C GLU G 7 32.06 -20.26 47.97
N ILE G 8 32.36 -20.86 46.82
CA ILE G 8 31.46 -20.79 45.67
C ILE G 8 30.15 -21.50 46.00
N ILE G 9 30.22 -22.60 46.76
CA ILE G 9 29.01 -23.29 47.23
C ILE G 9 28.16 -22.38 48.11
N ALA G 10 28.81 -21.60 48.98
CA ALA G 10 28.07 -20.66 49.83
C ALA G 10 27.40 -19.56 49.02
N GLY G 11 28.11 -19.01 48.03
CA GLY G 11 27.50 -18.01 47.16
C GLY G 11 26.34 -18.57 46.36
N LEU G 12 26.49 -19.80 45.88
CA LEU G 12 25.40 -20.47 45.18
C LEU G 12 24.23 -20.78 46.10
N ALA G 13 24.51 -21.05 47.38
CA ALA G 13 23.46 -21.25 48.35
C ALA G 13 22.66 -19.97 48.56
N GLU G 14 23.36 -18.83 48.62
CA GLU G 14 22.67 -17.54 48.71
C GLU G 14 21.79 -17.29 47.49
N ILE G 15 22.31 -17.56 46.29
CA ILE G 15 21.53 -17.26 45.09
C ILE G 15 20.36 -18.25 44.95
N ILE G 16 20.52 -19.50 45.39
CA ILE G 16 19.42 -20.46 45.28
C ILE G 16 18.40 -20.25 46.38
N GLU G 17 18.79 -19.66 47.51
CA GLU G 17 17.82 -19.19 48.48
C GLU G 17 17.03 -18.02 47.91
N GLU G 18 17.68 -17.19 47.09
CA GLU G 18 16.97 -16.06 46.51
C GLU G 18 15.97 -16.51 45.45
N VAL G 19 16.32 -17.52 44.64
CA VAL G 19 15.46 -17.82 43.49
C VAL G 19 14.20 -18.59 43.88
N THR G 20 14.23 -19.41 44.93
CA THR G 20 13.05 -20.22 45.19
C THR G 20 12.53 -20.07 46.61
N GLY G 21 13.41 -20.03 47.60
CA GLY G 21 12.98 -19.99 48.98
C GLY G 21 13.42 -21.21 49.76
N ILE G 22 14.53 -21.80 49.33
CA ILE G 22 15.11 -22.97 50.00
C ILE G 22 16.26 -22.49 50.87
N GLU G 23 16.27 -22.94 52.14
CA GLU G 23 17.24 -22.45 53.10
C GLU G 23 18.66 -22.87 52.69
N PRO G 24 19.67 -22.02 52.94
CA PRO G 24 21.04 -22.37 52.55
C PRO G 24 21.60 -23.59 53.28
N SER G 25 21.12 -23.88 54.49
CA SER G 25 21.58 -25.06 55.19
C SER G 25 21.11 -26.35 54.53
N GLU G 26 19.98 -26.28 53.81
CA GLU G 26 19.48 -27.45 53.11
C GLU G 26 20.35 -27.82 51.92
N VAL G 27 20.91 -26.83 51.23
CA VAL G 27 21.66 -27.08 49.99
C VAL G 27 23.04 -27.61 50.33
N THR G 28 23.34 -28.83 49.90
CA THR G 28 24.59 -29.54 50.10
C THR G 28 25.14 -29.99 48.75
N PRO G 29 26.46 -30.15 48.62
CA PRO G 29 27.02 -30.62 47.36
C PRO G 29 26.87 -32.11 47.08
N GLU G 30 26.03 -32.82 47.82
CA GLU G 30 25.84 -34.26 47.65
C GLU G 30 24.47 -34.60 47.08
N LYS G 31 23.65 -33.60 46.78
CA LYS G 31 22.28 -33.84 46.33
C LYS G 31 22.03 -33.16 45.00
N SER G 32 21.08 -33.70 44.24
CA SER G 32 20.77 -33.23 42.91
C SER G 32 19.76 -32.09 42.95
N PHE G 33 19.34 -31.64 41.77
CA PHE G 33 18.48 -30.47 41.61
C PHE G 33 17.02 -30.84 41.46
N VAL G 34 16.67 -31.59 40.42
CA VAL G 34 15.26 -31.86 40.14
C VAL G 34 14.75 -33.08 40.90
N ASP G 35 15.62 -34.06 41.18
CA ASP G 35 15.18 -35.23 41.92
C ASP G 35 15.02 -34.95 43.41
N ASP G 36 15.92 -34.16 43.99
CA ASP G 36 15.93 -33.93 45.42
C ASP G 36 15.29 -32.60 45.81
N LEU G 37 15.71 -31.51 45.18
CA LEU G 37 15.24 -30.17 45.57
C LEU G 37 13.98 -29.75 44.81
N ASP G 38 13.54 -30.54 43.82
CA ASP G 38 12.34 -30.27 43.02
C ASP G 38 12.43 -28.91 42.34
N ILE G 39 13.39 -28.79 41.44
CA ILE G 39 13.68 -27.53 40.75
C ILE G 39 13.43 -27.71 39.26
N ASP G 40 12.56 -26.86 38.72
CA ASP G 40 12.25 -26.87 37.29
C ASP G 40 13.44 -26.29 36.55
O 4HH G 41 15.56 -24.06 33.82
C 4HH G 41 14.56 -24.72 34.15
CA 4HH G 41 14.70 -26.21 34.45
N 4HH G 41 13.63 -26.73 35.29
CB 4HH G 41 14.76 -27.01 33.15
OG 4HH G 41 13.52 -26.98 32.45
CJ 4HH G 41 12.48 -26.15 29.83
CK 4HH G 41 13.20 -25.48 28.66
CL1 4HH G 41 12.19 -24.54 27.99
CL2 4HH G 41 14.37 -24.66 29.21
CL3 4HH G 41 14.68 -26.02 26.64
CM 4HH G 41 13.70 -26.56 27.69
OM 4HH G 41 12.59 -27.09 27.02
NN 4HH G 41 14.16 -25.34 25.47
ON 4HH G 41 15.85 -26.19 26.76
P 4HH G 41 12.99 -28.04 31.53
O1P 4HH G 41 13.90 -29.24 31.58
O2P 4HH G 41 11.59 -28.43 31.95
O3P 4HH G 41 12.94 -27.46 29.99
CO 4HH G 41 15.03 -24.81 24.43
CP 4HH G 41 14.74 -23.34 24.18
CQ 4HH G 41 13.24 -23.02 24.16
CS 4HH G 41 11.36 -21.39 24.54
CT 4HH G 41 11.17 -19.90 24.28
NR 4HH G 41 12.78 -21.71 24.57
OR 4HH G 41 12.45 -23.82 23.79
SU 4HH G 41 10.20 -19.65 22.77
N LEU G 42 13.36 -24.15 34.25
CA LEU G 42 13.23 -22.69 34.16
C LEU G 42 13.84 -22.01 35.38
N SER G 43 13.76 -22.65 36.55
CA SER G 43 14.52 -22.12 37.68
C SER G 43 16.02 -22.32 37.48
N MET G 44 16.42 -23.35 36.72
CA MET G 44 17.83 -23.49 36.35
C MET G 44 18.30 -22.33 35.49
N VAL G 45 17.51 -21.92 34.50
CA VAL G 45 17.96 -20.81 33.66
C VAL G 45 17.88 -19.49 34.44
N GLU G 46 16.96 -19.40 35.42
CA GLU G 46 16.95 -18.25 36.32
C GLU G 46 18.22 -18.17 37.14
N ILE G 47 18.66 -19.30 37.70
CA ILE G 47 19.90 -19.35 38.47
C ILE G 47 21.08 -18.97 37.60
N ALA G 48 21.12 -19.51 36.37
CA ALA G 48 22.23 -19.22 35.47
C ALA G 48 22.29 -17.74 35.10
N VAL G 49 21.15 -17.13 34.79
CA VAL G 49 21.12 -15.71 34.41
C VAL G 49 21.53 -14.83 35.59
N GLN G 50 21.01 -15.11 36.78
CA GLN G 50 21.33 -14.26 37.93
C GLN G 50 22.78 -14.42 38.36
N THR G 51 23.32 -15.65 38.32
CA THR G 51 24.74 -15.85 38.62
C THR G 51 25.63 -15.16 37.59
N GLU G 52 25.25 -15.23 36.32
CA GLU G 52 26.03 -14.59 35.26
C GLU G 52 26.04 -13.07 35.41
N ASP G 53 24.91 -12.49 35.82
CA ASP G 53 24.89 -11.04 36.03
C ASP G 53 25.64 -10.64 37.29
N LYS G 54 25.50 -11.41 38.37
CA LYS G 54 26.01 -10.95 39.66
C LYS G 54 27.51 -11.23 39.80
N TYR G 55 27.96 -12.43 39.45
CA TYR G 55 29.33 -12.82 39.67
C TYR G 55 30.17 -12.87 38.39
N GLY G 56 29.58 -12.58 37.24
CA GLY G 56 30.32 -12.49 36.00
C GLY G 56 30.95 -13.77 35.51
N VAL G 57 30.23 -14.89 35.61
CA VAL G 57 30.68 -16.18 35.11
C VAL G 57 29.63 -16.74 34.16
N LYS G 58 30.08 -17.30 33.05
CA LYS G 58 29.18 -17.69 31.97
C LYS G 58 28.97 -19.20 31.98
N ILE G 59 27.73 -19.61 32.18
CA ILE G 59 27.31 -21.00 31.97
C ILE G 59 26.36 -20.99 30.79
N PRO G 60 26.81 -21.30 29.58
CA PRO G 60 25.98 -21.07 28.40
C PRO G 60 24.87 -22.09 28.24
N ASP G 61 24.14 -22.00 27.14
CA ASP G 61 23.11 -22.96 26.81
C ASP G 61 23.78 -24.29 26.45
N GLU G 62 23.00 -25.37 26.55
CA GLU G 62 23.41 -26.74 26.23
C GLU G 62 24.50 -27.27 27.15
N ASP G 63 24.71 -26.63 28.30
CA ASP G 63 25.56 -27.14 29.35
C ASP G 63 24.84 -27.29 30.68
N LEU G 64 23.69 -26.65 30.86
CA LEU G 64 22.91 -26.83 32.08
C LEU G 64 22.18 -28.17 32.08
N ALA G 65 21.83 -28.68 30.90
CA ALA G 65 21.02 -29.90 30.82
C ALA G 65 21.79 -31.12 31.30
N GLY G 66 23.07 -31.21 30.98
CA GLY G 66 23.90 -32.28 31.48
C GLY G 66 24.43 -32.06 32.88
N LEU G 67 24.05 -30.95 33.49
CA LEU G 67 24.57 -30.52 34.78
C LEU G 67 23.46 -30.69 35.81
N ARG G 68 23.68 -31.54 36.81
CA ARG G 68 22.58 -32.03 37.64
C ARG G 68 22.80 -32.00 39.15
N THR G 69 24.00 -31.71 39.63
CA THR G 69 24.30 -31.78 41.05
C THR G 69 24.98 -30.49 41.48
N VAL G 70 24.83 -30.13 42.76
CA VAL G 70 25.48 -28.94 43.31
C VAL G 70 26.99 -29.05 43.16
N GLY G 71 27.55 -30.23 43.48
CA GLY G 71 28.96 -30.47 43.27
C GLY G 71 29.35 -30.38 41.80
N ASP G 72 28.47 -30.83 40.92
CA ASP G 72 28.74 -30.72 39.49
C ASP G 72 28.78 -29.26 39.04
N VAL G 73 27.87 -28.43 39.57
CA VAL G 73 27.85 -27.01 39.21
C VAL G 73 29.10 -26.31 39.71
N VAL G 74 29.49 -26.58 40.97
CA VAL G 74 30.68 -25.91 41.49
C VAL G 74 31.93 -26.40 40.77
N ALA G 75 32.00 -27.68 40.37
CA ALA G 75 33.13 -28.18 39.60
C ALA G 75 33.19 -27.53 38.22
N TYR G 76 32.04 -27.40 37.55
CA TYR G 76 31.99 -26.76 36.24
C TYR G 76 32.39 -25.30 36.33
N ILE G 77 32.04 -24.64 37.43
CA ILE G 77 32.28 -23.20 37.52
C ILE G 77 33.68 -22.89 38.06
N GLN G 78 34.36 -23.85 38.69
CA GLN G 78 35.77 -23.63 39.03
C GLN G 78 36.72 -24.18 37.98
N LYS G 79 36.25 -25.06 37.11
CA LYS G 79 37.09 -25.53 36.01
C LYS G 79 37.17 -24.53 34.85
N LEU G 80 36.30 -23.53 34.81
CA LEU G 80 36.31 -22.55 33.74
C LEU G 80 37.43 -21.54 33.97
N ALA H 3 53.51 -39.16 18.73
CA ALA H 3 53.64 -37.74 18.45
C ALA H 3 52.27 -37.09 18.22
N THR H 4 52.10 -35.88 18.74
CA THR H 4 50.88 -35.11 18.49
C THR H 4 50.76 -34.75 17.02
N GLN H 5 51.88 -34.41 16.39
CA GLN H 5 51.86 -33.90 15.02
C GLN H 5 51.32 -34.94 14.03
N GLU H 6 51.79 -36.19 14.15
CA GLU H 6 51.32 -37.25 13.26
C GLU H 6 49.85 -37.56 13.49
N GLU H 7 49.39 -37.42 14.73
CA GLU H 7 47.96 -37.59 15.04
C GLU H 7 47.13 -36.52 14.34
N ILE H 8 47.62 -35.28 14.33
CA ILE H 8 46.94 -34.21 13.63
C ILE H 8 46.91 -34.49 12.12
N ILE H 9 48.04 -34.97 11.57
CA ILE H 9 48.08 -35.33 10.16
C ILE H 9 47.11 -36.46 9.85
N ALA H 10 46.95 -37.41 10.77
CA ALA H 10 45.99 -38.49 10.56
C ALA H 10 44.56 -37.98 10.52
N GLY H 11 44.20 -37.07 11.43
CA GLY H 11 42.86 -36.50 11.40
C GLY H 11 42.59 -35.70 10.14
N LEU H 12 43.55 -34.84 9.76
CA LEU H 12 43.41 -34.08 8.51
C LEU H 12 43.39 -34.99 7.30
N ALA H 13 44.14 -36.10 7.33
CA ALA H 13 44.15 -37.02 6.19
C ALA H 13 42.81 -37.72 6.04
N GLU H 14 42.20 -38.11 7.16
CA GLU H 14 40.84 -38.68 7.10
C GLU H 14 39.84 -37.67 6.56
N ILE H 15 39.95 -36.41 6.99
CA ILE H 15 39.00 -35.39 6.55
C ILE H 15 39.18 -35.10 5.05
N ILE H 16 40.42 -34.96 4.59
CA ILE H 16 40.70 -34.71 3.17
C ILE H 16 40.31 -35.91 2.31
N GLU H 17 40.48 -37.13 2.83
CA GLU H 17 40.01 -38.32 2.12
C GLU H 17 38.50 -38.30 1.96
N GLU H 18 37.79 -37.88 3.00
CA GLU H 18 36.33 -37.72 2.88
C GLU H 18 35.96 -36.64 1.87
N VAL H 19 36.72 -35.53 1.85
CA VAL H 19 36.39 -34.42 0.97
C VAL H 19 36.62 -34.79 -0.49
N THR H 20 37.87 -35.08 -0.86
CA THR H 20 38.26 -35.14 -2.26
C THR H 20 38.77 -36.50 -2.71
N GLY H 21 38.99 -37.44 -1.80
CA GLY H 21 39.40 -38.77 -2.21
C GLY H 21 40.89 -38.96 -2.39
N ILE H 22 41.69 -38.29 -1.58
CA ILE H 22 43.14 -38.49 -1.56
C ILE H 22 43.47 -39.40 -0.39
N GLU H 23 44.20 -40.48 -0.67
CA GLU H 23 44.46 -41.50 0.33
C GLU H 23 45.38 -40.96 1.42
N PRO H 24 45.20 -41.41 2.68
CA PRO H 24 46.03 -40.89 3.78
C PRO H 24 47.49 -41.28 3.70
N SER H 25 47.86 -42.25 2.86
CA SER H 25 49.25 -42.69 2.79
C SER H 25 50.15 -41.63 2.20
N GLU H 26 49.66 -40.87 1.21
CA GLU H 26 50.45 -39.83 0.57
C GLU H 26 50.18 -38.45 1.14
N VAL H 27 49.35 -38.31 2.17
CA VAL H 27 49.15 -37.02 2.81
C VAL H 27 50.28 -36.86 3.83
N THR H 28 51.32 -36.14 3.44
CA THR H 28 52.51 -35.89 4.24
C THR H 28 52.76 -34.40 4.30
N PRO H 29 53.37 -33.89 5.39
CA PRO H 29 53.53 -32.44 5.54
C PRO H 29 54.59 -31.82 4.65
N GLU H 30 55.24 -32.57 3.76
CA GLU H 30 56.32 -32.04 2.93
C GLU H 30 55.87 -31.63 1.54
N LYS H 31 54.60 -31.28 1.37
CA LYS H 31 54.13 -30.71 0.11
C LYS H 31 52.89 -29.87 0.35
N SER H 32 52.52 -29.09 -0.67
CA SER H 32 51.49 -28.08 -0.57
C SER H 32 50.17 -28.56 -1.17
N PHE H 33 49.12 -27.75 -0.95
CA PHE H 33 47.77 -28.13 -1.32
C PHE H 33 47.48 -27.82 -2.79
N VAL H 34 47.57 -26.55 -3.18
CA VAL H 34 47.11 -26.13 -4.50
C VAL H 34 48.05 -26.58 -5.61
N ASP H 35 49.30 -26.92 -5.30
CA ASP H 35 50.24 -27.31 -6.34
C ASP H 35 50.17 -28.82 -6.64
N ASP H 36 50.22 -29.65 -5.60
CA ASP H 36 50.36 -31.09 -5.79
C ASP H 36 49.03 -31.83 -5.67
N LEU H 37 48.32 -31.67 -4.55
CA LEU H 37 47.08 -32.40 -4.32
C LEU H 37 45.92 -31.85 -5.12
N ASP H 38 46.07 -30.65 -5.71
CA ASP H 38 45.02 -29.95 -6.46
C ASP H 38 43.76 -29.79 -5.60
N ILE H 39 43.94 -29.18 -4.44
CA ILE H 39 42.83 -28.79 -3.57
C ILE H 39 42.66 -27.28 -3.69
N ASP H 40 41.48 -26.85 -4.14
CA ASP H 40 41.25 -25.44 -4.41
C ASP H 40 41.05 -24.67 -3.12
O 4HH H 41 38.83 -22.94 -0.40
C 4HH H 41 39.08 -22.90 -1.61
CA 4HH H 41 40.48 -22.54 -2.10
N 4HH H 41 40.86 -23.36 -3.25
CB 4HH H 41 40.56 -21.07 -2.45
OG 4HH H 41 39.76 -20.77 -3.58
CJ 4HH H 41 38.32 -17.57 -3.04
CK 4HH H 41 37.27 -17.16 -2.01
CL1 4HH H 41 35.89 -17.42 -2.62
CL2 4HH H 41 37.45 -18.02 -0.77
CL3 4HH H 41 36.60 -15.16 -0.56
CM 4HH H 41 37.46 -15.67 -1.72
OM 4HH H 41 37.10 -14.94 -2.86
NN 4HH H 41 35.24 -14.72 -0.82
ON 4HH H 41 37.03 -15.11 0.54
P 4HH H 41 39.19 -19.64 -4.38
O1P 4HH H 41 38.59 -20.18 -5.65
O2P 4HH H 41 40.30 -18.67 -4.74
O3P 4HH H 41 38.05 -18.86 -3.51
CO 4HH H 41 34.40 -14.24 0.27
CP 4HH H 41 33.27 -13.40 -0.32
CQ 4HH H 41 32.37 -14.25 -1.23
CS 4HH H 41 30.20 -15.45 -1.64
CT 4HH H 41 28.74 -15.05 -1.40
NR 4HH H 41 31.05 -14.66 -0.77
OR 4HH H 41 32.72 -14.55 -2.31
SU 4HH H 41 28.17 -13.94 -2.72
N LEU H 42 38.16 -23.19 -2.54
CA LEU H 42 36.78 -23.49 -2.22
C LEU H 42 36.59 -24.88 -1.61
N SER H 43 37.60 -25.74 -1.68
CA SER H 43 37.60 -26.98 -0.91
C SER H 43 38.29 -26.82 0.44
N MET H 44 39.18 -25.84 0.57
CA MET H 44 39.81 -25.58 1.85
C MET H 44 38.81 -25.06 2.88
N VAL H 45 37.82 -24.27 2.45
CA VAL H 45 36.77 -23.85 3.37
C VAL H 45 35.92 -25.03 3.78
N GLU H 46 35.71 -26.01 2.89
CA GLU H 46 35.02 -27.24 3.25
C GLU H 46 35.78 -28.01 4.32
N ILE H 47 37.11 -28.12 4.15
CA ILE H 47 37.93 -28.80 5.14
C ILE H 47 37.88 -28.06 6.47
N ALA H 48 37.88 -26.73 6.44
CA ALA H 48 37.81 -25.94 7.67
C ALA H 48 36.48 -26.12 8.38
N VAL H 49 35.37 -26.11 7.64
CA VAL H 49 34.06 -26.30 8.26
C VAL H 49 33.93 -27.69 8.86
N GLN H 50 34.37 -28.72 8.14
CA GLN H 50 34.28 -30.07 8.67
C GLN H 50 35.20 -30.27 9.88
N THR H 51 36.39 -29.67 9.89
CA THR H 51 37.25 -29.84 11.04
C THR H 51 36.83 -28.97 12.22
N GLU H 52 36.06 -27.90 12.00
CA GLU H 52 35.57 -27.16 13.15
C GLU H 52 34.32 -27.80 13.73
N ASP H 53 33.52 -28.50 12.91
CA ASP H 53 32.42 -29.29 13.48
C ASP H 53 32.95 -30.52 14.21
N LYS H 54 33.86 -31.26 13.59
CA LYS H 54 34.24 -32.55 14.14
C LYS H 54 35.17 -32.39 15.34
N TYR H 55 36.36 -31.82 15.13
CA TYR H 55 37.36 -31.78 16.18
C TYR H 55 37.40 -30.45 16.92
N GLY H 56 36.53 -29.51 16.57
CA GLY H 56 36.41 -28.27 17.31
C GLY H 56 37.60 -27.33 17.23
N VAL H 57 38.18 -27.18 16.04
CA VAL H 57 39.27 -26.24 15.80
C VAL H 57 38.75 -25.19 14.83
N LYS H 58 38.60 -23.96 15.31
CA LYS H 58 38.07 -22.87 14.50
C LYS H 58 39.24 -22.19 13.80
N ILE H 59 39.31 -22.35 12.48
CA ILE H 59 40.26 -21.63 11.64
C ILE H 59 39.48 -20.50 10.95
N PRO H 60 39.74 -19.24 11.30
CA PRO H 60 38.88 -18.16 10.79
C PRO H 60 39.04 -17.89 9.30
N ASP H 61 38.26 -16.95 8.79
CA ASP H 61 38.47 -16.48 7.43
C ASP H 61 39.73 -15.63 7.39
N GLU H 62 40.14 -15.25 6.16
CA GLU H 62 41.36 -14.48 5.84
C GLU H 62 42.61 -15.02 6.55
N ASP H 63 42.60 -16.33 6.81
CA ASP H 63 43.72 -17.05 7.40
C ASP H 63 44.02 -18.36 6.70
N LEU H 64 43.06 -18.93 5.97
CA LEU H 64 43.32 -20.13 5.17
C LEU H 64 44.30 -19.84 4.04
N ALA H 65 44.21 -18.63 3.45
CA ALA H 65 45.12 -18.26 2.37
C ALA H 65 46.56 -18.11 2.86
N GLY H 66 46.76 -17.86 4.15
CA GLY H 66 48.10 -17.81 4.71
C GLY H 66 48.75 -19.15 4.92
N LEU H 67 47.99 -20.23 4.83
CA LEU H 67 48.52 -21.59 4.96
C LEU H 67 48.49 -22.26 3.59
N ARG H 68 49.63 -22.83 3.19
CA ARG H 68 49.74 -23.44 1.88
C ARG H 68 50.14 -24.91 1.91
N THR H 69 50.82 -25.38 2.95
CA THR H 69 51.21 -26.78 3.05
C THR H 69 50.52 -27.43 4.25
N VAL H 70 50.57 -28.76 4.26
CA VAL H 70 50.02 -29.53 5.38
C VAL H 70 50.79 -29.23 6.66
N GLY H 71 52.12 -29.07 6.53
CA GLY H 71 52.93 -28.70 7.68
C GLY H 71 52.56 -27.35 8.26
N ASP H 72 52.21 -26.39 7.40
CA ASP H 72 51.74 -25.10 7.88
C ASP H 72 50.44 -25.22 8.66
N VAL H 73 49.53 -26.08 8.18
CA VAL H 73 48.24 -26.21 8.84
C VAL H 73 48.39 -26.91 10.19
N VAL H 74 49.22 -27.96 10.27
CA VAL H 74 49.41 -28.63 11.55
C VAL H 74 50.15 -27.71 12.52
N ALA H 75 51.13 -26.93 12.04
CA ALA H 75 51.80 -25.97 12.92
C ALA H 75 50.86 -24.87 13.38
N TYR H 76 49.88 -24.51 12.55
CA TYR H 76 48.84 -23.58 12.99
C TYR H 76 47.96 -24.21 14.07
N ILE H 77 47.64 -25.50 13.92
CA ILE H 77 46.72 -26.14 14.85
C ILE H 77 47.35 -26.34 16.23
N GLN H 78 48.62 -26.77 16.29
CA GLN H 78 49.24 -27.04 17.58
C GLN H 78 49.48 -25.76 18.38
N LYS H 79 49.77 -24.65 17.72
CA LYS H 79 49.99 -23.39 18.43
C LYS H 79 48.69 -22.87 19.03
N LEU H 80 47.58 -23.04 18.33
CA LEU H 80 46.27 -22.63 18.83
C LEU H 80 45.83 -23.62 19.89
N ALA I 3 62.47 -2.22 28.08
CA ALA I 3 61.36 -2.74 28.87
C ALA I 3 60.06 -2.67 28.06
N THR I 4 59.08 -3.47 28.46
CA THR I 4 57.78 -3.44 27.80
C THR I 4 57.05 -2.13 28.07
N GLN I 5 57.18 -1.59 29.29
CA GLN I 5 56.46 -0.39 29.68
C GLN I 5 56.84 0.80 28.81
N GLU I 6 58.14 1.00 28.60
CA GLU I 6 58.60 2.14 27.82
C GLU I 6 58.25 2.00 26.34
N GLU I 7 58.26 0.78 25.81
CA GLU I 7 57.87 0.58 24.42
C GLU I 7 56.37 0.82 24.21
N ILE I 8 55.55 0.40 25.17
CA ILE I 8 54.12 0.67 25.08
C ILE I 8 53.85 2.17 25.21
N ILE I 9 54.57 2.84 26.11
CA ILE I 9 54.45 4.30 26.24
C ILE I 9 54.88 5.00 24.96
N ALA I 10 55.92 4.48 24.29
CA ALA I 10 56.37 5.07 23.02
C ALA I 10 55.31 4.90 21.93
N GLY I 11 54.70 3.71 21.84
CA GLY I 11 53.66 3.51 20.85
C GLY I 11 52.44 4.38 21.10
N LEU I 12 51.98 4.44 22.35
CA LEU I 12 50.88 5.33 22.72
C LEU I 12 51.24 6.79 22.47
N ALA I 13 52.48 7.19 22.73
CA ALA I 13 52.87 8.58 22.51
C ALA I 13 52.88 8.91 21.02
N GLU I 14 53.26 7.96 20.17
CA GLU I 14 53.12 8.14 18.73
C GLU I 14 51.66 8.32 18.34
N ILE I 15 50.76 7.54 18.95
CA ILE I 15 49.33 7.68 18.69
C ILE I 15 48.83 9.07 19.10
N ILE I 16 49.15 9.50 20.32
CA ILE I 16 48.72 10.81 20.82
C ILE I 16 49.34 11.94 20.01
N GLU I 17 50.56 11.76 19.50
CA GLU I 17 51.14 12.74 18.59
C GLU I 17 50.33 12.85 17.31
N GLU I 18 49.94 11.72 16.72
CA GLU I 18 49.18 11.78 15.48
C GLU I 18 47.78 12.35 15.71
N VAL I 19 47.20 12.07 16.87
CA VAL I 19 45.80 12.41 17.12
C VAL I 19 45.63 13.88 17.49
N THR I 20 46.23 14.30 18.60
CA THR I 20 45.93 15.62 19.17
C THR I 20 47.11 16.59 19.11
N GLY I 21 48.17 16.23 18.39
CA GLY I 21 49.26 17.16 18.14
C GLY I 21 50.08 17.54 19.36
N ILE I 22 50.39 16.58 20.21
CA ILE I 22 51.12 16.82 21.46
C ILE I 22 52.45 16.07 21.40
N GLU I 23 53.53 16.77 21.69
CA GLU I 23 54.88 16.26 21.43
C GLU I 23 55.19 15.08 22.34
N PRO I 24 55.93 14.07 21.85
CA PRO I 24 56.20 12.88 22.67
C PRO I 24 57.15 13.14 23.83
N SER I 25 57.85 14.27 23.85
CA SER I 25 58.88 14.50 24.86
C SER I 25 58.29 14.66 26.26
N GLU I 26 57.21 15.43 26.38
CA GLU I 26 56.58 15.66 27.68
C GLU I 26 55.36 14.78 27.92
N VAL I 27 55.01 13.90 26.98
CA VAL I 27 54.03 12.87 27.28
C VAL I 27 54.71 11.81 28.12
N THR I 28 54.41 11.80 29.42
CA THR I 28 55.01 10.91 30.40
C THR I 28 53.89 10.22 31.16
N PRO I 29 54.15 9.06 31.76
CA PRO I 29 53.11 8.39 32.55
C PRO I 29 52.84 9.01 33.91
N GLU I 30 53.35 10.21 34.19
CA GLU I 30 53.17 10.85 35.48
C GLU I 30 52.16 12.00 35.44
N LYS I 31 51.39 12.13 34.36
CA LYS I 31 50.35 13.14 34.28
C LYS I 31 49.11 12.56 33.62
N SER I 32 47.97 13.19 33.91
CA SER I 32 46.67 12.74 33.45
C SER I 32 46.36 13.32 32.07
N PHE I 33 45.24 12.84 31.49
CA PHE I 33 44.84 13.26 30.15
C PHE I 33 44.04 14.56 30.15
N VAL I 34 42.90 14.58 30.83
CA VAL I 34 41.96 15.69 30.66
C VAL I 34 42.39 16.93 31.44
N ASP I 35 43.24 16.78 32.46
CA ASP I 35 43.68 17.93 33.23
C ASP I 35 44.89 18.62 32.62
N ASP I 36 45.80 17.84 32.04
CA ASP I 36 47.10 18.34 31.60
C ASP I 36 47.26 18.40 30.09
N LEU I 37 46.73 17.42 29.36
CA LEU I 37 46.80 17.41 27.90
C LEU I 37 45.59 18.04 27.24
N ASP I 38 44.54 18.36 28.00
CA ASP I 38 43.29 18.94 27.50
C ASP I 38 42.66 18.06 26.43
N ILE I 39 42.26 16.87 26.86
CA ILE I 39 41.74 15.85 25.98
C ILE I 39 40.22 15.88 26.10
N ASP I 40 39.54 15.25 25.14
CA ASP I 40 38.08 15.20 25.14
C ASP I 40 37.66 13.75 25.33
O 4HH I 41 36.21 10.27 24.17
C 4HH I 41 35.90 11.46 24.23
CA 4HH I 41 35.82 12.17 25.58
N 4HH I 41 36.35 13.53 25.50
CB 4HH I 41 34.37 12.22 26.06
OG 4HH I 41 34.27 12.31 27.47
CJ 4HH I 41 30.84 11.31 26.22
CK 4HH I 41 30.44 10.02 25.53
CL1 4HH I 41 29.35 10.36 24.51
CL2 4HH I 41 31.65 9.44 24.80
CL3 4HH I 41 29.57 7.66 26.05
CM 4HH I 41 29.94 9.04 26.60
OM 4HH I 41 28.80 9.59 27.21
NN 4HH I 41 28.27 7.42 25.47
ON 4HH I 41 30.35 6.77 26.12
P 4HH I 41 32.78 12.48 27.53
O1P 4HH I 41 32.35 13.69 26.74
O2P 4HH I 41 32.35 12.64 28.97
O3P 4HH I 41 32.05 11.14 26.90
CO 4HH I 41 27.92 6.11 24.94
CP 4HH I 41 26.50 6.17 24.41
CQ 4HH I 41 26.34 7.31 23.40
CS 4HH I 41 26.34 8.12 21.02
CT 4HH I 41 24.92 8.05 20.47
NR 4HH I 41 26.51 7.06 21.98
OR 4HH I 41 26.06 8.40 23.77
SU 4HH I 41 24.79 8.99 18.93
N LEU I 42 35.61 12.18 23.14
CA LEU I 42 35.66 11.57 21.81
C LEU I 42 37.09 11.35 21.35
N SER I 43 38.04 12.13 21.87
CA SER I 43 39.45 11.89 21.54
C SER I 43 39.94 10.59 22.18
N MET I 44 39.36 10.19 23.31
CA MET I 44 39.64 8.86 23.85
C MET I 44 39.17 7.78 22.90
N VAL I 45 38.02 8.00 22.24
CA VAL I 45 37.54 7.08 21.22
C VAL I 45 38.50 7.02 20.04
N GLU I 46 39.05 8.19 19.64
CA GLU I 46 40.09 8.22 18.61
C GLU I 46 41.30 7.38 18.99
N ILE I 47 41.80 7.56 20.22
CA ILE I 47 42.93 6.78 20.71
C ILE I 47 42.62 5.29 20.67
N ALA I 48 41.41 4.93 21.12
CA ALA I 48 41.02 3.52 21.17
C ALA I 48 40.97 2.89 19.79
N VAL I 49 40.34 3.57 18.82
CA VAL I 49 40.18 3.01 17.47
C VAL I 49 41.54 2.88 16.77
N GLN I 50 42.39 3.91 16.90
CA GLN I 50 43.72 3.84 16.30
C GLN I 50 44.57 2.75 16.94
N THR I 51 44.45 2.55 18.26
CA THR I 51 45.16 1.45 18.89
C THR I 51 44.65 0.10 18.38
N GLU I 52 43.32 -0.03 18.19
CA GLU I 52 42.74 -1.28 17.72
C GLU I 52 43.29 -1.67 16.35
N ASP I 53 43.35 -0.71 15.42
CA ASP I 53 43.86 -1.05 14.10
C ASP I 53 45.38 -1.22 14.09
N LYS I 54 46.12 -0.31 14.72
CA LYS I 54 47.57 -0.34 14.55
C LYS I 54 48.22 -1.41 15.42
N TYR I 55 47.98 -1.37 16.73
CA TYR I 55 48.63 -2.26 17.68
C TYR I 55 47.55 -3.10 18.33
N GLY I 56 47.22 -4.24 17.71
CA GLY I 56 46.02 -5.00 18.03
C GLY I 56 45.88 -5.46 19.47
N VAL I 57 44.99 -4.77 20.18
CA VAL I 57 44.64 -5.09 21.57
C VAL I 57 43.28 -4.44 21.84
N LYS I 58 42.44 -5.13 22.59
CA LYS I 58 41.04 -4.76 22.73
C LYS I 58 40.83 -4.02 24.05
N ILE I 59 40.43 -2.76 23.96
CA ILE I 59 39.88 -1.99 25.07
C ILE I 59 38.41 -1.73 24.78
N PRO I 60 37.49 -2.21 25.60
CA PRO I 60 36.07 -2.20 25.26
C PRO I 60 35.46 -0.82 25.47
N ASP I 61 34.17 -0.73 25.22
CA ASP I 61 33.41 0.44 25.61
C ASP I 61 33.26 0.48 27.12
N GLU I 62 32.76 1.62 27.63
CA GLU I 62 32.55 1.96 29.05
C GLU I 62 33.78 1.68 29.93
N ASP I 63 34.97 1.59 29.35
CA ASP I 63 36.20 1.42 30.10
C ASP I 63 37.24 2.46 29.76
N LEU I 64 37.01 3.29 28.74
CA LEU I 64 37.87 4.44 28.51
C LEU I 64 37.76 5.43 29.67
N ALA I 65 36.56 5.61 30.20
CA ALA I 65 36.36 6.52 31.33
C ALA I 65 36.98 6.00 32.62
N GLY I 66 37.25 4.69 32.70
CA GLY I 66 37.92 4.16 33.88
C GLY I 66 39.36 4.63 34.00
N LEU I 67 40.04 4.78 32.88
CA LEU I 67 41.43 5.21 32.86
C LEU I 67 41.51 6.72 32.76
N ARG I 68 42.40 7.32 33.55
CA ARG I 68 42.47 8.76 33.68
C ARG I 68 43.87 9.29 33.39
N THR I 69 44.90 8.52 33.77
CA THR I 69 46.29 8.90 33.54
C THR I 69 46.92 7.97 32.51
N VAL I 70 48.04 8.43 31.95
CA VAL I 70 48.77 7.65 30.96
C VAL I 70 49.35 6.38 31.60
N GLY I 71 49.77 6.47 32.86
CA GLY I 71 50.23 5.29 33.56
C GLY I 71 49.16 4.23 33.71
N ASP I 72 47.91 4.67 33.92
CA ASP I 72 46.79 3.74 33.97
C ASP I 72 46.58 3.03 32.64
N VAL I 73 46.70 3.76 31.53
CA VAL I 73 46.46 3.15 30.22
C VAL I 73 47.58 2.17 29.87
N VAL I 74 48.84 2.55 30.13
CA VAL I 74 49.94 1.64 29.82
C VAL I 74 49.89 0.42 30.74
N ALA I 75 49.47 0.59 32.01
CA ALA I 75 49.29 -0.56 32.89
C ALA I 75 48.16 -1.46 32.39
N TYR I 76 47.08 -0.86 31.89
CA TYR I 76 45.98 -1.63 31.34
C TYR I 76 46.41 -2.44 30.12
N ILE I 77 47.28 -1.86 29.29
CA ILE I 77 47.79 -2.60 28.13
C ILE I 77 48.72 -3.73 28.58
N GLN I 78 49.62 -3.46 29.52
CA GLN I 78 50.59 -4.49 29.87
C GLN I 78 50.01 -5.62 30.71
N LYS I 79 48.89 -5.39 31.42
CA LYS I 79 48.30 -6.50 32.17
C LYS I 79 47.62 -7.53 31.28
N LEU I 80 47.37 -7.23 30.01
CA LEU I 80 46.89 -8.22 29.06
C LEU I 80 48.06 -8.97 28.42
N L9Q J . 26.17 10.92 26.96
P L9Q J . 23.73 14.77 28.79
C1 L9Q J . 23.33 15.44 26.25
C2 L9Q J . 22.81 14.34 25.34
O2 L9Q J . 22.05 14.87 24.25
C3 L9Q J . 23.86 13.43 24.76
O3 L9Q J . 24.34 13.95 23.52
C4 L9Q J . 24.60 12.35 28.20
C5 L9Q J . 25.98 12.22 27.60
C11 L9Q J . 24.91 13.10 22.68
O11 L9Q J . 25.61 12.18 23.03
C12 L9Q J . 24.57 13.41 21.26
C13 L9Q J . 24.03 14.82 21.04
C14 L9Q J . 22.86 14.88 20.07
C15 L9Q J . 22.69 13.68 19.16
C16 L9Q J . 21.23 13.39 18.84
C17 L9Q J . 20.74 14.05 17.56
C18 L9Q J . 19.32 13.63 17.22
C19 L9Q J . 19.14 12.13 17.08
O1P L9Q J . 22.26 14.52 28.74
C20 L9Q J . 17.68 11.69 17.05
C21 L9Q J . 16.79 12.68 16.32
C22 L9Q J . 15.30 12.32 16.30
C23 L9Q J . 14.97 10.99 15.62
C24 L9Q J . 13.46 10.77 15.52
C25 L9Q J . 12.76 11.93 14.81
C26 L9Q J . 11.27 12.02 15.11
C27 L9Q J . 10.53 10.70 14.90
C28 L9Q J . 9.03 10.88 14.68
O2P L9Q J . 24.28 15.90 29.60
C31 L9Q J . 20.78 15.19 24.42
O31 L9Q J . 20.41 16.21 24.94
C32 L9Q J . 19.87 14.13 23.86
C33 L9Q J . 19.34 14.39 22.47
C34 L9Q J . 18.35 15.55 22.44
C35 L9Q J . 17.09 15.22 21.66
C36 L9Q J . 17.35 14.54 20.33
C37 L9Q J . 16.21 13.63 19.89
C38 L9Q J . 14.91 14.38 19.57
C39 L9Q J . 13.78 13.43 19.34
O3P L9Q J . 24.19 14.91 27.23
C40 L9Q J . 12.67 13.28 20.06
C41 L9Q J . 11.55 12.32 19.82
C42 L9Q J . 12.01 11.10 19.02
C43 L9Q J . 10.85 10.20 18.59
O4P L9Q J . 24.54 13.39 29.15
N L9Q K . 39.82 -7.34 -11.41
P L9Q K . 39.61 -10.37 -8.70
C1 L9Q K . 38.44 -12.27 -7.24
C2 L9Q K . 36.98 -12.62 -7.07
O2 L9Q K . 36.45 -13.27 -8.23
C3 L9Q K . 36.66 -13.55 -5.91
O3 L9Q K . 36.63 -14.89 -6.40
C4 L9Q K . 40.35 -9.74 -11.16
C5 L9Q K . 39.92 -8.62 -12.08
C11 L9Q K . 35.58 -15.68 -6.16
O11 L9Q K . 35.71 -16.85 -5.88
C12 L9Q K . 34.25 -15.00 -6.30
C13 L9Q K . 33.07 -15.92 -6.12
C14 L9Q K . 31.87 -15.45 -6.94
C15 L9Q K . 31.12 -16.59 -7.61
C16 L9Q K . 29.85 -16.16 -8.32
C17 L9Q K . 29.11 -15.02 -7.63
C18 L9Q K . 27.82 -14.61 -8.33
C19 L9Q K . 27.05 -13.56 -7.54
O1P L9Q K . 41.02 -10.82 -8.47
C20 L9Q K . 25.66 -13.27 -8.10
C21 L9Q K . 24.78 -12.54 -7.09
C22 L9Q K . 23.47 -12.02 -7.70
C23 L9Q K . 22.81 -10.96 -6.83
C24 L9Q K . 21.58 -10.33 -7.47
C25 L9Q K . 21.85 -9.78 -8.86
C26 L9Q K . 20.64 -9.10 -9.49
C27 L9Q K . 20.01 -8.04 -8.60
C28 L9Q K . 19.17 -7.03 -9.38
O2P L9Q K . 39.03 -9.22 -7.91
C31 L9Q K . 35.75 -12.56 -9.11
O31 L9Q K . 35.95 -11.40 -9.33
C32 L9Q K . 34.71 -13.42 -9.78
C33 L9Q K . 33.50 -12.64 -10.25
C34 L9Q K . 32.75 -12.00 -9.08
C35 L9Q K . 31.31 -11.63 -9.41
C36 L9Q K . 31.13 -10.98 -10.77
C37 L9Q K . 29.91 -10.08 -10.85
C38 L9Q K . 28.68 -10.69 -10.16
C39 L9Q K . 27.55 -9.70 -10.07
O3P L9Q K . 38.69 -11.71 -8.50
C40 L9Q K . 26.30 -9.86 -10.49
C41 L9Q K . 25.17 -8.88 -10.41
C42 L9Q K . 24.43 -8.75 -11.73
O4P L9Q K . 39.30 -10.13 -10.29
N L9Q L . 8.24 -31.76 21.49
P L9Q L . 6.83 -28.79 23.76
C1 L9Q L . 4.83 -27.44 22.63
C2 L9Q L . 4.74 -26.07 22.01
O2 L9Q L . 3.39 -25.61 21.88
C3 L9Q L . 5.51 -24.98 22.73
O3 L9Q L . 4.84 -24.56 23.91
C4 L9Q L . 7.26 -31.39 23.73
C5 L9Q L . 7.59 -32.38 22.63
C11 L9Q L . 4.79 -23.25 24.18
O11 L9Q L . 5.43 -22.73 25.05
C12 L9Q L . 3.86 -22.54 23.24
C13 L9Q L . 3.82 -21.02 23.41
C14 L9Q L . 2.47 -20.49 22.97
C15 L9Q L . 1.97 -19.32 23.84
C16 L9Q L . 0.58 -18.79 23.49
C17 L9Q L . -0.30 -19.76 22.70
C18 L9Q L . -0.73 -19.22 21.34
C19 L9Q L . 0.41 -18.60 20.54
O1P L9Q L . 8.29 -28.48 23.67
C20 L9Q L . 0.28 -18.77 19.04
O2P L9Q L . 6.09 -28.55 25.03
C31 L9Q L . 2.92 -25.27 20.68
O31 L9Q L . 3.40 -25.65 19.64
C32 L9Q L . 1.73 -24.38 20.81
C33 L9Q L . 1.18 -23.83 19.49
C34 L9Q L . 0.30 -22.61 19.75
C35 L9Q L . -0.83 -22.44 18.75
C36 L9Q L . -0.35 -22.29 17.31
C37 L9Q L . -1.45 -21.83 16.36
C38 L9Q L . -2.00 -20.45 16.70
C39 L9Q L . -1.45 -19.40 15.78
O3P L9Q L . 6.13 -27.95 22.53
C40 L9Q L . -2.00 -18.26 15.39
C41 L9Q L . -3.34 -17.70 15.76
C42 L9Q L . -4.49 -18.29 14.93
C43 L9Q L . -4.11 -18.57 13.48
C44 L9Q L . -4.12 -17.35 12.59
C45 L9Q L . -3.85 -17.66 11.12
C46 L9Q L . -4.99 -17.26 10.20
C47 L9Q L . -6.31 -17.94 10.55
C48 L9Q L . -7.51 -17.02 10.40
O4P L9Q L . 6.51 -30.30 23.23
#